data_2NOX
#
_entry.id   2NOX
#
_cell.length_a   72.544
_cell.length_b   132.121
_cell.length_c   139.950
_cell.angle_alpha   66.970
_cell.angle_beta   85.060
_cell.angle_gamma   89.890
#
_symmetry.space_group_name_H-M   'P 1'
#
loop_
_entity.id
_entity.type
_entity.pdbx_description
1 polymer 'Tryptophan 2,3-dioxygenase'
2 non-polymer 'PROTOPORPHYRIN IX CONTAINING FE'
3 water water
#
_entity_poly.entity_id   1
_entity_poly.type   'polypeptide(L)'
_entity_poly.pdbx_seq_one_letter_code
;DGGDSGDTGNGWHGAQMDFARDMSYGDYLGLDQILSAQHPLSPDHNEMLFIVQHQTTELWMKLMLHELRAARDGVKSDQL
QPAFKMLARVSRIMDQLVQAWNVLATMTPPEYSAMRPYLGASSGFQSYQYREIEFILGNKNAAMLRPHAHRPEHLELVET
ALHTPSMYDEAIRLMARRGFQIDPEVVERDWTQPTQYNASVEAAWLEVYRNPSAHWELYELGEKFVDLEDAFRQWRFRHV
TTVERVIGFKRGTGGTEGVSYLRRMLDVVLFPELWKLRTDL
;
_entity_poly.pdbx_strand_id   A,B,C,D,E,F,G,H,I,J,K,L,M,N,O,P
#
# COMPACT_ATOMS: atom_id res chain seq x y z
N ARG A 21 29.64 13.12 -57.75
CA ARG A 21 29.43 12.14 -56.64
C ARG A 21 29.67 10.70 -57.10
N ASP A 22 30.88 10.20 -56.91
CA ASP A 22 31.16 8.79 -57.18
C ASP A 22 31.15 7.93 -55.91
N MET A 23 30.26 8.29 -54.98
CA MET A 23 30.00 7.49 -53.79
C MET A 23 28.99 6.41 -54.15
N SER A 24 29.20 5.22 -53.57
CA SER A 24 28.46 4.01 -53.90
C SER A 24 27.12 3.89 -53.17
N TYR A 25 26.35 2.88 -53.58
CA TYR A 25 25.13 2.41 -52.94
C TYR A 25 25.28 2.36 -51.40
N GLY A 26 26.08 1.41 -50.93
CA GLY A 26 26.40 1.26 -49.51
C GLY A 26 26.84 2.55 -48.82
N ASP A 27 27.60 3.37 -49.52
CA ASP A 27 28.12 4.60 -48.91
C ASP A 27 26.98 5.57 -48.67
N TYR A 28 26.14 5.72 -49.68
CA TYR A 28 25.04 6.63 -49.62
C TYR A 28 24.07 6.19 -48.53
N LEU A 29 23.75 4.89 -48.46
CA LEU A 29 22.77 4.36 -47.49
C LEU A 29 23.33 4.04 -46.12
N GLY A 30 24.62 4.28 -45.90
CA GLY A 30 25.25 3.99 -44.63
C GLY A 30 25.19 2.52 -44.24
N LEU A 31 25.33 1.62 -45.22
CA LEU A 31 25.10 0.20 -44.99
C LEU A 31 26.14 -0.46 -44.09
N ASP A 32 27.33 0.11 -44.10
CA ASP A 32 28.33 -0.25 -43.10
C ASP A 32 27.81 -0.20 -41.66
N GLN A 33 27.01 0.81 -41.32
CA GLN A 33 26.39 0.89 -39.99
C GLN A 33 25.11 0.05 -39.86
N ILE A 34 24.19 0.19 -40.81
CA ILE A 34 22.89 -0.50 -40.85
C ILE A 34 23.10 -2.00 -40.67
N LEU A 35 24.06 -2.53 -41.41
CA LEU A 35 24.27 -3.94 -41.55
C LEU A 35 25.36 -4.50 -40.63
N SER A 36 25.87 -3.68 -39.72
CA SER A 36 26.68 -4.22 -38.62
C SER A 36 26.12 -3.74 -37.30
N ALA A 37 24.80 -3.51 -37.25
CA ALA A 37 24.15 -3.08 -36.03
C ALA A 37 23.44 -4.23 -35.35
N GLN A 38 23.65 -5.44 -35.86
CA GLN A 38 22.96 -6.61 -35.31
C GLN A 38 23.86 -7.42 -34.36
N HIS A 39 23.49 -7.46 -33.09
CA HIS A 39 24.40 -7.95 -32.06
C HIS A 39 23.71 -8.95 -31.15
N PRO A 40 23.33 -10.12 -31.71
CA PRO A 40 22.62 -11.11 -30.88
C PRO A 40 23.50 -11.58 -29.72
N LEU A 41 22.87 -11.73 -28.58
CA LEU A 41 23.52 -12.00 -27.34
C LEU A 41 23.39 -13.47 -26.98
N SER A 42 22.33 -14.12 -27.47
CA SER A 42 22.09 -15.54 -27.20
C SER A 42 22.61 -16.41 -28.31
N PRO A 43 22.73 -17.71 -28.05
CA PRO A 43 23.09 -18.69 -29.09
C PRO A 43 21.92 -19.04 -30.04
N ASP A 44 20.71 -18.58 -29.72
CA ASP A 44 19.50 -18.91 -30.49
C ASP A 44 19.37 -18.28 -31.88
N HIS A 45 18.96 -19.12 -32.82
CA HIS A 45 18.76 -18.76 -34.23
C HIS A 45 17.69 -17.67 -34.48
N ASN A 46 16.78 -17.56 -33.53
CA ASN A 46 15.62 -16.74 -33.69
C ASN A 46 15.84 -15.33 -33.16
N GLU A 47 17.06 -15.05 -32.69
CA GLU A 47 17.32 -13.76 -32.10
C GLU A 47 17.52 -12.70 -33.18
N MET A 48 18.11 -13.09 -34.32
CA MET A 48 18.21 -12.13 -35.44
C MET A 48 16.80 -11.54 -35.78
N LEU A 49 15.77 -12.38 -35.80
CA LEU A 49 14.42 -11.90 -36.03
C LEU A 49 14.02 -10.88 -34.95
N PHE A 50 14.27 -11.20 -33.69
CA PHE A 50 13.89 -10.29 -32.63
C PHE A 50 14.54 -8.91 -32.83
N ILE A 51 15.79 -8.90 -33.28
CA ILE A 51 16.54 -7.67 -33.46
C ILE A 51 16.09 -6.89 -34.71
N VAL A 52 16.04 -7.57 -35.85
CA VAL A 52 15.69 -6.92 -37.09
C VAL A 52 14.26 -6.41 -37.08
N GLN A 53 13.35 -7.19 -36.48
CA GLN A 53 11.99 -6.71 -36.33
C GLN A 53 11.90 -5.32 -35.62
N HIS A 54 12.69 -5.10 -34.58
CA HIS A 54 12.68 -3.85 -33.87
C HIS A 54 13.33 -2.77 -34.71
N GLN A 55 14.47 -3.11 -35.29
CA GLN A 55 15.27 -2.20 -36.11
C GLN A 55 14.51 -1.62 -37.31
N THR A 56 13.83 -2.49 -38.05
CA THR A 56 13.03 -2.06 -39.19
C THR A 56 11.94 -1.14 -38.72
N THR A 57 11.23 -1.55 -37.68
CA THR A 57 10.19 -0.68 -37.11
C THR A 57 10.75 0.67 -36.65
N GLU A 58 11.92 0.70 -36.04
CA GLU A 58 12.48 1.95 -35.60
C GLU A 58 12.87 2.87 -36.75
N LEU A 59 13.39 2.24 -37.81
CA LEU A 59 13.73 2.98 -39.01
C LEU A 59 12.46 3.60 -39.59
N TRP A 60 11.42 2.78 -39.78
CA TRP A 60 10.16 3.33 -40.26
C TRP A 60 9.60 4.40 -39.31
N MET A 61 9.81 4.28 -38.00
CA MET A 61 9.36 5.36 -37.08
C MET A 61 10.08 6.72 -37.28
N LYS A 62 11.39 6.65 -37.57
CA LYS A 62 12.14 7.84 -37.93
C LYS A 62 11.51 8.52 -39.13
N LEU A 63 11.23 7.75 -40.17
CA LEU A 63 10.58 8.33 -41.34
C LEU A 63 9.25 8.93 -41.01
N MET A 64 8.48 8.19 -40.22
CA MET A 64 7.17 8.64 -39.73
C MET A 64 7.26 9.96 -38.97
N LEU A 65 8.20 10.08 -38.04
CA LEU A 65 8.41 11.34 -37.31
C LEU A 65 8.70 12.49 -38.28
N HIS A 66 9.61 12.20 -39.22
CA HIS A 66 10.04 13.13 -40.23
C HIS A 66 8.79 13.65 -40.93
N GLU A 67 7.93 12.74 -41.39
CA GLU A 67 6.69 13.15 -42.11
C GLU A 67 5.67 13.84 -41.19
N LEU A 68 5.50 13.38 -39.96
CA LEU A 68 4.49 13.96 -39.07
C LEU A 68 4.84 15.39 -38.65
N ARG A 69 6.14 15.64 -38.45
CA ARG A 69 6.60 16.96 -38.13
C ARG A 69 6.33 17.94 -39.28
N ALA A 70 6.53 17.49 -40.49
CA ALA A 70 6.30 18.31 -41.64
C ALA A 70 4.80 18.53 -41.79
N ALA A 71 4.03 17.48 -41.55
CA ALA A 71 2.58 17.57 -41.74
C ALA A 71 1.98 18.51 -40.70
N ARG A 72 2.58 18.49 -39.52
CA ARG A 72 2.19 19.42 -38.48
C ARG A 72 2.48 20.87 -38.84
N ASP A 73 3.63 21.11 -39.48
CA ASP A 73 4.03 22.45 -39.91
C ASP A 73 3.07 22.92 -40.97
N GLY A 74 2.56 21.99 -41.75
CA GLY A 74 1.60 22.31 -42.80
C GLY A 74 0.32 22.75 -42.17
N VAL A 75 -0.13 21.99 -41.18
CA VAL A 75 -1.34 22.34 -40.45
C VAL A 75 -1.16 23.74 -39.89
N LYS A 76 -0.02 24.02 -39.28
CA LYS A 76 0.09 25.31 -38.59
C LYS A 76 0.40 26.55 -39.46
N SER A 77 0.82 26.32 -40.71
CA SER A 77 0.95 27.40 -41.66
C SER A 77 -0.12 27.25 -42.75
N ASP A 78 -1.21 26.58 -42.37
CA ASP A 78 -2.38 26.40 -43.20
C ASP A 78 -2.22 25.93 -44.64
N GLN A 79 -1.19 25.10 -44.84
CA GLN A 79 -0.96 24.42 -46.12
C GLN A 79 -1.37 22.95 -46.00
N LEU A 80 -2.67 22.74 -46.09
CA LEU A 80 -3.28 21.49 -45.80
C LEU A 80 -3.08 20.46 -46.90
N GLN A 81 -3.07 20.91 -48.16
CA GLN A 81 -2.99 19.92 -49.24
C GLN A 81 -1.66 19.13 -49.26
N PRO A 82 -0.52 19.80 -49.03
CA PRO A 82 0.71 19.04 -48.87
C PRO A 82 0.72 18.15 -47.63
N ALA A 83 0.19 18.68 -46.52
CA ALA A 83 0.09 17.92 -45.27
C ALA A 83 -0.77 16.67 -45.40
N PHE A 84 -1.83 16.74 -46.19
CA PHE A 84 -2.67 15.60 -46.48
C PHE A 84 -1.83 14.54 -47.18
N LYS A 85 -1.04 14.97 -48.14
CA LYS A 85 -0.19 14.05 -48.92
C LYS A 85 0.81 13.34 -47.99
N MET A 86 1.36 14.11 -47.07
CA MET A 86 2.29 13.58 -46.09
C MET A 86 1.64 12.57 -45.15
N LEU A 87 0.39 12.80 -44.79
CA LEU A 87 -0.32 11.94 -43.84
C LEU A 87 -0.74 10.66 -44.56
N ALA A 88 -1.06 10.77 -45.83
CA ALA A 88 -1.25 9.59 -46.66
C ALA A 88 0.01 8.73 -46.65
N ARG A 89 1.17 9.37 -46.67
CA ARG A 89 2.43 8.65 -46.51
C ARG A 89 2.58 7.99 -45.14
N VAL A 90 2.34 8.75 -44.08
CA VAL A 90 2.31 8.11 -42.74
C VAL A 90 1.38 6.88 -42.70
N SER A 91 0.24 6.96 -43.38
CA SER A 91 -0.71 5.87 -43.38
C SER A 91 -0.19 4.64 -44.10
N ARG A 92 0.51 4.81 -45.23
CA ARG A 92 1.15 3.71 -45.93
C ARG A 92 2.26 3.13 -45.04
N ILE A 93 2.91 3.99 -44.27
CA ILE A 93 3.94 3.48 -43.38
C ILE A 93 3.29 2.63 -42.28
N MET A 94 2.26 3.18 -41.63
CA MET A 94 1.56 2.46 -40.56
C MET A 94 1.12 1.08 -41.03
N ASP A 95 0.64 1.01 -42.26
CA ASP A 95 0.24 -0.25 -42.87
C ASP A 95 1.35 -1.31 -42.87
N GLN A 96 2.60 -0.90 -43.16
CA GLN A 96 3.77 -1.82 -43.06
C GLN A 96 3.94 -2.23 -41.63
N LEU A 97 3.92 -1.23 -40.74
CA LEU A 97 4.22 -1.50 -39.36
C LEU A 97 3.24 -2.46 -38.77
N VAL A 98 2.02 -2.48 -39.30
CA VAL A 98 0.98 -3.29 -38.66
C VAL A 98 1.06 -4.71 -39.20
N GLN A 99 1.40 -4.82 -40.48
CA GLN A 99 1.51 -6.12 -41.09
C GLN A 99 2.79 -6.79 -40.63
N ALA A 100 3.79 -5.98 -40.32
CA ALA A 100 5.07 -6.53 -39.84
C ALA A 100 4.95 -7.59 -38.73
N TRP A 101 3.96 -7.48 -37.86
CA TRP A 101 3.74 -8.41 -36.78
C TRP A 101 3.53 -9.87 -37.24
N ASN A 102 3.08 -10.05 -38.48
CA ASN A 102 2.98 -11.36 -39.05
C ASN A 102 4.35 -12.07 -39.08
N VAL A 103 5.43 -11.28 -39.25
CA VAL A 103 6.78 -11.86 -39.18
C VAL A 103 7.07 -12.40 -37.77
N LEU A 104 6.89 -11.55 -36.78
CA LEU A 104 7.30 -11.87 -35.45
C LEU A 104 6.44 -12.97 -34.89
N ALA A 105 5.23 -13.06 -35.42
CA ALA A 105 4.26 -14.06 -35.00
C ALA A 105 4.71 -15.48 -35.35
N THR A 106 5.79 -15.60 -36.12
CA THR A 106 6.41 -16.88 -36.42
C THR A 106 7.39 -17.29 -35.31
N MET A 107 7.53 -16.45 -34.28
CA MET A 107 8.31 -16.80 -33.12
C MET A 107 7.47 -17.58 -32.07
N THR A 108 7.98 -18.71 -31.63
CA THR A 108 7.29 -19.49 -30.65
C THR A 108 7.81 -19.21 -29.26
N PRO A 109 7.01 -19.53 -28.24
CA PRO A 109 7.46 -19.33 -26.89
C PRO A 109 8.81 -19.99 -26.55
N PRO A 110 9.03 -21.30 -26.90
CA PRO A 110 10.37 -21.83 -26.59
C PRO A 110 11.52 -21.06 -27.26
N GLU A 111 11.32 -20.61 -28.51
CA GLU A 111 12.33 -19.83 -29.26
C GLU A 111 12.71 -18.57 -28.48
N TYR A 112 11.70 -17.89 -27.96
CA TYR A 112 11.90 -16.66 -27.22
C TYR A 112 12.46 -16.93 -25.84
N SER A 113 11.97 -17.98 -25.20
CA SER A 113 12.51 -18.38 -23.91
C SER A 113 14.05 -18.58 -23.94
N ALA A 114 14.56 -19.10 -25.05
CA ALA A 114 15.97 -19.41 -25.19
C ALA A 114 16.85 -18.15 -25.20
N MET A 115 16.34 -17.05 -25.74
N MET A 115 16.32 -17.05 -25.72
CA MET A 115 17.11 -15.80 -25.80
CA MET A 115 17.07 -15.80 -25.83
C MET A 115 16.76 -14.85 -24.65
C MET A 115 16.73 -14.83 -24.70
N ARG A 116 15.65 -15.12 -23.98
CA ARG A 116 15.28 -14.22 -22.90
C ARG A 116 16.33 -14.02 -21.77
N PRO A 117 16.91 -15.11 -21.24
CA PRO A 117 17.95 -14.89 -20.22
C PRO A 117 19.08 -13.92 -20.61
N TYR A 118 19.38 -13.77 -21.90
CA TYR A 118 20.47 -12.90 -22.32
C TYR A 118 20.06 -11.44 -22.50
N LEU A 119 18.79 -11.12 -22.30
CA LEU A 119 18.30 -9.80 -22.70
C LEU A 119 18.34 -8.71 -21.66
N GLY A 120 18.31 -9.05 -20.38
CA GLY A 120 18.41 -8.02 -19.36
C GLY A 120 17.14 -7.24 -19.13
N ALA A 121 17.26 -5.91 -19.06
CA ALA A 121 16.11 -5.02 -18.84
C ALA A 121 15.68 -4.20 -20.08
N SER A 122 16.31 -4.46 -21.22
CA SER A 122 15.94 -3.79 -22.46
C SER A 122 14.52 -4.15 -22.87
N SER A 123 13.79 -3.15 -23.34
CA SER A 123 12.38 -3.27 -23.65
C SER A 123 12.04 -2.06 -24.46
N GLY A 124 11.05 -2.19 -25.33
CA GLY A 124 10.55 -1.05 -26.07
C GLY A 124 10.11 0.09 -25.18
N PHE A 125 9.99 -0.16 -23.88
CA PHE A 125 9.63 0.94 -23.00
C PHE A 125 10.60 2.11 -23.18
N GLN A 126 11.84 1.79 -23.53
CA GLN A 126 12.92 2.77 -23.69
C GLN A 126 13.18 3.19 -25.12
N SER A 127 12.20 3.01 -25.99
CA SER A 127 12.19 3.66 -27.30
C SER A 127 11.87 5.13 -27.14
N TYR A 128 12.75 6.01 -27.60
CA TYR A 128 12.51 7.47 -27.51
C TYR A 128 11.74 7.98 -28.71
N GLN A 129 11.94 7.36 -29.88
CA GLN A 129 11.14 7.67 -31.09
C GLN A 129 9.66 7.38 -30.88
N TYR A 130 9.38 6.28 -30.21
CA TYR A 130 8.00 5.90 -29.91
C TYR A 130 7.36 6.96 -29.05
N ARG A 131 8.11 7.50 -28.08
CA ARG A 131 7.60 8.53 -27.18
C ARG A 131 7.32 9.83 -27.94
N GLU A 132 8.23 10.15 -28.86
CA GLU A 132 8.09 11.35 -29.69
C GLU A 132 6.83 11.19 -30.49
N ILE A 133 6.61 9.99 -31.01
CA ILE A 133 5.42 9.73 -31.79
C ILE A 133 4.17 9.94 -30.92
N GLU A 134 4.18 9.42 -29.70
CA GLU A 134 2.99 9.55 -28.85
C GLU A 134 2.77 11.00 -28.57
N PHE A 135 3.86 11.70 -28.32
CA PHE A 135 3.81 13.14 -27.98
C PHE A 135 3.22 13.95 -29.12
N ILE A 136 3.75 13.78 -30.32
CA ILE A 136 3.24 14.50 -31.46
C ILE A 136 1.77 14.15 -31.69
N LEU A 137 1.32 13.03 -31.16
CA LEU A 137 -0.11 12.72 -31.31
C LEU A 137 -0.89 13.08 -30.06
N GLY A 138 -0.23 13.78 -29.13
CA GLY A 138 -0.91 14.44 -28.01
C GLY A 138 -1.05 13.60 -26.76
N ASN A 139 -0.48 12.40 -26.80
CA ASN A 139 -0.41 11.51 -25.64
C ASN A 139 0.80 11.90 -24.83
N LYS A 140 0.75 13.09 -24.25
CA LYS A 140 1.85 13.64 -23.47
C LYS A 140 1.88 13.06 -22.05
N ASN A 141 3.10 12.81 -21.58
CA ASN A 141 3.33 12.17 -20.31
C ASN A 141 4.74 12.47 -19.83
N ALA A 142 4.86 13.35 -18.82
CA ALA A 142 6.20 13.75 -18.35
C ALA A 142 7.00 12.56 -17.75
N ALA A 143 6.31 11.63 -17.09
CA ALA A 143 6.98 10.44 -16.56
C ALA A 143 7.78 9.74 -17.63
N MET A 144 7.41 9.90 -18.88
CA MET A 144 8.07 9.17 -19.94
C MET A 144 9.39 9.76 -20.38
N LEU A 145 9.86 10.78 -19.68
CA LEU A 145 11.21 11.29 -19.97
C LEU A 145 12.31 10.54 -19.20
N ARG A 146 12.01 10.08 -17.99
CA ARG A 146 13.03 9.41 -17.20
C ARG A 146 13.79 8.22 -17.87
N PRO A 147 13.09 7.31 -18.60
CA PRO A 147 13.90 6.21 -19.12
C PRO A 147 14.96 6.74 -20.07
N HIS A 148 14.95 8.02 -20.33
CA HIS A 148 15.89 8.58 -21.27
C HIS A 148 16.95 9.47 -20.62
N ALA A 149 16.88 9.64 -19.30
CA ALA A 149 17.76 10.56 -18.57
C ALA A 149 19.26 10.30 -18.78
N HIS A 150 19.62 9.04 -18.98
CA HIS A 150 21.03 8.69 -19.16
C HIS A 150 21.58 9.09 -20.53
N ARG A 151 20.73 9.46 -21.47
CA ARG A 151 21.23 9.94 -22.75
C ARG A 151 20.70 11.33 -22.94
N PRO A 152 21.49 12.32 -22.56
CA PRO A 152 21.09 13.73 -22.60
C PRO A 152 20.58 14.18 -23.98
N GLU A 153 21.06 13.56 -25.05
CA GLU A 153 20.62 13.85 -26.40
C GLU A 153 19.21 13.40 -26.70
N HIS A 154 18.80 12.24 -26.15
CA HIS A 154 17.42 11.76 -26.29
C HIS A 154 16.52 12.46 -25.34
N LEU A 155 17.03 12.72 -24.15
CA LEU A 155 16.32 13.49 -23.14
C LEU A 155 15.80 14.80 -23.72
N GLU A 156 16.68 15.46 -24.46
CA GLU A 156 16.40 16.78 -24.97
C GLU A 156 15.38 16.74 -26.10
N LEU A 157 15.47 15.73 -26.98
CA LEU A 157 14.48 15.57 -28.04
C LEU A 157 13.12 15.31 -27.46
N VAL A 158 13.04 14.42 -26.46
CA VAL A 158 11.78 14.02 -25.85
C VAL A 158 11.22 15.17 -25.00
N GLU A 159 12.06 15.82 -24.23
CA GLU A 159 11.62 16.98 -23.46
C GLU A 159 11.07 18.12 -24.35
N THR A 160 11.75 18.43 -25.44
CA THR A 160 11.25 19.44 -26.39
C THR A 160 9.92 18.98 -27.01
N ALA A 161 9.85 17.70 -27.38
CA ALA A 161 8.64 17.08 -27.91
C ALA A 161 7.44 17.22 -26.94
N LEU A 162 7.69 17.00 -25.64
CA LEU A 162 6.67 17.18 -24.57
C LEU A 162 6.15 18.61 -24.58
N HIS A 163 7.06 19.54 -24.83
CA HIS A 163 6.76 20.96 -24.71
C HIS A 163 6.11 21.59 -25.97
N THR A 164 6.17 20.87 -27.07
CA THR A 164 5.64 21.32 -28.34
C THR A 164 4.17 20.92 -28.49
N PRO A 165 3.29 21.88 -28.86
CA PRO A 165 1.89 21.55 -29.16
C PRO A 165 1.79 20.39 -30.15
N SER A 166 0.85 19.49 -29.93
CA SER A 166 0.77 18.26 -30.72
C SER A 166 0.20 18.60 -32.08
N MET A 167 0.25 17.63 -33.00
CA MET A 167 -0.44 17.81 -34.24
C MET A 167 -1.94 18.03 -34.05
N TYR A 168 -2.52 17.39 -33.03
CA TYR A 168 -3.94 17.60 -32.79
C TYR A 168 -4.23 18.98 -32.22
N ASP A 169 -3.37 19.46 -31.32
CA ASP A 169 -3.42 20.83 -30.83
C ASP A 169 -3.38 21.85 -31.97
N GLU A 170 -2.52 21.61 -32.94
CA GLU A 170 -2.44 22.44 -34.12
C GLU A 170 -3.72 22.42 -34.97
N ALA A 171 -4.37 21.28 -35.03
CA ALA A 171 -5.67 21.17 -35.72
C ALA A 171 -6.75 21.95 -34.99
N ILE A 172 -6.70 21.97 -33.67
CA ILE A 172 -7.67 22.68 -32.89
C ILE A 172 -7.49 24.19 -33.12
N ARG A 173 -6.23 24.62 -33.10
CA ARG A 173 -5.84 25.99 -33.36
C ARG A 173 -6.24 26.40 -34.76
N LEU A 174 -6.06 25.49 -35.71
CA LEU A 174 -6.48 25.75 -37.08
C LEU A 174 -7.98 26.03 -37.15
N MET A 175 -8.75 25.17 -36.49
CA MET A 175 -10.20 25.35 -36.37
C MET A 175 -10.62 26.71 -35.81
N ALA A 176 -9.88 27.20 -34.81
CA ALA A 176 -10.11 28.51 -34.26
C ALA A 176 -9.85 29.62 -35.31
N ARG A 177 -8.74 29.49 -36.06
CA ARG A 177 -8.38 30.39 -37.19
C ARG A 177 -9.41 30.36 -38.32
N ARG A 178 -10.24 29.32 -38.35
CA ARG A 178 -11.28 29.19 -39.38
C ARG A 178 -12.57 29.70 -38.84
N GLY A 179 -12.58 30.19 -37.62
CA GLY A 179 -13.72 30.92 -37.12
C GLY A 179 -14.61 30.17 -36.15
N PHE A 180 -14.25 28.93 -35.86
CA PHE A 180 -14.98 28.12 -34.89
C PHE A 180 -14.65 28.56 -33.48
N GLN A 181 -15.68 28.73 -32.65
CA GLN A 181 -15.46 29.26 -31.31
C GLN A 181 -14.92 28.22 -30.35
N ILE A 182 -13.60 28.14 -30.29
CA ILE A 182 -12.92 27.20 -29.42
C ILE A 182 -12.50 27.94 -28.14
N ASP A 183 -12.79 27.36 -26.99
CA ASP A 183 -12.30 27.85 -25.72
C ASP A 183 -10.82 28.26 -25.84
N PRO A 184 -10.52 29.51 -25.50
CA PRO A 184 -9.13 29.95 -25.39
C PRO A 184 -8.22 29.01 -24.58
N GLU A 185 -8.79 28.33 -23.58
CA GLU A 185 -7.97 27.50 -22.69
C GLU A 185 -7.45 26.22 -23.38
N VAL A 186 -7.88 25.98 -24.61
CA VAL A 186 -7.43 24.82 -25.34
C VAL A 186 -6.73 25.28 -26.65
N VAL A 187 -6.90 26.56 -26.99
CA VAL A 187 -6.15 27.19 -28.07
C VAL A 187 -4.71 27.45 -27.57
N GLU A 188 -4.58 27.66 -26.26
CA GLU A 188 -3.29 27.88 -25.60
C GLU A 188 -3.34 27.28 -24.21
N ARG A 189 -2.37 26.43 -23.88
CA ARG A 189 -2.39 25.71 -22.62
C ARG A 189 -1.04 25.12 -22.32
N ASP A 190 -0.91 24.52 -21.14
CA ASP A 190 0.28 23.71 -20.79
C ASP A 190 0.33 22.44 -21.64
N TRP A 191 1.24 22.43 -22.61
CA TRP A 191 1.29 21.43 -23.67
C TRP A 191 1.82 20.07 -23.22
N THR A 192 2.42 20.03 -22.03
CA THR A 192 2.99 18.82 -21.44
C THR A 192 1.91 17.94 -20.81
N GLN A 193 0.68 18.44 -20.81
CA GLN A 193 -0.46 17.72 -20.26
C GLN A 193 -1.10 16.92 -21.36
N PRO A 194 -1.55 15.71 -21.05
CA PRO A 194 -2.19 14.94 -22.12
C PRO A 194 -3.53 15.53 -22.60
N THR A 195 -3.95 15.08 -23.78
CA THR A 195 -5.21 15.50 -24.37
C THR A 195 -6.45 15.11 -23.57
N GLN A 196 -7.30 16.10 -23.28
CA GLN A 196 -8.56 15.85 -22.59
C GLN A 196 -9.77 16.42 -23.35
N TYR A 197 -10.90 15.76 -23.21
CA TYR A 197 -12.07 16.12 -23.96
C TYR A 197 -12.45 17.56 -23.68
N ASN A 198 -12.86 18.26 -24.74
CA ASN A 198 -13.31 19.65 -24.66
C ASN A 198 -14.60 19.85 -25.47
N ALA A 199 -15.66 20.28 -24.81
CA ALA A 199 -16.93 20.36 -25.49
C ALA A 199 -16.95 21.31 -26.71
N SER A 200 -16.28 22.46 -26.61
CA SER A 200 -16.26 23.40 -27.74
C SER A 200 -15.57 22.79 -28.96
N VAL A 201 -14.53 21.99 -28.72
CA VAL A 201 -13.84 21.28 -29.80
C VAL A 201 -14.77 20.26 -30.50
N GLU A 202 -15.62 19.59 -29.74
CA GLU A 202 -16.55 18.63 -30.39
C GLU A 202 -17.62 19.34 -31.21
N ALA A 203 -18.11 20.45 -30.67
CA ALA A 203 -19.03 21.31 -31.39
C ALA A 203 -18.47 21.75 -32.73
N ALA A 204 -17.21 22.20 -32.72
CA ALA A 204 -16.50 22.57 -33.95
C ALA A 204 -16.49 21.43 -34.97
N TRP A 205 -15.98 20.27 -34.56
CA TRP A 205 -15.97 19.06 -35.40
C TRP A 205 -17.35 18.62 -35.89
N LEU A 206 -18.34 18.60 -35.00
CA LEU A 206 -19.73 18.33 -35.39
C LEU A 206 -20.26 19.21 -36.52
N GLU A 207 -20.05 20.54 -36.40
CA GLU A 207 -20.45 21.42 -37.48
C GLU A 207 -19.76 21.02 -38.78
N VAL A 208 -18.48 20.73 -38.72
CA VAL A 208 -17.77 20.29 -39.92
C VAL A 208 -18.37 19.05 -40.55
N TYR A 209 -18.64 18.03 -39.72
CA TYR A 209 -19.14 16.73 -40.20
C TYR A 209 -20.60 16.76 -40.64
N ARG A 210 -21.36 17.70 -40.09
CA ARG A 210 -22.74 17.92 -40.50
C ARG A 210 -22.80 18.71 -41.81
N ASN A 211 -21.79 19.53 -42.07
CA ASN A 211 -21.75 20.32 -43.30
C ASN A 211 -20.45 20.09 -44.08
N PRO A 212 -20.22 18.85 -44.53
CA PRO A 212 -18.93 18.47 -45.10
C PRO A 212 -18.52 19.32 -46.31
N SER A 213 -19.49 19.63 -47.18
CA SER A 213 -19.26 20.43 -48.40
C SER A 213 -18.81 21.83 -48.07
N ALA A 214 -19.28 22.35 -46.95
CA ALA A 214 -18.96 23.70 -46.56
C ALA A 214 -17.62 23.78 -45.83
N HIS A 215 -17.10 22.63 -45.41
CA HIS A 215 -15.86 22.53 -44.64
C HIS A 215 -15.03 21.30 -45.04
N TRP A 216 -14.85 21.08 -46.34
CA TRP A 216 -14.24 19.85 -46.83
C TRP A 216 -12.84 19.58 -46.31
N GLU A 217 -12.00 20.60 -46.25
CA GLU A 217 -10.65 20.35 -45.79
C GLU A 217 -10.68 19.92 -44.34
N LEU A 218 -11.44 20.60 -43.50
CA LEU A 218 -11.56 20.13 -42.10
C LEU A 218 -12.11 18.68 -41.98
N TYR A 219 -13.05 18.33 -42.85
CA TYR A 219 -13.70 17.03 -42.87
C TYR A 219 -12.66 15.95 -43.20
N GLU A 220 -11.93 16.19 -44.30
CA GLU A 220 -10.81 15.37 -44.68
C GLU A 220 -9.76 15.28 -43.57
N LEU A 221 -9.42 16.42 -42.99
CA LEU A 221 -8.46 16.41 -41.91
C LEU A 221 -8.89 15.55 -40.69
N GLY A 222 -10.16 15.64 -40.31
CA GLY A 222 -10.68 14.87 -39.20
C GLY A 222 -10.55 13.37 -39.47
N GLU A 223 -10.87 12.97 -40.68
CA GLU A 223 -10.75 11.60 -41.08
C GLU A 223 -9.31 11.13 -41.15
N LYS A 224 -8.38 12.04 -41.39
CA LYS A 224 -6.97 11.67 -41.41
C LYS A 224 -6.58 11.32 -40.01
N PHE A 225 -7.02 12.16 -39.07
CA PHE A 225 -6.74 11.94 -37.68
C PHE A 225 -7.35 10.60 -37.20
N VAL A 226 -8.58 10.32 -37.57
CA VAL A 226 -9.20 9.11 -37.13
C VAL A 226 -8.44 7.91 -37.74
N ASP A 227 -8.01 8.02 -39.00
CA ASP A 227 -7.25 6.93 -39.64
C ASP A 227 -6.00 6.62 -38.89
N LEU A 228 -5.36 7.70 -38.51
CA LEU A 228 -4.14 7.67 -37.72
C LEU A 228 -4.33 6.95 -36.40
N GLU A 229 -5.38 7.33 -35.66
CA GLU A 229 -5.64 6.70 -34.39
C GLU A 229 -5.97 5.21 -34.58
N ASP A 230 -6.83 4.93 -35.55
CA ASP A 230 -7.24 3.60 -35.96
C ASP A 230 -6.02 2.74 -36.26
N ALA A 231 -5.15 3.21 -37.14
CA ALA A 231 -3.93 2.47 -37.44
C ALA A 231 -3.08 2.27 -36.18
N PHE A 232 -3.01 3.29 -35.34
CA PHE A 232 -2.20 3.18 -34.14
C PHE A 232 -2.81 2.18 -33.12
N ARG A 233 -4.15 2.12 -33.02
CA ARG A 233 -4.81 1.15 -32.20
C ARG A 233 -4.48 -0.24 -32.73
N GLN A 234 -4.57 -0.43 -34.05
CA GLN A 234 -4.20 -1.71 -34.65
C GLN A 234 -2.78 -2.12 -34.26
N TRP A 235 -1.89 -1.15 -34.24
CA TRP A 235 -0.52 -1.51 -34.01
C TRP A 235 -0.37 -1.88 -32.58
N ARG A 236 -0.99 -1.08 -31.72
CA ARG A 236 -0.93 -1.41 -30.31
C ARG A 236 -1.54 -2.78 -29.98
N PHE A 237 -2.62 -3.13 -30.66
CA PHE A 237 -3.33 -4.37 -30.41
C PHE A 237 -2.56 -5.59 -30.91
N ARG A 238 -2.02 -5.51 -32.12
CA ARG A 238 -1.06 -6.49 -32.69
C ARG A 238 0.18 -6.67 -31.83
N HIS A 239 0.72 -5.57 -31.31
CA HIS A 239 1.82 -5.66 -30.35
C HIS A 239 1.45 -6.49 -29.11
N VAL A 240 0.38 -6.10 -28.42
CA VAL A 240 0.04 -6.82 -27.22
C VAL A 240 -0.37 -8.30 -27.50
N THR A 241 -1.06 -8.56 -28.62
CA THR A 241 -1.38 -9.91 -28.98
C THR A 241 -0.13 -10.73 -29.27
N THR A 242 0.84 -10.12 -29.95
CA THR A 242 2.05 -10.82 -30.28
C THR A 242 2.84 -11.12 -29.00
N VAL A 243 2.81 -10.18 -28.08
CA VAL A 243 3.56 -10.32 -26.84
C VAL A 243 2.94 -11.46 -26.01
N GLU A 244 1.62 -11.48 -25.92
CA GLU A 244 0.98 -12.54 -25.17
C GLU A 244 1.28 -13.91 -25.79
N ARG A 245 1.38 -13.97 -27.12
CA ARG A 245 1.55 -15.26 -27.75
C ARG A 245 2.96 -15.72 -27.59
N VAL A 246 3.83 -14.82 -27.19
CA VAL A 246 5.20 -15.22 -26.97
C VAL A 246 5.52 -15.44 -25.48
N ILE A 247 5.01 -14.56 -24.61
CA ILE A 247 5.35 -14.62 -23.17
C ILE A 247 4.15 -14.75 -22.22
N GLY A 248 2.93 -14.79 -22.75
CA GLY A 248 1.75 -14.90 -21.89
C GLY A 248 1.58 -13.74 -20.92
N PHE A 249 1.25 -14.05 -19.67
CA PHE A 249 1.14 -13.01 -18.64
C PHE A 249 2.37 -12.90 -17.73
N LYS A 250 3.51 -13.38 -18.23
CA LYS A 250 4.80 -13.09 -17.58
C LYS A 250 5.07 -11.57 -17.55
N ARG A 251 5.83 -11.14 -16.56
CA ARG A 251 6.24 -9.74 -16.45
C ARG A 251 7.25 -9.38 -17.53
N GLY A 252 7.20 -8.14 -18.00
CA GLY A 252 8.07 -7.69 -19.09
C GLY A 252 9.51 -7.49 -18.63
N THR A 253 10.45 -7.73 -19.51
CA THR A 253 11.85 -7.46 -19.23
C THR A 253 12.01 -6.02 -18.75
N GLY A 254 11.30 -5.10 -19.40
CA GLY A 254 11.22 -3.71 -18.95
C GLY A 254 10.76 -3.46 -17.51
N GLY A 255 10.20 -4.48 -16.85
CA GLY A 255 9.83 -4.33 -15.43
C GLY A 255 8.36 -4.06 -15.18
N THR A 256 7.65 -3.75 -16.26
CA THR A 256 6.22 -3.50 -16.25
C THR A 256 5.44 -4.80 -16.06
N GLU A 257 4.13 -4.71 -15.83
CA GLU A 257 3.29 -5.90 -15.66
C GLU A 257 3.27 -6.70 -16.96
N GLY A 258 3.74 -6.08 -18.02
CA GLY A 258 3.82 -6.74 -19.29
C GLY A 258 2.53 -6.52 -20.05
N VAL A 259 1.89 -7.64 -20.38
CA VAL A 259 0.66 -7.60 -21.14
C VAL A 259 -0.41 -6.75 -20.47
N SER A 260 -0.45 -6.70 -19.15
CA SER A 260 -1.55 -5.98 -18.60
C SER A 260 -1.29 -4.50 -18.74
N TYR A 261 -0.02 -4.10 -18.70
CA TYR A 261 0.36 -2.72 -18.95
C TYR A 261 -0.01 -2.32 -20.37
N LEU A 262 0.40 -3.14 -21.34
CA LEU A 262 0.11 -2.89 -22.72
C LEU A 262 -1.39 -2.87 -23.01
N ARG A 263 -2.18 -3.75 -22.38
CA ARG A 263 -3.63 -3.70 -22.55
C ARG A 263 -4.21 -2.40 -22.03
N ARG A 264 -3.61 -1.87 -20.98
CA ARG A 264 -4.05 -0.58 -20.44
C ARG A 264 -3.81 0.57 -21.43
N MET A 265 -2.65 0.61 -22.06
CA MET A 265 -2.38 1.65 -23.05
C MET A 265 -3.23 1.52 -24.31
N LEU A 266 -3.81 0.34 -24.58
CA LEU A 266 -4.86 0.26 -25.58
C LEU A 266 -6.03 1.18 -25.24
N ASP A 267 -6.22 1.49 -23.96
CA ASP A 267 -7.40 2.23 -23.49
C ASP A 267 -7.32 3.73 -23.77
N VAL A 268 -6.12 4.23 -24.05
CA VAL A 268 -5.93 5.64 -24.31
C VAL A 268 -6.53 6.14 -25.65
N VAL A 269 -7.28 7.23 -25.55
CA VAL A 269 -7.81 7.93 -26.72
C VAL A 269 -6.95 9.14 -27.09
N LEU A 270 -6.57 9.22 -28.35
CA LEU A 270 -5.72 10.29 -28.83
C LEU A 270 -6.50 11.57 -29.14
N PHE A 271 -7.58 11.39 -29.90
CA PHE A 271 -8.40 12.49 -30.37
C PHE A 271 -9.86 12.26 -29.99
N PRO A 272 -10.21 12.56 -28.73
CA PRO A 272 -11.50 12.22 -28.10
C PRO A 272 -12.72 12.77 -28.82
N GLU A 273 -12.68 14.02 -29.25
CA GLU A 273 -13.86 14.66 -29.75
C GLU A 273 -14.19 14.08 -31.10
N LEU A 274 -13.16 13.68 -31.85
CA LEU A 274 -13.44 13.07 -33.15
C LEU A 274 -14.16 11.73 -33.02
N TRP A 275 -13.93 11.01 -31.92
CA TRP A 275 -14.66 9.77 -31.73
C TRP A 275 -16.02 10.04 -31.11
N LYS A 276 -16.05 10.93 -30.14
CA LYS A 276 -17.32 11.17 -29.46
C LYS A 276 -18.43 11.71 -30.41
N LEU A 277 -18.04 12.50 -31.41
CA LEU A 277 -19.00 13.17 -32.28
C LEU A 277 -19.86 12.20 -33.06
N ARG A 278 -19.36 10.98 -33.27
CA ARG A 278 -20.10 9.94 -34.00
C ARG A 278 -21.42 9.62 -33.35
N THR A 279 -21.49 9.70 -32.02
CA THR A 279 -22.74 9.45 -31.28
C THR A 279 -23.69 10.62 -31.32
N ASP A 280 -23.15 11.83 -31.38
CA ASP A 280 -23.96 13.05 -31.31
C ASP A 280 -24.38 13.54 -32.69
N LEU A 281 -24.01 12.79 -33.71
CA LEU A 281 -24.11 13.29 -35.08
C LEU A 281 -25.52 13.65 -35.50
N TRP B 12 6.57 4.75 -13.35
CA TRP B 12 5.30 4.62 -14.15
C TRP B 12 5.06 3.15 -14.49
N HIS B 13 4.36 2.45 -13.58
CA HIS B 13 3.94 1.03 -13.70
C HIS B 13 5.00 -0.03 -13.41
N GLY B 14 5.93 0.28 -12.52
CA GLY B 14 6.98 -0.68 -12.13
C GLY B 14 8.07 -0.79 -13.17
N ALA B 15 7.98 0.05 -14.21
CA ALA B 15 9.01 0.05 -15.24
C ALA B 15 10.33 0.62 -14.73
N GLN B 16 11.43 -0.01 -15.11
CA GLN B 16 12.77 0.50 -14.84
C GLN B 16 13.02 1.81 -15.60
N MET B 17 13.29 2.88 -14.85
CA MET B 17 13.52 4.19 -15.43
C MET B 17 15.00 4.44 -15.68
N ASP B 18 15.86 3.90 -14.82
CA ASP B 18 17.30 4.24 -14.83
C ASP B 18 18.25 3.30 -15.61
N PHE B 19 18.90 3.85 -16.65
CA PHE B 19 19.73 3.07 -17.57
C PHE B 19 21.15 3.60 -17.73
N ALA B 20 21.56 4.36 -16.71
CA ALA B 20 22.92 4.85 -16.54
C ALA B 20 23.92 3.69 -16.39
N ARG B 21 23.45 2.60 -15.78
CA ARG B 21 24.31 1.44 -15.62
C ARG B 21 23.93 0.32 -16.60
N ASP B 22 22.62 0.11 -16.77
CA ASP B 22 22.17 -1.08 -17.45
C ASP B 22 22.11 -0.97 -18.97
N MET B 23 22.22 -2.11 -19.63
CA MET B 23 22.00 -2.20 -21.07
C MET B 23 20.54 -1.93 -21.36
N SER B 24 20.30 -0.84 -22.09
CA SER B 24 18.95 -0.48 -22.50
C SER B 24 18.60 -1.07 -23.88
N TYR B 25 17.40 -0.72 -24.30
CA TYR B 25 16.85 -1.02 -25.62
C TYR B 25 17.78 -0.57 -26.76
N GLY B 26 18.22 0.70 -26.73
CA GLY B 26 19.12 1.24 -27.72
C GLY B 26 20.49 0.62 -27.76
N ASP B 27 21.08 0.36 -26.60
CA ASP B 27 22.31 -0.46 -26.53
C ASP B 27 22.09 -1.80 -27.23
N TYR B 28 21.13 -2.58 -26.72
CA TYR B 28 20.85 -3.92 -27.25
C TYR B 28 20.68 -3.94 -28.78
N LEU B 29 19.92 -2.99 -29.31
CA LEU B 29 19.55 -2.97 -30.73
C LEU B 29 20.50 -2.20 -31.67
N GLY B 30 21.61 -1.72 -31.13
CA GLY B 30 22.47 -0.83 -31.89
C GLY B 30 21.81 0.35 -32.57
N LEU B 31 20.89 1.02 -31.87
CA LEU B 31 20.11 2.12 -32.45
C LEU B 31 20.87 3.42 -32.70
N ASP B 32 21.98 3.64 -32.01
CA ASP B 32 22.85 4.75 -32.38
C ASP B 32 23.40 4.49 -33.77
N GLN B 33 23.67 3.23 -34.08
CA GLN B 33 24.13 2.81 -35.41
C GLN B 33 23.05 2.93 -36.48
N ILE B 34 21.86 2.43 -36.19
CA ILE B 34 20.77 2.39 -37.14
C ILE B 34 20.25 3.82 -37.40
N LEU B 35 20.10 4.60 -36.32
CA LEU B 35 19.34 5.83 -36.32
C LEU B 35 20.20 7.04 -36.56
N SER B 36 21.43 6.78 -36.89
CA SER B 36 22.24 7.90 -37.27
C SER B 36 22.95 7.58 -38.58
N ALA B 37 22.29 6.79 -39.42
CA ALA B 37 22.87 6.37 -40.68
C ALA B 37 22.12 6.98 -41.85
N GLN B 38 21.30 7.97 -41.57
CA GLN B 38 20.50 8.62 -42.61
C GLN B 38 21.11 9.97 -42.94
N HIS B 39 21.71 10.13 -44.12
CA HIS B 39 22.35 11.42 -44.47
C HIS B 39 21.91 11.97 -45.81
N PRO B 40 20.76 12.63 -45.82
CA PRO B 40 20.28 13.22 -47.08
C PRO B 40 21.34 14.17 -47.65
N LEU B 41 21.44 14.21 -48.98
CA LEU B 41 22.41 15.03 -49.69
C LEU B 41 21.79 16.29 -50.34
N SER B 42 20.56 16.13 -50.83
CA SER B 42 19.73 17.22 -51.29
C SER B 42 19.10 17.83 -50.05
N PRO B 43 18.57 19.06 -50.16
CA PRO B 43 17.72 19.66 -49.13
C PRO B 43 16.24 19.21 -49.18
N ASP B 44 15.89 18.30 -50.08
CA ASP B 44 14.50 17.89 -50.27
C ASP B 44 13.86 17.12 -49.10
N HIS B 45 12.61 17.43 -48.77
CA HIS B 45 11.88 16.73 -47.73
C HIS B 45 11.88 15.18 -47.94
N ASN B 46 11.78 14.75 -49.18
CA ASN B 46 11.44 13.39 -49.51
C ASN B 46 12.58 12.44 -49.63
N GLU B 47 13.80 12.94 -49.44
CA GLU B 47 14.97 12.08 -49.54
C GLU B 47 15.02 11.04 -48.38
N MET B 48 14.53 11.43 -47.20
CA MET B 48 14.42 10.49 -46.07
C MET B 48 13.71 9.21 -46.45
N LEU B 49 12.59 9.35 -47.14
CA LEU B 49 11.89 8.22 -47.68
C LEU B 49 12.79 7.40 -48.57
N PHE B 50 13.49 8.05 -49.49
CA PHE B 50 14.33 7.33 -50.47
C PHE B 50 15.33 6.46 -49.71
N ILE B 51 15.94 7.05 -48.69
CA ILE B 51 16.96 6.36 -47.90
C ILE B 51 16.36 5.24 -47.07
N VAL B 52 15.33 5.57 -46.27
CA VAL B 52 14.73 4.63 -45.32
C VAL B 52 14.15 3.39 -46.01
N GLN B 53 13.41 3.62 -47.08
CA GLN B 53 12.98 2.55 -47.96
C GLN B 53 14.05 1.52 -48.27
N HIS B 54 15.23 1.97 -48.69
CA HIS B 54 16.34 1.03 -49.01
C HIS B 54 16.83 0.34 -47.75
N GLN B 55 17.10 1.14 -46.72
CA GLN B 55 17.64 0.63 -45.47
C GLN B 55 16.76 -0.44 -44.83
N THR B 56 15.44 -0.20 -44.78
CA THR B 56 14.55 -1.24 -44.22
C THR B 56 14.58 -2.54 -45.07
N THR B 57 14.69 -2.38 -46.38
CA THR B 57 14.72 -3.54 -47.23
C THR B 57 16.03 -4.30 -47.03
N GLU B 58 17.13 -3.56 -46.90
CA GLU B 58 18.42 -4.22 -46.57
C GLU B 58 18.41 -4.97 -45.23
N LEU B 59 17.84 -4.35 -44.21
CA LEU B 59 17.67 -5.03 -42.93
C LEU B 59 16.91 -6.35 -43.08
N TRP B 60 15.74 -6.31 -43.72
CA TRP B 60 14.93 -7.52 -43.88
C TRP B 60 15.70 -8.52 -44.72
N MET B 61 16.44 -8.02 -45.70
CA MET B 61 17.27 -8.90 -46.53
C MET B 61 18.35 -9.66 -45.77
N LYS B 62 18.93 -9.02 -44.76
CA LYS B 62 19.85 -9.67 -43.86
C LYS B 62 19.21 -10.84 -43.11
N LEU B 63 18.02 -10.61 -42.56
CA LEU B 63 17.27 -11.65 -41.83
C LEU B 63 16.87 -12.76 -42.78
N MET B 64 16.49 -12.37 -43.98
CA MET B 64 16.15 -13.36 -44.99
C MET B 64 17.34 -14.29 -45.35
N LEU B 65 18.54 -13.73 -45.53
CA LEU B 65 19.73 -14.59 -45.68
C LEU B 65 19.96 -15.53 -44.50
N HIS B 66 19.87 -14.97 -43.31
CA HIS B 66 20.01 -15.70 -42.06
C HIS B 66 19.10 -16.93 -42.07
N GLU B 67 17.84 -16.73 -42.42
CA GLU B 67 16.88 -17.84 -42.46
C GLU B 67 17.01 -18.78 -43.67
N LEU B 68 17.35 -18.23 -44.81
CA LEU B 68 17.58 -19.07 -46.00
C LEU B 68 18.76 -20.01 -45.80
N ARG B 69 19.85 -19.49 -45.24
CA ARG B 69 21.02 -20.32 -45.01
C ARG B 69 20.70 -21.47 -44.05
N ALA B 70 19.96 -21.16 -42.99
CA ALA B 70 19.56 -22.18 -42.02
C ALA B 70 18.56 -23.17 -42.62
N ALA B 71 17.56 -22.67 -43.33
CA ALA B 71 16.70 -23.53 -44.11
C ALA B 71 17.45 -24.52 -45.03
N ARG B 72 18.40 -23.99 -45.81
CA ARG B 72 19.21 -24.82 -46.70
C ARG B 72 20.00 -25.87 -45.91
N ASP B 73 20.47 -25.50 -44.71
CA ASP B 73 21.12 -26.45 -43.81
C ASP B 73 20.22 -27.63 -43.45
N GLY B 74 18.95 -27.33 -43.16
CA GLY B 74 17.96 -28.36 -42.86
C GLY B 74 17.64 -29.19 -44.10
N VAL B 75 17.64 -28.56 -45.27
CA VAL B 75 17.50 -29.33 -46.51
C VAL B 75 18.66 -30.33 -46.65
N LYS B 76 19.88 -29.90 -46.36
CA LYS B 76 20.99 -30.78 -46.62
C LYS B 76 21.24 -31.80 -45.50
N SER B 77 20.64 -31.59 -44.34
CA SER B 77 20.75 -32.60 -43.30
C SER B 77 19.47 -33.43 -43.18
N ASP B 78 18.64 -33.35 -44.21
CA ASP B 78 17.29 -33.92 -44.23
C ASP B 78 16.50 -33.68 -42.95
N GLN B 79 16.52 -32.44 -42.47
CA GLN B 79 15.69 -32.04 -41.36
C GLN B 79 14.67 -31.04 -41.88
N LEU B 80 13.66 -31.55 -42.56
CA LEU B 80 12.81 -30.69 -43.34
C LEU B 80 11.85 -29.86 -42.49
N GLN B 81 11.37 -30.40 -41.36
CA GLN B 81 10.32 -29.71 -40.61
C GLN B 81 10.74 -28.32 -40.14
N PRO B 82 11.88 -28.25 -39.45
CA PRO B 82 12.38 -26.93 -39.09
C PRO B 82 12.61 -26.02 -40.31
N ALA B 83 13.05 -26.59 -41.42
CA ALA B 83 13.29 -25.79 -42.62
C ALA B 83 11.98 -25.20 -43.13
N PHE B 84 10.90 -25.98 -43.08
CA PHE B 84 9.61 -25.48 -43.50
C PHE B 84 9.21 -24.25 -42.68
N LYS B 85 9.47 -24.29 -41.39
CA LYS B 85 9.14 -23.18 -40.49
C LYS B 85 9.97 -21.92 -40.83
N MET B 86 11.22 -22.13 -41.22
CA MET B 86 12.06 -21.02 -41.61
C MET B 86 11.60 -20.40 -42.91
N LEU B 87 11.21 -21.27 -43.83
CA LEU B 87 10.73 -20.86 -45.12
C LEU B 87 9.41 -20.13 -44.98
N ALA B 88 8.56 -20.60 -44.07
CA ALA B 88 7.36 -19.85 -43.70
C ALA B 88 7.65 -18.41 -43.24
N ARG B 89 8.70 -18.22 -42.43
CA ARG B 89 9.12 -16.91 -41.96
C ARG B 89 9.65 -16.09 -43.14
N VAL B 90 10.44 -16.73 -44.01
CA VAL B 90 10.92 -16.00 -45.16
C VAL B 90 9.74 -15.52 -46.00
N SER B 91 8.69 -16.33 -46.11
CA SER B 91 7.51 -15.83 -46.83
C SER B 91 6.92 -14.55 -46.19
N ARG B 92 6.82 -14.51 -44.86
CA ARG B 92 6.30 -13.33 -44.17
C ARG B 92 7.16 -12.11 -44.42
N ILE B 93 8.47 -12.32 -44.39
CA ILE B 93 9.43 -11.28 -44.69
C ILE B 93 9.20 -10.75 -46.10
N MET B 94 9.06 -11.68 -47.06
CA MET B 94 8.83 -11.32 -48.46
C MET B 94 7.53 -10.51 -48.66
N ASP B 95 6.52 -10.80 -47.85
CA ASP B 95 5.29 -10.03 -47.88
C ASP B 95 5.58 -8.57 -47.53
N GLN B 96 6.37 -8.34 -46.46
CA GLN B 96 6.75 -6.99 -46.06
C GLN B 96 7.43 -6.28 -47.21
N LEU B 97 8.33 -7.01 -47.85
CA LEU B 97 9.17 -6.46 -48.91
C LEU B 97 8.41 -6.15 -50.19
N VAL B 98 7.40 -6.97 -50.50
CA VAL B 98 6.55 -6.70 -51.64
C VAL B 98 5.59 -5.54 -51.34
N GLN B 99 5.13 -5.43 -50.09
CA GLN B 99 4.16 -4.41 -49.73
C GLN B 99 4.86 -3.08 -49.59
N ALA B 100 6.11 -3.10 -49.14
CA ALA B 100 6.89 -1.85 -48.92
C ALA B 100 6.76 -0.85 -50.06
N TRP B 101 6.59 -1.35 -51.27
CA TRP B 101 6.58 -0.46 -52.43
C TRP B 101 5.40 0.51 -52.39
N ASN B 102 4.39 0.19 -51.58
CA ASN B 102 3.28 1.11 -51.33
C ASN B 102 3.78 2.44 -50.81
N VAL B 103 4.77 2.41 -49.94
CA VAL B 103 5.30 3.64 -49.38
C VAL B 103 6.03 4.47 -50.44
N LEU B 104 6.88 3.82 -51.23
CA LEU B 104 7.75 4.58 -52.10
C LEU B 104 6.94 5.10 -53.24
N ALA B 105 5.82 4.43 -53.52
CA ALA B 105 4.85 4.86 -54.53
C ALA B 105 4.32 6.25 -54.26
N THR B 106 4.36 6.70 -53.01
CA THR B 106 3.90 8.04 -52.70
C THR B 106 4.87 9.13 -53.12
N MET B 107 6.03 8.74 -53.63
CA MET B 107 6.98 9.74 -54.15
C MET B 107 6.68 10.08 -55.61
N THR B 108 6.49 11.38 -55.87
CA THR B 108 6.11 11.81 -57.22
C THR B 108 7.34 12.18 -58.04
N PRO B 109 7.21 12.22 -59.39
CA PRO B 109 8.39 12.55 -60.19
C PRO B 109 9.06 13.87 -59.75
N PRO B 110 8.28 14.96 -59.56
CA PRO B 110 8.92 16.21 -59.14
C PRO B 110 9.70 16.14 -57.83
N GLU B 111 9.23 15.34 -56.88
CA GLU B 111 9.95 15.09 -55.62
C GLU B 111 11.28 14.37 -55.89
N TYR B 112 11.25 13.39 -56.77
CA TYR B 112 12.48 12.72 -57.08
C TYR B 112 13.42 13.62 -57.84
N SER B 113 12.88 14.28 -58.86
CA SER B 113 13.70 15.08 -59.74
C SER B 113 14.52 16.05 -58.91
N ALA B 114 13.89 16.61 -57.86
CA ALA B 114 14.57 17.55 -56.96
C ALA B 114 15.77 16.97 -56.21
N MET B 115 15.79 15.66 -55.97
CA MET B 115 16.90 15.11 -55.19
C MET B 115 17.91 14.43 -56.12
N ARG B 116 17.50 14.18 -57.36
CA ARG B 116 18.29 13.43 -58.34
C ARG B 116 19.69 13.97 -58.57
N PRO B 117 19.79 15.30 -58.79
CA PRO B 117 21.08 15.95 -59.04
C PRO B 117 22.13 15.60 -58.00
N TYR B 118 21.68 15.23 -56.80
CA TYR B 118 22.60 14.95 -55.71
C TYR B 118 23.00 13.46 -55.53
N LEU B 119 22.46 12.53 -56.33
CA LEU B 119 22.68 11.09 -56.00
C LEU B 119 23.93 10.41 -56.57
N GLY B 120 24.30 10.72 -57.80
CA GLY B 120 25.42 10.02 -58.44
C GLY B 120 25.14 8.54 -58.70
N ALA B 121 26.15 7.84 -59.21
CA ALA B 121 25.99 6.47 -59.72
C ALA B 121 25.93 5.39 -58.61
N SER B 122 24.85 5.45 -57.84
CA SER B 122 24.55 4.46 -56.84
C SER B 122 23.63 3.43 -57.48
N SER B 123 24.19 2.33 -57.95
CA SER B 123 23.40 1.25 -58.53
C SER B 123 22.95 0.26 -57.43
N GLY B 124 21.73 -0.28 -57.54
CA GLY B 124 21.30 -1.39 -56.66
C GLY B 124 22.04 -2.70 -56.96
N PHE B 125 22.65 -2.77 -58.15
CA PHE B 125 23.64 -3.79 -58.52
C PHE B 125 24.68 -3.90 -57.43
N GLN B 126 24.85 -2.82 -56.68
CA GLN B 126 25.86 -2.77 -55.63
C GLN B 126 25.37 -3.28 -54.28
N SER B 127 24.14 -3.78 -54.21
CA SER B 127 23.69 -4.46 -53.00
C SER B 127 24.16 -5.91 -53.03
N TYR B 128 25.15 -6.20 -52.18
CA TYR B 128 25.72 -7.54 -52.11
C TYR B 128 24.77 -8.52 -51.48
N GLN B 129 23.93 -8.02 -50.58
CA GLN B 129 22.95 -8.87 -49.92
C GLN B 129 21.93 -9.39 -50.90
N TYR B 130 21.44 -8.48 -51.72
CA TYR B 130 20.54 -8.88 -52.75
C TYR B 130 21.16 -9.95 -53.69
N ARG B 131 22.43 -9.76 -54.05
CA ARG B 131 23.11 -10.74 -54.90
C ARG B 131 23.29 -12.10 -54.19
N GLU B 132 23.59 -12.08 -52.89
CA GLU B 132 23.63 -13.33 -52.12
C GLU B 132 22.28 -14.02 -52.16
N ILE B 133 21.17 -13.27 -52.18
CA ILE B 133 19.84 -13.93 -52.21
C ILE B 133 19.60 -14.54 -53.59
N GLU B 134 19.97 -13.80 -54.64
CA GLU B 134 19.80 -14.34 -55.97
C GLU B 134 20.56 -15.65 -56.03
N PHE B 135 21.79 -15.62 -55.53
CA PHE B 135 22.69 -16.72 -55.65
C PHE B 135 22.14 -17.93 -54.90
N ILE B 136 21.72 -17.75 -53.64
CA ILE B 136 21.20 -18.89 -52.86
C ILE B 136 19.99 -19.51 -53.54
N LEU B 137 19.30 -18.70 -54.33
CA LEU B 137 18.13 -19.17 -55.00
C LEU B 137 18.46 -19.76 -56.39
N GLY B 138 19.75 -19.77 -56.72
CA GLY B 138 20.23 -20.43 -57.96
C GLY B 138 20.46 -19.50 -59.14
N ASN B 139 20.16 -18.22 -58.97
CA ASN B 139 20.34 -17.23 -60.03
C ASN B 139 21.80 -16.79 -60.06
N LYS B 140 22.70 -17.77 -60.22
CA LYS B 140 24.12 -17.51 -60.23
C LYS B 140 24.57 -16.77 -61.51
N ASN B 141 25.35 -15.70 -61.34
CA ASN B 141 25.94 -14.98 -62.45
C ASN B 141 27.28 -14.34 -62.05
N ALA B 142 28.39 -14.90 -62.54
CA ALA B 142 29.72 -14.45 -62.08
C ALA B 142 29.98 -12.99 -62.39
N ALA B 143 29.43 -12.52 -63.51
CA ALA B 143 29.57 -11.10 -63.89
C ALA B 143 28.98 -10.15 -62.83
N MET B 144 28.16 -10.68 -61.93
CA MET B 144 27.59 -9.82 -60.89
C MET B 144 28.49 -9.60 -59.67
N LEU B 145 29.68 -10.20 -59.67
CA LEU B 145 30.68 -9.93 -58.63
C LEU B 145 31.35 -8.61 -58.87
N ARG B 146 31.36 -8.20 -60.14
CA ARG B 146 32.01 -6.98 -60.58
C ARG B 146 31.75 -5.75 -59.70
N PRO B 147 30.46 -5.42 -59.46
CA PRO B 147 30.13 -4.23 -58.68
C PRO B 147 30.74 -4.22 -57.29
N HIS B 148 31.30 -5.36 -56.86
CA HIS B 148 31.73 -5.51 -55.47
C HIS B 148 33.25 -5.58 -55.31
N ALA B 149 33.96 -5.38 -56.42
CA ALA B 149 35.41 -5.54 -56.48
C ALA B 149 36.19 -4.55 -55.61
N HIS B 150 35.64 -3.34 -55.45
CA HIS B 150 36.21 -2.31 -54.58
C HIS B 150 36.06 -2.62 -53.09
N ARG B 151 35.27 -3.65 -52.76
CA ARG B 151 35.00 -4.00 -51.36
C ARG B 151 35.26 -5.46 -51.05
N PRO B 152 36.54 -5.82 -50.89
CA PRO B 152 36.95 -7.21 -50.76
C PRO B 152 36.16 -8.10 -49.78
N GLU B 153 35.62 -7.54 -48.69
CA GLU B 153 34.77 -8.40 -47.83
C GLU B 153 33.38 -8.63 -48.40
N HIS B 154 32.86 -7.65 -49.15
CA HIS B 154 31.62 -7.85 -49.88
C HIS B 154 31.84 -8.88 -50.99
N LEU B 155 32.87 -8.66 -51.80
CA LEU B 155 33.25 -9.59 -52.86
C LEU B 155 33.43 -11.02 -52.37
N GLU B 156 34.11 -11.19 -51.23
CA GLU B 156 34.25 -12.52 -50.65
C GLU B 156 32.89 -13.15 -50.41
N LEU B 157 32.01 -12.43 -49.70
CA LEU B 157 30.67 -12.92 -49.41
C LEU B 157 29.92 -13.38 -50.65
N VAL B 158 29.93 -12.54 -51.66
CA VAL B 158 29.25 -12.82 -52.91
C VAL B 158 29.86 -13.99 -53.69
N GLU B 159 31.18 -14.11 -53.68
CA GLU B 159 31.78 -15.18 -54.45
C GLU B 159 31.75 -16.52 -53.72
N THR B 160 31.81 -16.51 -52.39
CA THR B 160 31.52 -17.76 -51.70
C THR B 160 30.15 -18.27 -52.14
N ALA B 161 29.16 -17.38 -52.06
CA ALA B 161 27.79 -17.65 -52.43
C ALA B 161 27.65 -18.21 -53.84
N LEU B 162 28.43 -17.65 -54.76
CA LEU B 162 28.42 -18.08 -56.15
C LEU B 162 28.88 -19.53 -56.24
N HIS B 163 29.79 -19.92 -55.35
CA HIS B 163 30.43 -21.23 -55.40
C HIS B 163 29.71 -22.29 -54.60
N THR B 164 28.86 -21.86 -53.66
CA THR B 164 28.08 -22.76 -52.83
C THR B 164 26.84 -23.26 -53.59
N PRO B 165 26.49 -24.55 -53.44
CA PRO B 165 25.27 -25.03 -54.11
C PRO B 165 24.00 -24.28 -53.61
N SER B 166 23.15 -23.86 -54.54
CA SER B 166 21.92 -23.16 -54.22
C SER B 166 20.97 -23.99 -53.35
N MET B 167 19.95 -23.34 -52.77
CA MET B 167 18.97 -24.06 -51.97
C MET B 167 18.26 -25.08 -52.84
N TYR B 168 18.07 -24.76 -54.11
CA TYR B 168 17.40 -25.67 -55.00
C TYR B 168 18.33 -26.82 -55.32
N ASP B 169 19.60 -26.53 -55.60
CA ASP B 169 20.57 -27.59 -55.82
C ASP B 169 20.49 -28.62 -54.70
N GLU B 170 20.46 -28.12 -53.46
CA GLU B 170 20.34 -28.99 -52.29
C GLU B 170 19.04 -29.80 -52.23
N ALA B 171 17.97 -29.26 -52.82
CA ALA B 171 16.70 -30.01 -52.87
C ALA B 171 16.77 -31.14 -53.93
N ILE B 172 17.36 -30.84 -55.07
CA ILE B 172 17.63 -31.83 -56.11
C ILE B 172 18.46 -32.96 -55.52
N ARG B 173 19.53 -32.54 -54.87
CA ARG B 173 20.40 -33.45 -54.15
C ARG B 173 19.71 -34.30 -53.13
N LEU B 174 18.76 -33.75 -52.38
CA LEU B 174 18.01 -34.49 -51.37
C LEU B 174 17.07 -35.47 -52.02
N MET B 175 16.47 -35.06 -53.13
CA MET B 175 15.60 -35.98 -53.83
C MET B 175 16.39 -37.23 -54.27
N ALA B 176 17.64 -37.03 -54.66
CA ALA B 176 18.52 -38.10 -55.11
C ALA B 176 18.85 -39.02 -53.95
N ARG B 177 19.21 -38.44 -52.81
CA ARG B 177 19.34 -39.27 -51.57
C ARG B 177 18.06 -39.94 -51.15
N ARG B 178 16.93 -39.57 -51.74
CA ARG B 178 15.71 -40.18 -51.26
C ARG B 178 15.25 -41.24 -52.22
N GLY B 179 16.02 -41.39 -53.30
CA GLY B 179 15.91 -42.55 -54.20
C GLY B 179 15.46 -42.21 -55.58
N PHE B 180 15.35 -40.92 -55.87
CA PHE B 180 14.89 -40.48 -57.18
C PHE B 180 16.06 -40.54 -58.17
N GLN B 181 15.79 -41.00 -59.39
CA GLN B 181 16.79 -41.07 -60.45
C GLN B 181 17.08 -39.68 -60.96
N ILE B 182 18.10 -39.04 -60.41
CA ILE B 182 18.53 -37.75 -60.92
C ILE B 182 19.87 -37.89 -61.67
N ASP B 183 19.97 -37.31 -62.87
CA ASP B 183 21.26 -37.24 -63.59
C ASP B 183 22.36 -36.79 -62.62
N PRO B 184 23.42 -37.60 -62.50
CA PRO B 184 24.52 -37.18 -61.61
C PRO B 184 25.10 -35.83 -61.98
N GLU B 185 25.01 -35.45 -63.24
CA GLU B 185 25.57 -34.16 -63.69
C GLU B 185 24.74 -32.93 -63.28
N VAL B 186 23.93 -33.12 -62.23
CA VAL B 186 23.03 -32.11 -61.73
C VAL B 186 23.01 -32.26 -60.20
N VAL B 187 23.38 -33.44 -59.74
CA VAL B 187 23.68 -33.69 -58.33
C VAL B 187 25.05 -33.08 -57.96
N GLU B 188 25.95 -33.03 -58.95
CA GLU B 188 27.29 -32.46 -58.81
C GLU B 188 27.54 -31.68 -60.07
N ARG B 189 28.00 -30.46 -59.92
CA ARG B 189 27.84 -29.51 -60.99
C ARG B 189 28.75 -28.37 -60.66
N ASP B 190 29.10 -27.63 -61.70
CA ASP B 190 29.75 -26.35 -61.56
C ASP B 190 28.70 -25.40 -60.98
N TRP B 191 28.81 -25.12 -59.68
CA TRP B 191 27.79 -24.35 -58.95
C TRP B 191 27.77 -22.85 -59.30
N THR B 192 28.74 -22.42 -60.11
CA THR B 192 28.86 -21.04 -60.57
C THR B 192 27.95 -20.83 -61.78
N GLN B 193 27.56 -21.94 -62.38
CA GLN B 193 26.75 -21.98 -63.58
C GLN B 193 25.27 -21.74 -63.25
N PRO B 194 24.57 -20.94 -64.07
CA PRO B 194 23.12 -20.65 -63.92
C PRO B 194 22.23 -21.92 -63.87
N THR B 195 21.22 -21.93 -63.01
CA THR B 195 20.34 -23.10 -62.94
C THR B 195 19.60 -23.29 -64.25
N GLN B 196 19.67 -24.48 -64.85
CA GLN B 196 18.84 -24.76 -66.03
C GLN B 196 18.16 -26.12 -66.06
N TYR B 197 17.11 -26.20 -66.88
CA TYR B 197 16.16 -27.30 -66.88
C TYR B 197 16.78 -28.68 -67.11
N ASN B 198 16.58 -29.59 -66.15
CA ASN B 198 16.99 -30.99 -66.28
C ASN B 198 15.79 -31.91 -66.26
N ALA B 199 15.60 -32.68 -67.33
CA ALA B 199 14.43 -33.55 -67.44
C ALA B 199 14.29 -34.54 -66.29
N SER B 200 15.40 -35.04 -65.77
CA SER B 200 15.31 -36.05 -64.73
C SER B 200 14.75 -35.45 -63.45
N VAL B 201 15.10 -34.19 -63.20
CA VAL B 201 14.57 -33.44 -62.08
C VAL B 201 13.03 -33.22 -62.22
N GLU B 202 12.56 -32.83 -63.41
CA GLU B 202 11.11 -32.68 -63.59
C GLU B 202 10.36 -33.98 -63.40
N ALA B 203 10.94 -35.05 -63.96
CA ALA B 203 10.47 -36.41 -63.75
C ALA B 203 10.22 -36.71 -62.27
N ALA B 204 11.14 -36.23 -61.45
CA ALA B 204 11.11 -36.52 -60.01
C ALA B 204 10.02 -35.68 -59.35
N TRP B 205 9.99 -34.39 -59.63
CA TRP B 205 8.92 -33.56 -59.11
C TRP B 205 7.57 -34.08 -59.59
N LEU B 206 7.50 -34.50 -60.85
CA LEU B 206 6.24 -35.05 -61.36
C LEU B 206 5.81 -36.29 -60.58
N GLU B 207 6.76 -37.16 -60.26
CA GLU B 207 6.42 -38.31 -59.41
C GLU B 207 5.80 -37.83 -58.09
N VAL B 208 6.40 -36.79 -57.52
CA VAL B 208 6.00 -36.22 -56.23
C VAL B 208 4.59 -35.62 -56.26
N TYR B 209 4.32 -34.81 -57.29
CA TYR B 209 3.01 -34.19 -57.45
C TYR B 209 1.89 -35.12 -57.89
N ARG B 210 2.23 -36.20 -58.59
CA ARG B 210 1.20 -37.18 -58.97
C ARG B 210 0.90 -38.09 -57.79
N ASN B 211 1.79 -38.12 -56.82
CA ASN B 211 1.58 -38.95 -55.63
C ASN B 211 1.81 -38.22 -54.31
N PRO B 212 1.10 -37.11 -54.10
CA PRO B 212 1.47 -36.24 -52.98
C PRO B 212 1.50 -36.96 -51.64
N SER B 213 0.61 -37.92 -51.43
CA SER B 213 0.51 -38.61 -50.14
C SER B 213 1.69 -39.51 -49.87
N ALA B 214 2.32 -39.99 -50.95
CA ALA B 214 3.51 -40.83 -50.88
C ALA B 214 4.74 -39.99 -50.61
N HIS B 215 4.65 -38.71 -50.96
CA HIS B 215 5.79 -37.82 -50.84
C HIS B 215 5.40 -36.45 -50.32
N TRP B 216 4.62 -36.41 -49.25
CA TRP B 216 4.13 -35.15 -48.69
C TRP B 216 5.21 -34.10 -48.47
N GLU B 217 6.28 -34.48 -47.79
CA GLU B 217 7.37 -33.54 -47.50
C GLU B 217 7.93 -32.87 -48.73
N LEU B 218 8.13 -33.63 -49.81
CA LEU B 218 8.64 -33.03 -51.08
C LEU B 218 7.58 -32.19 -51.76
N TYR B 219 6.34 -32.58 -51.59
CA TYR B 219 5.21 -31.88 -52.18
C TYR B 219 5.11 -30.48 -51.55
N GLU B 220 5.13 -30.44 -50.24
CA GLU B 220 5.17 -29.19 -49.49
C GLU B 220 6.44 -28.41 -49.80
N LEU B 221 7.58 -29.07 -49.87
CA LEU B 221 8.81 -28.39 -50.29
C LEU B 221 8.72 -27.75 -51.68
N GLY B 222 8.21 -28.49 -52.66
CA GLY B 222 8.05 -27.93 -53.99
C GLY B 222 7.21 -26.64 -54.00
N GLU B 223 6.12 -26.64 -53.26
CA GLU B 223 5.21 -25.50 -53.22
C GLU B 223 5.84 -24.34 -52.48
N LYS B 224 6.65 -24.65 -51.47
CA LYS B 224 7.41 -23.61 -50.79
C LYS B 224 8.43 -22.96 -51.72
N PHE B 225 9.03 -23.75 -52.64
CA PHE B 225 9.89 -23.11 -53.67
C PHE B 225 9.08 -22.22 -54.58
N VAL B 226 7.94 -22.71 -55.05
CA VAL B 226 7.08 -21.97 -56.00
C VAL B 226 6.60 -20.65 -55.35
N ASP B 227 6.22 -20.72 -54.08
CA ASP B 227 5.86 -19.54 -53.27
C ASP B 227 6.96 -18.54 -53.25
N LEU B 228 8.13 -19.06 -52.93
CA LEU B 228 9.32 -18.22 -52.86
C LEU B 228 9.55 -17.48 -54.16
N GLU B 229 9.55 -18.23 -55.27
CA GLU B 229 9.75 -17.62 -56.61
C GLU B 229 8.66 -16.59 -56.98
N ASP B 230 7.41 -16.93 -56.71
CA ASP B 230 6.23 -16.09 -56.99
C ASP B 230 6.34 -14.78 -56.21
N ALA B 231 6.68 -14.83 -54.93
CA ALA B 231 6.83 -13.61 -54.14
C ALA B 231 8.01 -12.83 -54.66
N PHE B 232 9.04 -13.53 -55.10
CA PHE B 232 10.18 -12.80 -55.65
C PHE B 232 9.83 -12.13 -56.99
N ARG B 233 9.05 -12.83 -57.81
CA ARG B 233 8.50 -12.22 -59.02
C ARG B 233 7.70 -10.98 -58.69
N GLN B 234 6.87 -11.05 -57.66
CA GLN B 234 6.04 -9.91 -57.31
C GLN B 234 6.94 -8.72 -56.93
N TRP B 235 7.98 -8.99 -56.13
CA TRP B 235 8.93 -7.94 -55.77
C TRP B 235 9.55 -7.32 -57.01
N ARG B 236 10.01 -8.17 -57.95
CA ARG B 236 10.58 -7.68 -59.23
C ARG B 236 9.59 -6.82 -60.01
N PHE B 237 8.32 -7.22 -60.07
CA PHE B 237 7.29 -6.42 -60.75
C PHE B 237 7.02 -5.11 -60.03
N ARG B 238 6.79 -5.17 -58.74
CA ARG B 238 6.58 -3.91 -58.01
C ARG B 238 7.79 -2.94 -58.09
N HIS B 239 8.99 -3.52 -58.14
CA HIS B 239 10.20 -2.73 -58.34
C HIS B 239 10.17 -1.95 -59.69
N VAL B 240 9.96 -2.66 -60.81
CA VAL B 240 10.00 -1.97 -62.12
C VAL B 240 8.90 -0.95 -62.20
N THR B 241 7.72 -1.36 -61.78
CA THR B 241 6.56 -0.49 -61.78
C THR B 241 6.76 0.78 -60.95
N THR B 242 7.33 0.66 -59.76
CA THR B 242 7.52 1.83 -58.93
C THR B 242 8.64 2.68 -59.50
N VAL B 243 9.64 2.04 -60.07
CA VAL B 243 10.72 2.80 -60.70
C VAL B 243 10.18 3.56 -61.93
N GLU B 244 9.43 2.85 -62.75
CA GLU B 244 8.85 3.49 -63.89
C GLU B 244 7.98 4.70 -63.50
N ARG B 245 7.23 4.61 -62.39
CA ARG B 245 6.35 5.73 -62.09
C ARG B 245 7.07 6.88 -61.44
N VAL B 246 8.34 6.68 -61.08
CA VAL B 246 9.12 7.80 -60.55
C VAL B 246 10.02 8.43 -61.65
N ILE B 247 10.75 7.60 -62.40
CA ILE B 247 11.66 8.12 -63.42
C ILE B 247 11.24 7.75 -64.85
N GLY B 248 10.14 7.05 -64.99
CA GLY B 248 9.67 6.68 -66.31
C GLY B 248 10.60 5.72 -67.00
N PHE B 249 10.20 5.33 -68.21
CA PHE B 249 10.86 4.30 -69.00
C PHE B 249 11.63 4.95 -70.15
N LYS B 250 12.95 5.02 -70.01
CA LYS B 250 13.82 5.45 -71.11
C LYS B 250 14.08 4.26 -72.04
N ARG B 251 13.80 4.42 -73.33
CA ARG B 251 14.03 3.35 -74.31
C ARG B 251 15.51 3.19 -74.72
N GLY B 252 16.27 4.28 -74.70
CA GLY B 252 17.71 4.24 -74.97
C GLY B 252 18.07 4.03 -76.43
N GLU B 257 21.71 -2.12 -67.69
CA GLU B 257 21.17 -0.99 -66.92
C GLU B 257 19.81 -0.49 -67.48
N GLY B 258 19.15 0.43 -66.76
CA GLY B 258 17.83 0.97 -67.14
C GLY B 258 16.56 0.27 -66.60
N VAL B 259 15.41 0.91 -66.79
CA VAL B 259 14.10 0.25 -66.65
C VAL B 259 13.95 -0.95 -67.62
N SER B 260 14.60 -0.89 -68.78
CA SER B 260 14.56 -2.08 -69.65
C SER B 260 15.32 -3.28 -69.07
N TYR B 261 16.40 -3.02 -68.30
CA TYR B 261 17.09 -4.09 -67.58
C TYR B 261 16.12 -4.75 -66.60
N LEU B 262 15.48 -3.92 -65.76
CA LEU B 262 14.51 -4.37 -64.77
C LEU B 262 13.32 -5.13 -65.42
N ARG B 263 12.87 -4.68 -66.59
CA ARG B 263 11.88 -5.48 -67.33
C ARG B 263 12.35 -6.89 -67.69
N ARG B 264 13.61 -7.00 -68.13
CA ARG B 264 14.23 -8.29 -68.45
C ARG B 264 14.21 -9.24 -67.25
N MET B 265 14.31 -8.67 -66.05
CA MET B 265 14.47 -9.46 -64.81
C MET B 265 13.21 -10.22 -64.55
N LEU B 266 12.10 -9.68 -65.06
CA LEU B 266 10.83 -10.36 -64.93
C LEU B 266 10.86 -11.73 -65.59
N ASP B 267 11.83 -11.91 -66.48
CA ASP B 267 11.95 -13.19 -67.14
C ASP B 267 12.88 -14.19 -66.42
N VAL B 268 13.40 -13.81 -65.25
CA VAL B 268 14.17 -14.75 -64.45
C VAL B 268 13.26 -15.93 -64.11
N VAL B 269 13.80 -17.14 -64.22
CA VAL B 269 13.14 -18.32 -63.71
C VAL B 269 14.14 -18.93 -62.75
N LEU B 270 13.67 -19.37 -61.59
CA LEU B 270 14.61 -19.89 -60.63
C LEU B 270 14.52 -21.40 -60.50
N PHE B 271 13.29 -21.92 -60.54
CA PHE B 271 13.05 -23.30 -60.23
C PHE B 271 12.24 -23.90 -61.37
N PRO B 272 12.89 -24.03 -62.56
CA PRO B 272 12.19 -24.15 -63.83
C PRO B 272 11.39 -25.44 -63.98
N GLU B 273 11.84 -26.53 -63.38
CA GLU B 273 11.10 -27.77 -63.55
C GLU B 273 9.88 -27.85 -62.66
N LEU B 274 9.79 -26.97 -61.66
CA LEU B 274 8.62 -26.89 -60.82
C LEU B 274 7.53 -26.10 -61.57
N TRP B 275 7.95 -25.11 -62.37
CA TRP B 275 6.99 -24.44 -63.25
C TRP B 275 6.57 -25.28 -64.46
N LYS B 276 7.52 -25.94 -65.12
CA LYS B 276 7.19 -26.78 -66.29
C LYS B 276 6.21 -27.87 -65.95
N LEU B 277 6.38 -28.45 -64.76
CA LEU B 277 5.62 -29.67 -64.42
C LEU B 277 4.11 -29.45 -64.39
N ARG B 278 3.69 -28.19 -64.25
CA ARG B 278 2.27 -27.90 -64.27
C ARG B 278 1.68 -28.23 -65.61
N THR B 279 2.45 -28.04 -66.69
CA THR B 279 1.94 -28.28 -68.03
C THR B 279 1.94 -29.77 -68.36
N ASP B 280 2.82 -30.53 -67.72
CA ASP B 280 2.98 -31.94 -68.03
C ASP B 280 2.30 -32.85 -67.03
N LEU B 281 1.59 -32.27 -66.07
CA LEU B 281 1.03 -33.05 -64.97
C LEU B 281 0.04 -34.11 -65.44
N ASP C 22 -40.27 -7.67 -39.68
CA ASP C 22 -39.20 -6.68 -40.05
C ASP C 22 -38.18 -7.34 -40.99
N MET C 23 -37.26 -6.54 -41.53
CA MET C 23 -36.23 -7.09 -42.40
C MET C 23 -35.01 -7.62 -41.65
N SER C 24 -34.72 -8.88 -41.90
CA SER C 24 -33.62 -9.56 -41.27
C SER C 24 -32.31 -9.30 -42.04
N TYR C 25 -31.19 -9.53 -41.34
CA TYR C 25 -29.82 -9.50 -41.86
C TYR C 25 -29.70 -10.24 -43.21
N GLY C 26 -30.14 -11.49 -43.23
CA GLY C 26 -30.14 -12.25 -44.45
C GLY C 26 -31.15 -11.81 -45.51
N ASP C 27 -32.23 -11.20 -45.08
CA ASP C 27 -33.18 -10.60 -46.02
C ASP C 27 -32.50 -9.40 -46.71
N TYR C 28 -31.92 -8.50 -45.92
CA TYR C 28 -31.26 -7.32 -46.51
C TYR C 28 -30.08 -7.65 -47.43
N LEU C 29 -29.33 -8.69 -47.08
CA LEU C 29 -28.09 -8.97 -47.76
C LEU C 29 -28.31 -10.00 -48.85
N GLY C 30 -29.55 -10.42 -49.02
CA GLY C 30 -29.86 -11.43 -50.04
C GLY C 30 -29.12 -12.78 -49.87
N LEU C 31 -28.83 -13.16 -48.62
CA LEU C 31 -28.02 -14.39 -48.33
C LEU C 31 -28.59 -15.69 -48.86
N ASP C 32 -29.91 -15.71 -49.01
CA ASP C 32 -30.58 -16.84 -49.65
C ASP C 32 -30.06 -17.08 -51.06
N GLN C 33 -29.81 -16.00 -51.79
CA GLN C 33 -29.29 -16.10 -53.15
C GLN C 33 -27.81 -16.30 -53.12
N ILE C 34 -27.07 -15.37 -52.49
CA ILE C 34 -25.62 -15.41 -52.63
C ILE C 34 -24.97 -16.66 -52.00
N LEU C 35 -25.61 -17.18 -50.97
CA LEU C 35 -25.09 -18.34 -50.26
C LEU C 35 -25.63 -19.68 -50.77
N SER C 36 -26.37 -19.69 -51.87
CA SER C 36 -26.69 -20.94 -52.54
C SER C 36 -26.38 -20.84 -54.03
N ALA C 37 -25.29 -20.17 -54.35
CA ALA C 37 -24.93 -19.95 -55.76
C ALA C 37 -23.63 -20.65 -56.04
N GLN C 38 -23.20 -21.47 -55.10
CA GLN C 38 -21.96 -22.15 -55.24
C GLN C 38 -22.26 -23.56 -55.65
N HIS C 39 -21.89 -23.91 -56.89
CA HIS C 39 -22.32 -25.20 -57.45
C HIS C 39 -21.17 -25.93 -58.11
N PRO C 40 -20.36 -26.63 -57.30
CA PRO C 40 -19.20 -27.38 -57.76
C PRO C 40 -19.64 -28.46 -58.71
N LEU C 41 -18.95 -28.61 -59.83
CA LEU C 41 -19.24 -29.67 -60.78
C LEU C 41 -18.51 -30.99 -60.50
N SER C 42 -17.38 -30.89 -59.78
CA SER C 42 -16.53 -32.05 -59.52
C SER C 42 -16.72 -32.52 -58.10
N PRO C 43 -16.15 -33.68 -57.75
CA PRO C 43 -16.13 -34.15 -56.37
C PRO C 43 -14.99 -33.53 -55.58
N ASP C 44 -14.23 -32.65 -56.21
CA ASP C 44 -13.01 -32.17 -55.56
C ASP C 44 -13.28 -31.12 -54.46
N HIS C 45 -12.63 -31.30 -53.32
CA HIS C 45 -12.72 -30.40 -52.17
C HIS C 45 -12.33 -28.97 -52.47
N ASN C 46 -11.47 -28.80 -53.49
CA ASN C 46 -10.88 -27.49 -53.83
C ASN C 46 -11.66 -26.59 -54.76
N GLU C 47 -12.74 -27.12 -55.30
CA GLU C 47 -13.54 -26.36 -56.24
C GLU C 47 -14.28 -25.21 -55.56
N MET C 48 -14.73 -25.41 -54.31
CA MET C 48 -15.32 -24.30 -53.54
C MET C 48 -14.42 -23.07 -53.59
N LEU C 49 -13.11 -23.26 -53.39
CA LEU C 49 -12.18 -22.12 -53.45
C LEU C 49 -12.26 -21.35 -54.77
N PHE C 50 -12.13 -22.12 -55.86
CA PHE C 50 -12.10 -21.65 -57.24
C PHE C 50 -13.34 -20.82 -57.50
N ILE C 51 -14.46 -21.32 -57.00
CA ILE C 51 -15.71 -20.59 -57.13
C ILE C 51 -15.76 -19.30 -56.29
N VAL C 52 -15.50 -19.41 -55.00
CA VAL C 52 -15.61 -18.23 -54.10
C VAL C 52 -14.60 -17.13 -54.42
N GLN C 53 -13.45 -17.52 -54.95
CA GLN C 53 -12.47 -16.53 -55.37
C GLN C 53 -13.04 -15.63 -56.44
N HIS C 54 -13.64 -16.23 -57.46
CA HIS C 54 -14.25 -15.45 -58.53
C HIS C 54 -15.39 -14.60 -58.01
N GLN C 55 -16.25 -15.20 -57.18
CA GLN C 55 -17.46 -14.52 -56.70
C GLN C 55 -17.14 -13.29 -55.86
N THR C 56 -16.22 -13.44 -54.93
CA THR C 56 -15.86 -12.31 -54.10
C THR C 56 -15.23 -11.22 -54.93
N THR C 57 -14.44 -11.62 -55.91
CA THR C 57 -13.78 -10.64 -56.79
C THR C 57 -14.81 -9.88 -57.62
N GLU C 58 -15.77 -10.61 -58.18
CA GLU C 58 -16.84 -10.00 -58.97
C GLU C 58 -17.67 -9.03 -58.14
N LEU C 59 -18.02 -9.45 -56.93
CA LEU C 59 -18.73 -8.56 -55.98
C LEU C 59 -17.97 -7.28 -55.77
N TRP C 60 -16.69 -7.38 -55.49
CA TRP C 60 -15.87 -6.19 -55.30
C TRP C 60 -15.84 -5.36 -56.58
N MET C 61 -15.83 -6.03 -57.73
CA MET C 61 -15.84 -5.28 -58.99
C MET C 61 -17.13 -4.47 -59.17
N LYS C 62 -18.24 -5.07 -58.77
CA LYS C 62 -19.50 -4.35 -58.68
C LYS C 62 -19.34 -3.02 -57.95
N LEU C 63 -18.78 -3.04 -56.75
CA LEU C 63 -18.68 -1.80 -55.94
C LEU C 63 -17.69 -0.83 -56.54
N MET C 64 -16.68 -1.40 -57.17
CA MET C 64 -15.66 -0.61 -57.83
C MET C 64 -16.25 0.18 -58.99
N LEU C 65 -17.06 -0.51 -59.80
CA LEU C 65 -17.80 0.13 -60.89
C LEU C 65 -18.66 1.27 -60.34
N HIS C 66 -19.45 0.96 -59.31
CA HIS C 66 -20.26 1.94 -58.62
C HIS C 66 -19.44 3.15 -58.19
N GLU C 67 -18.29 2.88 -57.60
CA GLU C 67 -17.45 3.99 -57.16
C GLU C 67 -16.81 4.73 -58.32
N LEU C 68 -16.36 4.01 -59.35
CA LEU C 68 -15.68 4.69 -60.48
C LEU C 68 -16.64 5.55 -61.31
N ARG C 69 -17.87 5.07 -61.48
CA ARG C 69 -18.84 5.85 -62.21
C ARG C 69 -19.16 7.16 -61.50
N ALA C 70 -19.28 7.14 -60.18
CA ALA C 70 -19.53 8.38 -59.47
C ALA C 70 -18.29 9.25 -59.49
N ALA C 71 -17.11 8.65 -59.43
CA ALA C 71 -15.92 9.50 -59.49
C ALA C 71 -15.84 10.23 -60.82
N ARG C 72 -16.18 9.51 -61.90
CA ARG C 72 -16.18 10.07 -63.24
C ARG C 72 -17.18 11.20 -63.33
N ASP C 73 -18.32 11.07 -62.65
CA ASP C 73 -19.31 12.13 -62.64
C ASP C 73 -18.82 13.36 -61.90
N GLY C 74 -18.04 13.13 -60.85
CA GLY C 74 -17.41 14.21 -60.11
C GLY C 74 -16.37 14.95 -60.94
N VAL C 75 -15.63 14.22 -61.77
CA VAL C 75 -14.72 14.87 -62.70
C VAL C 75 -15.53 15.69 -63.73
N LYS C 76 -16.54 15.08 -64.34
CA LYS C 76 -17.24 15.83 -65.37
C LYS C 76 -18.03 17.05 -64.86
N SER C 77 -18.35 17.09 -63.57
CA SER C 77 -19.01 18.23 -62.98
C SER C 77 -18.05 19.14 -62.22
N ASP C 78 -16.76 18.80 -62.27
CA ASP C 78 -15.73 19.66 -61.69
C ASP C 78 -15.85 19.74 -60.18
N GLN C 79 -16.28 18.64 -59.60
CA GLN C 79 -16.31 18.48 -58.16
C GLN C 79 -15.37 17.34 -57.84
N LEU C 80 -14.10 17.69 -57.65
CA LEU C 80 -13.01 16.72 -57.56
C LEU C 80 -12.81 16.20 -56.15
N GLN C 81 -13.11 17.03 -55.17
CA GLN C 81 -12.95 16.61 -53.79
C GLN C 81 -13.66 15.27 -53.46
N PRO C 82 -14.96 15.15 -53.77
CA PRO C 82 -15.63 13.91 -53.50
C PRO C 82 -15.18 12.80 -54.41
N ALA C 83 -14.76 13.17 -55.62
CA ALA C 83 -14.21 12.21 -56.56
C ALA C 83 -12.96 11.54 -56.01
N PHE C 84 -12.08 12.36 -55.43
CA PHE C 84 -10.85 11.87 -54.82
C PHE C 84 -11.14 10.86 -53.71
N LYS C 85 -12.11 11.17 -52.85
CA LYS C 85 -12.55 10.26 -51.80
C LYS C 85 -13.01 8.90 -52.36
N MET C 86 -13.80 8.92 -53.44
CA MET C 86 -14.23 7.69 -54.11
C MET C 86 -13.06 6.91 -54.70
N LEU C 87 -12.10 7.62 -55.27
CA LEU C 87 -10.93 6.95 -55.86
C LEU C 87 -10.06 6.30 -54.79
N ALA C 88 -9.89 6.99 -53.68
CA ALA C 88 -9.25 6.45 -52.51
C ALA C 88 -9.93 5.15 -52.07
N ARG C 89 -11.28 5.14 -52.10
CA ARG C 89 -12.01 3.91 -51.82
C ARG C 89 -11.72 2.85 -52.87
N VAL C 90 -11.71 3.24 -54.13
CA VAL C 90 -11.42 2.26 -55.16
C VAL C 90 -10.05 1.60 -54.95
N SER C 91 -9.10 2.36 -54.39
CA SER C 91 -7.76 1.85 -54.17
C SER C 91 -7.72 0.81 -53.09
N ARG C 92 -8.47 1.06 -52.00
CA ARG C 92 -8.60 0.11 -50.94
C ARG C 92 -9.21 -1.20 -51.46
N ILE C 93 -10.18 -1.10 -52.37
CA ILE C 93 -10.77 -2.32 -52.99
C ILE C 93 -9.73 -3.03 -53.86
N MET C 94 -8.92 -2.27 -54.58
CA MET C 94 -7.91 -2.90 -55.40
C MET C 94 -6.87 -3.61 -54.51
N ASP C 95 -6.62 -3.05 -53.35
CA ASP C 95 -5.71 -3.65 -52.40
C ASP C 95 -6.22 -5.03 -52.01
N GLN C 96 -7.53 -5.15 -51.84
CA GLN C 96 -8.16 -6.39 -51.47
C GLN C 96 -7.96 -7.35 -52.60
N LEU C 97 -8.24 -6.84 -53.81
CA LEU C 97 -8.30 -7.69 -54.98
C LEU C 97 -6.95 -8.25 -55.39
N VAL C 98 -5.91 -7.42 -55.23
CA VAL C 98 -4.55 -7.85 -55.48
C VAL C 98 -4.07 -8.87 -54.41
N GLN C 99 -4.44 -8.67 -53.15
CA GLN C 99 -4.08 -9.65 -52.12
C GLN C 99 -4.83 -11.00 -52.17
N ALA C 100 -6.09 -10.98 -52.65
CA ALA C 100 -6.89 -12.20 -52.80
C ALA C 100 -6.08 -13.32 -53.42
N TRP C 101 -5.20 -12.95 -54.34
CA TRP C 101 -4.49 -13.95 -55.09
C TRP C 101 -3.71 -14.88 -54.14
N ASN C 102 -3.44 -14.40 -52.94
CA ASN C 102 -2.73 -15.25 -51.97
C ASN C 102 -3.56 -16.46 -51.61
N VAL C 103 -4.89 -16.34 -51.63
CA VAL C 103 -5.75 -17.46 -51.23
C VAL C 103 -5.75 -18.51 -52.35
N LEU C 104 -5.92 -18.05 -53.59
CA LEU C 104 -5.89 -18.96 -54.74
C LEU C 104 -4.54 -19.69 -54.89
N ALA C 105 -3.45 -18.97 -54.60
CA ALA C 105 -2.09 -19.49 -54.59
C ALA C 105 -1.90 -20.83 -53.83
N THR C 106 -2.83 -21.13 -52.92
CA THR C 106 -2.77 -22.36 -52.14
C THR C 106 -3.39 -23.54 -52.91
N MET C 107 -3.92 -23.29 -54.10
CA MET C 107 -4.31 -24.39 -54.98
C MET C 107 -3.11 -24.95 -55.72
N THR C 108 -2.85 -26.24 -55.55
CA THR C 108 -1.73 -26.85 -56.22
C THR C 108 -2.19 -27.46 -57.54
N PRO C 109 -1.28 -27.65 -58.50
CA PRO C 109 -1.74 -28.21 -59.80
C PRO C 109 -2.56 -29.52 -59.73
N PRO C 110 -2.16 -30.52 -58.92
CA PRO C 110 -3.01 -31.73 -58.78
C PRO C 110 -4.45 -31.44 -58.38
N GLU C 111 -4.61 -30.48 -57.49
CA GLU C 111 -5.92 -30.07 -56.98
C GLU C 111 -6.78 -29.53 -58.08
N TYR C 112 -6.24 -28.57 -58.83
CA TYR C 112 -6.96 -28.03 -59.95
C TYR C 112 -7.09 -29.05 -61.11
N SER C 113 -6.13 -29.97 -61.21
CA SER C 113 -6.18 -31.05 -62.20
C SER C 113 -7.42 -31.90 -62.03
N ALA C 114 -7.77 -32.15 -60.77
CA ALA C 114 -8.93 -33.00 -60.45
C ALA C 114 -10.28 -32.37 -60.82
N MET C 115 -10.40 -31.05 -60.64
CA MET C 115 -11.60 -30.29 -61.03
C MET C 115 -11.69 -30.13 -62.55
N ARG C 116 -10.57 -29.81 -63.19
CA ARG C 116 -10.51 -29.34 -64.59
C ARG C 116 -11.37 -30.06 -65.68
N PRO C 117 -11.46 -31.41 -65.64
CA PRO C 117 -12.29 -32.13 -66.59
C PRO C 117 -13.75 -31.69 -66.58
N TYR C 118 -14.19 -31.08 -65.46
CA TYR C 118 -15.59 -30.69 -65.31
C TYR C 118 -15.92 -29.23 -65.59
N LEU C 119 -14.95 -28.43 -66.03
CA LEU C 119 -15.18 -26.99 -66.09
C LEU C 119 -15.79 -26.48 -67.39
N GLY C 120 -15.43 -27.10 -68.51
CA GLY C 120 -15.88 -26.59 -69.81
C GLY C 120 -15.23 -25.26 -70.11
N ALA C 121 -15.05 -24.96 -71.40
CA ALA C 121 -14.23 -23.82 -71.83
C ALA C 121 -14.84 -22.44 -71.54
N SER C 122 -15.40 -22.27 -70.35
CA SER C 122 -15.80 -20.95 -69.86
C SER C 122 -14.54 -20.17 -69.56
N SER C 123 -14.59 -18.85 -69.75
CA SER C 123 -13.39 -18.03 -69.52
C SER C 123 -13.66 -16.68 -68.89
N GLY C 124 -12.66 -16.16 -68.19
CA GLY C 124 -12.71 -14.80 -67.64
C GLY C 124 -12.94 -13.72 -68.69
N PHE C 125 -12.79 -14.09 -69.96
CA PHE C 125 -13.16 -13.21 -71.08
C PHE C 125 -14.62 -12.78 -71.00
N GLN C 126 -15.41 -13.67 -70.40
CA GLN C 126 -16.85 -13.50 -70.23
C GLN C 126 -17.28 -12.66 -69.05
N SER C 127 -16.34 -12.07 -68.30
CA SER C 127 -16.73 -11.17 -67.20
C SER C 127 -17.02 -9.81 -67.78
N TYR C 128 -18.29 -9.43 -67.75
CA TYR C 128 -18.68 -8.16 -68.34
C TYR C 128 -18.34 -7.05 -67.40
N GLN C 129 -18.25 -7.38 -66.12
CA GLN C 129 -17.95 -6.32 -65.13
C GLN C 129 -16.51 -5.92 -65.28
N TYR C 130 -15.66 -6.92 -65.47
CA TYR C 130 -14.25 -6.65 -65.75
C TYR C 130 -14.08 -5.79 -67.03
N ARG C 131 -14.81 -6.14 -68.09
CA ARG C 131 -14.76 -5.38 -69.33
C ARG C 131 -15.26 -3.93 -69.16
N GLU C 132 -16.34 -3.73 -68.42
CA GLU C 132 -16.75 -2.36 -68.13
C GLU C 132 -15.67 -1.60 -67.38
N ILE C 133 -14.92 -2.28 -66.50
CA ILE C 133 -13.87 -1.58 -65.75
C ILE C 133 -12.78 -1.16 -66.73
N GLU C 134 -12.39 -2.11 -67.59
CA GLU C 134 -11.42 -1.82 -68.64
C GLU C 134 -11.85 -0.61 -69.43
N PHE C 135 -13.11 -0.62 -69.91
CA PHE C 135 -13.61 0.49 -70.71
C PHE C 135 -13.64 1.82 -69.98
N ILE C 136 -14.14 1.87 -68.75
CA ILE C 136 -14.17 3.16 -67.99
C ILE C 136 -12.76 3.68 -67.80
N LEU C 137 -11.79 2.75 -67.82
CA LEU C 137 -10.40 3.14 -67.67
C LEU C 137 -9.73 3.51 -69.02
N GLY C 138 -10.52 3.44 -70.10
CA GLY C 138 -10.05 3.84 -71.44
C GLY C 138 -9.43 2.74 -72.27
N ASN C 139 -9.38 1.53 -71.73
CA ASN C 139 -8.91 0.38 -72.48
C ASN C 139 -10.04 -0.17 -73.37
N LYS C 140 -10.45 0.65 -74.33
CA LYS C 140 -11.58 0.31 -75.20
C LYS C 140 -11.24 -0.72 -76.27
N ASN C 141 -12.13 -1.68 -76.50
CA ASN C 141 -11.93 -2.63 -77.59
C ASN C 141 -13.24 -3.27 -77.98
N ALA C 142 -13.76 -2.88 -79.14
CA ALA C 142 -15.06 -3.34 -79.62
C ALA C 142 -15.17 -4.86 -79.85
N ALA C 143 -14.06 -5.53 -80.12
CA ALA C 143 -14.05 -7.02 -80.25
C ALA C 143 -14.49 -7.72 -78.98
N MET C 144 -14.36 -7.01 -77.87
CA MET C 144 -14.64 -7.56 -76.57
C MET C 144 -16.15 -7.60 -76.22
N LEU C 145 -17.00 -7.05 -77.07
CA LEU C 145 -18.44 -7.16 -76.85
C LEU C 145 -18.89 -8.57 -77.20
N ARG C 146 -18.13 -9.24 -78.05
CA ARG C 146 -18.57 -10.52 -78.62
C ARG C 146 -18.92 -11.61 -77.61
N PRO C 147 -18.08 -11.79 -76.56
CA PRO C 147 -18.40 -12.86 -75.60
C PRO C 147 -19.77 -12.64 -74.91
N HIS C 148 -20.32 -11.43 -75.04
CA HIS C 148 -21.57 -11.04 -74.39
C HIS C 148 -22.83 -11.02 -75.27
N ALA C 149 -22.67 -11.41 -76.53
CA ALA C 149 -23.78 -11.40 -77.47
C ALA C 149 -24.96 -12.29 -77.06
N HIS C 150 -24.73 -13.41 -76.37
CA HIS C 150 -25.87 -14.25 -75.98
C HIS C 150 -26.70 -13.74 -74.78
N ARG C 151 -26.26 -12.66 -74.14
CA ARG C 151 -26.96 -12.08 -72.99
C ARG C 151 -27.19 -10.58 -73.12
N PRO C 152 -28.39 -10.19 -73.58
CA PRO C 152 -28.69 -8.82 -74.00
C PRO C 152 -28.42 -7.81 -72.91
N GLU C 153 -28.63 -8.20 -71.66
CA GLU C 153 -28.38 -7.30 -70.52
C GLU C 153 -26.91 -6.92 -70.35
N HIS C 154 -26.02 -7.91 -70.47
CA HIS C 154 -24.58 -7.65 -70.38
C HIS C 154 -24.11 -6.94 -71.64
N LEU C 155 -24.56 -7.40 -72.81
CA LEU C 155 -24.20 -6.75 -74.04
C LEU C 155 -24.50 -5.25 -74.00
N GLU C 156 -25.66 -4.89 -73.44
CA GLU C 156 -26.04 -3.47 -73.33
C GLU C 156 -25.07 -2.71 -72.45
N LEU C 157 -24.81 -3.24 -71.26
CA LEU C 157 -23.91 -2.59 -70.29
C LEU C 157 -22.54 -2.35 -70.87
N VAL C 158 -22.03 -3.34 -71.57
CA VAL C 158 -20.70 -3.25 -72.18
C VAL C 158 -20.65 -2.33 -73.40
N GLU C 159 -21.69 -2.41 -74.24
CA GLU C 159 -21.77 -1.54 -75.40
C GLU C 159 -21.88 -0.09 -74.98
N THR C 160 -22.76 0.20 -74.04
CA THR C 160 -22.90 1.55 -73.53
C THR C 160 -21.57 2.07 -73.00
N ALA C 161 -20.88 1.23 -72.25
CA ALA C 161 -19.61 1.64 -71.64
C ALA C 161 -18.62 1.96 -72.74
N LEU C 162 -18.64 1.16 -73.80
CA LEU C 162 -17.74 1.39 -74.91
C LEU C 162 -17.93 2.77 -75.48
N HIS C 163 -19.17 3.23 -75.58
CA HIS C 163 -19.45 4.51 -76.24
C HIS C 163 -19.35 5.68 -75.31
N THR C 164 -19.18 5.38 -74.04
CA THR C 164 -19.15 6.44 -73.05
C THR C 164 -17.70 6.89 -72.85
N PRO C 165 -17.47 8.20 -72.84
CA PRO C 165 -16.08 8.65 -72.63
C PRO C 165 -15.50 8.08 -71.31
N SER C 166 -14.23 7.67 -71.33
CA SER C 166 -13.61 7.06 -70.14
C SER C 166 -13.38 8.12 -69.06
N MET C 167 -13.00 7.66 -67.88
CA MET C 167 -12.69 8.60 -66.82
C MET C 167 -11.48 9.45 -67.21
N TYR C 168 -10.61 8.87 -68.01
CA TYR C 168 -9.44 9.61 -68.49
C TYR C 168 -9.85 10.72 -69.47
N ASP C 169 -10.72 10.33 -70.41
CA ASP C 169 -11.26 11.24 -71.39
C ASP C 169 -11.86 12.42 -70.69
N GLU C 170 -12.57 12.14 -69.60
CA GLU C 170 -13.22 13.18 -68.82
C GLU C 170 -12.24 14.08 -68.08
N ALA C 171 -11.05 13.55 -67.78
CA ALA C 171 -10.03 14.32 -67.06
C ALA C 171 -9.36 15.25 -68.04
N ILE C 172 -9.07 14.72 -69.24
CA ILE C 172 -8.54 15.50 -70.35
C ILE C 172 -9.44 16.71 -70.68
N ARG C 173 -10.76 16.47 -70.76
CA ARG C 173 -11.74 17.52 -71.03
C ARG C 173 -11.81 18.50 -69.89
N LEU C 174 -11.59 18.03 -68.67
CA LEU C 174 -11.60 19.00 -67.57
C LEU C 174 -10.34 19.87 -67.61
N MET C 175 -9.25 19.37 -68.17
CA MET C 175 -8.07 20.22 -68.32
C MET C 175 -8.34 21.28 -69.38
N ALA C 176 -9.01 20.89 -70.45
CA ALA C 176 -9.49 21.85 -71.43
C ALA C 176 -10.35 22.93 -70.76
N ARG C 177 -11.37 22.55 -69.99
CA ARG C 177 -12.22 23.58 -69.34
C ARG C 177 -11.45 24.41 -68.30
N ARG C 178 -10.30 23.93 -67.84
CA ARG C 178 -9.53 24.76 -66.93
C ARG C 178 -8.55 25.64 -67.69
N GLY C 179 -8.51 25.49 -69.00
CA GLY C 179 -7.79 26.46 -69.80
C GLY C 179 -6.51 25.97 -70.42
N PHE C 180 -6.29 24.67 -70.39
CA PHE C 180 -5.10 24.10 -71.00
C PHE C 180 -5.39 23.93 -72.47
N GLN C 181 -4.40 24.15 -73.34
CA GLN C 181 -4.64 23.90 -74.75
C GLN C 181 -4.63 22.41 -75.05
N ILE C 182 -5.81 21.84 -75.29
CA ILE C 182 -5.93 20.44 -75.62
C ILE C 182 -6.42 20.30 -77.07
N ASP C 183 -5.72 19.52 -77.89
CA ASP C 183 -6.24 19.20 -79.22
C ASP C 183 -7.73 18.85 -79.21
N PRO C 184 -8.52 19.62 -79.97
CA PRO C 184 -9.92 19.32 -80.22
C PRO C 184 -10.21 17.84 -80.48
N GLU C 185 -9.25 17.12 -81.08
CA GLU C 185 -9.47 15.74 -81.53
C GLU C 185 -9.35 14.75 -80.37
N VAL C 186 -9.12 15.30 -79.20
CA VAL C 186 -8.92 14.48 -78.00
C VAL C 186 -10.00 14.88 -76.99
N VAL C 187 -10.56 16.07 -77.19
CA VAL C 187 -11.73 16.48 -76.42
C VAL C 187 -13.01 15.77 -76.92
N GLU C 188 -13.07 15.57 -78.24
CA GLU C 188 -14.19 14.88 -78.87
C GLU C 188 -13.60 13.92 -79.86
N ARG C 189 -14.07 12.68 -79.85
CA ARG C 189 -13.33 11.60 -80.48
C ARG C 189 -14.27 10.40 -80.65
N ASP C 190 -13.90 9.44 -81.50
CA ASP C 190 -14.61 8.16 -81.48
C ASP C 190 -14.25 7.48 -80.15
N TRP C 191 -15.23 7.30 -79.25
CA TRP C 191 -14.93 6.83 -77.89
C TRP C 191 -14.78 5.32 -77.77
N THR C 192 -15.02 4.61 -78.85
CA THR C 192 -14.88 3.16 -78.88
C THR C 192 -13.44 2.83 -79.25
N GLN C 193 -12.65 3.89 -79.28
CA GLN C 193 -11.28 3.79 -79.75
C GLN C 193 -10.31 3.68 -78.57
N PRO C 194 -9.35 2.76 -78.67
CA PRO C 194 -8.31 2.66 -77.67
C PRO C 194 -7.82 4.05 -77.30
N THR C 195 -7.39 4.23 -76.06
CA THR C 195 -6.76 5.49 -75.66
C THR C 195 -5.38 5.56 -76.29
N GLN C 196 -5.00 6.74 -76.81
CA GLN C 196 -3.73 6.83 -77.56
C GLN C 196 -2.94 8.07 -77.18
N TYR C 197 -1.61 7.93 -77.17
CA TYR C 197 -0.75 9.05 -76.75
C TYR C 197 -1.03 10.35 -77.56
N ASN C 198 -1.26 11.45 -76.84
CA ASN C 198 -1.41 12.73 -77.47
C ASN C 198 -0.60 13.85 -76.82
N ALA C 199 0.24 14.47 -77.63
CA ALA C 199 1.31 15.35 -77.18
C ALA C 199 0.82 16.57 -76.42
N SER C 200 -0.37 17.08 -76.77
CA SER C 200 -0.87 18.28 -76.07
C SER C 200 -1.33 17.91 -74.65
N VAL C 201 -1.88 16.70 -74.53
CA VAL C 201 -2.30 16.17 -73.23
C VAL C 201 -1.08 16.05 -72.31
N GLU C 202 0.01 15.50 -72.85
CA GLU C 202 1.20 15.38 -72.04
C GLU C 202 1.70 16.75 -71.61
N ALA C 203 1.67 17.71 -72.54
CA ALA C 203 2.17 19.06 -72.23
C ALA C 203 1.37 19.70 -71.11
N ALA C 204 0.07 19.44 -71.10
CA ALA C 204 -0.80 19.92 -69.99
C ALA C 204 -0.40 19.26 -68.65
N TRP C 205 -0.31 17.94 -68.65
CA TRP C 205 0.12 17.18 -67.47
C TRP C 205 1.49 17.66 -66.97
N LEU C 206 2.43 17.91 -67.90
CA LEU C 206 3.79 18.43 -67.53
C LEU C 206 3.74 19.81 -66.87
N GLU C 207 2.86 20.67 -67.38
CA GLU C 207 2.70 21.98 -66.79
C GLU C 207 2.19 21.78 -65.37
N VAL C 208 1.33 20.77 -65.19
CA VAL C 208 0.76 20.47 -63.86
C VAL C 208 1.84 19.98 -62.89
N TYR C 209 2.61 18.99 -63.32
CA TYR C 209 3.62 18.44 -62.45
C TYR C 209 4.79 19.38 -62.17
N ARG C 210 5.06 20.30 -63.09
CA ARG C 210 6.19 21.21 -62.90
C ARG C 210 5.80 22.35 -61.99
N ASN C 211 4.49 22.51 -61.80
CA ASN C 211 4.02 23.59 -60.94
C ASN C 211 2.90 23.15 -59.99
N PRO C 212 3.12 22.05 -59.25
CA PRO C 212 2.06 21.38 -58.46
C PRO C 212 1.22 22.31 -57.57
N SER C 213 1.86 23.28 -56.93
CA SER C 213 1.18 24.26 -56.07
C SER C 213 0.21 25.18 -56.82
N ALA C 214 0.39 25.35 -58.14
CA ALA C 214 -0.53 26.17 -58.92
C ALA C 214 -1.66 25.31 -59.48
N HIS C 215 -1.47 24.00 -59.48
CA HIS C 215 -2.46 23.05 -59.99
C HIS C 215 -2.65 21.83 -59.09
N TRP C 216 -2.84 22.06 -57.79
CA TRP C 216 -2.84 20.95 -56.83
C TRP C 216 -3.86 19.84 -57.12
N GLU C 217 -5.10 20.22 -57.35
CA GLU C 217 -6.11 19.26 -57.68
C GLU C 217 -5.70 18.40 -58.86
N LEU C 218 -5.09 19.00 -59.89
CA LEU C 218 -4.75 18.20 -61.08
C LEU C 218 -3.55 17.26 -60.87
N TYR C 219 -2.61 17.73 -60.07
CA TYR C 219 -1.47 16.97 -59.63
C TYR C 219 -1.98 15.75 -58.87
N GLU C 220 -2.77 16.02 -57.83
CA GLU C 220 -3.42 14.93 -57.10
C GLU C 220 -4.22 13.99 -58.02
N LEU C 221 -4.99 14.53 -58.96
CA LEU C 221 -5.74 13.65 -59.82
C LEU C 221 -4.82 12.80 -60.70
N GLY C 222 -3.75 13.44 -61.22
CA GLY C 222 -2.77 12.70 -62.01
C GLY C 222 -2.26 11.47 -61.28
N GLU C 223 -1.86 11.68 -60.04
CA GLU C 223 -1.33 10.62 -59.18
C GLU C 223 -2.33 9.51 -58.86
N LYS C 224 -3.61 9.86 -58.67
CA LYS C 224 -4.69 8.89 -58.52
C LYS C 224 -4.78 8.01 -59.75
N PHE C 225 -4.64 8.60 -60.93
CA PHE C 225 -4.64 7.80 -62.16
C PHE C 225 -3.48 6.84 -62.19
N VAL C 226 -2.30 7.35 -61.87
CA VAL C 226 -1.11 6.48 -61.83
C VAL C 226 -1.25 5.32 -60.81
N ASP C 227 -1.70 5.66 -59.60
CA ASP C 227 -2.09 4.63 -58.60
C ASP C 227 -2.99 3.58 -59.14
N LEU C 228 -4.02 4.03 -59.81
CA LEU C 228 -5.02 3.11 -60.28
C LEU C 228 -4.40 2.22 -61.32
N GLU C 229 -3.65 2.83 -62.23
CA GLU C 229 -3.05 1.98 -63.27
C GLU C 229 -2.07 0.95 -62.69
N ASP C 230 -1.30 1.42 -61.70
CA ASP C 230 -0.31 0.62 -61.03
C ASP C 230 -0.99 -0.55 -60.33
N ALA C 231 -1.96 -0.25 -59.47
CA ALA C 231 -2.73 -1.28 -58.77
C ALA C 231 -3.32 -2.27 -59.75
N PHE C 232 -3.80 -1.76 -60.88
CA PHE C 232 -4.30 -2.65 -61.94
C PHE C 232 -3.22 -3.53 -62.55
N ARG C 233 -2.04 -2.94 -62.80
CA ARG C 233 -0.88 -3.74 -63.27
C ARG C 233 -0.55 -4.89 -62.29
N GLN C 234 -0.47 -4.56 -61.00
CA GLN C 234 -0.26 -5.62 -60.01
C GLN C 234 -1.30 -6.71 -60.13
N TRP C 235 -2.55 -6.34 -60.40
CA TRP C 235 -3.61 -7.36 -60.36
C TRP C 235 -3.38 -8.25 -61.60
N ARG C 236 -3.05 -7.57 -62.68
CA ARG C 236 -2.71 -8.19 -63.97
C ARG C 236 -1.62 -9.24 -63.75
N PHE C 237 -0.58 -8.81 -63.04
CA PHE C 237 0.60 -9.66 -62.81
C PHE C 237 0.33 -10.80 -61.88
N ARG C 238 -0.39 -10.53 -60.78
CA ARG C 238 -0.76 -11.61 -59.87
C ARG C 238 -1.64 -12.59 -60.57
N HIS C 239 -2.52 -12.12 -61.43
CA HIS C 239 -3.42 -13.04 -62.12
C HIS C 239 -2.59 -13.98 -62.99
N VAL C 240 -1.77 -13.43 -63.89
CA VAL C 240 -1.00 -14.29 -64.79
C VAL C 240 -0.05 -15.22 -64.04
N THR C 241 0.53 -14.73 -62.94
CA THR C 241 1.47 -15.56 -62.18
C THR C 241 0.79 -16.69 -61.44
N THR C 242 -0.40 -16.42 -60.90
CA THR C 242 -1.16 -17.45 -60.21
C THR C 242 -1.68 -18.44 -61.25
N VAL C 243 -2.16 -17.94 -62.37
CA VAL C 243 -2.58 -18.85 -63.43
C VAL C 243 -1.42 -19.76 -63.83
N GLU C 244 -0.23 -19.19 -64.01
CA GLU C 244 0.90 -20.04 -64.40
C GLU C 244 1.25 -21.05 -63.32
N ARG C 245 1.23 -20.63 -62.05
CA ARG C 245 1.59 -21.60 -61.02
C ARG C 245 0.55 -22.69 -60.85
N VAL C 246 -0.62 -22.54 -61.48
CA VAL C 246 -1.63 -23.60 -61.41
C VAL C 246 -1.70 -24.51 -62.66
N ILE C 247 -1.67 -23.92 -63.85
CA ILE C 247 -1.76 -24.69 -65.11
C ILE C 247 -0.54 -24.56 -66.02
N GLY C 248 0.45 -23.79 -65.58
CA GLY C 248 1.68 -23.67 -66.36
C GLY C 248 1.57 -22.87 -67.63
N PHE C 249 2.73 -22.53 -68.19
CA PHE C 249 2.81 -21.63 -69.33
C PHE C 249 2.32 -22.36 -70.56
N GLY C 255 0.35 -17.18 -79.45
CA GLY C 255 0.00 -15.97 -78.69
C GLY C 255 -1.49 -15.82 -78.45
N THR C 256 -2.30 -16.52 -79.25
CA THR C 256 -3.75 -16.48 -79.10
C THR C 256 -4.21 -17.19 -77.82
N GLU C 257 -4.79 -16.42 -76.89
CA GLU C 257 -5.34 -16.92 -75.62
C GLU C 257 -4.27 -17.58 -74.72
N GLY C 258 -4.72 -18.13 -73.59
CA GLY C 258 -3.82 -18.75 -72.61
C GLY C 258 -2.96 -17.76 -71.82
N VAL C 259 -2.04 -18.30 -71.03
CA VAL C 259 -1.05 -17.51 -70.30
C VAL C 259 -0.35 -16.49 -71.19
N SER C 260 -0.19 -16.84 -72.48
CA SER C 260 0.45 -15.94 -73.45
C SER C 260 -0.38 -14.67 -73.63
N TYR C 261 -1.70 -14.83 -73.60
CA TYR C 261 -2.60 -13.68 -73.69
C TYR C 261 -2.42 -12.82 -72.44
N LEU C 262 -2.46 -13.49 -71.31
CA LEU C 262 -2.35 -12.82 -70.04
C LEU C 262 -1.03 -12.08 -69.92
N ARG C 263 0.04 -12.68 -70.42
CA ARG C 263 1.34 -12.01 -70.44
C ARG C 263 1.33 -10.73 -71.30
N ARG C 264 0.64 -10.76 -72.43
CA ARG C 264 0.63 -9.59 -73.31
C ARG C 264 -0.16 -8.44 -72.68
N MET C 265 -1.14 -8.79 -71.84
CA MET C 265 -1.97 -7.85 -71.07
C MET C 265 -1.15 -6.91 -70.17
N LEU C 266 0.01 -7.40 -69.76
CA LEU C 266 0.92 -6.64 -68.92
C LEU C 266 1.43 -5.39 -69.61
N ASP C 267 1.31 -5.35 -70.94
CA ASP C 267 1.85 -4.18 -71.67
C ASP C 267 0.78 -3.16 -72.00
N VAL C 268 -0.47 -3.50 -71.72
CA VAL C 268 -1.55 -2.54 -71.78
C VAL C 268 -1.04 -1.30 -71.05
N VAL C 269 -1.30 -0.12 -71.63
CA VAL C 269 -1.05 1.16 -70.96
C VAL C 269 -2.35 1.95 -70.98
N LEU C 270 -2.78 2.40 -69.81
CA LEU C 270 -4.06 3.05 -69.69
C LEU C 270 -3.94 4.56 -69.86
N PHE C 271 -2.96 5.17 -69.19
CA PHE C 271 -2.89 6.64 -69.19
C PHE C 271 -1.51 7.08 -69.62
N PRO C 272 -1.24 6.89 -70.92
CA PRO C 272 0.09 6.97 -71.59
C PRO C 272 0.88 8.20 -71.24
N GLU C 273 0.24 9.36 -71.29
CA GLU C 273 1.00 10.59 -71.11
C GLU C 273 1.38 10.90 -69.67
N LEU C 274 0.67 10.32 -68.70
CA LEU C 274 1.09 10.43 -67.29
C LEU C 274 2.36 9.61 -67.06
N TRP C 275 2.53 8.52 -67.79
CA TRP C 275 3.74 7.76 -67.61
C TRP C 275 4.89 8.33 -68.45
N LYS C 276 4.59 8.71 -69.69
CA LYS C 276 5.59 9.36 -70.55
C LYS C 276 6.17 10.60 -69.90
N LEU C 277 5.32 11.36 -69.22
CA LEU C 277 5.72 12.66 -68.62
C LEU C 277 6.89 12.56 -67.62
N ARG C 278 7.13 11.35 -67.13
CA ARG C 278 8.19 11.06 -66.14
C ARG C 278 9.60 11.32 -66.67
N THR C 279 9.83 10.87 -67.92
CA THR C 279 11.09 11.00 -68.61
C THR C 279 11.31 12.40 -69.12
N ASP C 280 10.24 13.13 -69.46
CA ASP C 280 10.35 14.48 -70.02
C ASP C 280 10.28 15.54 -68.95
N LEU C 281 10.18 15.11 -67.69
CA LEU C 281 9.91 16.05 -66.63
C LEU C 281 11.04 17.07 -66.46
N MET D 23 -21.12 -24.50 -70.41
CA MET D 23 -21.33 -23.45 -69.37
C MET D 23 -20.67 -22.13 -69.70
N SER D 24 -21.40 -21.03 -69.51
CA SER D 24 -20.75 -19.75 -69.47
C SER D 24 -20.08 -19.54 -68.10
N TYR D 25 -19.11 -18.64 -68.10
CA TYR D 25 -18.49 -18.12 -66.91
C TYR D 25 -19.54 -17.75 -65.86
N GLY D 26 -20.46 -16.87 -66.23
CA GLY D 26 -21.55 -16.46 -65.34
C GLY D 26 -22.43 -17.59 -64.88
N ASP D 27 -22.65 -18.57 -65.75
CA ASP D 27 -23.49 -19.69 -65.38
C ASP D 27 -22.81 -20.61 -64.39
N TYR D 28 -21.54 -20.91 -64.63
CA TYR D 28 -20.80 -21.79 -63.73
C TYR D 28 -20.64 -21.11 -62.33
N LEU D 29 -20.39 -19.81 -62.34
CA LEU D 29 -20.20 -19.04 -61.11
C LEU D 29 -21.49 -18.62 -60.41
N GLY D 30 -22.65 -18.84 -61.01
CA GLY D 30 -23.88 -18.37 -60.37
C GLY D 30 -24.00 -16.84 -60.26
N LEU D 31 -23.41 -16.10 -61.23
CA LEU D 31 -23.41 -14.62 -61.22
C LEU D 31 -24.76 -13.91 -61.45
N ASP D 32 -25.70 -14.61 -62.05
CA ASP D 32 -27.06 -14.12 -62.11
C ASP D 32 -27.51 -13.83 -60.68
N GLN D 33 -27.25 -14.75 -59.75
CA GLN D 33 -27.64 -14.59 -58.33
C GLN D 33 -26.68 -13.67 -57.58
N ILE D 34 -25.38 -13.93 -57.70
CA ILE D 34 -24.40 -13.13 -56.98
C ILE D 34 -24.53 -11.62 -57.31
N LEU D 35 -24.88 -11.30 -58.56
CA LEU D 35 -24.79 -9.90 -58.98
C LEU D 35 -26.14 -9.20 -59.02
N SER D 36 -27.17 -9.87 -58.51
CA SER D 36 -28.49 -9.27 -58.46
C SER D 36 -29.01 -9.28 -57.05
N ALA D 37 -28.08 -9.32 -56.10
CA ALA D 37 -28.47 -9.30 -54.68
C ALA D 37 -28.06 -8.02 -53.95
N GLN D 38 -27.78 -6.96 -54.69
CA GLN D 38 -27.43 -5.68 -54.05
C GLN D 38 -28.62 -4.76 -54.19
N HIS D 39 -29.41 -4.62 -53.13
CA HIS D 39 -30.58 -3.75 -53.19
C HIS D 39 -30.60 -2.71 -52.09
N PRO D 40 -30.03 -1.54 -52.39
CA PRO D 40 -30.00 -0.42 -51.45
C PRO D 40 -31.40 0.11 -51.09
N LEU D 41 -31.66 0.17 -49.79
CA LEU D 41 -32.86 0.76 -49.25
C LEU D 41 -32.88 2.30 -49.28
N SER D 42 -31.73 2.92 -49.07
CA SER D 42 -31.60 4.37 -49.10
C SER D 42 -31.20 4.78 -50.51
N PRO D 43 -31.28 6.08 -50.83
CA PRO D 43 -30.79 6.64 -52.10
C PRO D 43 -29.36 7.13 -51.99
N ASP D 44 -28.64 6.66 -50.96
CA ASP D 44 -27.29 7.14 -50.67
C ASP D 44 -26.21 6.34 -51.40
N HIS D 45 -25.21 7.05 -51.91
CA HIS D 45 -24.18 6.42 -52.73
C HIS D 45 -23.39 5.36 -51.96
N ASN D 46 -23.35 5.51 -50.64
CA ASN D 46 -22.48 4.66 -49.84
C ASN D 46 -23.10 3.38 -49.34
N GLU D 47 -24.33 3.10 -49.72
CA GLU D 47 -24.94 1.88 -49.26
C GLU D 47 -24.41 0.66 -49.98
N MET D 48 -24.01 0.81 -51.24
CA MET D 48 -23.51 -0.31 -52.00
C MET D 48 -22.33 -0.90 -51.25
N LEU D 49 -21.43 -0.03 -50.83
CA LEU D 49 -20.33 -0.42 -49.94
C LEU D 49 -20.77 -1.28 -48.72
N PHE D 50 -21.67 -0.72 -47.92
CA PHE D 50 -22.25 -1.42 -46.76
C PHE D 50 -22.67 -2.86 -47.13
N ILE D 51 -23.37 -3.02 -48.25
CA ILE D 51 -23.89 -4.33 -48.65
C ILE D 51 -22.77 -5.26 -49.10
N VAL D 52 -21.94 -4.76 -50.02
CA VAL D 52 -20.87 -5.57 -50.64
C VAL D 52 -19.82 -6.07 -49.64
N GLN D 53 -19.46 -5.20 -48.71
CA GLN D 53 -18.60 -5.56 -47.59
C GLN D 53 -19.12 -6.73 -46.75
N HIS D 54 -20.43 -6.76 -46.49
CA HIS D 54 -20.99 -7.88 -45.77
C HIS D 54 -20.98 -9.11 -46.65
N GLN D 55 -21.31 -8.95 -47.93
CA GLN D 55 -21.56 -10.10 -48.79
C GLN D 55 -20.27 -10.85 -49.13
N THR D 56 -19.23 -10.08 -49.45
CA THR D 56 -17.89 -10.65 -49.68
C THR D 56 -17.47 -11.39 -48.44
N THR D 57 -17.72 -10.81 -47.27
CA THR D 57 -17.34 -11.48 -46.05
C THR D 57 -18.11 -12.79 -45.86
N GLU D 58 -19.41 -12.75 -46.15
CA GLU D 58 -20.22 -13.93 -46.02
C GLU D 58 -19.74 -15.06 -46.96
N LEU D 59 -19.35 -14.67 -48.16
CA LEU D 59 -18.84 -15.61 -49.16
C LEU D 59 -17.55 -16.27 -48.69
N TRP D 60 -16.59 -15.46 -48.22
CA TRP D 60 -15.35 -16.00 -47.66
C TRP D 60 -15.64 -16.92 -46.47
N MET D 61 -16.59 -16.55 -45.61
CA MET D 61 -16.98 -17.40 -44.49
C MET D 61 -17.50 -18.75 -44.95
N LYS D 62 -18.28 -18.76 -46.01
CA LYS D 62 -18.70 -20.03 -46.56
C LYS D 62 -17.50 -20.93 -46.86
N LEU D 63 -16.45 -20.37 -47.49
CA LEU D 63 -15.22 -21.11 -47.83
C LEU D 63 -14.44 -21.46 -46.59
N MET D 64 -14.38 -20.54 -45.64
CA MET D 64 -13.70 -20.86 -44.39
C MET D 64 -14.35 -22.08 -43.71
N LEU D 65 -15.67 -22.07 -43.64
CA LEU D 65 -16.39 -23.17 -43.03
C LEU D 65 -16.05 -24.52 -43.72
N HIS D 66 -16.04 -24.48 -45.05
CA HIS D 66 -15.74 -25.63 -45.88
C HIS D 66 -14.33 -26.16 -45.60
N GLU D 67 -13.36 -25.26 -45.44
CA GLU D 67 -12.00 -25.66 -45.15
C GLU D 67 -11.84 -26.14 -43.71
N LEU D 68 -12.43 -25.41 -42.75
CA LEU D 68 -12.34 -25.79 -41.33
C LEU D 68 -12.94 -27.17 -41.04
N ARG D 69 -14.07 -27.46 -41.66
CA ARG D 69 -14.72 -28.72 -41.44
C ARG D 69 -13.87 -29.89 -41.99
N ALA D 70 -13.27 -29.68 -43.14
CA ALA D 70 -12.32 -30.63 -43.70
C ALA D 70 -11.08 -30.80 -42.84
N ALA D 71 -10.52 -29.70 -42.36
CA ALA D 71 -9.40 -29.78 -41.45
C ALA D 71 -9.75 -30.52 -40.19
N ARG D 72 -10.94 -30.29 -39.63
CA ARG D 72 -11.39 -31.00 -38.42
C ARG D 72 -11.50 -32.51 -38.65
N ASP D 73 -11.99 -32.88 -39.82
CA ASP D 73 -12.06 -34.25 -40.24
C ASP D 73 -10.66 -34.88 -40.33
N GLY D 74 -9.68 -34.13 -40.81
CA GLY D 74 -8.27 -34.56 -40.78
C GLY D 74 -7.69 -34.75 -39.38
N VAL D 75 -7.94 -33.81 -38.48
CA VAL D 75 -7.60 -34.00 -37.07
C VAL D 75 -8.25 -35.30 -36.56
N LYS D 76 -9.52 -35.49 -36.87
CA LYS D 76 -10.28 -36.66 -36.38
C LYS D 76 -9.66 -37.96 -36.83
N SER D 77 -9.19 -37.96 -38.05
CA SER D 77 -8.70 -39.15 -38.67
C SER D 77 -7.19 -39.23 -38.63
N ASP D 78 -6.57 -38.51 -37.70
CA ASP D 78 -5.11 -38.47 -37.57
C ASP D 78 -4.36 -38.16 -38.88
N GLN D 79 -4.93 -37.32 -39.74
CA GLN D 79 -4.28 -36.97 -41.00
C GLN D 79 -3.93 -35.51 -41.00
N LEU D 80 -2.91 -35.18 -40.23
CA LEU D 80 -2.59 -33.80 -39.93
C LEU D 80 -1.96 -33.05 -41.08
N GLN D 81 -1.20 -33.75 -41.91
CA GLN D 81 -0.49 -33.03 -42.93
C GLN D 81 -1.40 -32.25 -43.90
N PRO D 82 -2.47 -32.89 -44.41
CA PRO D 82 -3.43 -32.19 -45.26
C PRO D 82 -4.24 -31.15 -44.50
N ALA D 83 -4.57 -31.42 -43.24
CA ALA D 83 -5.24 -30.44 -42.41
C ALA D 83 -4.41 -29.15 -42.19
N PHE D 84 -3.10 -29.26 -42.04
CA PHE D 84 -2.20 -28.10 -41.99
C PHE D 84 -2.33 -27.21 -43.23
N LYS D 85 -2.43 -27.86 -44.38
CA LYS D 85 -2.65 -27.18 -45.65
C LYS D 85 -3.99 -26.42 -45.66
N MET D 86 -5.05 -27.12 -45.28
CA MET D 86 -6.36 -26.50 -45.09
C MET D 86 -6.35 -25.28 -44.14
N LEU D 87 -5.65 -25.43 -43.02
CA LEU D 87 -5.52 -24.36 -42.07
C LEU D 87 -4.72 -23.19 -42.63
N ALA D 88 -3.70 -23.46 -43.44
CA ALA D 88 -2.93 -22.39 -44.06
C ALA D 88 -3.83 -21.58 -45.00
N ARG D 89 -4.67 -22.30 -45.74
CA ARG D 89 -5.66 -21.66 -46.58
C ARG D 89 -6.62 -20.80 -45.79
N VAL D 90 -7.14 -21.32 -44.69
CA VAL D 90 -7.92 -20.50 -43.76
C VAL D 90 -7.16 -19.25 -43.29
N SER D 91 -5.87 -19.39 -42.96
CA SER D 91 -5.04 -18.23 -42.66
C SER D 91 -5.05 -17.13 -43.74
N ARG D 92 -4.96 -17.54 -44.99
CA ARG D 92 -4.93 -16.57 -46.05
C ARG D 92 -6.33 -15.99 -46.26
N ILE D 93 -7.37 -16.77 -45.94
CA ILE D 93 -8.75 -16.24 -46.06
C ILE D 93 -8.97 -15.18 -44.98
N MET D 94 -8.55 -15.51 -43.77
CA MET D 94 -8.60 -14.58 -42.64
C MET D 94 -7.84 -13.26 -42.85
N ASP D 95 -6.74 -13.34 -43.59
CA ASP D 95 -5.96 -12.17 -44.02
C ASP D 95 -6.80 -11.21 -44.87
N GLN D 96 -7.57 -11.76 -45.82
CA GLN D 96 -8.51 -10.98 -46.63
C GLN D 96 -9.51 -10.32 -45.72
N LEU D 97 -10.13 -11.13 -44.87
CA LEU D 97 -11.18 -10.63 -43.98
C LEU D 97 -10.72 -9.51 -43.00
N VAL D 98 -9.51 -9.59 -42.48
CA VAL D 98 -9.04 -8.56 -41.56
C VAL D 98 -8.72 -7.29 -42.36
N GLN D 99 -8.11 -7.44 -43.54
CA GLN D 99 -7.71 -6.32 -44.33
C GLN D 99 -8.94 -5.66 -44.95
N ALA D 100 -10.01 -6.43 -45.11
CA ALA D 100 -11.22 -5.92 -45.74
C ALA D 100 -11.67 -4.66 -45.03
N TRP D 101 -11.44 -4.57 -43.73
CA TRP D 101 -11.98 -3.47 -42.94
C TRP D 101 -11.47 -2.11 -43.45
N ASN D 102 -10.36 -2.15 -44.18
CA ASN D 102 -9.74 -1.00 -44.81
C ASN D 102 -10.71 -0.34 -45.78
N VAL D 103 -11.55 -1.14 -46.44
CA VAL D 103 -12.54 -0.56 -47.34
C VAL D 103 -13.66 0.14 -46.59
N LEU D 104 -14.25 -0.55 -45.62
CA LEU D 104 -15.37 0.04 -44.89
C LEU D 104 -14.94 1.26 -44.11
N ALA D 105 -13.66 1.32 -43.77
CA ALA D 105 -13.12 2.44 -43.02
C ALA D 105 -13.15 3.75 -43.86
N THR D 106 -13.46 3.67 -45.15
CA THR D 106 -13.61 4.89 -45.91
C THR D 106 -15.05 5.39 -45.84
N MET D 107 -15.90 4.69 -45.10
CA MET D 107 -17.24 5.22 -44.82
C MET D 107 -17.20 6.20 -43.68
N THR D 108 -17.79 7.38 -43.87
CA THR D 108 -17.76 8.39 -42.81
C THR D 108 -19.06 8.44 -42.07
N PRO D 109 -19.06 9.00 -40.85
CA PRO D 109 -20.33 9.14 -40.12
C PRO D 109 -21.52 9.74 -40.87
N PRO D 110 -21.34 10.85 -41.64
CA PRO D 110 -22.46 11.46 -42.37
C PRO D 110 -23.02 10.56 -43.47
N GLU D 111 -22.13 9.84 -44.13
CA GLU D 111 -22.52 8.88 -45.13
C GLU D 111 -23.38 7.80 -44.49
N TYR D 112 -22.94 7.27 -43.38
CA TYR D 112 -23.74 6.23 -42.77
C TYR D 112 -25.09 6.74 -42.21
N SER D 113 -25.10 7.93 -41.63
CA SER D 113 -26.34 8.43 -41.06
C SER D 113 -27.39 8.77 -42.13
N ALA D 114 -26.95 9.08 -43.34
CA ALA D 114 -27.83 9.21 -44.49
C ALA D 114 -28.61 7.93 -44.84
N MET D 115 -27.97 6.76 -44.74
CA MET D 115 -28.63 5.48 -45.00
C MET D 115 -29.34 4.88 -43.79
N ARG D 116 -28.78 5.12 -42.61
CA ARG D 116 -29.28 4.59 -41.33
C ARG D 116 -30.79 4.42 -41.19
N PRO D 117 -31.56 5.50 -41.44
CA PRO D 117 -33.04 5.45 -41.27
C PRO D 117 -33.77 4.40 -42.15
N TYR D 118 -33.09 3.90 -43.18
CA TYR D 118 -33.69 2.96 -44.10
C TYR D 118 -33.36 1.51 -43.79
N LEU D 119 -32.57 1.25 -42.74
CA LEU D 119 -31.98 -0.07 -42.58
C LEU D 119 -32.77 -1.09 -41.70
N GLY D 120 -33.40 -0.64 -40.64
CA GLY D 120 -34.12 -1.59 -39.79
C GLY D 120 -33.20 -2.45 -38.93
N ALA D 121 -33.82 -3.31 -38.12
CA ALA D 121 -33.18 -3.92 -36.94
C ALA D 121 -32.06 -4.93 -37.20
N SER D 122 -31.91 -5.34 -38.46
CA SER D 122 -30.86 -6.28 -38.86
C SER D 122 -29.57 -6.11 -38.04
N SER D 123 -28.77 -7.16 -38.02
CA SER D 123 -27.84 -7.43 -36.93
C SER D 123 -26.90 -8.57 -37.36
N GLY D 124 -25.59 -8.34 -37.34
CA GLY D 124 -24.59 -9.38 -37.65
C GLY D 124 -24.81 -10.59 -36.74
N PHE D 125 -25.50 -10.31 -35.65
CA PHE D 125 -25.93 -11.29 -34.70
C PHE D 125 -26.68 -12.41 -35.39
N GLN D 126 -27.22 -12.09 -36.57
CA GLN D 126 -28.05 -13.03 -37.30
C GLN D 126 -27.29 -13.78 -38.39
N SER D 127 -25.98 -13.57 -38.46
CA SER D 127 -25.19 -14.37 -39.37
C SER D 127 -25.09 -15.77 -38.80
N TYR D 128 -25.73 -16.73 -39.47
CA TYR D 128 -25.62 -18.11 -39.05
C TYR D 128 -24.28 -18.73 -39.46
N GLN D 129 -23.68 -18.25 -40.54
CA GLN D 129 -22.33 -18.70 -40.87
C GLN D 129 -21.27 -18.25 -39.83
N TYR D 130 -21.36 -17.02 -39.38
CA TYR D 130 -20.43 -16.58 -38.38
C TYR D 130 -20.60 -17.35 -37.07
N ARG D 131 -21.83 -17.71 -36.72
CA ARG D 131 -22.05 -18.40 -35.48
C ARG D 131 -21.46 -19.81 -35.58
N GLU D 132 -21.60 -20.45 -36.74
CA GLU D 132 -21.03 -21.79 -36.95
C GLU D 132 -19.50 -21.74 -36.89
N ILE D 133 -18.92 -20.63 -37.29
CA ILE D 133 -17.48 -20.48 -37.15
C ILE D 133 -17.06 -20.43 -35.68
N GLU D 134 -17.69 -19.55 -34.91
CA GLU D 134 -17.49 -19.50 -33.47
C GLU D 134 -17.64 -20.88 -32.84
N PHE D 135 -18.69 -21.59 -33.23
CA PHE D 135 -18.97 -22.92 -32.72
C PHE D 135 -17.83 -23.93 -33.04
N ILE D 136 -17.48 -24.02 -34.32
CA ILE D 136 -16.36 -24.83 -34.77
C ILE D 136 -15.07 -24.43 -34.05
N LEU D 137 -14.96 -23.17 -33.62
CA LEU D 137 -13.80 -22.78 -32.86
C LEU D 137 -13.95 -22.93 -31.34
N GLY D 138 -15.10 -23.47 -30.92
CA GLY D 138 -15.29 -23.84 -29.54
C GLY D 138 -16.03 -22.79 -28.73
N ASN D 139 -16.30 -21.64 -29.34
CA ASN D 139 -17.05 -20.59 -28.69
C ASN D 139 -18.55 -20.91 -28.70
N LYS D 140 -18.90 -21.95 -27.95
CA LYS D 140 -20.27 -22.47 -27.83
C LYS D 140 -21.17 -21.60 -26.92
N ASN D 141 -22.41 -21.40 -27.36
CA ASN D 141 -23.38 -20.62 -26.63
C ASN D 141 -24.75 -20.94 -27.19
N ALA D 142 -25.56 -21.63 -26.38
CA ALA D 142 -26.84 -22.09 -26.84
C ALA D 142 -27.83 -20.95 -26.97
N ALA D 143 -27.60 -19.88 -26.24
CA ALA D 143 -28.40 -18.67 -26.39
C ALA D 143 -28.33 -18.10 -27.80
N MET D 144 -27.23 -18.35 -28.51
CA MET D 144 -27.05 -17.78 -29.86
C MET D 144 -27.82 -18.49 -30.95
N LEU D 145 -28.68 -19.41 -30.55
CA LEU D 145 -29.60 -20.09 -31.44
C LEU D 145 -30.83 -19.24 -31.73
N ARG D 146 -31.24 -18.43 -30.77
CA ARG D 146 -32.47 -17.64 -30.84
C ARG D 146 -32.65 -16.75 -32.08
N PRO D 147 -31.61 -16.02 -32.48
CA PRO D 147 -31.71 -15.18 -33.68
C PRO D 147 -32.12 -15.95 -34.94
N HIS D 148 -31.98 -17.27 -34.91
CA HIS D 148 -32.15 -18.13 -36.07
C HIS D 148 -33.44 -18.97 -36.03
N ALA D 149 -34.23 -18.79 -34.97
CA ALA D 149 -35.44 -19.59 -34.75
C ALA D 149 -36.54 -19.47 -35.83
N HIS D 150 -36.65 -18.29 -36.46
CA HIS D 150 -37.62 -18.07 -37.54
C HIS D 150 -37.18 -18.72 -38.84
N ARG D 151 -35.98 -19.27 -38.87
CA ARG D 151 -35.44 -19.84 -40.09
C ARG D 151 -34.94 -21.25 -39.82
N PRO D 152 -35.86 -22.21 -39.85
CA PRO D 152 -35.58 -23.59 -39.45
C PRO D 152 -34.38 -24.24 -40.14
N GLU D 153 -34.05 -23.80 -41.35
CA GLU D 153 -32.88 -24.33 -42.03
C GLU D 153 -31.58 -23.80 -41.43
N HIS D 154 -31.58 -22.53 -41.02
CA HIS D 154 -30.46 -21.90 -40.30
C HIS D 154 -30.30 -22.40 -38.87
N LEU D 155 -31.43 -22.54 -38.18
CA LEU D 155 -31.46 -23.09 -36.83
C LEU D 155 -30.80 -24.46 -36.83
N GLU D 156 -31.14 -25.28 -37.81
CA GLU D 156 -30.65 -26.65 -37.92
C GLU D 156 -29.12 -26.69 -38.04
N LEU D 157 -28.59 -25.88 -38.95
CA LEU D 157 -27.15 -25.75 -39.14
C LEU D 157 -26.42 -25.40 -37.84
N VAL D 158 -26.94 -24.37 -37.17
CA VAL D 158 -26.31 -23.80 -35.97
C VAL D 158 -26.45 -24.71 -34.76
N GLU D 159 -27.59 -25.40 -34.67
CA GLU D 159 -27.84 -26.40 -33.64
C GLU D 159 -26.89 -27.59 -33.75
N THR D 160 -26.88 -28.23 -34.92
CA THR D 160 -25.91 -29.30 -35.20
C THR D 160 -24.46 -28.89 -34.90
N ALA D 161 -24.06 -27.69 -35.29
CA ALA D 161 -22.72 -27.22 -34.94
C ALA D 161 -22.52 -27.06 -33.43
N LEU D 162 -23.56 -26.61 -32.73
CA LEU D 162 -23.51 -26.49 -31.27
C LEU D 162 -23.20 -27.84 -30.61
N HIS D 163 -23.78 -28.89 -31.17
CA HIS D 163 -23.70 -30.25 -30.65
C HIS D 163 -22.45 -31.02 -31.13
N THR D 164 -21.77 -30.50 -32.15
CA THR D 164 -20.59 -31.16 -32.69
C THR D 164 -19.32 -30.72 -31.93
N PRO D 165 -18.46 -31.67 -31.59
CA PRO D 165 -17.23 -31.26 -30.94
C PRO D 165 -16.46 -30.26 -31.82
N SER D 166 -15.87 -29.27 -31.18
CA SER D 166 -15.19 -28.20 -31.89
C SER D 166 -13.89 -28.71 -32.50
N MET D 167 -13.28 -27.94 -33.36
CA MET D 167 -11.98 -28.32 -33.88
C MET D 167 -10.92 -28.41 -32.79
N TYR D 168 -11.08 -27.63 -31.74
CA TYR D 168 -10.17 -27.70 -30.60
C TYR D 168 -10.44 -28.94 -29.74
N ASP D 169 -11.70 -29.29 -29.59
CA ASP D 169 -12.11 -30.50 -28.90
C ASP D 169 -11.42 -31.68 -29.59
N GLU D 170 -11.45 -31.69 -30.91
CA GLU D 170 -10.81 -32.73 -31.70
C GLU D 170 -9.30 -32.77 -31.56
N ALA D 171 -8.70 -31.63 -31.35
CA ALA D 171 -7.25 -31.54 -31.12
C ALA D 171 -6.83 -32.11 -29.76
N ILE D 172 -7.67 -31.90 -28.77
CA ILE D 172 -7.45 -32.42 -27.43
C ILE D 172 -7.58 -33.94 -27.47
N ARG D 173 -8.59 -34.41 -28.19
CA ARG D 173 -8.81 -35.83 -28.40
C ARG D 173 -7.66 -36.48 -29.15
N LEU D 174 -7.16 -35.81 -30.16
CA LEU D 174 -5.96 -36.28 -30.84
C LEU D 174 -4.71 -36.34 -29.94
N MET D 175 -4.47 -35.29 -29.15
CA MET D 175 -3.38 -35.33 -28.16
C MET D 175 -3.49 -36.59 -27.26
N ALA D 176 -4.70 -36.98 -26.85
CA ALA D 176 -4.86 -38.09 -25.93
C ALA D 176 -4.68 -39.42 -26.65
N ARG D 177 -5.09 -39.46 -27.91
CA ARG D 177 -4.75 -40.52 -28.83
C ARG D 177 -3.28 -40.53 -29.25
N ARG D 178 -2.49 -39.58 -28.76
CA ARG D 178 -1.04 -39.63 -28.92
C ARG D 178 -0.36 -39.92 -27.60
N GLY D 179 -1.12 -40.18 -26.55
CA GLY D 179 -0.55 -40.70 -25.32
C GLY D 179 -0.44 -39.73 -24.18
N PHE D 180 -0.91 -38.50 -24.39
CA PHE D 180 -0.94 -37.51 -23.31
C PHE D 180 -2.11 -37.74 -22.38
N GLN D 181 -1.86 -37.73 -21.07
CA GLN D 181 -2.89 -38.12 -20.11
C GLN D 181 -3.83 -36.96 -19.78
N ILE D 182 -4.86 -36.83 -20.62
CA ILE D 182 -5.84 -35.78 -20.52
C ILE D 182 -7.06 -36.34 -19.79
N ASP D 183 -7.62 -35.53 -18.88
CA ASP D 183 -8.82 -35.86 -18.12
C ASP D 183 -9.91 -36.31 -19.07
N PRO D 184 -10.56 -37.44 -18.77
CA PRO D 184 -11.63 -37.90 -19.65
C PRO D 184 -12.81 -36.94 -19.80
N GLU D 185 -12.98 -35.99 -18.86
CA GLU D 185 -14.13 -35.06 -18.93
C GLU D 185 -13.99 -33.96 -19.94
N VAL D 186 -12.80 -33.84 -20.52
CA VAL D 186 -12.62 -32.95 -21.64
C VAL D 186 -12.46 -33.73 -22.93
N VAL D 187 -12.19 -35.02 -22.82
CA VAL D 187 -12.17 -35.87 -24.01
C VAL D 187 -13.60 -36.25 -24.42
N GLU D 188 -14.50 -36.39 -23.45
CA GLU D 188 -15.93 -36.59 -23.71
C GLU D 188 -16.73 -35.77 -22.76
N ARG D 189 -17.62 -34.97 -23.33
CA ARG D 189 -18.39 -34.03 -22.55
C ARG D 189 -19.57 -33.53 -23.39
N ASP D 190 -20.48 -32.80 -22.74
CA ASP D 190 -21.57 -32.07 -23.40
C ASP D 190 -20.99 -30.93 -24.24
N TRP D 191 -20.99 -31.14 -25.55
CA TRP D 191 -20.28 -30.31 -26.54
C TRP D 191 -20.91 -28.92 -26.74
N THR D 192 -22.07 -28.71 -26.12
CA THR D 192 -22.85 -27.49 -26.21
C THR D 192 -22.34 -26.45 -25.22
N GLN D 193 -21.42 -26.85 -24.37
CA GLN D 193 -20.89 -25.96 -23.35
C GLN D 193 -19.63 -25.26 -23.83
N PRO D 194 -19.38 -24.08 -23.26
CA PRO D 194 -18.19 -23.28 -23.54
C PRO D 194 -16.91 -24.02 -23.20
N THR D 195 -15.83 -23.65 -23.88
CA THR D 195 -14.52 -24.22 -23.67
C THR D 195 -13.90 -23.65 -22.42
N GLN D 196 -13.65 -24.50 -21.44
CA GLN D 196 -13.09 -23.99 -20.22
C GLN D 196 -11.72 -24.57 -19.93
N TYR D 197 -10.83 -23.71 -19.42
CA TYR D 197 -9.46 -24.12 -19.15
C TYR D 197 -9.44 -25.41 -18.37
N ASN D 198 -8.58 -26.32 -18.78
CA ASN D 198 -8.38 -27.58 -18.09
C ASN D 198 -6.89 -27.83 -17.88
N ALA D 199 -6.51 -28.06 -16.64
CA ALA D 199 -5.10 -28.16 -16.32
C ALA D 199 -4.32 -29.33 -17.00
N SER D 200 -4.98 -30.46 -17.23
CA SER D 200 -4.34 -31.63 -17.84
C SER D 200 -4.01 -31.33 -19.29
N VAL D 201 -4.84 -30.49 -19.90
CA VAL D 201 -4.65 -30.07 -21.29
C VAL D 201 -3.47 -29.12 -21.45
N GLU D 202 -3.29 -28.22 -20.50
CA GLU D 202 -2.11 -27.36 -20.52
C GLU D 202 -0.82 -28.14 -20.26
N ALA D 203 -0.88 -29.13 -19.38
CA ALA D 203 0.27 -30.03 -19.14
C ALA D 203 0.68 -30.75 -20.42
N ALA D 204 -0.29 -31.22 -21.17
CA ALA D 204 0.03 -31.83 -22.44
C ALA D 204 0.68 -30.83 -23.42
N TRP D 205 0.06 -29.65 -23.62
CA TRP D 205 0.66 -28.64 -24.51
C TRP D 205 2.03 -28.19 -24.00
N LEU D 206 2.18 -28.08 -22.69
CA LEU D 206 3.52 -27.78 -22.13
C LEU D 206 4.60 -28.78 -22.51
N GLU D 207 4.31 -30.08 -22.39
CA GLU D 207 5.26 -31.09 -22.81
C GLU D 207 5.57 -30.98 -24.30
N VAL D 208 4.58 -30.66 -25.11
CA VAL D 208 4.77 -30.47 -26.53
C VAL D 208 5.74 -29.34 -26.84
N TYR D 209 5.46 -28.16 -26.28
CA TYR D 209 6.31 -26.99 -26.51
C TYR D 209 7.70 -27.06 -25.85
N ARG D 210 7.84 -27.85 -24.79
CA ARG D 210 9.14 -28.05 -24.15
C ARG D 210 10.01 -29.07 -24.93
N ASN D 211 9.37 -29.87 -25.79
CA ASN D 211 10.06 -30.91 -26.54
C ASN D 211 9.57 -30.97 -27.96
N PRO D 212 9.71 -29.84 -28.67
CA PRO D 212 9.13 -29.72 -30.00
C PRO D 212 9.61 -30.78 -30.99
N SER D 213 10.85 -31.21 -30.88
CA SER D 213 11.30 -32.16 -31.91
C SER D 213 10.79 -33.57 -31.63
N ALA D 214 10.35 -33.81 -30.39
CA ALA D 214 9.68 -35.07 -30.07
C ALA D 214 8.19 -35.09 -30.44
N HIS D 215 7.58 -33.92 -30.60
CA HIS D 215 6.18 -33.86 -30.99
C HIS D 215 5.96 -32.72 -31.96
N TRP D 216 6.68 -32.74 -33.09
CA TRP D 216 6.67 -31.66 -34.03
C TRP D 216 5.25 -31.38 -34.53
N GLU D 217 4.54 -32.40 -34.96
CA GLU D 217 3.20 -32.19 -35.48
C GLU D 217 2.26 -31.52 -34.48
N LEU D 218 2.37 -31.83 -33.20
CA LEU D 218 1.52 -31.18 -32.20
C LEU D 218 1.93 -29.72 -31.91
N TYR D 219 3.22 -29.48 -32.09
CA TYR D 219 3.85 -28.21 -31.92
C TYR D 219 3.32 -27.29 -33.00
N GLU D 220 3.45 -27.73 -34.24
CA GLU D 220 2.87 -27.06 -35.38
C GLU D 220 1.36 -26.83 -35.27
N LEU D 221 0.64 -27.86 -34.84
CA LEU D 221 -0.79 -27.75 -34.61
C LEU D 221 -1.14 -26.66 -33.64
N GLY D 222 -0.38 -26.58 -32.57
CA GLY D 222 -0.60 -25.62 -31.51
C GLY D 222 -0.46 -24.22 -32.03
N GLU D 223 0.55 -24.03 -32.88
CA GLU D 223 0.83 -22.75 -33.45
C GLU D 223 -0.20 -22.31 -34.50
N LYS D 224 -0.74 -23.27 -35.23
CA LYS D 224 -1.84 -23.00 -36.14
C LYS D 224 -3.11 -22.61 -35.44
N PHE D 225 -3.35 -23.17 -34.26
CA PHE D 225 -4.48 -22.72 -33.47
C PHE D 225 -4.25 -21.32 -32.94
N VAL D 226 -3.05 -21.03 -32.46
CA VAL D 226 -2.76 -19.72 -31.91
C VAL D 226 -2.99 -18.67 -33.02
N ASP D 227 -2.36 -18.87 -34.20
CA ASP D 227 -2.63 -18.11 -35.42
C ASP D 227 -4.08 -17.85 -35.78
N LEU D 228 -4.85 -18.92 -35.76
CA LEU D 228 -6.27 -18.78 -36.02
C LEU D 228 -6.94 -17.87 -34.98
N GLU D 229 -6.55 -18.02 -33.73
CA GLU D 229 -7.10 -17.20 -32.68
C GLU D 229 -6.65 -15.72 -32.78
N ASP D 230 -5.37 -15.57 -33.08
CA ASP D 230 -4.70 -14.31 -33.27
C ASP D 230 -5.45 -13.54 -34.38
N ALA D 231 -5.55 -14.14 -35.56
CA ALA D 231 -6.27 -13.55 -36.68
C ALA D 231 -7.70 -13.16 -36.35
N PHE D 232 -8.42 -14.05 -35.67
CA PHE D 232 -9.80 -13.83 -35.29
C PHE D 232 -9.90 -12.68 -34.29
N ARG D 233 -8.96 -12.63 -33.37
CA ARG D 233 -8.87 -11.47 -32.47
C ARG D 233 -8.71 -10.17 -33.26
N GLN D 234 -7.79 -10.19 -34.24
CA GLN D 234 -7.58 -9.02 -35.09
C GLN D 234 -8.87 -8.61 -35.79
N TRP D 235 -9.61 -9.58 -36.30
CA TRP D 235 -10.86 -9.33 -36.98
C TRP D 235 -11.84 -8.72 -35.98
N ARG D 236 -11.95 -9.28 -34.78
CA ARG D 236 -12.79 -8.69 -33.73
C ARG D 236 -12.47 -7.20 -33.43
N PHE D 237 -11.19 -6.90 -33.38
CA PHE D 237 -10.72 -5.62 -33.04
C PHE D 237 -10.93 -4.60 -34.15
N ARG D 238 -10.72 -5.04 -35.40
CA ARG D 238 -10.91 -4.20 -36.57
C ARG D 238 -12.39 -3.91 -36.82
N HIS D 239 -13.23 -4.89 -36.56
CA HIS D 239 -14.69 -4.73 -36.55
C HIS D 239 -15.13 -3.66 -35.52
N VAL D 240 -14.78 -3.83 -34.26
CA VAL D 240 -15.29 -2.88 -33.29
C VAL D 240 -14.68 -1.48 -33.53
N THR D 241 -13.45 -1.43 -34.02
CA THR D 241 -12.80 -0.15 -34.31
C THR D 241 -13.54 0.55 -35.47
N THR D 242 -13.84 -0.19 -36.52
CA THR D 242 -14.54 0.35 -37.67
C THR D 242 -15.96 0.78 -37.34
N VAL D 243 -16.66 -0.04 -36.55
CA VAL D 243 -18.01 0.26 -36.13
C VAL D 243 -18.03 1.56 -35.32
N GLU D 244 -17.07 1.69 -34.44
CA GLU D 244 -16.97 2.82 -33.61
C GLU D 244 -16.68 4.10 -34.42
N ARG D 245 -15.87 3.96 -35.47
CA ARG D 245 -15.53 5.11 -36.27
C ARG D 245 -16.66 5.52 -37.20
N VAL D 246 -17.62 4.63 -37.40
CA VAL D 246 -18.83 4.95 -38.14
C VAL D 246 -20.00 5.39 -37.25
N ILE D 247 -20.28 4.67 -36.17
CA ILE D 247 -21.46 4.98 -35.31
C ILE D 247 -21.13 5.43 -33.91
N GLY D 248 -19.90 5.24 -33.50
CA GLY D 248 -19.44 5.66 -32.18
C GLY D 248 -19.57 4.57 -31.13
N PHE D 249 -19.30 4.92 -29.88
CA PHE D 249 -19.56 4.05 -28.77
C PHE D 249 -20.90 4.52 -28.19
N LYS D 250 -22.01 4.05 -28.74
CA LYS D 250 -23.30 4.43 -28.17
C LYS D 250 -23.31 3.91 -26.71
N ARG D 251 -23.15 4.84 -25.79
CA ARG D 251 -23.04 4.53 -24.38
C ARG D 251 -24.42 4.39 -23.74
N GLY D 252 -24.49 3.62 -22.65
CA GLY D 252 -25.74 3.44 -21.89
C GLY D 252 -26.88 2.80 -22.66
N THR D 253 -26.59 1.83 -23.51
CA THR D 253 -27.68 1.27 -24.36
C THR D 253 -27.81 -0.23 -24.24
N GLY D 254 -27.18 -0.82 -23.22
CA GLY D 254 -27.21 -2.27 -22.98
C GLY D 254 -25.85 -2.93 -23.08
N GLY D 255 -25.74 -4.15 -22.54
CA GLY D 255 -24.46 -4.90 -22.56
C GLY D 255 -24.54 -5.96 -23.63
N THR D 256 -25.71 -5.97 -24.26
CA THR D 256 -26.22 -7.04 -25.06
C THR D 256 -25.99 -6.79 -26.55
N GLU D 257 -25.81 -5.51 -26.88
CA GLU D 257 -25.58 -5.11 -28.26
C GLU D 257 -24.77 -3.82 -28.36
N GLY D 258 -24.59 -3.34 -29.59
CA GLY D 258 -23.82 -2.13 -29.82
C GLY D 258 -22.35 -2.35 -29.58
N VAL D 259 -21.60 -1.25 -29.50
CA VAL D 259 -20.16 -1.29 -29.39
C VAL D 259 -19.74 -1.90 -28.05
N SER D 260 -20.63 -1.79 -27.06
CA SER D 260 -20.38 -2.24 -25.71
C SER D 260 -20.24 -3.76 -25.73
N TYR D 261 -21.17 -4.39 -26.44
CA TYR D 261 -21.14 -5.82 -26.72
C TYR D 261 -19.89 -6.20 -27.50
N LEU D 262 -19.56 -5.43 -28.53
CA LEU D 262 -18.46 -5.80 -29.42
C LEU D 262 -17.13 -5.66 -28.68
N ARG D 263 -17.08 -4.76 -27.71
CA ARG D 263 -15.88 -4.64 -26.88
C ARG D 263 -15.68 -5.85 -25.94
N ARG D 264 -16.77 -6.38 -25.41
CA ARG D 264 -16.73 -7.57 -24.56
C ARG D 264 -16.23 -8.77 -25.35
N MET D 265 -16.66 -8.86 -26.61
CA MET D 265 -16.23 -9.90 -27.54
C MET D 265 -14.72 -9.96 -27.68
N LEU D 266 -14.03 -8.87 -27.34
CA LEU D 266 -12.57 -8.84 -27.30
C LEU D 266 -11.96 -9.68 -26.20
N ASP D 267 -12.74 -9.97 -25.18
CA ASP D 267 -12.26 -10.87 -24.14
C ASP D 267 -12.46 -12.38 -24.38
N VAL D 268 -13.10 -12.75 -25.49
CA VAL D 268 -13.28 -14.16 -25.80
C VAL D 268 -11.91 -14.85 -25.95
N VAL D 269 -11.72 -15.96 -25.25
CA VAL D 269 -10.55 -16.81 -25.44
C VAL D 269 -11.02 -18.08 -26.09
N LEU D 270 -10.34 -18.52 -27.15
CA LEU D 270 -10.82 -19.70 -27.86
C LEU D 270 -10.09 -20.99 -27.41
N PHE D 271 -8.78 -20.90 -27.30
CA PHE D 271 -7.93 -22.05 -27.04
C PHE D 271 -7.06 -21.74 -25.81
N PRO D 272 -7.69 -21.71 -24.63
CA PRO D 272 -7.20 -21.13 -23.38
C PRO D 272 -5.83 -21.61 -22.90
N GLU D 273 -5.60 -22.92 -22.99
CA GLU D 273 -4.39 -23.52 -22.44
C GLU D 273 -3.18 -23.33 -23.40
N LEU D 274 -3.47 -23.12 -24.67
CA LEU D 274 -2.44 -22.71 -25.59
C LEU D 274 -1.92 -21.30 -25.24
N TRP D 275 -2.78 -20.45 -24.68
CA TRP D 275 -2.35 -19.09 -24.28
C TRP D 275 -1.70 -19.09 -22.90
N LYS D 276 -2.25 -19.89 -21.99
CA LYS D 276 -1.78 -19.94 -20.61
C LYS D 276 -0.38 -20.54 -20.50
N LEU D 277 -0.12 -21.48 -21.36
CA LEU D 277 1.12 -22.23 -21.41
C LEU D 277 2.33 -21.29 -21.53
N ARG D 278 2.13 -20.13 -22.15
CA ARG D 278 3.16 -19.13 -22.36
C ARG D 278 3.73 -18.57 -21.05
N THR D 279 2.85 -18.31 -20.08
CA THR D 279 3.20 -17.93 -18.69
C THR D 279 4.01 -19.00 -17.93
N ASP D 280 3.74 -20.26 -18.25
CA ASP D 280 4.17 -21.38 -17.44
C ASP D 280 5.31 -22.16 -18.07
N LEU D 281 5.69 -21.78 -19.27
CA LEU D 281 6.70 -22.52 -20.00
C LEU D 281 7.99 -22.64 -19.18
N ARG E 21 -49.52 15.55 -31.63
CA ARG E 21 -50.21 16.05 -32.84
C ARG E 21 -50.32 14.94 -33.85
N ASP E 22 -51.32 14.08 -33.63
CA ASP E 22 -51.48 12.82 -34.36
C ASP E 22 -50.25 11.93 -34.17
N MET E 23 -49.60 12.10 -33.02
CA MET E 23 -48.58 11.20 -32.53
C MET E 23 -49.23 10.45 -31.39
N SER E 24 -48.93 9.15 -31.28
CA SER E 24 -49.57 8.29 -30.28
C SER E 24 -48.98 8.39 -28.84
N TYR E 25 -49.50 7.53 -27.98
CA TYR E 25 -49.09 7.30 -26.58
C TYR E 25 -47.60 6.88 -26.52
N GLY E 26 -47.29 5.80 -27.23
CA GLY E 26 -45.93 5.32 -27.29
C GLY E 26 -44.94 6.32 -27.84
N ASP E 27 -45.37 7.14 -28.80
CA ASP E 27 -44.48 8.15 -29.41
C ASP E 27 -44.22 9.26 -28.43
N TYR E 28 -45.31 9.80 -27.91
CA TYR E 28 -45.19 10.83 -26.91
C TYR E 28 -44.25 10.40 -25.75
N LEU E 29 -44.49 9.23 -25.17
CA LEU E 29 -43.74 8.76 -24.01
C LEU E 29 -42.45 8.04 -24.38
N GLY E 30 -42.13 7.96 -25.67
CA GLY E 30 -40.86 7.37 -26.05
C GLY E 30 -40.70 5.94 -25.54
N LEU E 31 -41.79 5.17 -25.59
CA LEU E 31 -41.80 3.76 -25.13
C LEU E 31 -40.95 2.78 -25.94
N ASP E 32 -40.60 3.12 -27.17
CA ASP E 32 -39.71 2.26 -27.95
C ASP E 32 -38.33 2.29 -27.35
N GLN E 33 -37.98 3.41 -26.73
CA GLN E 33 -36.73 3.49 -25.95
C GLN E 33 -36.89 2.89 -24.53
N ILE E 34 -37.86 3.39 -23.77
CA ILE E 34 -38.14 2.97 -22.40
C ILE E 34 -38.21 1.43 -22.35
N LEU E 35 -39.00 0.87 -23.26
CA LEU E 35 -39.36 -0.54 -23.21
C LEU E 35 -38.48 -1.46 -24.02
N SER E 36 -37.39 -0.94 -24.58
CA SER E 36 -36.38 -1.82 -25.14
C SER E 36 -35.01 -1.48 -24.57
N ALA E 37 -35.02 -1.02 -23.32
CA ALA E 37 -33.80 -0.64 -22.60
C ALA E 37 -33.35 -1.73 -21.61
N GLN E 38 -34.13 -2.81 -21.55
CA GLN E 38 -33.84 -3.92 -20.64
C GLN E 38 -33.05 -5.06 -21.30
N HIS E 39 -31.81 -5.27 -20.86
CA HIS E 39 -30.86 -6.17 -21.52
C HIS E 39 -30.15 -7.16 -20.55
N PRO E 40 -30.89 -8.13 -20.00
CA PRO E 40 -30.26 -9.04 -19.02
C PRO E 40 -29.12 -9.83 -19.64
N LEU E 41 -28.06 -10.04 -18.86
CA LEU E 41 -26.84 -10.73 -19.28
C LEU E 41 -26.84 -12.21 -18.91
N SER E 42 -27.45 -12.52 -17.77
CA SER E 42 -27.58 -13.88 -17.31
C SER E 42 -28.89 -14.47 -17.86
N PRO E 43 -29.06 -15.80 -17.71
CA PRO E 43 -30.33 -16.43 -18.06
C PRO E 43 -31.31 -16.52 -16.87
N ASP E 44 -31.03 -15.81 -15.78
CA ASP E 44 -31.86 -15.94 -14.58
C ASP E 44 -33.16 -15.15 -14.70
N HIS E 45 -34.26 -15.74 -14.21
CA HIS E 45 -35.60 -15.13 -14.24
C HIS E 45 -35.68 -13.76 -13.52
N ASN E 46 -34.78 -13.57 -12.55
CA ASN E 46 -34.84 -12.47 -11.63
C ASN E 46 -34.00 -11.25 -12.04
N GLU E 47 -33.22 -11.36 -13.10
CA GLU E 47 -32.43 -10.23 -13.52
C GLU E 47 -33.30 -9.07 -14.01
N MET E 48 -34.43 -9.39 -14.62
CA MET E 48 -35.34 -8.34 -15.02
C MET E 48 -35.71 -7.40 -13.86
N LEU E 49 -35.98 -7.96 -12.68
CA LEU E 49 -36.31 -7.17 -11.50
C LEU E 49 -35.12 -6.26 -11.16
N PHE E 50 -33.94 -6.84 -11.11
CA PHE E 50 -32.74 -6.11 -10.75
C PHE E 50 -32.57 -4.88 -11.63
N ILE E 51 -32.82 -5.06 -12.93
CA ILE E 51 -32.73 -3.99 -13.93
C ILE E 51 -33.85 -2.94 -13.75
N VAL E 52 -35.10 -3.41 -13.70
CA VAL E 52 -36.24 -2.50 -13.69
C VAL E 52 -36.30 -1.67 -12.41
N GLN E 53 -35.87 -2.26 -11.32
CA GLN E 53 -35.81 -1.56 -10.05
C GLN E 53 -34.91 -0.33 -10.16
N HIS E 54 -33.78 -0.49 -10.82
CA HIS E 54 -32.79 0.56 -10.95
C HIS E 54 -33.33 1.61 -11.90
N GLN E 55 -33.90 1.13 -13.00
CA GLN E 55 -34.44 1.99 -14.05
C GLN E 55 -35.54 2.92 -13.58
N THR E 56 -36.57 2.36 -12.94
CA THR E 56 -37.65 3.17 -12.35
C THR E 56 -37.12 4.16 -11.31
N THR E 57 -36.13 3.75 -10.55
CA THR E 57 -35.59 4.65 -9.55
C THR E 57 -34.87 5.82 -10.22
N GLU E 58 -34.01 5.54 -11.19
CA GLU E 58 -33.37 6.59 -11.96
C GLU E 58 -34.36 7.53 -12.65
N LEU E 59 -35.45 6.98 -13.19
CA LEU E 59 -36.43 7.82 -13.82
C LEU E 59 -36.98 8.80 -12.81
N TRP E 60 -37.46 8.25 -11.69
CA TRP E 60 -38.02 9.07 -10.63
C TRP E 60 -36.98 10.10 -10.18
N MET E 61 -35.70 9.74 -10.27
CA MET E 61 -34.64 10.64 -9.87
C MET E 61 -34.47 11.79 -10.87
N LYS E 62 -34.62 11.53 -12.16
CA LYS E 62 -34.77 12.61 -13.13
C LYS E 62 -35.81 13.67 -12.75
N LEU E 63 -37.02 13.20 -12.46
CA LEU E 63 -38.11 14.09 -12.03
C LEU E 63 -37.79 14.86 -10.77
N MET E 64 -37.23 14.16 -9.79
CA MET E 64 -36.79 14.76 -8.53
C MET E 64 -35.82 15.91 -8.72
N LEU E 65 -34.84 15.69 -9.59
CA LEU E 65 -33.84 16.67 -9.95
C LEU E 65 -34.50 17.90 -10.63
N HIS E 66 -35.35 17.62 -11.60
CA HIS E 66 -36.15 18.59 -12.27
C HIS E 66 -36.90 19.44 -11.24
N GLU E 67 -37.58 18.82 -10.29
CA GLU E 67 -38.33 19.59 -9.29
C GLU E 67 -37.44 20.29 -8.26
N LEU E 68 -36.31 19.67 -7.91
CA LEU E 68 -35.47 20.24 -6.86
C LEU E 68 -34.76 21.51 -7.38
N ARG E 69 -34.37 21.47 -8.65
CA ARG E 69 -33.78 22.64 -9.30
C ARG E 69 -34.80 23.81 -9.35
N ALA E 70 -36.04 23.51 -9.68
CA ALA E 70 -37.03 24.54 -9.67
C ALA E 70 -37.24 25.07 -8.27
N ALA E 71 -37.25 24.17 -7.30
CA ALA E 71 -37.53 24.55 -5.94
C ALA E 71 -36.41 25.49 -5.47
N ARG E 72 -35.19 25.15 -5.86
CA ARG E 72 -34.04 25.94 -5.51
C ARG E 72 -34.16 27.33 -6.16
N ASP E 73 -34.49 27.39 -7.46
CA ASP E 73 -34.72 28.65 -8.12
C ASP E 73 -35.78 29.47 -7.36
N GLY E 74 -36.82 28.80 -6.88
CA GLY E 74 -37.85 29.46 -6.04
C GLY E 74 -37.26 30.08 -4.77
N VAL E 75 -36.45 29.29 -4.08
CA VAL E 75 -35.78 29.76 -2.88
C VAL E 75 -34.95 31.00 -3.21
N LYS E 76 -34.23 30.97 -4.33
CA LYS E 76 -33.27 32.03 -4.60
C LYS E 76 -33.86 33.32 -5.16
N SER E 77 -35.11 33.24 -5.62
CA SER E 77 -35.91 34.40 -6.00
C SER E 77 -37.01 34.64 -4.98
N ASP E 78 -36.83 34.15 -3.77
CA ASP E 78 -37.79 34.38 -2.70
C ASP E 78 -39.26 34.15 -3.10
N GLN E 79 -39.45 33.16 -3.94
CA GLN E 79 -40.78 32.70 -4.29
C GLN E 79 -41.01 31.36 -3.63
N LEU E 80 -41.25 31.39 -2.31
CA LEU E 80 -41.32 30.20 -1.48
C LEU E 80 -42.55 29.38 -1.71
N GLN E 81 -43.66 30.05 -1.99
CA GLN E 81 -44.94 29.33 -2.07
C GLN E 81 -44.96 28.22 -3.14
N PRO E 82 -44.56 28.55 -4.38
CA PRO E 82 -44.35 27.57 -5.45
C PRO E 82 -43.33 26.47 -5.08
N ALA E 83 -42.24 26.88 -4.42
CA ALA E 83 -41.19 25.98 -4.00
C ALA E 83 -41.68 24.92 -3.00
N PHE E 84 -42.46 25.33 -2.01
CA PHE E 84 -43.05 24.38 -1.11
C PHE E 84 -43.86 23.33 -1.84
N LYS E 85 -44.65 23.77 -2.80
CA LYS E 85 -45.45 22.85 -3.60
C LYS E 85 -44.57 21.82 -4.31
N MET E 86 -43.44 22.27 -4.82
CA MET E 86 -42.51 21.38 -5.51
C MET E 86 -41.81 20.45 -4.52
N LEU E 87 -41.48 20.98 -3.34
CA LEU E 87 -40.89 20.14 -2.30
C LEU E 87 -41.89 19.07 -1.81
N ALA E 88 -43.17 19.42 -1.75
CA ALA E 88 -44.25 18.48 -1.46
C ALA E 88 -44.32 17.37 -2.52
N ARG E 89 -44.00 17.73 -3.77
CA ARG E 89 -44.02 16.76 -4.84
C ARG E 89 -42.82 15.85 -4.73
N VAL E 90 -41.67 16.44 -4.39
CA VAL E 90 -40.47 15.65 -4.16
C VAL E 90 -40.64 14.64 -3.01
N SER E 91 -41.32 15.06 -1.93
CA SER E 91 -41.71 14.15 -0.84
C SER E 91 -42.52 12.95 -1.32
N ARG E 92 -43.57 13.22 -2.08
CA ARG E 92 -44.35 12.17 -2.72
C ARG E 92 -43.46 11.23 -3.55
N ILE E 93 -42.50 11.77 -4.30
CA ILE E 93 -41.56 10.93 -5.09
C ILE E 93 -40.66 10.09 -4.18
N MET E 94 -40.15 10.71 -3.12
CA MET E 94 -39.35 9.98 -2.15
C MET E 94 -40.10 8.81 -1.51
N ASP E 95 -41.41 8.96 -1.29
CA ASP E 95 -42.22 7.87 -0.76
C ASP E 95 -42.22 6.66 -1.69
N GLN E 96 -42.30 6.91 -2.98
CA GLN E 96 -42.25 5.79 -3.93
C GLN E 96 -40.91 5.14 -3.82
N LEU E 97 -39.88 5.97 -3.69
CA LEU E 97 -38.53 5.50 -3.81
C LEU E 97 -38.10 4.68 -2.59
N VAL E 98 -38.66 5.06 -1.42
CA VAL E 98 -38.44 4.34 -0.17
C VAL E 98 -39.25 3.03 -0.17
N GLN E 99 -40.48 3.09 -0.64
CA GLN E 99 -41.30 1.90 -0.67
C GLN E 99 -40.86 0.92 -1.72
N ALA E 100 -40.14 1.38 -2.74
CA ALA E 100 -39.77 0.49 -3.85
C ALA E 100 -38.94 -0.70 -3.41
N TRP E 101 -38.16 -0.52 -2.35
CA TRP E 101 -37.25 -1.56 -1.88
C TRP E 101 -38.01 -2.81 -1.46
N ASN E 102 -39.28 -2.64 -1.13
CA ASN E 102 -40.17 -3.77 -0.86
C ASN E 102 -40.17 -4.78 -2.00
N VAL E 103 -40.10 -4.28 -3.23
CA VAL E 103 -40.09 -5.13 -4.41
C VAL E 103 -38.78 -5.92 -4.50
N LEU E 104 -37.67 -5.23 -4.32
CA LEU E 104 -36.36 -5.84 -4.42
C LEU E 104 -36.11 -6.83 -3.26
N ALA E 105 -36.78 -6.61 -2.16
CA ALA E 105 -36.67 -7.49 -0.98
C ALA E 105 -37.09 -8.93 -1.28
N THR E 106 -37.95 -9.13 -2.26
CA THR E 106 -38.36 -10.45 -2.68
C THR E 106 -37.29 -11.17 -3.51
N MET E 107 -36.13 -10.55 -3.68
CA MET E 107 -35.03 -11.24 -4.34
C MET E 107 -34.22 -11.92 -3.28
N THR E 108 -33.98 -13.22 -3.42
CA THR E 108 -33.26 -13.96 -2.38
C THR E 108 -31.83 -14.12 -2.79
N PRO E 109 -30.94 -14.43 -1.82
CA PRO E 109 -29.52 -14.58 -2.15
C PRO E 109 -29.20 -15.57 -3.28
N PRO E 110 -29.76 -16.80 -3.27
CA PRO E 110 -29.48 -17.72 -4.39
C PRO E 110 -29.90 -17.16 -5.75
N GLU E 111 -30.98 -16.36 -5.77
CA GLU E 111 -31.43 -15.67 -7.00
C GLU E 111 -30.41 -14.64 -7.50
N TYR E 112 -29.88 -13.85 -6.59
CA TYR E 112 -28.89 -12.88 -7.00
C TYR E 112 -27.62 -13.57 -7.39
N SER E 113 -27.24 -14.61 -6.64
CA SER E 113 -26.02 -15.34 -6.88
C SER E 113 -25.94 -15.89 -8.32
N ALA E 114 -27.09 -16.29 -8.88
CA ALA E 114 -27.15 -16.81 -10.24
C ALA E 114 -26.84 -15.76 -11.31
N MET E 115 -27.27 -14.51 -11.09
CA MET E 115 -27.01 -13.45 -12.06
C MET E 115 -25.68 -12.73 -11.86
N ARG E 116 -25.14 -12.84 -10.65
CA ARG E 116 -23.96 -12.08 -10.24
C ARG E 116 -22.70 -12.24 -11.10
N PRO E 117 -22.36 -13.48 -11.47
CA PRO E 117 -21.19 -13.71 -12.32
C PRO E 117 -21.21 -12.87 -13.60
N TYR E 118 -22.40 -12.47 -14.06
CA TYR E 118 -22.51 -11.79 -15.35
C TYR E 118 -22.55 -10.27 -15.27
N LEU E 119 -22.37 -9.70 -14.07
CA LEU E 119 -22.68 -8.29 -13.92
C LEU E 119 -21.49 -7.34 -14.12
N GLY E 120 -20.30 -7.75 -13.70
CA GLY E 120 -19.11 -6.89 -13.82
C GLY E 120 -18.96 -5.84 -12.73
N ALA E 121 -18.26 -4.75 -13.07
CA ALA E 121 -17.94 -3.70 -12.10
C ALA E 121 -18.87 -2.48 -12.22
N SER E 122 -20.12 -2.71 -12.59
CA SER E 122 -21.13 -1.68 -12.40
C SER E 122 -21.06 -1.34 -10.92
N SER E 123 -21.80 -0.32 -10.52
CA SER E 123 -21.41 0.44 -9.36
C SER E 123 -22.37 1.61 -9.30
N GLY E 124 -23.34 1.53 -8.39
CA GLY E 124 -24.33 2.59 -8.24
C GLY E 124 -23.60 3.89 -7.96
N PHE E 125 -22.36 3.73 -7.56
CA PHE E 125 -21.36 4.79 -7.53
C PHE E 125 -21.32 5.64 -8.84
N GLN E 126 -21.72 5.05 -9.96
CA GLN E 126 -21.66 5.70 -11.27
C GLN E 126 -22.98 6.36 -11.67
N SER E 127 -23.88 6.48 -10.72
CA SER E 127 -25.16 7.10 -10.94
C SER E 127 -24.90 8.61 -10.87
N TYR E 128 -24.85 9.25 -12.01
CA TYR E 128 -24.54 10.68 -12.08
C TYR E 128 -25.74 11.44 -11.53
N GLN E 129 -26.94 10.93 -11.76
CA GLN E 129 -28.14 11.53 -11.21
C GLN E 129 -28.09 11.52 -9.68
N TYR E 130 -27.78 10.36 -9.10
CA TYR E 130 -27.69 10.24 -7.65
C TYR E 130 -26.72 11.30 -7.08
N ARG E 131 -25.56 11.41 -7.71
CA ARG E 131 -24.53 12.32 -7.30
C ARG E 131 -25.01 13.79 -7.36
N GLU E 132 -25.74 14.14 -8.42
CA GLU E 132 -26.27 15.49 -8.50
C GLU E 132 -27.17 15.76 -7.34
N ILE E 133 -27.96 14.75 -6.95
CA ILE E 133 -28.98 14.94 -5.93
C ILE E 133 -28.27 15.21 -4.61
N GLU E 134 -27.28 14.37 -4.30
CA GLU E 134 -26.48 14.56 -3.12
C GLU E 134 -25.95 16.00 -3.12
N PHE E 135 -25.32 16.40 -4.23
CA PHE E 135 -24.74 17.73 -4.37
C PHE E 135 -25.72 18.87 -4.15
N ILE E 136 -26.87 18.77 -4.80
CA ILE E 136 -27.93 19.77 -4.65
C ILE E 136 -28.42 19.84 -3.20
N LEU E 137 -28.20 18.75 -2.46
CA LEU E 137 -28.53 18.70 -1.02
C LEU E 137 -27.34 19.07 -0.13
N GLY E 138 -26.22 19.45 -0.74
CA GLY E 138 -25.10 20.00 -0.03
C GLY E 138 -24.07 18.99 0.38
N ASN E 139 -24.32 17.74 0.02
CA ASN E 139 -23.38 16.67 0.35
C ASN E 139 -22.32 16.68 -0.71
N LYS E 140 -21.58 17.78 -0.72
CA LYS E 140 -20.57 18.06 -1.74
C LYS E 140 -19.32 17.25 -1.49
N ASN E 141 -18.80 16.61 -2.55
CA ASN E 141 -17.54 15.88 -2.49
C ASN E 141 -16.84 15.76 -3.87
N ALA E 142 -15.69 16.40 -4.01
CA ALA E 142 -15.02 16.49 -5.32
C ALA E 142 -14.60 15.12 -5.85
N ALA E 143 -14.17 14.27 -4.93
CA ALA E 143 -13.74 12.90 -5.23
C ALA E 143 -14.78 12.10 -6.01
N MET E 144 -16.04 12.46 -5.83
CA MET E 144 -17.13 11.74 -6.47
C MET E 144 -17.33 12.11 -7.94
N LEU E 145 -16.42 12.91 -8.48
CA LEU E 145 -16.43 13.25 -9.92
C LEU E 145 -15.76 12.14 -10.74
N ARG E 146 -14.72 11.54 -10.17
CA ARG E 146 -13.92 10.50 -10.83
C ARG E 146 -14.69 9.38 -11.54
N PRO E 147 -15.71 8.80 -10.89
CA PRO E 147 -16.51 7.75 -11.55
C PRO E 147 -17.12 8.17 -12.89
N HIS E 148 -17.21 9.47 -13.13
CA HIS E 148 -17.85 9.96 -14.34
C HIS E 148 -16.91 10.52 -15.40
N ALA E 149 -15.62 10.34 -15.21
CA ALA E 149 -14.61 10.94 -16.06
C ALA E 149 -14.62 10.39 -17.50
N HIS E 150 -15.04 9.14 -17.66
CA HIS E 150 -15.11 8.45 -18.95
C HIS E 150 -16.32 8.90 -19.78
N ARG E 151 -17.19 9.70 -19.17
CA ARG E 151 -18.37 10.23 -19.85
C ARG E 151 -18.44 11.73 -19.63
N PRO E 152 -17.83 12.48 -20.55
CA PRO E 152 -17.68 13.91 -20.39
C PRO E 152 -19.02 14.65 -20.18
N GLU E 153 -20.12 14.14 -20.71
CA GLU E 153 -21.37 14.86 -20.53
C GLU E 153 -21.97 14.66 -19.14
N HIS E 154 -21.66 13.53 -18.53
CA HIS E 154 -21.97 13.28 -17.13
C HIS E 154 -21.04 14.07 -16.24
N LEU E 155 -19.75 14.01 -16.57
CA LEU E 155 -18.75 14.73 -15.80
C LEU E 155 -19.13 16.22 -15.73
N GLU E 156 -19.53 16.76 -16.86
CA GLU E 156 -19.92 18.14 -16.95
C GLU E 156 -21.08 18.48 -16.01
N LEU E 157 -22.15 17.69 -16.06
CA LEU E 157 -23.30 17.92 -15.17
C LEU E 157 -22.97 17.85 -13.68
N VAL E 158 -22.20 16.84 -13.29
CA VAL E 158 -21.87 16.61 -11.90
C VAL E 158 -20.86 17.66 -11.38
N GLU E 159 -19.91 18.03 -12.22
CA GLU E 159 -18.95 19.08 -11.88
C GLU E 159 -19.59 20.47 -11.75
N THR E 160 -20.57 20.76 -12.59
CA THR E 160 -21.33 21.99 -12.44
C THR E 160 -22.14 21.96 -11.15
N ALA E 161 -22.67 20.78 -10.80
CA ALA E 161 -23.51 20.65 -9.61
C ALA E 161 -22.66 20.92 -8.38
N LEU E 162 -21.45 20.38 -8.43
CA LEU E 162 -20.49 20.59 -7.38
C LEU E 162 -20.22 22.09 -7.13
N HIS E 163 -20.14 22.89 -8.20
CA HIS E 163 -19.76 24.28 -8.09
C HIS E 163 -20.94 25.19 -7.81
N THR E 164 -22.14 24.64 -7.89
CA THR E 164 -23.38 25.37 -7.68
C THR E 164 -23.76 25.34 -6.20
N PRO E 165 -24.19 26.49 -5.65
CA PRO E 165 -24.55 26.46 -4.24
C PRO E 165 -25.78 25.57 -4.06
N SER E 166 -25.76 24.73 -3.03
CA SER E 166 -26.82 23.76 -2.82
C SER E 166 -28.10 24.42 -2.42
N MET E 167 -29.16 23.64 -2.38
CA MET E 167 -30.43 24.17 -1.95
C MET E 167 -30.35 24.70 -0.52
N TYR E 168 -29.61 23.99 0.31
CA TYR E 168 -29.36 24.46 1.68
C TYR E 168 -28.59 25.80 1.76
N ASP E 169 -27.54 25.94 0.95
CA ASP E 169 -26.79 27.21 0.87
C ASP E 169 -27.77 28.35 0.53
N GLU E 170 -28.70 28.09 -0.40
CA GLU E 170 -29.67 29.05 -0.83
C GLU E 170 -30.64 29.47 0.25
N ALA E 171 -31.04 28.53 1.10
CA ALA E 171 -31.87 28.88 2.25
C ALA E 171 -31.08 29.74 3.25
N ILE E 172 -29.81 29.39 3.43
CA ILE E 172 -28.95 30.14 4.33
C ILE E 172 -28.83 31.58 3.83
N ARG E 173 -28.55 31.73 2.53
CA ARG E 173 -28.50 33.02 1.86
C ARG E 173 -29.83 33.78 1.97
N LEU E 174 -30.94 33.06 1.90
CA LEU E 174 -32.28 33.63 2.00
C LEU E 174 -32.57 34.20 3.38
N MET E 175 -32.11 33.51 4.41
CA MET E 175 -32.29 33.97 5.78
C MET E 175 -31.50 35.25 6.02
N ALA E 176 -30.33 35.31 5.41
CA ALA E 176 -29.51 36.52 5.42
C ALA E 176 -30.26 37.74 4.79
N ARG E 177 -30.90 37.52 3.64
CA ARG E 177 -31.72 38.54 2.99
C ARG E 177 -32.93 38.89 3.83
N ARG E 178 -33.27 38.02 4.78
CA ARG E 178 -34.40 38.29 5.65
C ARG E 178 -33.96 39.01 6.90
N GLY E 179 -32.66 39.25 7.01
CA GLY E 179 -32.15 40.11 8.07
C GLY E 179 -31.47 39.41 9.21
N PHE E 180 -31.30 38.09 9.07
CA PHE E 180 -30.59 37.29 10.06
C PHE E 180 -29.12 37.50 9.90
N GLN E 181 -28.43 37.76 10.99
CA GLN E 181 -26.99 37.96 10.86
C GLN E 181 -26.20 36.66 10.69
N ILE E 182 -26.04 36.26 9.44
CA ILE E 182 -25.34 35.03 9.09
C ILE E 182 -23.92 35.39 8.68
N ASP E 183 -22.94 34.70 9.26
CA ASP E 183 -21.56 34.89 8.88
C ASP E 183 -21.46 35.03 7.36
N PRO E 184 -20.80 36.09 6.89
CA PRO E 184 -20.59 36.18 5.45
C PRO E 184 -19.75 35.04 4.88
N GLU E 185 -19.00 34.34 5.74
CA GLU E 185 -18.15 33.21 5.32
C GLU E 185 -18.96 31.98 4.90
N VAL E 186 -20.29 32.08 5.04
CA VAL E 186 -21.17 30.96 4.74
C VAL E 186 -22.29 31.41 3.79
N VAL E 187 -22.49 32.72 3.71
CA VAL E 187 -23.29 33.35 2.67
C VAL E 187 -22.58 33.29 1.33
N GLU E 188 -21.24 33.25 1.38
CA GLU E 188 -20.38 33.18 0.20
C GLU E 188 -19.17 32.34 0.58
N ARG E 189 -18.93 31.23 -0.12
CA ARG E 189 -17.86 30.33 0.27
C ARG E 189 -17.49 29.41 -0.87
N ASP E 190 -16.53 28.53 -0.64
CA ASP E 190 -16.15 27.54 -1.65
C ASP E 190 -17.22 26.44 -1.73
N TRP E 191 -18.10 26.55 -2.71
CA TRP E 191 -19.26 25.67 -2.86
C TRP E 191 -18.95 24.18 -3.05
N THR E 192 -17.71 23.86 -3.45
CA THR E 192 -17.27 22.46 -3.60
C THR E 192 -17.00 21.74 -2.28
N GLN E 193 -17.01 22.49 -1.20
CA GLN E 193 -16.74 21.92 0.12
C GLN E 193 -18.00 21.40 0.78
N PRO E 194 -17.89 20.27 1.49
CA PRO E 194 -18.98 19.73 2.29
C PRO E 194 -19.61 20.82 3.17
N THR E 195 -20.82 20.55 3.61
CA THR E 195 -21.56 21.41 4.52
C THR E 195 -21.10 21.14 5.93
N GLN E 196 -20.76 22.21 6.64
CA GLN E 196 -20.27 22.10 7.98
C GLN E 196 -21.12 22.96 8.87
N TYR E 197 -21.44 22.47 10.06
CA TYR E 197 -22.18 23.26 11.03
C TYR E 197 -21.65 24.70 11.14
N ASN E 198 -22.56 25.66 11.24
CA ASN E 198 -22.15 27.01 11.56
C ASN E 198 -23.05 27.57 12.62
N ALA E 199 -22.44 28.14 13.64
CA ALA E 199 -23.17 28.66 14.80
C ALA E 199 -24.20 29.76 14.48
N SER E 200 -23.86 30.69 13.60
CA SER E 200 -24.80 31.76 13.23
C SER E 200 -26.01 31.24 12.47
N VAL E 201 -25.80 30.20 11.66
CA VAL E 201 -26.94 29.63 10.97
C VAL E 201 -27.91 29.05 12.01
N GLU E 202 -27.38 28.42 13.06
CA GLU E 202 -28.26 27.76 14.01
C GLU E 202 -29.02 28.77 14.86
N ALA E 203 -28.34 29.85 15.20
CA ALA E 203 -28.97 30.98 15.91
C ALA E 203 -30.13 31.51 15.09
N ALA E 204 -29.88 31.68 13.78
CA ALA E 204 -30.95 32.06 12.83
C ALA E 204 -32.17 31.15 12.89
N TRP E 205 -31.98 29.88 12.55
CA TRP E 205 -33.03 28.87 12.67
C TRP E 205 -33.67 28.80 14.06
N LEU E 206 -32.85 28.89 15.09
CA LEU E 206 -33.36 28.90 16.45
C LEU E 206 -34.38 30.02 16.69
N GLU E 207 -34.08 31.23 16.23
CA GLU E 207 -35.03 32.34 16.33
C GLU E 207 -36.31 31.99 15.59
N VAL E 208 -36.19 31.44 14.40
CA VAL E 208 -37.37 31.01 13.65
C VAL E 208 -38.22 30.03 14.43
N TYR E 209 -37.59 29.02 15.03
CA TYR E 209 -38.33 27.94 15.69
C TYR E 209 -38.90 28.33 17.04
N ARG E 210 -38.28 29.32 17.65
CA ARG E 210 -38.80 29.87 18.89
C ARG E 210 -39.90 30.88 18.63
N ASN E 211 -39.95 31.42 17.44
CA ASN E 211 -40.96 32.42 17.11
C ASN E 211 -41.60 32.06 15.77
N PRO E 212 -42.28 30.89 15.69
CA PRO E 212 -42.74 30.40 14.38
C PRO E 212 -43.77 31.31 13.72
N SER E 213 -44.68 31.87 14.53
CA SER E 213 -45.71 32.76 13.98
C SER E 213 -45.15 34.08 13.42
N ALA E 214 -43.97 34.49 13.89
CA ALA E 214 -43.31 35.65 13.33
C ALA E 214 -42.48 35.33 12.05
N HIS E 215 -42.17 34.05 11.87
CA HIS E 215 -41.38 33.58 10.72
C HIS E 215 -41.97 32.30 10.12
N TRP E 216 -43.26 32.31 9.81
CA TRP E 216 -43.90 31.08 9.37
C TRP E 216 -43.29 30.45 8.11
N GLU E 217 -43.02 31.24 7.08
CA GLU E 217 -42.44 30.69 5.86
C GLU E 217 -41.11 29.94 6.14
N LEU E 218 -40.27 30.53 6.98
CA LEU E 218 -38.96 29.94 7.30
C LEU E 218 -39.07 28.67 8.15
N TYR E 219 -40.08 28.69 9.02
CA TYR E 219 -40.45 27.60 9.88
C TYR E 219 -40.87 26.44 9.00
N GLU E 220 -41.79 26.72 8.09
CA GLU E 220 -42.22 25.76 7.08
C GLU E 220 -41.03 25.29 6.23
N LEU E 221 -40.18 26.22 5.83
CA LEU E 221 -39.04 25.84 4.99
C LEU E 221 -38.09 24.85 5.70
N GLY E 222 -37.81 25.11 6.97
CA GLY E 222 -36.96 24.25 7.75
C GLY E 222 -37.53 22.86 7.97
N GLU E 223 -38.84 22.73 8.10
CA GLU E 223 -39.44 21.42 8.25
C GLU E 223 -39.39 20.65 6.93
N LYS E 224 -39.53 21.37 5.83
CA LYS E 224 -39.40 20.79 4.51
C LYS E 224 -38.02 20.19 4.33
N PHE E 225 -37.01 20.88 4.84
CA PHE E 225 -35.67 20.37 4.73
C PHE E 225 -35.48 19.13 5.60
N VAL E 226 -36.01 19.18 6.83
CA VAL E 226 -35.92 18.06 7.74
C VAL E 226 -36.61 16.82 7.13
N ASP E 227 -37.83 16.99 6.62
CA ASP E 227 -38.57 15.95 5.87
C ASP E 227 -37.77 15.30 4.79
N LEU E 228 -37.14 16.14 4.01
CA LEU E 228 -36.30 15.70 2.92
C LEU E 228 -35.10 14.91 3.42
N GLU E 229 -34.45 15.38 4.47
CA GLU E 229 -33.30 14.64 4.99
C GLU E 229 -33.78 13.30 5.56
N ASP E 230 -34.81 13.38 6.39
CA ASP E 230 -35.49 12.22 6.92
C ASP E 230 -35.80 11.17 5.84
N ALA E 231 -36.52 11.56 4.80
CA ALA E 231 -36.82 10.63 3.71
C ALA E 231 -35.54 10.08 3.04
N PHE E 232 -34.54 10.93 2.85
CA PHE E 232 -33.30 10.48 2.25
C PHE E 232 -32.59 9.44 3.14
N ARG E 233 -32.66 9.64 4.46
CA ARG E 233 -32.07 8.71 5.41
C ARG E 233 -32.77 7.34 5.31
N GLN E 234 -34.09 7.38 5.21
CA GLN E 234 -34.90 6.20 5.10
C GLN E 234 -34.48 5.44 3.85
N TRP E 235 -34.21 6.21 2.80
CA TRP E 235 -33.82 5.59 1.52
C TRP E 235 -32.47 4.90 1.64
N ARG E 236 -31.53 5.56 2.32
CA ARG E 236 -30.21 5.02 2.57
C ARG E 236 -30.25 3.77 3.46
N PHE E 237 -31.01 3.86 4.54
CA PHE E 237 -31.23 2.75 5.43
C PHE E 237 -31.88 1.55 4.73
N ARG E 238 -32.91 1.78 3.95
CA ARG E 238 -33.56 0.71 3.22
C ARG E 238 -32.63 0.09 2.17
N HIS E 239 -31.81 0.94 1.55
CA HIS E 239 -30.86 0.48 0.56
C HIS E 239 -29.81 -0.47 1.14
N VAL E 240 -29.22 -0.10 2.26
CA VAL E 240 -28.14 -0.90 2.84
C VAL E 240 -28.74 -2.15 3.49
N THR E 241 -29.92 -2.00 4.08
CA THR E 241 -30.64 -3.15 4.61
C THR E 241 -30.99 -4.19 3.53
N THR E 242 -31.42 -3.72 2.37
CA THR E 242 -31.81 -4.62 1.30
C THR E 242 -30.56 -5.26 0.63
N VAL E 243 -29.50 -4.46 0.47
CA VAL E 243 -28.22 -4.94 -0.02
C VAL E 243 -27.64 -6.04 0.94
N GLU E 244 -27.70 -5.79 2.24
CA GLU E 244 -27.25 -6.76 3.23
C GLU E 244 -28.06 -8.05 3.19
N ARG E 245 -29.37 -7.94 2.92
CA ARG E 245 -30.18 -9.16 2.85
C ARG E 245 -30.05 -9.93 1.54
N VAL E 246 -29.34 -9.36 0.58
CA VAL E 246 -29.11 -10.03 -0.70
C VAL E 246 -27.67 -10.54 -0.79
N ILE E 247 -26.68 -9.75 -0.37
CA ILE E 247 -25.27 -10.17 -0.50
C ILE E 247 -24.51 -10.12 0.82
N GLY E 248 -25.21 -9.76 1.88
CA GLY E 248 -24.62 -9.81 3.21
C GLY E 248 -23.47 -8.84 3.45
N PHE E 249 -22.85 -9.00 4.61
CA PHE E 249 -21.88 -8.06 5.15
C PHE E 249 -20.45 -8.53 4.94
N LYS E 250 -19.97 -8.49 3.70
CA LYS E 250 -18.59 -8.89 3.35
C LYS E 250 -17.56 -8.40 4.38
N ARG E 251 -17.29 -9.24 5.40
CA ARG E 251 -16.47 -8.87 6.56
C ARG E 251 -15.30 -7.96 6.23
N GLU E 257 -15.86 0.80 -0.45
CA GLU E 257 -17.00 0.17 -1.11
C GLU E 257 -17.59 -1.01 -0.29
N GLY E 258 -18.83 -1.38 -0.64
CA GLY E 258 -19.53 -2.49 0.02
C GLY E 258 -20.55 -2.00 1.03
N VAL E 259 -21.14 -2.95 1.74
CA VAL E 259 -22.13 -2.67 2.77
C VAL E 259 -21.58 -1.77 3.89
N SER E 260 -20.28 -1.91 4.18
CA SER E 260 -19.64 -1.10 5.21
C SER E 260 -19.56 0.33 4.71
N TYR E 261 -19.21 0.51 3.45
CA TYR E 261 -19.29 1.81 2.86
C TYR E 261 -20.73 2.34 2.96
N LEU E 262 -21.73 1.53 2.65
CA LEU E 262 -23.12 2.00 2.72
C LEU E 262 -23.59 2.34 4.14
N ARG E 263 -23.07 1.64 5.14
CA ARG E 263 -23.42 1.96 6.52
C ARG E 263 -22.77 3.28 6.93
N ARG E 264 -21.58 3.55 6.37
CA ARG E 264 -20.91 4.81 6.66
C ARG E 264 -21.75 5.98 6.13
N MET E 265 -22.50 5.72 5.06
CA MET E 265 -23.33 6.74 4.42
C MET E 265 -24.53 7.15 5.26
N LEU E 266 -24.89 6.30 6.21
CA LEU E 266 -25.90 6.66 7.18
C LEU E 266 -25.37 7.68 8.15
N ASP E 267 -24.08 8.01 8.04
CA ASP E 267 -23.51 9.03 8.90
C ASP E 267 -23.63 10.43 8.33
N VAL E 268 -23.95 10.57 7.04
CA VAL E 268 -24.07 11.88 6.40
C VAL E 268 -25.16 12.74 7.06
N VAL E 269 -24.80 13.90 7.59
CA VAL E 269 -25.80 14.89 7.96
C VAL E 269 -25.87 15.91 6.83
N LEU E 270 -27.08 16.19 6.35
CA LEU E 270 -27.24 17.12 5.24
C LEU E 270 -27.41 18.56 5.71
N PHE E 271 -28.21 18.78 6.75
CA PHE E 271 -28.56 20.13 7.16
C PHE E 271 -28.34 20.25 8.66
N PRO E 272 -27.09 20.36 9.07
CA PRO E 272 -26.67 20.18 10.46
C PRO E 272 -27.45 21.01 11.45
N GLU E 273 -27.62 22.28 11.17
CA GLU E 273 -28.08 23.17 12.21
C GLU E 273 -29.56 23.01 12.46
N LEU E 274 -30.28 22.49 11.47
CA LEU E 274 -31.69 22.18 11.68
C LEU E 274 -31.93 21.01 12.67
N TRP E 275 -31.05 20.01 12.64
CA TRP E 275 -31.11 18.90 13.60
C TRP E 275 -30.56 19.32 14.96
N LYS E 276 -29.44 20.04 14.96
CA LYS E 276 -28.76 20.39 16.20
C LYS E 276 -29.61 21.30 17.08
N LEU E 277 -30.49 22.06 16.45
CA LEU E 277 -31.25 23.09 17.13
C LEU E 277 -32.34 22.49 18.02
N ARG E 278 -32.62 21.22 17.80
CA ARG E 278 -33.67 20.53 18.54
C ARG E 278 -33.33 20.45 20.03
N THR E 279 -32.04 20.28 20.32
CA THR E 279 -31.58 20.10 21.70
C THR E 279 -31.40 21.42 22.42
N ASP E 280 -31.08 22.47 21.68
CA ASP E 280 -30.85 23.78 22.28
C ASP E 280 -32.13 24.61 22.25
N LEU E 281 -33.23 24.03 21.81
CA LEU E 281 -34.45 24.81 21.63
C LEU E 281 -34.94 25.38 22.95
N MET F 17 -12.15 10.51 -21.23
CA MET F 17 -12.71 9.18 -21.63
C MET F 17 -11.67 8.10 -22.01
N ASP F 18 -12.18 6.95 -22.44
CA ASP F 18 -11.35 5.79 -22.73
C ASP F 18 -12.01 4.80 -23.69
N PHE F 19 -11.17 4.00 -24.33
CA PHE F 19 -11.64 2.92 -25.17
C PHE F 19 -11.69 1.58 -24.35
N ALA F 20 -12.19 1.68 -23.10
CA ALA F 20 -12.19 0.55 -22.14
C ALA F 20 -13.32 -0.46 -22.34
N ARG F 21 -12.97 -1.75 -22.15
CA ARG F 21 -13.86 -2.90 -22.37
C ARG F 21 -14.96 -3.09 -21.32
N ASP F 22 -14.76 -2.48 -20.14
CA ASP F 22 -15.70 -2.64 -19.02
C ASP F 22 -16.99 -1.83 -19.12
N MET F 23 -18.09 -2.58 -19.13
CA MET F 23 -19.45 -2.10 -19.03
C MET F 23 -19.60 -1.29 -17.74
N SER F 24 -20.21 -0.12 -17.85
CA SER F 24 -20.54 0.69 -16.68
C SER F 24 -21.98 0.44 -16.23
N TYR F 25 -22.33 1.10 -15.15
CA TYR F 25 -23.64 1.11 -14.55
C TYR F 25 -24.71 1.51 -15.55
N GLY F 26 -24.45 2.59 -16.27
CA GLY F 26 -25.38 3.03 -17.29
C GLY F 26 -25.44 2.17 -18.52
N ASP F 27 -24.30 1.62 -18.93
CA ASP F 27 -24.30 0.68 -20.06
C ASP F 27 -25.20 -0.52 -19.74
N TYR F 28 -24.92 -1.15 -18.60
CA TYR F 28 -25.73 -2.27 -18.16
C TYR F 28 -27.23 -1.94 -18.03
N LEU F 29 -27.59 -0.79 -17.45
CA LEU F 29 -29.00 -0.44 -17.22
C LEU F 29 -29.69 0.25 -18.40
N GLY F 30 -28.95 0.49 -19.49
CA GLY F 30 -29.47 1.20 -20.67
C GLY F 30 -29.92 2.61 -20.32
N LEU F 31 -29.17 3.29 -19.46
CA LEU F 31 -29.69 4.58 -18.93
C LEU F 31 -29.75 5.71 -19.94
N ASP F 32 -28.84 5.72 -20.94
CA ASP F 32 -28.98 6.71 -22.02
C ASP F 32 -30.32 6.53 -22.73
N GLN F 33 -30.78 5.29 -22.84
CA GLN F 33 -32.12 5.03 -23.39
C GLN F 33 -33.24 5.46 -22.48
N ILE F 34 -33.15 5.04 -21.23
CA ILE F 34 -34.14 5.42 -20.24
C ILE F 34 -34.19 6.95 -20.09
N LEU F 35 -33.02 7.56 -20.03
CA LEU F 35 -32.87 8.92 -19.52
C LEU F 35 -32.91 10.03 -20.56
N SER F 36 -33.12 9.63 -21.80
CA SER F 36 -33.25 10.56 -22.90
C SER F 36 -34.56 10.33 -23.63
N ALA F 37 -35.54 9.74 -22.93
CA ALA F 37 -36.82 9.42 -23.52
C ALA F 37 -37.90 10.38 -23.07
N GLN F 38 -37.50 11.43 -22.37
CA GLN F 38 -38.46 12.44 -21.91
C GLN F 38 -38.41 13.69 -22.78
N HIS F 39 -39.51 13.95 -23.49
CA HIS F 39 -39.56 15.05 -24.47
C HIS F 39 -40.84 15.84 -24.33
N PRO F 40 -40.83 16.84 -23.45
CA PRO F 40 -42.02 17.65 -23.29
C PRO F 40 -42.29 18.46 -24.57
N LEU F 41 -43.56 18.56 -24.93
CA LEU F 41 -44.00 19.38 -26.06
C LEU F 41 -44.28 20.83 -25.64
N SER F 42 -44.86 20.99 -24.46
CA SER F 42 -45.19 22.28 -23.87
C SER F 42 -43.96 22.95 -23.22
N PRO F 43 -44.08 24.25 -22.91
CA PRO F 43 -43.04 24.92 -22.14
C PRO F 43 -43.29 24.80 -20.62
N ASP F 44 -44.38 24.14 -20.22
CA ASP F 44 -44.75 24.06 -18.82
C ASP F 44 -43.91 23.09 -17.97
N HIS F 45 -43.70 23.53 -16.72
CA HIS F 45 -42.84 22.86 -15.77
C HIS F 45 -43.29 21.42 -15.41
N ASN F 46 -44.58 21.18 -15.43
CA ASN F 46 -45.12 19.98 -14.82
C ASN F 46 -45.35 18.87 -15.84
N GLU F 47 -44.81 19.05 -17.04
CA GLU F 47 -44.97 18.04 -18.08
C GLU F 47 -43.99 16.90 -17.81
N MET F 48 -42.88 17.20 -17.15
CA MET F 48 -41.96 16.15 -16.72
C MET F 48 -42.72 15.14 -15.85
N LEU F 49 -43.41 15.65 -14.83
CA LEU F 49 -44.22 14.80 -14.02
C LEU F 49 -45.10 13.95 -14.90
N PHE F 50 -45.78 14.58 -15.84
CA PHE F 50 -46.79 13.86 -16.60
C PHE F 50 -46.16 12.70 -17.33
N ILE F 51 -44.99 12.94 -17.91
CA ILE F 51 -44.32 11.93 -18.69
C ILE F 51 -43.80 10.79 -17.81
N VAL F 52 -43.03 11.14 -16.77
CA VAL F 52 -42.36 10.17 -15.94
C VAL F 52 -43.32 9.25 -15.21
N GLN F 53 -44.43 9.82 -14.76
CA GLN F 53 -45.47 9.03 -14.13
C GLN F 53 -45.87 7.85 -15.02
N HIS F 54 -46.19 8.12 -16.30
CA HIS F 54 -46.50 7.07 -17.29
C HIS F 54 -45.34 6.11 -17.49
N GLN F 55 -44.14 6.67 -17.70
CA GLN F 55 -43.00 5.81 -18.01
C GLN F 55 -42.63 4.82 -16.90
N THR F 56 -42.67 5.26 -15.64
CA THR F 56 -42.29 4.37 -14.58
C THR F 56 -43.32 3.27 -14.42
N THR F 57 -44.58 3.60 -14.66
CA THR F 57 -45.64 2.61 -14.60
C THR F 57 -45.49 1.59 -15.74
N GLU F 58 -45.09 2.07 -16.91
CA GLU F 58 -44.83 1.17 -18.03
C GLU F 58 -43.69 0.23 -17.69
N LEU F 59 -42.66 0.73 -17.01
CA LEU F 59 -41.52 -0.13 -16.67
C LEU F 59 -41.92 -1.22 -15.67
N TRP F 60 -42.64 -0.82 -14.64
CA TRP F 60 -43.11 -1.79 -13.67
C TRP F 60 -44.06 -2.81 -14.36
N MET F 61 -44.97 -2.32 -15.20
CA MET F 61 -45.77 -3.22 -16.04
C MET F 61 -44.93 -4.23 -16.86
N LYS F 62 -43.81 -3.78 -17.42
CA LYS F 62 -42.94 -4.74 -18.08
C LYS F 62 -42.49 -5.88 -17.14
N LEU F 63 -42.11 -5.55 -15.91
CA LEU F 63 -41.69 -6.56 -14.95
C LEU F 63 -42.87 -7.38 -14.48
N MET F 64 -44.03 -6.74 -14.32
CA MET F 64 -45.22 -7.50 -13.94
C MET F 64 -45.55 -8.57 -14.98
N LEU F 65 -45.43 -8.23 -16.26
CA LEU F 65 -45.71 -9.18 -17.33
C LEU F 65 -44.73 -10.34 -17.25
N HIS F 66 -43.49 -9.99 -17.02
CA HIS F 66 -42.43 -10.98 -16.83
C HIS F 66 -42.75 -12.00 -15.73
N GLU F 67 -43.15 -11.50 -14.57
CA GLU F 67 -43.42 -12.32 -13.42
C GLU F 67 -44.75 -13.06 -13.56
N LEU F 68 -45.77 -12.41 -14.12
CA LEU F 68 -47.06 -13.07 -14.41
C LEU F 68 -46.95 -14.26 -15.37
N ARG F 69 -46.14 -14.13 -16.42
CA ARG F 69 -46.03 -15.21 -17.38
C ARG F 69 -45.37 -16.41 -16.71
N ALA F 70 -44.31 -16.11 -15.95
CA ALA F 70 -43.56 -17.12 -15.27
C ALA F 70 -44.49 -17.79 -14.27
N ALA F 71 -45.31 -17.01 -13.58
CA ALA F 71 -46.20 -17.56 -12.58
C ALA F 71 -47.26 -18.43 -13.23
N ARG F 72 -47.79 -17.99 -14.37
CA ARG F 72 -48.72 -18.80 -15.17
C ARG F 72 -48.11 -20.14 -15.62
N ASP F 73 -46.84 -20.12 -16.01
CA ASP F 73 -46.17 -21.36 -16.37
C ASP F 73 -46.05 -22.31 -15.18
N GLY F 74 -45.87 -21.76 -13.99
CA GLY F 74 -45.83 -22.59 -12.79
C GLY F 74 -47.19 -23.24 -12.55
N VAL F 75 -48.26 -22.45 -12.65
CA VAL F 75 -49.63 -22.99 -12.59
C VAL F 75 -49.73 -24.14 -13.59
N LYS F 76 -49.37 -23.90 -14.85
CA LYS F 76 -49.44 -24.91 -15.93
C LYS F 76 -48.74 -26.23 -15.59
N SER F 77 -47.60 -26.12 -14.93
CA SER F 77 -46.74 -27.27 -14.75
C SER F 77 -46.85 -27.84 -13.33
N ASP F 78 -47.94 -27.45 -12.64
CA ASP F 78 -48.24 -27.85 -11.24
C ASP F 78 -47.04 -27.61 -10.31
N GLN F 79 -46.31 -26.51 -10.51
CA GLN F 79 -45.28 -26.09 -9.58
C GLN F 79 -45.67 -24.76 -8.95
N LEU F 80 -46.55 -24.84 -7.95
CA LEU F 80 -47.20 -23.66 -7.35
C LEU F 80 -46.36 -22.86 -6.35
N GLN F 81 -45.41 -23.53 -5.72
CA GLN F 81 -44.65 -22.85 -4.69
C GLN F 81 -43.81 -21.68 -5.26
N PRO F 82 -43.00 -21.92 -6.31
CA PRO F 82 -42.40 -20.75 -6.97
C PRO F 82 -43.40 -19.74 -7.55
N ALA F 83 -44.55 -20.19 -8.04
CA ALA F 83 -45.55 -19.24 -8.56
C ALA F 83 -46.07 -18.32 -7.47
N PHE F 84 -46.28 -18.84 -6.27
CA PHE F 84 -46.71 -18.04 -5.13
C PHE F 84 -45.68 -16.93 -4.90
N LYS F 85 -44.40 -17.30 -4.94
CA LYS F 85 -43.31 -16.33 -4.79
C LYS F 85 -43.32 -15.22 -5.82
N MET F 86 -43.62 -15.60 -7.07
CA MET F 86 -43.71 -14.65 -8.17
C MET F 86 -44.91 -13.77 -7.98
N LEU F 87 -46.00 -14.36 -7.53
CA LEU F 87 -47.21 -13.60 -7.29
C LEU F 87 -47.08 -12.62 -6.12
N ALA F 88 -46.36 -13.01 -5.07
CA ALA F 88 -46.00 -12.07 -4.00
C ALA F 88 -45.23 -10.87 -4.59
N ARG F 89 -44.32 -11.15 -5.53
CA ARG F 89 -43.56 -10.08 -6.14
C ARG F 89 -44.48 -9.14 -6.89
N VAL F 90 -45.36 -9.73 -7.69
CA VAL F 90 -46.35 -8.97 -8.44
C VAL F 90 -47.19 -8.10 -7.53
N SER F 91 -47.49 -8.56 -6.33
CA SER F 91 -48.34 -7.73 -5.50
C SER F 91 -47.52 -6.59 -4.85
N ARG F 92 -46.22 -6.79 -4.64
CA ARG F 92 -45.36 -5.71 -4.22
C ARG F 92 -45.24 -4.67 -5.34
N ILE F 93 -45.23 -5.11 -6.59
CA ILE F 93 -45.21 -4.16 -7.66
C ILE F 93 -46.51 -3.36 -7.69
N MET F 94 -47.64 -4.05 -7.60
CA MET F 94 -48.92 -3.37 -7.58
C MET F 94 -48.98 -2.33 -6.45
N ASP F 95 -48.28 -2.56 -5.35
CA ASP F 95 -48.29 -1.58 -4.27
C ASP F 95 -47.67 -0.28 -4.74
N GLN F 96 -46.60 -0.38 -5.53
CA GLN F 96 -45.93 0.80 -6.10
C GLN F 96 -46.88 1.48 -7.03
N LEU F 97 -47.42 0.68 -7.97
CA LEU F 97 -48.30 1.21 -9.00
C LEU F 97 -49.49 1.96 -8.40
N VAL F 98 -50.09 1.41 -7.33
CA VAL F 98 -51.21 2.09 -6.70
C VAL F 98 -50.81 3.33 -5.90
N GLN F 99 -49.75 3.25 -5.13
CA GLN F 99 -49.36 4.41 -4.38
C GLN F 99 -48.86 5.56 -5.29
N ALA F 100 -48.34 5.19 -6.46
CA ALA F 100 -47.77 6.13 -7.39
C ALA F 100 -48.69 7.26 -7.79
N TRP F 101 -50.01 7.02 -7.77
CA TRP F 101 -50.96 8.11 -7.97
C TRP F 101 -50.79 9.30 -7.00
N ASN F 102 -50.20 9.06 -5.84
CA ASN F 102 -49.99 10.14 -4.89
C ASN F 102 -49.17 11.22 -5.50
N VAL F 103 -48.28 10.84 -6.41
CA VAL F 103 -47.38 11.80 -7.00
C VAL F 103 -48.11 12.64 -8.02
N LEU F 104 -48.78 12.00 -8.96
CA LEU F 104 -49.54 12.74 -9.96
C LEU F 104 -50.65 13.62 -9.35
N ALA F 105 -51.17 13.23 -8.18
CA ALA F 105 -52.18 14.01 -7.49
C ALA F 105 -51.69 15.41 -7.06
N THR F 106 -50.39 15.68 -7.20
CA THR F 106 -49.86 17.01 -6.90
C THR F 106 -49.95 17.91 -8.14
N MET F 107 -50.49 17.36 -9.23
CA MET F 107 -50.76 18.15 -10.44
C MET F 107 -52.13 18.77 -10.33
N THR F 108 -52.15 20.10 -10.46
CA THR F 108 -53.38 20.86 -10.32
C THR F 108 -54.02 21.10 -11.71
N PRO F 109 -55.35 21.34 -11.75
CA PRO F 109 -55.96 21.54 -13.08
C PRO F 109 -55.29 22.67 -13.88
N PRO F 110 -55.03 23.83 -13.24
CA PRO F 110 -54.30 24.88 -13.96
C PRO F 110 -52.98 24.39 -14.60
N GLU F 111 -52.27 23.50 -13.91
CA GLU F 111 -51.01 23.01 -14.42
C GLU F 111 -51.25 22.11 -15.65
N TYR F 112 -52.20 21.18 -15.57
CA TYR F 112 -52.41 20.28 -16.72
C TYR F 112 -52.98 21.06 -17.90
N SER F 113 -53.94 21.93 -17.59
CA SER F 113 -54.51 22.86 -18.56
C SER F 113 -53.45 23.58 -19.43
N ALA F 114 -52.37 24.03 -18.80
CA ALA F 114 -51.26 24.66 -19.52
C ALA F 114 -50.51 23.77 -20.55
N MET F 115 -50.62 22.46 -20.42
CA MET F 115 -49.87 21.58 -21.31
C MET F 115 -50.77 20.75 -22.19
N ARG F 116 -52.06 20.78 -21.90
CA ARG F 116 -53.06 20.02 -22.66
C ARG F 116 -53.13 20.35 -24.16
N PRO F 117 -53.03 21.65 -24.51
CA PRO F 117 -53.08 22.05 -25.92
C PRO F 117 -52.00 21.41 -26.76
N TYR F 118 -50.92 20.97 -26.12
CA TYR F 118 -49.80 20.38 -26.84
C TYR F 118 -49.87 18.85 -26.96
N LEU F 119 -50.88 18.24 -26.34
CA LEU F 119 -50.88 16.79 -26.13
C LEU F 119 -51.39 15.95 -27.31
N GLY F 120 -52.54 16.33 -27.86
CA GLY F 120 -53.03 15.66 -29.07
C GLY F 120 -53.83 14.37 -28.88
N ALA F 121 -53.42 13.33 -29.59
CA ALA F 121 -54.24 12.12 -29.70
C ALA F 121 -54.02 11.06 -28.59
N SER F 122 -52.77 10.72 -28.32
CA SER F 122 -52.36 9.66 -27.38
C SER F 122 -53.36 9.21 -26.31
N SER F 123 -54.02 8.09 -26.57
CA SER F 123 -54.92 7.44 -25.61
C SER F 123 -54.24 6.29 -24.84
N GLY F 124 -54.59 6.14 -23.55
CA GLY F 124 -54.07 5.06 -22.73
C GLY F 124 -54.54 3.68 -23.17
N PHE F 125 -55.60 3.63 -23.98
CA PHE F 125 -56.00 2.39 -24.69
C PHE F 125 -54.86 1.92 -25.55
N GLN F 126 -53.80 2.72 -25.63
CA GLN F 126 -52.70 2.39 -26.50
C GLN F 126 -51.52 1.77 -25.75
N SER F 127 -51.66 1.57 -24.44
CA SER F 127 -50.67 0.77 -23.73
C SER F 127 -50.92 -0.65 -24.18
N TYR F 128 -49.98 -1.25 -24.87
CA TYR F 128 -50.21 -2.63 -25.25
C TYR F 128 -49.85 -3.46 -24.03
N GLN F 129 -48.90 -2.99 -23.25
CA GLN F 129 -48.52 -3.67 -22.04
C GLN F 129 -49.70 -3.79 -21.07
N TYR F 130 -50.43 -2.71 -20.84
CA TYR F 130 -51.57 -2.78 -19.96
C TYR F 130 -52.62 -3.76 -20.51
N ARG F 131 -52.77 -3.79 -21.84
CA ARG F 131 -53.71 -4.68 -22.50
C ARG F 131 -53.32 -6.17 -22.28
N GLU F 132 -52.05 -6.48 -22.54
CA GLU F 132 -51.55 -7.83 -22.26
C GLU F 132 -51.82 -8.22 -20.82
N ILE F 133 -51.92 -7.24 -19.93
CA ILE F 133 -52.09 -7.58 -18.52
C ILE F 133 -53.55 -7.96 -18.25
N GLU F 134 -54.45 -7.10 -18.68
CA GLU F 134 -55.87 -7.39 -18.60
C GLU F 134 -56.10 -8.75 -19.22
N PHE F 135 -55.46 -9.02 -20.36
CA PHE F 135 -55.63 -10.31 -21.06
C PHE F 135 -55.17 -11.51 -20.24
N ILE F 136 -53.91 -11.48 -19.79
CA ILE F 136 -53.40 -12.51 -18.89
C ILE F 136 -54.29 -12.69 -17.66
N LEU F 137 -54.94 -11.62 -17.24
CA LEU F 137 -55.84 -11.75 -16.10
C LEU F 137 -57.27 -12.14 -16.52
N GLY F 138 -57.46 -12.49 -17.80
CA GLY F 138 -58.74 -13.06 -18.28
C GLY F 138 -59.73 -12.05 -18.84
N ASN F 139 -59.40 -10.77 -18.74
CA ASN F 139 -60.26 -9.72 -19.27
C ASN F 139 -60.06 -9.59 -20.79
N LYS F 140 -60.39 -10.68 -21.49
CA LYS F 140 -60.29 -10.80 -22.94
C LYS F 140 -61.30 -9.88 -23.64
N ASN F 141 -60.85 -9.26 -24.73
CA ASN F 141 -61.65 -8.27 -25.43
C ASN F 141 -61.00 -7.96 -26.79
N ALA F 142 -61.56 -8.51 -27.87
CA ALA F 142 -60.86 -8.47 -29.16
C ALA F 142 -60.95 -7.08 -29.78
N ALA F 143 -61.91 -6.29 -29.32
CA ALA F 143 -62.06 -4.90 -29.77
C ALA F 143 -60.86 -4.04 -29.34
N MET F 144 -60.12 -4.52 -28.34
CA MET F 144 -58.95 -3.81 -27.83
C MET F 144 -57.69 -3.95 -28.68
N LEU F 145 -57.77 -4.76 -29.74
CA LEU F 145 -56.64 -4.93 -30.66
C LEU F 145 -56.50 -3.73 -31.57
N ARG F 146 -57.59 -3.00 -31.73
CA ARG F 146 -57.67 -2.02 -32.79
C ARG F 146 -56.61 -0.95 -32.61
N PRO F 147 -56.60 -0.30 -31.43
CA PRO F 147 -55.64 0.78 -31.12
C PRO F 147 -54.18 0.47 -31.45
N HIS F 148 -53.85 -0.80 -31.69
CA HIS F 148 -52.48 -1.24 -31.96
C HIS F 148 -52.25 -1.66 -33.42
N ALA F 149 -53.25 -1.44 -34.26
CA ALA F 149 -53.21 -1.78 -35.70
C ALA F 149 -52.02 -1.16 -36.45
N HIS F 150 -51.72 0.10 -36.14
CA HIS F 150 -50.64 0.83 -36.79
C HIS F 150 -49.25 0.31 -36.42
N ARG F 151 -49.17 -0.58 -35.42
CA ARG F 151 -47.88 -1.08 -34.91
C ARG F 151 -47.89 -2.59 -34.88
N PRO F 152 -47.65 -3.22 -36.04
CA PRO F 152 -47.74 -4.67 -36.19
C PRO F 152 -47.00 -5.49 -35.12
N GLU F 153 -45.91 -4.97 -34.57
CA GLU F 153 -45.22 -5.71 -33.51
C GLU F 153 -46.02 -5.70 -32.20
N HIS F 154 -46.64 -4.56 -31.88
CA HIS F 154 -47.53 -4.47 -30.71
C HIS F 154 -48.80 -5.31 -30.90
N LEU F 155 -49.45 -5.17 -32.05
CA LEU F 155 -50.61 -6.00 -32.39
C LEU F 155 -50.34 -7.50 -32.21
N GLU F 156 -49.22 -8.00 -32.71
CA GLU F 156 -48.98 -9.43 -32.58
C GLU F 156 -48.95 -9.83 -31.10
N LEU F 157 -48.21 -9.06 -30.30
CA LEU F 157 -48.11 -9.24 -28.85
C LEU F 157 -49.47 -9.33 -28.20
N VAL F 158 -50.32 -8.37 -28.55
CA VAL F 158 -51.63 -8.24 -27.94
C VAL F 158 -52.58 -9.32 -28.44
N GLU F 159 -52.39 -9.73 -29.69
CA GLU F 159 -53.22 -10.76 -30.30
C GLU F 159 -52.86 -12.14 -29.75
N THR F 160 -51.55 -12.43 -29.65
CA THR F 160 -51.09 -13.67 -29.04
C THR F 160 -51.70 -13.79 -27.66
N ALA F 161 -51.64 -12.67 -26.92
CA ALA F 161 -52.10 -12.64 -25.57
C ALA F 161 -53.58 -12.94 -25.54
N LEU F 162 -54.29 -12.42 -26.51
CA LEU F 162 -55.71 -12.69 -26.64
C LEU F 162 -56.01 -14.18 -26.79
N HIS F 163 -55.25 -14.87 -27.64
CA HIS F 163 -55.48 -16.30 -27.91
C HIS F 163 -54.93 -17.27 -26.85
N THR F 164 -54.11 -16.77 -25.93
CA THR F 164 -53.49 -17.60 -24.91
C THR F 164 -54.45 -17.72 -23.72
N PRO F 165 -54.58 -18.91 -23.13
CA PRO F 165 -55.46 -18.99 -21.97
C PRO F 165 -54.92 -18.18 -20.75
N SER F 166 -55.81 -17.48 -20.06
CA SER F 166 -55.39 -16.57 -19.02
C SER F 166 -54.88 -17.38 -17.86
N MET F 167 -54.30 -16.69 -16.88
CA MET F 167 -53.77 -17.38 -15.73
C MET F 167 -54.93 -18.00 -14.94
N TYR F 168 -56.09 -17.35 -14.95
CA TYR F 168 -57.24 -17.93 -14.27
C TYR F 168 -57.67 -19.21 -14.99
N ASP F 169 -57.61 -19.18 -16.32
CA ASP F 169 -57.96 -20.35 -17.16
C ASP F 169 -57.09 -21.54 -16.77
N GLU F 170 -55.78 -21.26 -16.59
CA GLU F 170 -54.85 -22.31 -16.21
C GLU F 170 -55.11 -22.81 -14.79
N ALA F 171 -55.61 -21.94 -13.93
CA ALA F 171 -55.90 -22.36 -12.56
C ALA F 171 -57.11 -23.27 -12.62
N ILE F 172 -58.07 -22.91 -13.45
CA ILE F 172 -59.26 -23.70 -13.67
C ILE F 172 -58.84 -25.07 -14.17
N ARG F 173 -58.03 -25.06 -15.24
CA ARG F 173 -57.45 -26.29 -15.76
C ARG F 173 -56.72 -27.13 -14.73
N LEU F 174 -55.96 -26.48 -13.83
CA LEU F 174 -55.20 -27.24 -12.84
C LEU F 174 -56.12 -27.88 -11.81
N MET F 175 -57.22 -27.23 -11.48
CA MET F 175 -58.18 -27.79 -10.55
C MET F 175 -58.84 -29.06 -11.13
N ALA F 176 -58.99 -29.09 -12.45
CA ALA F 176 -59.56 -30.25 -13.12
C ALA F 176 -58.56 -31.40 -13.07
N ARG F 177 -57.29 -31.08 -13.30
CA ARG F 177 -56.22 -32.06 -13.14
C ARG F 177 -56.05 -32.52 -11.69
N ARG F 178 -56.63 -31.81 -10.73
CA ARG F 178 -56.45 -32.27 -9.36
C ARG F 178 -57.66 -33.08 -8.91
N GLY F 179 -58.59 -33.30 -9.84
CA GLY F 179 -59.72 -34.18 -9.58
C GLY F 179 -61.05 -33.51 -9.42
N PHE F 180 -61.09 -32.19 -9.61
CA PHE F 180 -62.34 -31.47 -9.48
C PHE F 180 -63.20 -31.65 -10.73
N GLN F 181 -64.51 -31.75 -10.54
CA GLN F 181 -65.40 -31.85 -11.68
C GLN F 181 -65.64 -30.45 -12.28
N ILE F 182 -64.94 -30.16 -13.37
CA ILE F 182 -65.08 -28.86 -14.05
C ILE F 182 -65.72 -29.13 -15.38
N ASP F 183 -66.76 -28.37 -15.74
CA ASP F 183 -67.38 -28.46 -17.08
C ASP F 183 -66.26 -28.41 -18.13
N PRO F 184 -66.35 -29.27 -19.16
CA PRO F 184 -65.23 -29.32 -20.08
C PRO F 184 -65.15 -28.10 -20.99
N GLU F 185 -66.22 -27.30 -21.09
CA GLU F 185 -66.14 -26.10 -21.94
C GLU F 185 -65.71 -24.85 -21.18
N VAL F 186 -65.13 -25.05 -19.99
CA VAL F 186 -64.27 -24.03 -19.37
C VAL F 186 -62.84 -24.52 -19.37
N VAL F 187 -62.65 -25.83 -19.47
CA VAL F 187 -61.31 -26.42 -19.55
C VAL F 187 -60.71 -26.16 -20.93
N GLU F 188 -61.57 -26.21 -21.95
CA GLU F 188 -61.19 -25.84 -23.31
C GLU F 188 -62.30 -24.94 -23.84
N ARG F 189 -61.94 -23.82 -24.44
CA ARG F 189 -62.96 -22.95 -25.02
C ARG F 189 -62.27 -22.00 -25.97
N ASP F 190 -63.03 -21.01 -26.44
CA ASP F 190 -62.48 -19.93 -27.22
C ASP F 190 -61.85 -18.98 -26.25
N TRP F 191 -60.52 -19.05 -26.15
CA TRP F 191 -59.76 -18.26 -25.19
C TRP F 191 -59.95 -16.76 -25.41
N THR F 192 -60.45 -16.37 -26.57
CA THR F 192 -60.58 -14.94 -26.89
C THR F 192 -61.81 -14.30 -26.27
N GLN F 193 -62.60 -15.08 -25.56
CA GLN F 193 -63.89 -14.64 -25.03
C GLN F 193 -63.77 -14.26 -23.55
N PRO F 194 -64.35 -13.12 -23.13
CA PRO F 194 -64.16 -12.65 -21.74
C PRO F 194 -64.56 -13.69 -20.70
N THR F 195 -63.73 -13.84 -19.66
CA THR F 195 -64.02 -14.85 -18.65
C THR F 195 -65.48 -14.76 -18.21
N GLN F 196 -66.16 -15.89 -18.10
CA GLN F 196 -67.55 -15.84 -17.59
C GLN F 196 -67.87 -16.83 -16.48
N TYR F 197 -68.73 -16.37 -15.56
CA TYR F 197 -69.06 -17.14 -14.37
C TYR F 197 -69.58 -18.54 -14.71
N ASN F 198 -69.14 -19.52 -13.93
CA ASN F 198 -69.50 -20.90 -14.18
C ASN F 198 -69.70 -21.59 -12.85
N ALA F 199 -70.80 -22.31 -12.70
CA ALA F 199 -71.19 -22.91 -11.41
C ALA F 199 -70.24 -24.03 -11.00
N SER F 200 -69.78 -24.79 -11.99
CA SER F 200 -68.83 -25.88 -11.78
C SER F 200 -67.59 -25.38 -11.01
N VAL F 201 -66.99 -24.32 -11.56
CA VAL F 201 -65.81 -23.71 -11.00
C VAL F 201 -66.07 -23.20 -9.58
N GLU F 202 -67.18 -22.50 -9.38
CA GLU F 202 -67.44 -22.00 -8.03
C GLU F 202 -67.57 -23.16 -7.04
N ALA F 203 -68.13 -24.28 -7.50
CA ALA F 203 -68.26 -25.47 -6.63
C ALA F 203 -66.87 -25.98 -6.27
N ALA F 204 -65.96 -25.96 -7.24
CA ALA F 204 -64.58 -26.34 -6.98
C ALA F 204 -63.97 -25.44 -5.87
N TRP F 205 -63.96 -24.14 -6.11
CA TRP F 205 -63.44 -23.18 -5.14
C TRP F 205 -64.16 -23.30 -3.80
N LEU F 206 -65.45 -23.57 -3.83
CA LEU F 206 -66.20 -23.73 -2.56
C LEU F 206 -65.67 -24.89 -1.71
N GLU F 207 -65.48 -26.03 -2.37
CA GLU F 207 -64.93 -27.19 -1.71
C GLU F 207 -63.61 -26.81 -1.04
N VAL F 208 -62.74 -26.13 -1.78
CA VAL F 208 -61.44 -25.66 -1.30
C VAL F 208 -61.52 -24.75 -0.05
N TYR F 209 -62.33 -23.71 -0.12
CA TYR F 209 -62.47 -22.76 1.00
C TYR F 209 -63.23 -23.36 2.18
N ARG F 210 -64.00 -24.42 1.94
CA ARG F 210 -64.71 -25.07 3.04
C ARG F 210 -63.83 -26.14 3.69
N ASN F 211 -62.77 -26.51 3.00
CA ASN F 211 -61.82 -27.54 3.47
C ASN F 211 -60.38 -27.06 3.27
N PRO F 212 -60.04 -25.91 3.83
CA PRO F 212 -58.76 -25.27 3.50
C PRO F 212 -57.51 -26.14 3.71
N SER F 213 -57.50 -26.94 4.77
CA SER F 213 -56.32 -27.78 5.11
C SER F 213 -56.15 -29.02 4.23
N ALA F 214 -57.25 -29.43 3.60
CA ALA F 214 -57.24 -30.51 2.63
C ALA F 214 -56.81 -29.97 1.27
N HIS F 215 -56.92 -28.65 1.10
CA HIS F 215 -56.59 -28.00 -0.16
C HIS F 215 -55.74 -26.75 0.01
N TRP F 216 -54.68 -26.83 0.80
CA TRP F 216 -54.01 -25.60 1.21
C TRP F 216 -53.51 -24.77 0.03
N GLU F 217 -52.86 -25.44 -0.92
CA GLU F 217 -52.28 -24.76 -2.07
C GLU F 217 -53.32 -23.97 -2.88
N LEU F 218 -54.48 -24.59 -3.09
CA LEU F 218 -55.47 -23.98 -3.95
C LEU F 218 -56.11 -22.84 -3.20
N TYR F 219 -56.13 -22.97 -1.88
CA TYR F 219 -56.71 -21.97 -1.00
C TYR F 219 -55.82 -20.72 -1.09
N GLU F 220 -54.53 -20.91 -0.86
CA GLU F 220 -53.61 -19.82 -1.06
C GLU F 220 -53.70 -19.24 -2.49
N LEU F 221 -53.72 -20.11 -3.51
CA LEU F 221 -53.90 -19.63 -4.90
C LEU F 221 -55.12 -18.74 -5.03
N GLY F 222 -56.23 -19.16 -4.43
CA GLY F 222 -57.47 -18.42 -4.59
C GLY F 222 -57.33 -17.03 -3.96
N GLU F 223 -56.78 -16.99 -2.76
CA GLU F 223 -56.54 -15.73 -2.09
C GLU F 223 -55.55 -14.82 -2.83
N LYS F 224 -54.63 -15.42 -3.57
CA LYS F 224 -53.72 -14.63 -4.40
C LYS F 224 -54.41 -14.03 -5.65
N PHE F 225 -55.36 -14.75 -6.25
CA PHE F 225 -56.19 -14.12 -7.31
C PHE F 225 -57.01 -12.99 -6.69
N VAL F 226 -57.64 -13.22 -5.54
CA VAL F 226 -58.41 -12.13 -4.93
C VAL F 226 -57.51 -10.90 -4.62
N ASP F 227 -56.33 -11.11 -4.04
CA ASP F 227 -55.39 -10.01 -3.81
C ASP F 227 -55.06 -9.23 -5.07
N LEU F 228 -54.79 -9.99 -6.14
CA LEU F 228 -54.47 -9.42 -7.41
C LEU F 228 -55.65 -8.59 -7.93
N GLU F 229 -56.85 -9.14 -7.89
CA GLU F 229 -57.99 -8.44 -8.46
C GLU F 229 -58.25 -7.21 -7.60
N ASP F 230 -58.24 -7.39 -6.27
CA ASP F 230 -58.32 -6.26 -5.29
C ASP F 230 -57.32 -5.13 -5.57
N ALA F 231 -56.05 -5.47 -5.74
CA ALA F 231 -55.01 -4.47 -6.02
C ALA F 231 -55.31 -3.74 -7.33
N PHE F 232 -55.78 -4.51 -8.31
CA PHE F 232 -56.06 -3.99 -9.63
C PHE F 232 -57.28 -3.05 -9.58
N ARG F 233 -58.30 -3.42 -8.83
CA ARG F 233 -59.41 -2.50 -8.54
C ARG F 233 -58.93 -1.19 -7.92
N GLN F 234 -58.13 -1.28 -6.85
CA GLN F 234 -57.51 -0.06 -6.25
C GLN F 234 -56.84 0.81 -7.33
N TRP F 235 -56.13 0.18 -8.26
CA TRP F 235 -55.43 0.96 -9.29
C TRP F 235 -56.41 1.68 -10.18
N ARG F 236 -57.35 0.89 -10.65
CA ARG F 236 -58.51 1.29 -11.38
C ARG F 236 -59.17 2.52 -10.73
N PHE F 237 -59.31 2.52 -9.40
CA PHE F 237 -60.04 3.59 -8.69
C PHE F 237 -59.18 4.80 -8.50
N ARG F 238 -57.91 4.58 -8.18
CA ARG F 238 -57.01 5.72 -8.03
C ARG F 238 -56.86 6.42 -9.37
N HIS F 239 -56.81 5.64 -10.44
CA HIS F 239 -56.74 6.18 -11.79
C HIS F 239 -57.89 7.14 -12.05
N VAL F 240 -59.11 6.63 -12.03
CA VAL F 240 -60.26 7.47 -12.36
C VAL F 240 -60.34 8.69 -11.42
N THR F 241 -60.06 8.46 -10.14
CA THR F 241 -60.13 9.54 -9.14
C THR F 241 -59.06 10.58 -9.40
N THR F 242 -57.89 10.13 -9.80
CA THR F 242 -56.83 11.08 -10.11
C THR F 242 -57.14 11.81 -11.42
N VAL F 243 -57.58 11.09 -12.44
CA VAL F 243 -58.03 11.72 -13.68
C VAL F 243 -59.10 12.78 -13.41
N GLU F 244 -60.16 12.38 -12.71
CA GLU F 244 -61.20 13.34 -12.41
C GLU F 244 -60.68 14.57 -11.64
N ARG F 245 -59.67 14.42 -10.77
CA ARG F 245 -59.24 15.59 -10.00
C ARG F 245 -58.32 16.47 -10.83
N VAL F 246 -57.81 15.93 -11.94
CA VAL F 246 -57.04 16.75 -12.86
C VAL F 246 -57.87 17.39 -13.99
N ILE F 247 -58.82 16.65 -14.59
CA ILE F 247 -59.59 17.18 -15.75
C ILE F 247 -61.12 17.15 -15.60
N GLY F 248 -61.62 16.67 -14.47
CA GLY F 248 -63.04 16.75 -14.17
C GLY F 248 -63.88 15.77 -14.97
N PHE F 249 -65.19 15.78 -14.73
CA PHE F 249 -66.13 14.78 -15.26
C PHE F 249 -66.97 15.26 -16.48
N LYS F 250 -67.37 14.32 -17.35
CA LYS F 250 -68.14 14.63 -18.57
C LYS F 250 -69.10 13.49 -19.02
N ARG F 251 -70.27 13.86 -19.56
CA ARG F 251 -71.26 12.89 -20.06
C ARG F 251 -71.77 13.12 -21.48
N GLU F 257 -65.41 6.20 -24.07
CA GLU F 257 -64.19 6.90 -23.64
C GLU F 257 -64.46 8.00 -22.59
N GLY F 258 -63.40 8.52 -21.96
CA GLY F 258 -63.49 9.57 -20.93
C GLY F 258 -63.60 9.08 -19.50
N VAL F 259 -63.83 9.99 -18.54
CA VAL F 259 -64.01 9.60 -17.12
C VAL F 259 -65.16 8.58 -16.96
N SER F 260 -66.19 8.73 -17.80
CA SER F 260 -67.33 7.82 -17.77
C SER F 260 -66.90 6.39 -18.11
N TYR F 261 -66.01 6.27 -19.09
CA TYR F 261 -65.48 4.98 -19.45
C TYR F 261 -64.72 4.40 -18.28
N LEU F 262 -63.84 5.21 -17.69
CA LEU F 262 -63.01 4.75 -16.58
C LEU F 262 -63.83 4.31 -15.36
N ARG F 263 -64.92 5.00 -15.05
CA ARG F 263 -65.77 4.53 -13.95
C ARG F 263 -66.48 3.22 -14.31
N ARG F 264 -66.66 2.96 -15.60
CA ARG F 264 -67.29 1.72 -16.02
C ARG F 264 -66.35 0.54 -15.72
N MET F 265 -65.06 0.82 -15.90
CA MET F 265 -63.98 -0.13 -15.64
C MET F 265 -63.98 -0.64 -14.20
N LEU F 266 -64.53 0.15 -13.29
CA LEU F 266 -64.67 -0.28 -11.90
C LEU F 266 -65.58 -1.50 -11.72
N ASP F 267 -66.47 -1.72 -12.69
CA ASP F 267 -67.53 -2.74 -12.54
C ASP F 267 -67.10 -4.06 -13.14
N VAL F 268 -65.94 -4.04 -13.78
CA VAL F 268 -65.26 -5.24 -14.27
C VAL F 268 -64.89 -6.22 -13.16
N VAL F 269 -65.09 -7.50 -13.43
CA VAL F 269 -64.83 -8.57 -12.45
C VAL F 269 -63.98 -9.60 -13.13
N LEU F 270 -62.84 -9.94 -12.54
CA LEU F 270 -61.87 -10.75 -13.27
C LEU F 270 -62.04 -12.24 -13.04
N PHE F 271 -62.29 -12.63 -11.80
CA PHE F 271 -62.44 -14.03 -11.43
C PHE F 271 -63.73 -14.19 -10.63
N PRO F 272 -64.88 -14.18 -11.33
CA PRO F 272 -66.22 -14.10 -10.73
C PRO F 272 -66.50 -15.12 -9.63
N GLU F 273 -66.05 -16.36 -9.83
CA GLU F 273 -66.41 -17.45 -8.91
C GLU F 273 -65.79 -17.22 -7.53
N LEU F 274 -64.59 -16.66 -7.54
CA LEU F 274 -63.87 -16.41 -6.29
C LEU F 274 -64.56 -15.34 -5.43
N TRP F 275 -65.23 -14.39 -6.06
CA TRP F 275 -65.95 -13.37 -5.31
C TRP F 275 -67.37 -13.86 -4.97
N LYS F 276 -68.00 -14.54 -5.92
CA LYS F 276 -69.34 -15.09 -5.76
C LYS F 276 -69.41 -15.99 -4.52
N LEU F 277 -68.40 -16.86 -4.39
CA LEU F 277 -68.27 -17.85 -3.33
C LEU F 277 -68.44 -17.27 -1.90
N ARG F 278 -68.23 -15.96 -1.75
CA ARG F 278 -68.21 -15.38 -0.41
C ARG F 278 -69.59 -15.45 0.19
N THR F 279 -70.60 -15.23 -0.64
CA THR F 279 -71.98 -15.23 -0.18
C THR F 279 -72.47 -16.65 0.03
N ASP F 280 -71.94 -17.58 -0.77
CA ASP F 280 -72.46 -18.93 -0.82
C ASP F 280 -71.76 -19.85 0.17
N LEU F 281 -70.74 -19.32 0.84
CA LEU F 281 -69.85 -20.15 1.67
C LEU F 281 -70.60 -20.81 2.83
N ASP G 22 -41.27 9.63 38.83
CA ASP G 22 -42.51 10.30 38.34
C ASP G 22 -43.46 9.30 37.68
N MET G 23 -44.49 9.82 37.00
CA MET G 23 -45.59 9.03 36.44
C MET G 23 -45.22 8.09 35.29
N SER G 24 -45.88 6.94 35.26
CA SER G 24 -45.50 5.85 34.37
C SER G 24 -46.16 5.94 33.02
N TYR G 25 -45.53 5.28 32.04
CA TYR G 25 -46.00 5.14 30.66
C TYR G 25 -47.47 4.65 30.53
N GLY G 26 -47.78 3.49 31.11
CA GLY G 26 -49.13 2.97 31.05
C GLY G 26 -50.20 3.90 31.62
N ASP G 27 -49.84 4.59 32.70
CA ASP G 27 -50.77 5.47 33.39
C ASP G 27 -51.11 6.64 32.51
N TYR G 28 -50.05 7.30 32.02
CA TYR G 28 -50.21 8.45 31.15
C TYR G 28 -51.02 8.14 29.90
N LEU G 29 -50.82 6.94 29.32
CA LEU G 29 -51.52 6.57 28.09
C LEU G 29 -52.78 5.78 28.35
N GLY G 30 -53.14 5.60 29.62
CA GLY G 30 -54.35 4.90 29.96
C GLY G 30 -54.44 3.52 29.34
N LEU G 31 -53.31 2.84 29.36
CA LEU G 31 -53.15 1.51 28.75
C LEU G 31 -53.97 0.43 29.44
N ASP G 32 -54.25 0.62 30.73
CA ASP G 32 -55.22 -0.22 31.46
C ASP G 32 -56.61 -0.29 30.81
N GLN G 33 -57.08 0.87 30.31
CA GLN G 33 -58.33 0.95 29.55
C GLN G 33 -58.19 0.41 28.12
N ILE G 34 -57.21 0.92 27.38
CA ILE G 34 -56.96 0.54 25.98
C ILE G 34 -56.80 -0.97 25.81
N LEU G 35 -55.96 -1.55 26.64
CA LEU G 35 -55.50 -2.91 26.46
C LEU G 35 -56.35 -3.93 27.24
N SER G 36 -57.40 -3.44 27.90
CA SER G 36 -58.38 -4.34 28.50
C SER G 36 -59.73 -4.24 27.81
N ALA G 37 -59.77 -3.59 26.65
CA ALA G 37 -61.03 -3.35 25.94
C ALA G 37 -61.32 -4.32 24.79
N GLN G 38 -60.56 -5.40 24.72
CA GLN G 38 -60.79 -6.38 23.68
C GLN G 38 -61.58 -7.56 24.25
N HIS G 39 -62.82 -7.74 23.80
CA HIS G 39 -63.60 -8.87 24.28
C HIS G 39 -64.15 -9.70 23.12
N PRO G 40 -63.32 -10.64 22.64
CA PRO G 40 -63.74 -11.53 21.58
C PRO G 40 -64.95 -12.33 22.06
N LEU G 41 -65.97 -12.46 21.22
CA LEU G 41 -67.14 -13.27 21.56
C LEU G 41 -66.95 -14.74 21.14
N SER G 42 -66.34 -14.96 19.98
CA SER G 42 -66.17 -16.32 19.48
C SER G 42 -64.91 -16.91 20.07
N PRO G 43 -64.65 -18.17 19.74
CA PRO G 43 -63.38 -18.75 20.11
C PRO G 43 -62.33 -18.62 18.98
N ASP G 44 -62.67 -17.90 17.90
CA ASP G 44 -61.81 -17.88 16.69
C ASP G 44 -60.61 -16.93 16.78
N HIS G 45 -59.46 -17.46 16.36
CA HIS G 45 -58.21 -16.73 16.33
C HIS G 45 -58.31 -15.32 15.73
N ASN G 46 -59.14 -15.19 14.69
CA ASN G 46 -59.11 -14.02 13.83
C ASN G 46 -59.98 -12.86 14.28
N GLU G 47 -60.68 -13.05 15.40
CA GLU G 47 -61.59 -12.06 15.93
C GLU G 47 -60.81 -10.90 16.55
N MET G 48 -59.68 -11.21 17.15
CA MET G 48 -58.83 -10.13 17.66
C MET G 48 -58.55 -9.13 16.52
N LEU G 49 -58.19 -9.64 15.34
CA LEU G 49 -57.94 -8.76 14.21
C LEU G 49 -59.16 -7.90 13.92
N PHE G 50 -60.35 -8.52 13.90
CA PHE G 50 -61.57 -7.79 13.59
C PHE G 50 -61.78 -6.64 14.58
N ILE G 51 -61.37 -6.88 15.82
CA ILE G 51 -61.63 -5.89 16.89
C ILE G 51 -60.64 -4.76 16.77
N VAL G 52 -59.37 -5.15 16.73
CA VAL G 52 -58.25 -4.21 16.71
C VAL G 52 -58.29 -3.28 15.50
N GLN G 53 -58.60 -3.81 14.32
CA GLN G 53 -58.80 -2.98 13.14
C GLN G 53 -59.80 -1.84 13.36
N HIS G 54 -60.90 -2.13 14.05
CA HIS G 54 -61.91 -1.12 14.29
C HIS G 54 -61.39 -0.13 15.29
N GLN G 55 -60.76 -0.67 16.34
CA GLN G 55 -60.37 0.18 17.46
C GLN G 55 -59.25 1.18 17.10
N THR G 56 -58.27 0.73 16.35
CA THR G 56 -57.23 1.62 15.87
C THR G 56 -57.85 2.74 15.00
N THR G 57 -58.74 2.37 14.11
CA THR G 57 -59.40 3.34 13.28
C THR G 57 -60.18 4.39 14.05
N GLU G 58 -60.93 3.97 15.07
CA GLU G 58 -61.67 4.90 15.90
C GLU G 58 -60.70 5.86 16.60
N LEU G 59 -59.61 5.33 17.13
CA LEU G 59 -58.62 6.18 17.78
C LEU G 59 -58.13 7.24 16.79
N TRP G 60 -57.69 6.81 15.60
CA TRP G 60 -57.23 7.75 14.61
C TRP G 60 -58.31 8.77 14.25
N MET G 61 -59.56 8.34 14.24
CA MET G 61 -60.65 9.26 13.97
C MET G 61 -60.88 10.25 15.08
N LYS G 62 -60.61 9.86 16.31
CA LYS G 62 -60.60 10.80 17.43
C LYS G 62 -59.59 11.92 17.15
N LEU G 63 -58.42 11.54 16.70
CA LEU G 63 -57.40 12.51 16.44
C LEU G 63 -57.80 13.33 15.24
N MET G 64 -58.44 12.66 14.28
CA MET G 64 -58.81 13.36 13.06
C MET G 64 -59.80 14.49 13.32
N LEU G 65 -60.83 14.21 14.12
CA LEU G 65 -61.76 15.25 14.61
C LEU G 65 -61.06 16.38 15.39
N HIS G 66 -60.19 16.01 16.32
CA HIS G 66 -59.45 17.01 17.08
C HIS G 66 -58.75 17.95 16.11
N GLU G 67 -58.13 17.39 15.05
CA GLU G 67 -57.42 18.23 14.09
C GLU G 67 -58.38 19.00 13.18
N LEU G 68 -59.45 18.34 12.72
CA LEU G 68 -60.35 19.04 11.81
C LEU G 68 -61.06 20.24 12.46
N ARG G 69 -61.59 20.03 13.65
CA ARG G 69 -62.21 21.13 14.37
C ARG G 69 -61.23 22.28 14.56
N ALA G 70 -59.96 21.98 14.86
CA ALA G 70 -59.05 23.09 15.07
C ALA G 70 -58.80 23.77 13.73
N ALA G 71 -58.74 22.97 12.65
CA ALA G 71 -58.45 23.53 11.32
C ALA G 71 -59.58 24.48 10.93
N ARG G 72 -60.80 24.09 11.25
CA ARG G 72 -61.97 24.89 10.93
C ARG G 72 -61.92 26.23 11.68
N ASP G 73 -61.54 26.18 12.96
CA ASP G 73 -61.41 27.42 13.73
C ASP G 73 -60.34 28.34 13.14
N GLY G 74 -59.37 27.75 12.45
CA GLY G 74 -58.33 28.54 11.77
C GLY G 74 -58.92 29.21 10.55
N VAL G 75 -59.74 28.47 9.81
CA VAL G 75 -60.40 29.04 8.67
C VAL G 75 -61.26 30.22 9.13
N LYS G 76 -62.13 29.99 10.11
CA LYS G 76 -63.06 31.05 10.52
C LYS G 76 -62.40 32.26 11.20
N SER G 77 -61.17 32.11 11.69
CA SER G 77 -60.43 33.25 12.23
C SER G 77 -59.39 33.78 11.22
N ASP G 78 -59.56 33.36 9.97
CA ASP G 78 -58.59 33.65 8.90
C ASP G 78 -57.11 33.46 9.30
N GLN G 79 -56.83 32.44 10.10
CA GLN G 79 -55.44 32.02 10.26
C GLN G 79 -55.23 30.72 9.48
N LEU G 80 -54.91 30.86 8.21
CA LEU G 80 -54.86 29.73 7.29
C LEU G 80 -53.59 28.91 7.43
N GLN G 81 -52.48 29.56 7.80
CA GLN G 81 -51.18 28.91 7.82
C GLN G 81 -51.10 27.71 8.78
N PRO G 82 -51.48 27.93 10.06
CA PRO G 82 -51.62 26.84 11.04
C PRO G 82 -52.62 25.78 10.59
N ALA G 83 -53.65 26.22 9.87
CA ALA G 83 -54.73 25.34 9.39
C ALA G 83 -54.22 24.33 8.38
N PHE G 84 -53.35 24.81 7.50
CA PHE G 84 -52.78 23.98 6.45
C PHE G 84 -51.92 22.89 7.11
N LYS G 85 -51.18 23.25 8.16
CA LYS G 85 -50.36 22.30 8.88
C LYS G 85 -51.22 21.18 9.52
N MET G 86 -52.33 21.57 10.13
CA MET G 86 -53.26 20.59 10.69
C MET G 86 -53.93 19.75 9.63
N LEU G 87 -54.21 20.35 8.48
CA LEU G 87 -54.77 19.59 7.35
C LEU G 87 -53.75 18.57 6.81
N ALA G 88 -52.47 18.89 6.84
CA ALA G 88 -51.44 17.96 6.38
C ALA G 88 -51.39 16.74 7.33
N ARG G 89 -51.54 17.01 8.63
CA ARG G 89 -51.61 15.95 9.62
C ARG G 89 -52.77 15.04 9.32
N VAL G 90 -53.92 15.65 9.05
CA VAL G 90 -55.10 14.86 8.74
C VAL G 90 -54.88 13.96 7.49
N SER G 91 -54.19 14.47 6.49
CA SER G 91 -53.80 13.64 5.35
C SER G 91 -52.97 12.44 5.77
N ARG G 92 -51.90 12.66 6.52
CA ARG G 92 -51.06 11.57 6.96
C ARG G 92 -51.89 10.55 7.72
N ILE G 93 -52.83 11.00 8.54
CA ILE G 93 -53.69 10.07 9.30
C ILE G 93 -54.58 9.32 8.36
N MET G 94 -55.16 10.03 7.39
CA MET G 94 -55.93 9.35 6.37
C MET G 94 -55.12 8.28 5.61
N ASP G 95 -53.81 8.54 5.39
CA ASP G 95 -52.96 7.54 4.74
C ASP G 95 -52.87 6.24 5.57
N GLN G 96 -52.76 6.37 6.88
CA GLN G 96 -52.85 5.24 7.80
C GLN G 96 -54.16 4.50 7.58
N LEU G 97 -55.24 5.25 7.64
CA LEU G 97 -56.57 4.65 7.59
C LEU G 97 -56.85 3.94 6.26
N VAL G 98 -56.39 4.53 5.17
CA VAL G 98 -56.51 3.85 3.88
C VAL G 98 -55.67 2.57 3.78
N GLN G 99 -54.43 2.62 4.23
CA GLN G 99 -53.59 1.42 4.03
C GLN G 99 -53.94 0.32 5.02
N ALA G 100 -54.54 0.71 6.13
CA ALA G 100 -54.96 -0.22 7.18
C ALA G 100 -55.73 -1.39 6.62
N TRP G 101 -56.43 -1.16 5.51
CA TRP G 101 -57.28 -2.18 4.93
C TRP G 101 -56.49 -3.40 4.51
N ASN G 102 -55.18 -3.22 4.26
CA ASN G 102 -54.29 -4.34 3.92
C ASN G 102 -54.26 -5.37 5.01
N VAL G 103 -54.51 -4.94 6.24
CA VAL G 103 -54.36 -5.85 7.36
C VAL G 103 -55.61 -6.72 7.39
N LEU G 104 -56.76 -6.08 7.19
CA LEU G 104 -58.03 -6.78 7.31
C LEU G 104 -58.26 -7.65 6.09
N ALA G 105 -57.66 -7.27 4.97
CA ALA G 105 -57.69 -8.08 3.75
C ALA G 105 -57.10 -9.50 3.93
N THR G 106 -56.40 -9.72 5.02
CA THR G 106 -55.75 -11.00 5.25
C THR G 106 -56.73 -11.92 5.96
N MET G 107 -57.90 -11.39 6.33
CA MET G 107 -58.97 -12.25 6.82
C MET G 107 -59.76 -12.84 5.65
N THR G 108 -59.91 -14.16 5.69
CA THR G 108 -60.57 -14.88 4.63
C THR G 108 -62.04 -15.16 4.98
N PRO G 109 -62.86 -15.45 3.96
CA PRO G 109 -64.27 -15.74 4.19
C PRO G 109 -64.48 -16.80 5.28
N PRO G 110 -63.80 -17.98 5.18
CA PRO G 110 -63.99 -18.99 6.22
C PRO G 110 -63.77 -18.44 7.62
N GLU G 111 -62.66 -17.72 7.80
CA GLU G 111 -62.32 -17.13 9.10
C GLU G 111 -63.44 -16.19 9.54
N TYR G 112 -63.95 -15.37 8.64
CA TYR G 112 -65.03 -14.47 9.05
C TYR G 112 -66.29 -15.24 9.39
N SER G 113 -66.61 -16.26 8.58
CA SER G 113 -67.82 -17.05 8.76
C SER G 113 -67.81 -17.74 10.13
N ALA G 114 -66.63 -18.19 10.54
CA ALA G 114 -66.48 -18.84 11.84
C ALA G 114 -66.87 -17.94 13.02
N MET G 115 -66.76 -16.63 12.84
CA MET G 115 -67.00 -15.74 13.96
C MET G 115 -68.25 -14.89 13.85
N ARG G 116 -68.86 -14.85 12.65
CA ARG G 116 -70.08 -14.04 12.44
C ARG G 116 -71.30 -14.47 13.29
N PRO G 117 -71.57 -15.80 13.42
CA PRO G 117 -72.66 -16.22 14.30
C PRO G 117 -72.69 -15.46 15.63
N TYR G 118 -71.53 -15.00 16.08
CA TYR G 118 -71.38 -14.43 17.42
C TYR G 118 -71.45 -12.91 17.47
N LEU G 119 -71.59 -12.25 16.32
CA LEU G 119 -71.49 -10.79 16.27
C LEU G 119 -72.85 -10.12 16.46
N GLY G 120 -73.88 -10.75 15.87
CA GLY G 120 -75.26 -10.33 16.09
C GLY G 120 -75.50 -8.88 15.72
N ALA G 121 -75.87 -8.09 16.72
CA ALA G 121 -76.39 -6.73 16.51
C ALA G 121 -75.36 -5.58 16.51
N SER G 122 -74.49 -5.55 15.50
CA SER G 122 -73.58 -4.42 15.30
C SER G 122 -73.56 -3.94 13.83
N SER G 123 -72.94 -2.79 13.57
CA SER G 123 -73.10 -2.06 12.31
C SER G 123 -72.27 -0.78 12.32
N GLY G 124 -71.58 -0.51 11.22
CA GLY G 124 -70.74 0.71 11.11
C GLY G 124 -71.51 2.04 11.18
N PHE G 125 -72.82 1.97 10.95
CA PHE G 125 -73.74 3.09 11.12
C PHE G 125 -73.70 3.66 12.55
N GLN G 126 -73.28 2.82 13.49
CA GLN G 126 -73.21 3.20 14.89
C GLN G 126 -71.92 3.95 15.28
N SER G 127 -71.07 4.25 14.29
CA SER G 127 -69.86 5.04 14.52
C SER G 127 -70.20 6.52 14.58
N TYR G 128 -70.23 7.05 15.80
CA TYR G 128 -70.56 8.45 15.95
C TYR G 128 -69.40 9.33 15.55
N GLN G 129 -68.19 8.94 15.91
CA GLN G 129 -67.04 9.66 15.39
C GLN G 129 -67.06 9.73 13.87
N TYR G 130 -67.35 8.62 13.20
CA TYR G 130 -67.33 8.67 11.74
C TYR G 130 -68.39 9.63 11.26
N ARG G 131 -69.54 9.60 11.92
CA ARG G 131 -70.65 10.46 11.54
C ARG G 131 -70.29 11.93 11.66
N GLU G 132 -69.62 12.29 12.76
CA GLU G 132 -69.19 13.67 12.92
C GLU G 132 -68.25 14.05 11.80
N ILE G 133 -67.37 13.13 11.42
CA ILE G 133 -66.41 13.46 10.38
C ILE G 133 -67.17 13.80 9.12
N GLU G 134 -68.11 12.93 8.73
CA GLU G 134 -68.89 13.19 7.53
C GLU G 134 -69.58 14.55 7.63
N PHE G 135 -70.19 14.81 8.79
CA PHE G 135 -70.84 16.08 9.02
C PHE G 135 -69.87 17.25 8.89
N ILE G 136 -68.74 17.21 9.59
CA ILE G 136 -67.78 18.32 9.54
C ILE G 136 -67.25 18.53 8.11
N LEU G 137 -67.34 17.49 7.29
CA LEU G 137 -66.97 17.60 5.89
C LEU G 137 -68.17 17.96 5.00
N GLY G 138 -69.32 18.24 5.62
CA GLY G 138 -70.47 18.79 4.90
C GLY G 138 -71.47 17.75 4.42
N ASN G 139 -71.18 16.48 4.74
CA ASN G 139 -72.05 15.39 4.33
C ASN G 139 -73.14 15.13 5.34
N LYS G 140 -73.94 16.18 5.50
CA LYS G 140 -74.88 16.33 6.57
C LYS G 140 -76.16 15.60 6.23
N ASN G 141 -76.71 14.88 7.20
CA ASN G 141 -77.86 14.01 6.98
C ASN G 141 -78.54 13.72 8.31
N ALA G 142 -79.70 14.33 8.54
CA ALA G 142 -80.41 14.18 9.82
C ALA G 142 -80.88 12.75 10.11
N ALA G 143 -81.18 11.99 9.06
CA ALA G 143 -81.55 10.58 9.23
C ALA G 143 -80.47 9.79 9.99
N MET G 144 -79.22 10.28 9.96
CA MET G 144 -78.08 9.57 10.51
C MET G 144 -77.97 9.72 12.01
N LEU G 145 -78.85 10.56 12.60
CA LEU G 145 -78.94 10.70 14.04
C LEU G 145 -79.58 9.47 14.67
N ARG G 146 -80.38 8.78 13.88
CA ARG G 146 -81.22 7.68 14.35
C ARG G 146 -80.44 6.56 15.06
N PRO G 147 -79.34 6.07 14.44
CA PRO G 147 -78.55 5.01 15.12
C PRO G 147 -77.99 5.35 16.53
N HIS G 148 -78.01 6.63 16.89
CA HIS G 148 -77.39 7.11 18.14
C HIS G 148 -78.41 7.56 19.22
N ALA G 149 -79.68 7.22 18.99
CA ALA G 149 -80.79 7.53 19.90
C ALA G 149 -80.57 7.01 21.31
N HIS G 150 -80.23 5.72 21.39
CA HIS G 150 -80.02 5.00 22.66
C HIS G 150 -78.85 5.51 23.52
N ARG G 151 -78.03 6.39 22.96
CA ARG G 151 -76.88 6.96 23.69
C ARG G 151 -76.86 8.48 23.61
N PRO G 152 -77.69 9.14 24.43
CA PRO G 152 -77.79 10.59 24.51
C PRO G 152 -76.47 11.36 24.48
N GLU G 153 -75.38 10.75 24.97
CA GLU G 153 -74.06 11.37 24.95
C GLU G 153 -73.61 11.53 23.50
N HIS G 154 -73.80 10.46 22.74
CA HIS G 154 -73.42 10.43 21.33
C HIS G 154 -74.36 11.28 20.46
N LEU G 155 -75.66 11.10 20.63
CA LEU G 155 -76.61 11.89 19.84
C LEU G 155 -76.37 13.39 20.06
N GLU G 156 -76.04 13.76 21.30
CA GLU G 156 -75.57 15.10 21.66
C GLU G 156 -74.54 15.58 20.63
N LEU G 157 -73.41 14.86 20.57
CA LEU G 157 -72.28 15.20 19.66
C LEU G 157 -72.67 15.26 18.19
N VAL G 158 -73.36 14.22 17.72
CA VAL G 158 -73.78 14.13 16.31
C VAL G 158 -74.79 15.24 15.93
N GLU G 159 -75.68 15.57 16.86
CA GLU G 159 -76.68 16.58 16.56
C GLU G 159 -76.04 17.96 16.55
N THR G 160 -75.19 18.23 17.53
CA THR G 160 -74.40 19.45 17.52
C THR G 160 -73.66 19.61 16.17
N ALA G 161 -72.90 18.59 15.78
CA ALA G 161 -72.09 18.69 14.56
C ALA G 161 -72.98 18.82 13.34
N LEU G 162 -74.18 18.27 13.42
CA LEU G 162 -75.17 18.45 12.34
C LEU G 162 -75.56 19.93 12.15
N HIS G 163 -75.67 20.66 13.28
CA HIS G 163 -76.13 22.05 13.28
C HIS G 163 -75.01 23.07 13.07
N THR G 164 -73.76 22.60 13.14
CA THR G 164 -72.61 23.47 13.01
C THR G 164 -72.20 23.54 11.53
N PRO G 165 -71.83 24.75 11.06
CA PRO G 165 -71.41 24.85 9.66
C PRO G 165 -70.17 24.00 9.43
N SER G 166 -70.09 23.38 8.26
CA SER G 166 -69.00 22.46 7.97
C SER G 166 -67.74 23.23 7.69
N MET G 167 -66.66 22.49 7.58
CA MET G 167 -65.39 23.10 7.30
C MET G 167 -65.49 23.77 5.93
N TYR G 168 -66.29 23.19 5.03
CA TYR G 168 -66.46 23.75 3.69
C TYR G 168 -67.30 25.02 3.76
N ASP G 169 -68.36 24.98 4.55
CA ASP G 169 -69.18 26.15 4.78
C ASP G 169 -68.31 27.31 5.20
N GLU G 170 -67.42 27.07 6.13
CA GLU G 170 -66.55 28.13 6.64
C GLU G 170 -65.53 28.62 5.58
N ALA G 171 -65.25 27.77 4.61
CA ALA G 171 -64.36 28.14 3.52
C ALA G 171 -65.10 29.10 2.57
N ILE G 172 -66.37 28.80 2.36
CA ILE G 172 -67.22 29.58 1.52
C ILE G 172 -67.30 30.96 2.17
N ARG G 173 -67.70 30.98 3.43
CA ARG G 173 -67.75 32.21 4.22
C ARG G 173 -66.44 32.98 4.19
N LEU G 174 -65.32 32.28 4.24
CA LEU G 174 -64.04 32.95 4.19
C LEU G 174 -63.83 33.66 2.84
N MET G 175 -64.27 33.02 1.74
CA MET G 175 -64.12 33.63 0.42
C MET G 175 -64.98 34.90 0.33
N ALA G 176 -66.17 34.87 0.93
CA ALA G 176 -67.04 36.04 1.10
C ALA G 176 -66.29 37.19 1.77
N ARG G 177 -65.75 36.90 2.97
CA ARG G 177 -64.97 37.85 3.73
C ARG G 177 -63.72 38.29 2.98
N ARG G 178 -63.43 37.68 1.84
CA ARG G 178 -62.24 38.12 1.16
C ARG G 178 -62.62 38.92 -0.08
N GLY G 179 -63.91 39.08 -0.28
CA GLY G 179 -64.42 39.97 -1.32
C GLY G 179 -64.94 39.24 -2.54
N PHE G 180 -65.25 37.96 -2.39
CA PHE G 180 -65.79 37.22 -3.51
C PHE G 180 -67.30 37.35 -3.47
N GLN G 181 -67.90 37.42 -4.66
CA GLN G 181 -69.35 37.56 -4.77
C GLN G 181 -69.98 36.21 -4.49
N ILE G 182 -70.40 35.97 -3.26
CA ILE G 182 -71.00 34.67 -2.92
C ILE G 182 -72.45 34.86 -2.52
N ASP G 183 -73.35 34.16 -3.20
CA ASP G 183 -74.74 34.14 -2.79
C ASP G 183 -74.94 34.13 -1.26
N PRO G 184 -75.69 35.09 -0.72
CA PRO G 184 -76.05 35.09 0.71
C PRO G 184 -76.71 33.80 1.24
N GLU G 185 -77.42 33.05 0.40
CA GLU G 185 -78.12 31.83 0.86
C GLU G 185 -77.15 30.68 1.16
N VAL G 186 -75.89 30.86 0.75
CA VAL G 186 -74.84 29.88 0.94
C VAL G 186 -73.81 30.33 2.01
N VAL G 187 -73.83 31.63 2.32
CA VAL G 187 -73.10 32.19 3.45
C VAL G 187 -73.85 31.97 4.77
N GLU G 188 -75.16 31.77 4.66
CA GLU G 188 -75.98 31.43 5.82
C GLU G 188 -77.10 30.55 5.35
N ARG G 189 -77.32 29.42 6.02
CA ARG G 189 -78.50 28.59 5.70
C ARG G 189 -78.84 27.59 6.79
N ASP G 190 -79.71 26.65 6.42
CA ASP G 190 -79.98 25.51 7.27
C ASP G 190 -78.85 24.53 7.04
N TRP G 191 -78.01 24.36 8.07
CA TRP G 191 -76.83 23.50 7.97
C TRP G 191 -77.16 22.03 8.19
N THR G 192 -78.39 21.72 8.55
CA THR G 192 -78.78 20.30 8.66
C THR G 192 -78.86 19.70 7.24
N GLN G 193 -78.55 20.56 6.27
CA GLN G 193 -78.75 20.25 4.86
C GLN G 193 -77.47 19.93 4.08
N PRO G 194 -77.50 18.84 3.30
CA PRO G 194 -76.34 18.38 2.51
C PRO G 194 -75.76 19.49 1.65
N THR G 195 -74.46 19.51 1.51
CA THR G 195 -73.83 20.38 0.53
C THR G 195 -74.63 20.34 -0.78
N GLN G 196 -74.79 21.51 -1.42
CA GLN G 196 -75.31 21.57 -2.79
C GLN G 196 -74.56 22.54 -3.69
N TYR G 197 -74.35 22.13 -4.94
CA TYR G 197 -73.61 22.97 -5.87
C TYR G 197 -74.14 24.43 -5.94
N ASN G 198 -73.33 25.41 -5.52
CA ASN G 198 -73.68 26.83 -5.71
C ASN G 198 -72.79 27.54 -6.76
N ALA G 199 -73.41 27.96 -7.87
CA ALA G 199 -72.70 28.48 -9.05
C ALA G 199 -71.79 29.69 -8.77
N SER G 200 -72.17 30.48 -7.76
CA SER G 200 -71.35 31.64 -7.37
C SER G 200 -70.11 31.19 -6.59
N VAL G 201 -70.26 30.13 -5.79
CA VAL G 201 -69.09 29.45 -5.18
C VAL G 201 -68.10 28.97 -6.27
N GLU G 202 -68.61 28.28 -7.30
CA GLU G 202 -67.69 27.82 -8.33
C GLU G 202 -66.95 29.00 -8.96
N ALA G 203 -67.69 30.09 -9.19
CA ALA G 203 -67.16 31.30 -9.84
C ALA G 203 -66.01 31.82 -9.03
N ALA G 204 -66.23 31.92 -7.73
CA ALA G 204 -65.13 32.24 -6.82
C ALA G 204 -63.92 31.29 -6.99
N TRP G 205 -64.12 29.97 -6.80
CA TRP G 205 -63.01 29.01 -6.94
C TRP G 205 -62.29 29.16 -8.25
N LEU G 206 -63.05 29.30 -9.33
CA LEU G 206 -62.46 29.42 -10.68
C LEU G 206 -61.53 30.63 -10.77
N GLU G 207 -61.95 31.73 -10.18
CA GLU G 207 -61.19 32.97 -10.15
C GLU G 207 -59.84 32.63 -9.51
N VAL G 208 -59.90 31.93 -8.38
CA VAL G 208 -58.70 31.49 -7.65
C VAL G 208 -57.77 30.57 -8.44
N TYR G 209 -58.33 29.58 -9.11
CA TYR G 209 -57.49 28.66 -9.87
C TYR G 209 -56.95 29.23 -11.19
N ARG G 210 -57.62 30.27 -11.72
CA ARG G 210 -57.12 30.94 -12.94
C ARG G 210 -56.07 31.97 -12.58
N ASN G 211 -56.05 32.36 -11.30
CA ASN G 211 -55.09 33.35 -10.81
C ASN G 211 -54.41 32.92 -9.51
N PRO G 212 -53.81 31.70 -9.49
CA PRO G 212 -53.14 31.16 -8.29
C PRO G 212 -52.25 32.17 -7.55
N SER G 213 -51.38 32.86 -8.30
CA SER G 213 -50.44 33.84 -7.74
C SER G 213 -51.13 34.94 -6.96
N ALA G 214 -52.33 35.34 -7.40
CA ALA G 214 -53.07 36.41 -6.72
C ALA G 214 -53.92 35.93 -5.52
N HIS G 215 -54.15 34.62 -5.43
CA HIS G 215 -54.81 34.04 -4.24
C HIS G 215 -54.19 32.70 -3.85
N TRP G 216 -52.92 32.76 -3.45
CA TRP G 216 -52.18 31.54 -3.17
C TRP G 216 -52.82 30.70 -2.05
N GLU G 217 -53.16 31.34 -0.94
CA GLU G 217 -53.72 30.61 0.19
C GLU G 217 -54.98 29.87 -0.22
N LEU G 218 -55.84 30.55 -0.98
CA LEU G 218 -57.10 29.94 -1.39
C LEU G 218 -56.88 28.79 -2.36
N TYR G 219 -55.87 28.93 -3.20
CA TYR G 219 -55.48 27.90 -4.13
C TYR G 219 -55.03 26.65 -3.37
N GLU G 220 -54.09 26.83 -2.44
CA GLU G 220 -53.66 25.76 -1.54
C GLU G 220 -54.85 25.24 -0.72
N LEU G 221 -55.72 26.11 -0.24
CA LEU G 221 -56.81 25.62 0.57
C LEU G 221 -57.73 24.72 -0.26
N GLY G 222 -57.98 25.08 -1.51
CA GLY G 222 -58.87 24.29 -2.36
C GLY G 222 -58.29 22.91 -2.64
N GLU G 223 -56.98 22.87 -2.91
CA GLU G 223 -56.34 21.61 -3.14
C GLU G 223 -56.37 20.73 -1.88
N LYS G 224 -56.29 21.35 -0.71
CA LYS G 224 -56.36 20.60 0.54
C LYS G 224 -57.72 19.92 0.72
N PHE G 225 -58.77 20.63 0.34
CA PHE G 225 -60.11 20.06 0.28
C PHE G 225 -60.21 18.87 -0.69
N VAL G 226 -59.67 19.03 -1.89
CA VAL G 226 -59.71 17.98 -2.90
C VAL G 226 -58.93 16.72 -2.47
N ASP G 227 -57.71 16.92 -1.96
CA ASP G 227 -56.91 15.88 -1.32
C ASP G 227 -57.70 15.11 -0.29
N LEU G 228 -58.30 15.87 0.60
CA LEU G 228 -59.05 15.31 1.68
C LEU G 228 -60.19 14.45 1.12
N GLU G 229 -60.96 15.00 0.19
CA GLU G 229 -62.04 14.23 -0.40
C GLU G 229 -61.51 13.03 -1.17
N ASP G 230 -60.43 13.23 -1.93
CA ASP G 230 -59.72 12.16 -2.63
C ASP G 230 -59.40 11.01 -1.67
N ALA G 231 -58.71 11.32 -0.58
CA ALA G 231 -58.34 10.34 0.43
C ALA G 231 -59.55 9.63 1.03
N PHE G 232 -60.60 10.36 1.39
CA PHE G 232 -61.82 9.74 1.93
C PHE G 232 -62.47 8.78 0.91
N ARG G 233 -62.50 9.16 -0.36
CA ARG G 233 -62.99 8.27 -1.41
C ARG G 233 -62.20 6.96 -1.45
N GLN G 234 -60.89 7.07 -1.30
CA GLN G 234 -60.01 5.93 -1.24
C GLN G 234 -60.41 5.03 -0.09
N TRP G 235 -60.76 5.64 1.04
CA TRP G 235 -61.11 4.88 2.24
C TRP G 235 -62.42 4.16 1.98
N ARG G 236 -63.36 4.92 1.42
CA ARG G 236 -64.67 4.36 1.01
C ARG G 236 -64.49 3.19 0.05
N PHE G 237 -63.63 3.33 -0.95
CA PHE G 237 -63.47 2.26 -1.90
C PHE G 237 -62.83 1.01 -1.26
N ARG G 238 -61.79 1.25 -0.44
CA ARG G 238 -61.05 0.17 0.21
C ARG G 238 -61.95 -0.59 1.17
N HIS G 239 -62.86 0.15 1.81
CA HIS G 239 -63.85 -0.42 2.73
C HIS G 239 -64.82 -1.32 1.99
N VAL G 240 -65.50 -0.80 0.96
CA VAL G 240 -66.46 -1.66 0.23
C VAL G 240 -65.77 -2.87 -0.42
N THR G 241 -64.63 -2.63 -1.08
CA THR G 241 -63.91 -3.74 -1.70
C THR G 241 -63.49 -4.82 -0.66
N THR G 242 -62.98 -4.38 0.49
CA THR G 242 -62.53 -5.32 1.50
C THR G 242 -63.75 -6.06 2.05
N VAL G 243 -64.82 -5.33 2.31
CA VAL G 243 -66.04 -5.93 2.82
C VAL G 243 -66.60 -6.97 1.85
N GLU G 244 -66.60 -6.64 0.57
CA GLU G 244 -66.98 -7.62 -0.46
C GLU G 244 -66.16 -8.89 -0.46
N ARG G 245 -64.85 -8.76 -0.26
CA ARG G 245 -63.98 -9.92 -0.38
C ARG G 245 -64.06 -10.76 0.88
N VAL G 246 -64.70 -10.22 1.92
CA VAL G 246 -64.95 -11.02 3.11
C VAL G 246 -66.40 -11.59 3.16
N ILE G 247 -67.41 -10.79 2.76
CA ILE G 247 -68.80 -11.28 2.82
C ILE G 247 -69.62 -11.39 1.52
N GLY G 248 -69.09 -10.85 0.42
CA GLY G 248 -69.73 -10.98 -0.89
C GLY G 248 -70.66 -9.84 -1.25
N PHE G 249 -71.08 -9.82 -2.52
CA PHE G 249 -72.04 -8.85 -3.04
C PHE G 249 -73.38 -9.58 -3.25
N LYS G 250 -74.32 -9.32 -2.35
CA LYS G 250 -75.72 -9.72 -2.55
C LYS G 250 -76.37 -8.74 -3.53
N ARG G 251 -76.76 -9.22 -4.71
CA ARG G 251 -77.32 -8.32 -5.73
C ARG G 251 -78.84 -8.41 -5.81
N THR G 253 -80.36 -6.40 -2.33
CA THR G 253 -81.37 -5.35 -2.21
C THR G 253 -80.93 -4.02 -2.82
N GLY G 254 -81.92 -3.21 -3.20
CA GLY G 254 -81.71 -1.90 -3.86
C GLY G 254 -80.60 -1.01 -3.33
N GLY G 255 -80.25 -1.16 -2.06
CA GLY G 255 -79.06 -0.51 -1.52
C GLY G 255 -79.22 0.25 -0.23
N THR G 256 -79.81 -0.40 0.78
CA THR G 256 -79.91 0.20 2.12
C THR G 256 -79.03 -0.51 3.15
N GLU G 257 -78.54 -1.70 2.79
CA GLU G 257 -77.67 -2.51 3.64
C GLU G 257 -76.49 -3.02 2.82
N GLY G 258 -75.61 -3.78 3.46
CA GLY G 258 -74.60 -4.56 2.74
C GLY G 258 -73.76 -3.76 1.76
N VAL G 259 -73.12 -4.47 0.83
CA VAL G 259 -72.25 -3.85 -0.16
C VAL G 259 -72.93 -2.84 -1.10
N SER G 260 -74.24 -2.98 -1.31
CA SER G 260 -74.93 -2.08 -2.22
C SER G 260 -74.99 -0.68 -1.63
N TYR G 261 -75.40 -0.58 -0.37
CA TYR G 261 -75.34 0.70 0.33
C TYR G 261 -73.93 1.29 0.24
N LEU G 262 -72.93 0.48 0.54
CA LEU G 262 -71.55 0.94 0.56
C LEU G 262 -71.03 1.39 -0.81
N ARG G 263 -71.47 0.72 -1.86
CA ARG G 263 -71.13 1.07 -3.22
C ARG G 263 -71.77 2.42 -3.63
N ARG G 264 -72.97 2.68 -3.12
CA ARG G 264 -73.65 3.96 -3.27
C ARG G 264 -72.75 5.07 -2.75
N MET G 265 -72.16 4.82 -1.58
CA MET G 265 -71.36 5.81 -0.85
C MET G 265 -70.23 6.33 -1.70
N LEU G 266 -69.89 5.57 -2.72
CA LEU G 266 -68.89 6.00 -3.67
C LEU G 266 -69.31 7.21 -4.52
N ASP G 267 -70.61 7.40 -4.72
CA ASP G 267 -71.08 8.53 -5.50
C ASP G 267 -71.23 9.82 -4.67
N VAL G 268 -70.89 9.77 -3.38
CA VAL G 268 -70.99 10.95 -2.52
C VAL G 268 -69.99 11.99 -3.01
N VAL G 269 -70.42 13.24 -3.05
CA VAL G 269 -69.54 14.34 -3.42
C VAL G 269 -69.56 15.37 -2.30
N LEU G 270 -68.37 15.78 -1.85
CA LEU G 270 -68.25 16.67 -0.71
C LEU G 270 -68.10 18.15 -1.09
N PHE G 271 -67.23 18.43 -2.05
CA PHE G 271 -66.91 19.82 -2.41
C PHE G 271 -67.12 20.03 -3.90
N PRO G 272 -68.42 19.99 -4.31
CA PRO G 272 -68.87 19.89 -5.71
C PRO G 272 -68.17 20.91 -6.59
N GLU G 273 -68.11 22.15 -6.12
CA GLU G 273 -67.62 23.23 -6.96
C GLU G 273 -66.14 23.08 -7.25
N LEU G 274 -65.42 22.42 -6.33
CA LEU G 274 -64.00 22.13 -6.55
C LEU G 274 -63.78 21.04 -7.61
N TRP G 275 -64.70 20.08 -7.66
CA TRP G 275 -64.60 18.99 -8.65
C TRP G 275 -65.07 19.46 -10.02
N LYS G 276 -66.24 20.09 -10.05
CA LYS G 276 -66.84 20.66 -11.29
C LYS G 276 -65.98 21.71 -11.97
N LEU G 277 -65.34 22.54 -11.16
CA LEU G 277 -64.36 23.56 -11.60
C LEU G 277 -63.35 23.07 -12.63
N ARG G 278 -63.02 21.78 -12.55
CA ARG G 278 -62.00 21.17 -13.42
C ARG G 278 -62.41 21.24 -14.90
N THR G 279 -63.71 21.02 -15.18
CA THR G 279 -64.23 20.95 -16.56
C THR G 279 -64.37 22.34 -17.14
N ASP G 280 -64.60 23.32 -16.26
CA ASP G 280 -64.88 24.69 -16.67
C ASP G 280 -63.62 25.55 -16.68
N LEU G 281 -62.47 24.99 -16.32
CA LEU G 281 -61.28 25.82 -16.15
C LEU G 281 -60.89 26.55 -17.45
N MET H 23 -76.16 -6.01 22.68
CA MET H 23 -74.76 -6.02 22.14
C MET H 23 -74.68 -5.10 20.92
N SER H 24 -74.07 -3.93 21.09
CA SER H 24 -73.91 -2.96 19.99
C SER H 24 -72.44 -2.60 19.63
N TYR H 25 -72.27 -1.96 18.47
CA TYR H 25 -70.98 -1.48 17.95
C TYR H 25 -70.03 -1.04 19.06
N GLY H 26 -70.37 0.08 19.70
CA GLY H 26 -69.57 0.61 20.81
C GLY H 26 -69.39 -0.35 21.97
N ASP H 27 -70.37 -1.20 22.25
CA ASP H 27 -70.24 -2.17 23.36
C ASP H 27 -69.29 -3.28 22.97
N TYR H 28 -69.51 -3.84 21.78
CA TYR H 28 -68.64 -4.93 21.33
C TYR H 28 -67.18 -4.46 21.24
N LEU H 29 -66.99 -3.18 20.88
CA LEU H 29 -65.66 -2.64 20.64
C LEU H 29 -65.08 -1.97 21.88
N GLY H 30 -65.86 -1.96 22.94
CA GLY H 30 -65.36 -1.34 24.15
C GLY H 30 -64.93 0.10 23.92
N LEU H 31 -65.64 0.82 23.05
CA LEU H 31 -65.26 2.20 22.68
C LEU H 31 -65.40 3.24 23.80
N ASP H 32 -66.19 2.90 24.81
CA ASP H 32 -66.38 3.72 25.98
C ASP H 32 -65.05 3.83 26.74
N GLN H 33 -64.31 2.73 26.79
CA GLN H 33 -62.99 2.72 27.41
C GLN H 33 -61.95 3.27 26.42
N ILE H 34 -61.91 2.73 25.21
CA ILE H 34 -60.97 3.16 24.15
C ILE H 34 -60.95 4.68 23.93
N LEU H 35 -62.14 5.27 23.82
CA LEU H 35 -62.31 6.69 23.49
C LEU H 35 -62.37 7.63 24.71
N SER H 36 -62.09 7.13 25.90
CA SER H 36 -62.08 7.98 27.09
C SER H 36 -60.74 7.95 27.82
N ALA H 37 -59.72 7.38 27.15
CA ALA H 37 -58.37 7.16 27.72
C ALA H 37 -57.33 8.19 27.31
N GLN H 38 -57.79 9.26 26.66
CA GLN H 38 -56.89 10.31 26.17
C GLN H 38 -56.88 11.50 27.14
N HIS H 39 -55.91 11.55 28.05
CA HIS H 39 -55.87 12.63 29.06
C HIS H 39 -54.66 13.54 28.98
N PRO H 40 -54.70 14.49 28.06
CA PRO H 40 -53.56 15.35 27.81
C PRO H 40 -53.27 16.17 29.05
N LEU H 41 -52.03 16.08 29.54
CA LEU H 41 -51.68 16.81 30.74
C LEU H 41 -51.61 18.32 30.46
N SER H 42 -51.02 18.66 29.31
CA SER H 42 -50.76 20.03 28.97
C SER H 42 -51.97 20.63 28.26
N PRO H 43 -51.91 21.96 28.02
CA PRO H 43 -52.93 22.71 27.30
C PRO H 43 -52.68 22.67 25.81
N ASP H 44 -51.60 22.01 25.40
CA ASP H 44 -51.24 22.06 23.99
C ASP H 44 -52.12 21.24 23.06
N HIS H 45 -52.42 21.84 21.91
CA HIS H 45 -53.21 21.20 20.86
C HIS H 45 -52.67 19.83 20.40
N ASN H 46 -51.33 19.67 20.42
CA ASN H 46 -50.63 18.58 19.75
C ASN H 46 -50.39 17.35 20.63
N GLU H 47 -50.86 17.41 21.87
CA GLU H 47 -50.63 16.31 22.78
C GLU H 47 -51.57 15.18 22.45
N MET H 48 -52.74 15.50 21.91
CA MET H 48 -53.63 14.46 21.47
C MET H 48 -52.89 13.53 20.50
N LEU H 49 -52.12 14.10 19.55
CA LEU H 49 -51.34 13.30 18.60
C LEU H 49 -50.35 12.42 19.34
N PHE H 50 -49.62 13.03 20.27
CA PHE H 50 -48.60 12.30 21.03
C PHE H 50 -49.22 11.05 21.68
N ILE H 51 -50.36 11.24 22.33
CA ILE H 51 -51.09 10.16 22.97
C ILE H 51 -51.69 9.18 21.96
N VAL H 52 -52.37 9.67 20.95
CA VAL H 52 -53.06 8.75 20.05
C VAL H 52 -52.11 7.86 19.23
N GLN H 53 -50.96 8.41 18.84
CA GLN H 53 -50.02 7.62 18.09
C GLN H 53 -49.45 6.49 18.92
N HIS H 54 -49.17 6.74 20.20
CA HIS H 54 -48.71 5.68 21.10
C HIS H 54 -49.76 4.59 21.26
N GLN H 55 -51.00 5.00 21.55
CA GLN H 55 -52.10 4.08 21.82
C GLN H 55 -52.48 3.22 20.59
N THR H 56 -52.46 3.80 19.40
CA THR H 56 -52.71 3.01 18.18
C THR H 56 -51.62 1.96 17.95
N THR H 57 -50.40 2.29 18.31
CA THR H 57 -49.29 1.35 18.16
C THR H 57 -49.39 0.23 19.22
N GLU H 58 -49.75 0.60 20.43
CA GLU H 58 -49.98 -0.41 21.46
C GLU H 58 -51.10 -1.40 21.08
N LEU H 59 -52.15 -0.89 20.48
CA LEU H 59 -53.21 -1.76 19.98
C LEU H 59 -52.75 -2.71 18.88
N TRP H 60 -52.06 -2.18 17.86
CA TRP H 60 -51.53 -3.02 16.82
C TRP H 60 -50.54 -4.04 17.39
N MET H 61 -49.81 -3.65 18.43
CA MET H 61 -48.85 -4.52 19.08
C MET H 61 -49.52 -5.67 19.80
N LYS H 62 -50.68 -5.39 20.38
CA LYS H 62 -51.45 -6.43 21.05
C LYS H 62 -51.86 -7.48 20.05
N LEU H 63 -52.31 -7.04 18.88
CA LEU H 63 -52.63 -7.99 17.82
C LEU H 63 -51.42 -8.74 17.32
N MET H 64 -50.30 -8.02 17.18
CA MET H 64 -49.06 -8.61 16.70
C MET H 64 -48.61 -9.77 17.63
N LEU H 65 -48.64 -9.52 18.93
CA LEU H 65 -48.41 -10.55 19.94
C LEU H 65 -49.31 -11.76 19.74
N HIS H 66 -50.60 -11.50 19.69
CA HIS H 66 -51.60 -12.49 19.42
C HIS H 66 -51.21 -13.34 18.20
N GLU H 67 -50.82 -12.70 17.11
CA GLU H 67 -50.46 -13.41 15.88
C GLU H 67 -49.12 -14.13 15.94
N LEU H 68 -48.16 -13.53 16.64
CA LEU H 68 -46.82 -14.10 16.72
C LEU H 68 -46.87 -15.36 17.57
N ARG H 69 -47.57 -15.28 18.70
CA ARG H 69 -47.70 -16.43 19.59
C ARG H 69 -48.32 -17.61 18.89
N ALA H 70 -49.39 -17.37 18.16
CA ALA H 70 -49.99 -18.40 17.35
C ALA H 70 -49.03 -18.90 16.29
N ALA H 71 -48.34 -17.99 15.62
CA ALA H 71 -47.44 -18.43 14.57
C ALA H 71 -46.35 -19.30 15.18
N ARG H 72 -45.84 -18.91 16.35
CA ARG H 72 -44.84 -19.69 17.09
C ARG H 72 -45.37 -21.13 17.40
N ASP H 73 -46.65 -21.22 17.79
CA ASP H 73 -47.31 -22.53 18.03
C ASP H 73 -47.39 -23.42 16.79
N GLY H 74 -47.64 -22.81 15.65
CA GLY H 74 -47.59 -23.52 14.41
C GLY H 74 -46.17 -23.98 14.07
N VAL H 75 -45.18 -23.14 14.34
CA VAL H 75 -43.81 -23.57 14.16
C VAL H 75 -43.55 -24.85 15.00
N LYS H 76 -43.90 -24.78 16.28
CA LYS H 76 -43.52 -25.86 17.16
C LYS H 76 -44.31 -27.17 17.00
N SER H 77 -45.45 -27.07 16.34
CA SER H 77 -46.27 -28.23 16.00
C SER H 77 -46.10 -28.64 14.53
N ASP H 78 -45.04 -28.14 13.89
CA ASP H 78 -44.75 -28.46 12.49
C ASP H 78 -45.90 -28.16 11.55
N GLN H 79 -46.70 -27.15 11.88
CA GLN H 79 -47.81 -26.73 11.04
C GLN H 79 -47.54 -25.38 10.39
N LEU H 80 -46.64 -25.38 9.42
CA LEU H 80 -46.08 -24.16 8.86
C LEU H 80 -47.01 -23.35 7.97
N GLN H 81 -47.90 -24.00 7.24
CA GLN H 81 -48.74 -23.27 6.29
C GLN H 81 -49.60 -22.18 6.93
N PRO H 82 -50.35 -22.54 8.00
CA PRO H 82 -51.10 -21.62 8.85
C PRO H 82 -50.20 -20.52 9.42
N ALA H 83 -49.01 -20.94 9.85
CA ALA H 83 -48.06 -20.04 10.48
C ALA H 83 -47.53 -19.00 9.49
N PHE H 84 -47.40 -19.38 8.23
CA PHE H 84 -46.96 -18.46 7.19
C PHE H 84 -47.99 -17.37 6.97
N LYS H 85 -49.25 -17.79 6.90
CA LYS H 85 -50.36 -16.88 6.80
C LYS H 85 -50.41 -15.85 7.95
N MET H 86 -50.17 -16.34 9.17
CA MET H 86 -50.07 -15.44 10.32
C MET H 86 -48.88 -14.49 10.27
N LEU H 87 -47.78 -14.92 9.67
CA LEU H 87 -46.62 -14.07 9.56
C LEU H 87 -46.90 -12.98 8.53
N ALA H 88 -47.63 -13.32 7.47
CA ALA H 88 -48.04 -12.33 6.49
C ALA H 88 -48.87 -11.25 7.16
N ARG H 89 -49.82 -11.64 7.99
CA ARG H 89 -50.61 -10.69 8.75
C ARG H 89 -49.73 -9.80 9.59
N VAL H 90 -48.82 -10.41 10.34
CA VAL H 90 -47.81 -9.65 11.06
C VAL H 90 -47.08 -8.59 10.19
N SER H 91 -46.62 -8.99 9.00
CA SER H 91 -45.95 -8.08 8.06
C SER H 91 -46.85 -6.91 7.64
N ARG H 92 -48.14 -7.20 7.42
CA ARG H 92 -49.05 -6.13 7.08
C ARG H 92 -49.15 -5.18 8.27
N ILE H 93 -49.14 -5.73 9.49
CA ILE H 93 -49.30 -4.90 10.70
C ILE H 93 -48.08 -4.00 10.85
N MET H 94 -46.93 -4.58 10.57
CA MET H 94 -45.65 -3.88 10.69
C MET H 94 -45.52 -2.76 9.63
N ASP H 95 -46.15 -2.96 8.47
CA ASP H 95 -46.29 -1.88 7.50
C ASP H 95 -47.04 -0.67 8.08
N GLN H 96 -48.08 -0.93 8.87
CA GLN H 96 -48.86 0.16 9.45
C GLN H 96 -47.99 0.90 10.41
N LEU H 97 -47.27 0.14 11.23
CA LEU H 97 -46.48 0.68 12.32
C LEU H 97 -45.33 1.52 11.82
N VAL H 98 -44.71 1.09 10.72
CA VAL H 98 -43.63 1.83 10.08
C VAL H 98 -44.13 3.12 9.42
N GLN H 99 -45.22 3.01 8.66
CA GLN H 99 -45.81 4.15 8.03
C GLN H 99 -46.29 5.15 9.05
N ALA H 100 -46.74 4.65 10.20
CA ALA H 100 -47.33 5.52 11.23
C ALA H 100 -46.44 6.70 11.60
N TRP H 101 -45.13 6.55 11.42
CA TRP H 101 -44.21 7.59 11.85
C TRP H 101 -44.43 8.86 11.07
N ASN H 102 -45.07 8.73 9.89
CA ASN H 102 -45.40 9.84 9.04
C ASN H 102 -46.30 10.85 9.74
N VAL H 103 -47.25 10.35 10.54
CA VAL H 103 -48.14 11.27 11.26
C VAL H 103 -47.33 12.01 12.30
N LEU H 104 -46.58 11.28 13.10
CA LEU H 104 -45.83 11.88 14.17
C LEU H 104 -44.82 12.88 13.65
N ALA H 105 -44.30 12.60 12.48
CA ALA H 105 -43.35 13.46 11.83
C ALA H 105 -43.86 14.89 11.60
N THR H 106 -45.17 15.11 11.71
CA THR H 106 -45.76 16.44 11.56
C THR H 106 -45.70 17.23 12.88
N MET H 107 -45.12 16.62 13.91
CA MET H 107 -44.93 17.31 15.18
C MET H 107 -43.60 18.05 15.18
N THR H 108 -43.65 19.34 15.48
CA THR H 108 -42.44 20.13 15.36
C THR H 108 -41.88 20.33 16.74
N PRO H 109 -40.59 20.63 16.81
CA PRO H 109 -39.99 20.88 18.11
C PRO H 109 -40.79 21.84 19.03
N PRO H 110 -41.15 23.07 18.57
CA PRO H 110 -41.91 23.99 19.43
C PRO H 110 -43.22 23.43 19.98
N GLU H 111 -43.91 22.61 19.17
CA GLU H 111 -45.16 21.97 19.60
C GLU H 111 -44.86 20.98 20.71
N TYR H 112 -43.81 20.19 20.52
CA TYR H 112 -43.43 19.25 21.56
C TYR H 112 -42.92 19.98 22.83
N SER H 113 -42.16 21.05 22.61
CA SER H 113 -41.59 21.87 23.68
C SER H 113 -42.65 22.41 24.63
N ALA H 114 -43.79 22.78 24.06
CA ALA H 114 -44.91 23.29 24.84
C ALA H 114 -45.50 22.22 25.77
N MET H 115 -45.50 20.97 25.34
CA MET H 115 -46.09 19.92 26.15
C MET H 115 -45.10 19.26 27.11
N ARG H 116 -43.81 19.23 26.76
CA ARG H 116 -42.85 18.42 27.54
C ARG H 116 -42.77 18.70 29.06
N PRO H 117 -42.85 19.99 29.47
CA PRO H 117 -42.92 20.33 30.91
C PRO H 117 -43.93 19.48 31.73
N TYR H 118 -44.98 18.97 31.08
CA TYR H 118 -46.06 18.29 31.78
C TYR H 118 -45.95 16.77 31.73
N LEU H 119 -44.92 16.25 31.07
CA LEU H 119 -44.89 14.82 30.71
C LEU H 119 -44.26 13.87 31.75
N GLY H 120 -43.03 14.16 32.15
CA GLY H 120 -42.40 13.34 33.18
C GLY H 120 -41.33 12.39 32.67
N ALA H 121 -40.87 11.53 33.57
CA ALA H 121 -39.67 10.69 33.36
C ALA H 121 -39.84 9.54 32.36
N SER H 122 -41.04 8.98 32.27
CA SER H 122 -41.23 7.67 31.62
C SER H 122 -41.42 7.69 30.11
N SER H 123 -40.97 6.63 29.44
CA SER H 123 -41.16 6.47 28.00
CA SER H 123 -41.19 6.48 28.01
C SER H 123 -41.48 5.01 27.66
N GLY H 124 -41.48 4.72 26.37
CA GLY H 124 -41.84 3.39 25.87
C GLY H 124 -40.97 2.28 26.37
N PHE H 125 -39.93 2.64 27.10
CA PHE H 125 -39.08 1.68 27.75
C PHE H 125 -39.92 0.78 28.65
N GLN H 126 -41.02 1.35 29.14
CA GLN H 126 -41.97 0.66 30.01
C GLN H 126 -43.15 0.06 29.27
N SER H 127 -43.06 -0.02 27.95
CA SER H 127 -44.05 -0.77 27.20
C SER H 127 -43.74 -2.24 27.42
N TYR H 128 -44.58 -2.91 28.20
CA TYR H 128 -44.47 -4.36 28.42
C TYR H 128 -44.80 -5.19 27.16
N GLN H 129 -45.70 -4.71 26.31
CA GLN H 129 -46.03 -5.38 25.07
C GLN H 129 -44.87 -5.33 24.10
N TYR H 130 -44.17 -4.20 24.09
CA TYR H 130 -43.05 -4.07 23.20
C TYR H 130 -41.96 -5.02 23.64
N ARG H 131 -41.77 -5.12 24.95
CA ARG H 131 -40.73 -5.98 25.51
C ARG H 131 -41.03 -7.45 25.22
N GLU H 132 -42.28 -7.87 25.39
CA GLU H 132 -42.73 -9.20 24.94
C GLU H 132 -42.41 -9.49 23.47
N ILE H 133 -42.68 -8.51 22.63
CA ILE H 133 -42.35 -8.59 21.21
C ILE H 133 -40.84 -8.83 21.03
N GLU H 134 -40.02 -8.06 21.71
CA GLU H 134 -38.58 -8.22 21.54
C GLU H 134 -38.13 -9.62 21.95
N PHE H 135 -38.71 -10.08 23.05
CA PHE H 135 -38.41 -11.38 23.65
C PHE H 135 -38.83 -12.54 22.75
N ILE H 136 -40.05 -12.49 22.22
CA ILE H 136 -40.55 -13.50 21.32
C ILE H 136 -39.69 -13.63 20.08
N LEU H 137 -39.01 -12.55 19.75
CA LEU H 137 -38.14 -12.49 18.58
C LEU H 137 -36.71 -12.75 18.96
N GLY H 138 -36.48 -13.06 20.23
CA GLY H 138 -35.18 -13.54 20.70
C GLY H 138 -34.26 -12.50 21.31
N ASN H 139 -34.71 -11.25 21.31
CA ASN H 139 -33.96 -10.14 21.89
C ASN H 139 -34.11 -10.10 23.39
N LYS H 140 -33.59 -11.12 24.02
CA LYS H 140 -33.81 -11.44 25.42
C LYS H 140 -32.83 -10.70 26.33
N ASN H 141 -33.32 -10.21 27.46
CA ASN H 141 -32.52 -9.38 28.34
C ASN H 141 -33.21 -9.21 29.70
N ALA H 142 -32.65 -9.85 30.73
CA ALA H 142 -33.31 -9.89 32.02
C ALA H 142 -33.33 -8.54 32.72
N ALA H 143 -32.43 -7.64 32.31
CA ALA H 143 -32.38 -6.29 32.85
C ALA H 143 -33.63 -5.51 32.49
N MET H 144 -34.30 -5.93 31.42
CA MET H 144 -35.48 -5.23 30.92
C MET H 144 -36.78 -5.57 31.64
N LEU H 145 -36.72 -6.40 32.69
CA LEU H 145 -37.87 -6.62 33.54
C LEU H 145 -38.00 -5.51 34.57
N ARG H 146 -36.87 -4.93 34.93
N ARG H 146 -36.85 -4.95 34.93
CA ARG H 146 -36.86 -3.95 36.01
CA ARG H 146 -36.76 -3.90 35.94
C ARG H 146 -37.86 -2.78 35.86
C ARG H 146 -37.87 -2.84 35.83
N PRO H 147 -38.02 -2.21 34.65
CA PRO H 147 -39.07 -1.16 34.46
C PRO H 147 -40.52 -1.58 34.76
N HIS H 148 -40.76 -2.87 34.98
CA HIS H 148 -42.12 -3.39 35.19
C HIS H 148 -42.36 -3.94 36.60
N ALA H 149 -41.41 -3.68 37.50
CA ALA H 149 -41.42 -4.21 38.88
C ALA H 149 -42.60 -3.68 39.73
N HIS H 150 -42.95 -2.42 39.51
CA HIS H 150 -44.12 -1.79 40.17
C HIS H 150 -45.48 -2.40 39.75
N ARG H 151 -45.46 -3.22 38.71
CA ARG H 151 -46.67 -3.75 38.12
C ARG H 151 -46.52 -5.25 37.97
N PRO H 152 -46.66 -5.99 39.09
CA PRO H 152 -46.45 -7.45 39.06
C PRO H 152 -47.21 -8.23 37.99
N GLU H 153 -48.39 -7.77 37.55
CA GLU H 153 -49.03 -8.51 36.46
C GLU H 153 -48.28 -8.28 35.13
N HIS H 154 -47.64 -7.11 34.97
CA HIS H 154 -46.79 -6.85 33.80
C HIS H 154 -45.46 -7.54 33.92
N LEU H 155 -44.88 -7.47 35.12
CA LEU H 155 -43.65 -8.20 35.40
C LEU H 155 -43.80 -9.68 35.06
N GLU H 156 -44.89 -10.28 35.54
CA GLU H 156 -45.14 -11.69 35.29
C GLU H 156 -45.19 -11.99 33.78
N LEU H 157 -45.86 -11.14 32.99
CA LEU H 157 -45.95 -11.34 31.54
C LEU H 157 -44.58 -11.33 30.87
N VAL H 158 -43.78 -10.33 31.24
CA VAL H 158 -42.48 -10.07 30.65
C VAL H 158 -41.50 -11.14 31.11
N GLU H 159 -41.66 -11.58 32.36
CA GLU H 159 -40.83 -12.65 32.93
C GLU H 159 -41.08 -14.00 32.26
N THR H 160 -42.35 -14.32 32.07
CA THR H 160 -42.75 -15.54 31.41
C THR H 160 -42.18 -15.55 30.00
N ALA H 161 -42.36 -14.46 29.26
CA ALA H 161 -41.87 -14.37 27.88
C ALA H 161 -40.37 -14.55 27.82
N LEU H 162 -39.67 -14.02 28.81
CA LEU H 162 -38.21 -14.16 28.87
C LEU H 162 -37.77 -15.62 28.95
N HIS H 163 -38.55 -16.42 29.66
CA HIS H 163 -38.23 -17.79 29.98
C HIS H 163 -38.77 -18.71 28.89
N THR H 164 -39.62 -18.17 28.03
CA THR H 164 -40.14 -18.93 26.91
C THR H 164 -39.18 -18.86 25.71
N PRO H 165 -38.92 -20.01 25.07
CA PRO H 165 -38.11 -20.05 23.85
C PRO H 165 -38.69 -19.12 22.82
N SER H 166 -37.82 -18.32 22.23
CA SER H 166 -38.23 -17.39 21.20
C SER H 166 -38.80 -18.12 19.99
N MET H 167 -39.43 -17.37 19.11
CA MET H 167 -39.92 -17.92 17.86
C MET H 167 -38.77 -18.39 16.97
N TYR H 168 -37.60 -17.79 17.11
CA TYR H 168 -36.48 -18.24 16.30
C TYR H 168 -35.92 -19.50 16.92
N ASP H 169 -35.90 -19.56 18.24
CA ASP H 169 -35.52 -20.78 18.94
C ASP H 169 -36.33 -21.95 18.36
N GLU H 170 -37.65 -21.77 18.28
CA GLU H 170 -38.54 -22.79 17.75
C GLU H 170 -38.31 -23.14 16.29
N ALA H 171 -37.91 -22.16 15.48
CA ALA H 171 -37.49 -22.44 14.13
C ALA H 171 -36.23 -23.29 14.11
N ILE H 172 -35.26 -22.96 14.97
CA ILE H 172 -34.02 -23.72 15.09
C ILE H 172 -34.35 -25.18 15.48
N ARG H 173 -35.21 -25.35 16.46
CA ARG H 173 -35.68 -26.65 16.90
C ARG H 173 -36.39 -27.43 15.80
N LEU H 174 -37.21 -26.75 15.03
CA LEU H 174 -37.87 -27.33 13.87
C LEU H 174 -36.88 -27.82 12.80
N MET H 175 -35.84 -27.02 12.52
CA MET H 175 -34.78 -27.44 11.63
C MET H 175 -34.11 -28.75 12.09
N ALA H 176 -33.89 -28.87 13.40
CA ALA H 176 -33.38 -30.09 14.01
C ALA H 176 -34.33 -31.25 13.72
N ARG H 177 -35.60 -31.01 13.98
CA ARG H 177 -36.63 -32.00 13.76
C ARG H 177 -36.83 -32.33 12.31
N ARG H 178 -35.98 -31.79 11.45
CA ARG H 178 -36.10 -32.05 10.02
C ARG H 178 -34.86 -32.74 9.58
N GLY H 179 -33.97 -32.99 10.53
CA GLY H 179 -32.78 -33.75 10.25
C GLY H 179 -31.51 -32.95 10.18
N PHE H 180 -31.59 -31.66 10.42
CA PHE H 180 -30.38 -30.84 10.35
C PHE H 180 -29.59 -31.00 11.64
N GLN H 181 -28.30 -31.29 11.52
CA GLN H 181 -27.50 -31.54 12.72
C GLN H 181 -27.17 -30.24 13.45
N ILE H 182 -28.00 -29.89 14.42
CA ILE H 182 -27.78 -28.66 15.16
C ILE H 182 -27.27 -28.95 16.57
N ASP H 183 -26.21 -28.24 16.98
CA ASP H 183 -25.67 -28.39 18.36
C ASP H 183 -26.81 -28.45 19.39
N PRO H 184 -26.72 -29.42 20.33
CA PRO H 184 -27.79 -29.52 21.28
C PRO H 184 -27.93 -28.33 22.23
N GLU H 185 -26.88 -27.54 22.46
CA GLU H 185 -27.04 -26.44 23.42
C GLU H 185 -27.61 -25.18 22.77
N VAL H 186 -28.05 -25.33 21.53
CA VAL H 186 -28.77 -24.31 20.83
C VAL H 186 -30.23 -24.78 20.72
N VAL H 187 -30.46 -26.10 20.78
CA VAL H 187 -31.81 -26.65 20.81
C VAL H 187 -32.42 -26.64 22.21
N GLU H 188 -31.59 -26.76 23.23
CA GLU H 188 -32.05 -26.55 24.60
C GLU H 188 -31.02 -25.69 25.32
N ARG H 189 -31.49 -24.60 25.92
CA ARG H 189 -30.62 -23.70 26.66
C ARG H 189 -31.41 -22.88 27.66
N ASP H 190 -30.68 -22.04 28.39
CA ASP H 190 -31.25 -21.05 29.27
C ASP H 190 -31.82 -20.01 28.32
N TRP H 191 -33.14 -19.88 28.32
CA TRP H 191 -33.82 -19.07 27.31
C TRP H 191 -33.77 -17.57 27.68
N THR H 192 -33.32 -17.28 28.90
CA THR H 192 -33.20 -15.91 29.33
C THR H 192 -32.01 -15.25 28.69
N GLN H 193 -31.20 -16.02 27.97
CA GLN H 193 -29.97 -15.46 27.37
C GLN H 193 -30.17 -14.90 25.96
N PRO H 194 -29.39 -13.85 25.60
CA PRO H 194 -29.31 -13.30 24.24
C PRO H 194 -29.14 -14.38 23.19
N THR H 195 -29.74 -14.17 22.02
CA THR H 195 -29.49 -15.00 20.83
C THR H 195 -28.10 -14.74 20.25
N GLN H 196 -27.23 -15.73 20.36
CA GLN H 196 -25.88 -15.62 19.83
C GLN H 196 -25.70 -16.52 18.64
N TYR H 197 -24.91 -16.05 17.68
CA TYR H 197 -24.61 -16.76 16.46
C TYR H 197 -24.17 -18.18 16.78
N ASN H 198 -24.66 -19.14 16.01
CA ASN H 198 -24.18 -20.50 16.16
C ASN H 198 -23.82 -21.09 14.82
N ALA H 199 -22.62 -21.64 14.68
CA ALA H 199 -22.17 -22.11 13.37
C ALA H 199 -23.01 -23.25 12.80
N SER H 200 -23.48 -24.16 13.65
CA SER H 200 -24.28 -25.28 13.18
C SER H 200 -25.61 -24.79 12.59
N VAL H 201 -26.17 -23.75 13.19
CA VAL H 201 -27.41 -23.17 12.73
C VAL H 201 -27.23 -22.57 11.36
N GLU H 202 -26.12 -21.87 11.16
CA GLU H 202 -25.87 -21.27 9.87
C GLU H 202 -25.64 -22.31 8.77
N ALA H 203 -24.93 -23.39 9.11
CA ALA H 203 -24.70 -24.51 8.20
C ALA H 203 -26.03 -25.09 7.74
N ALA H 204 -26.96 -25.19 8.70
CA ALA H 204 -28.29 -25.65 8.40
C ALA H 204 -29.03 -24.71 7.43
N TRP H 205 -29.12 -23.42 7.74
CA TRP H 205 -29.76 -22.46 6.84
C TRP H 205 -29.07 -22.43 5.49
N LEU H 206 -27.74 -22.54 5.48
CA LEU H 206 -27.00 -22.58 4.21
C LEU H 206 -27.43 -23.70 3.28
N GLU H 207 -27.60 -24.91 3.82
CA GLU H 207 -28.02 -26.03 3.01
C GLU H 207 -29.44 -25.80 2.51
N VAL H 208 -30.27 -25.19 3.35
CA VAL H 208 -31.60 -24.81 2.92
C VAL H 208 -31.55 -23.87 1.69
N TYR H 209 -30.80 -22.79 1.79
CA TYR H 209 -30.70 -21.78 0.72
C TYR H 209 -29.96 -22.28 -0.50
N ARG H 210 -29.11 -23.27 -0.33
CA ARG H 210 -28.41 -23.80 -1.50
C ARG H 210 -29.30 -24.77 -2.27
N ASN H 211 -30.38 -25.20 -1.64
CA ASN H 211 -31.25 -26.23 -2.18
C ASN H 211 -32.71 -25.90 -1.96
N PRO H 212 -33.15 -24.71 -2.36
CA PRO H 212 -34.48 -24.29 -1.93
C PRO H 212 -35.58 -25.31 -2.31
N SER H 213 -35.47 -25.90 -3.50
CA SER H 213 -36.44 -26.88 -4.00
C SER H 213 -36.57 -28.14 -3.13
N ALA H 214 -35.49 -28.50 -2.46
CA ALA H 214 -35.50 -29.64 -1.55
C ALA H 214 -36.08 -29.26 -0.20
N HIS H 215 -36.07 -27.96 0.11
CA HIS H 215 -36.42 -27.48 1.46
C HIS H 215 -37.23 -26.19 1.33
N TRP H 216 -38.31 -26.25 0.56
CA TRP H 216 -39.02 -25.03 0.25
C TRP H 216 -39.62 -24.34 1.46
N GLU H 217 -40.25 -25.11 2.36
CA GLU H 217 -40.86 -24.54 3.56
C GLU H 217 -39.84 -23.82 4.46
N LEU H 218 -38.64 -24.36 4.57
CA LEU H 218 -37.60 -23.76 5.41
C LEU H 218 -36.98 -22.51 4.76
N TYR H 219 -36.96 -22.51 3.43
CA TYR H 219 -36.53 -21.39 2.60
C TYR H 219 -37.45 -20.20 2.79
N GLU H 220 -38.73 -20.46 2.58
CA GLU H 220 -39.81 -19.55 2.87
C GLU H 220 -39.86 -19.06 4.34
N LEU H 221 -39.60 -19.95 5.28
CA LEU H 221 -39.59 -19.57 6.69
C LEU H 221 -38.39 -18.65 6.96
N GLY H 222 -37.24 -19.01 6.44
CA GLY H 222 -36.04 -18.18 6.50
C GLY H 222 -36.32 -16.75 6.03
N GLU H 223 -36.90 -16.63 4.84
CA GLU H 223 -37.16 -15.34 4.26
C GLU H 223 -38.20 -14.53 5.04
N LYS H 224 -39.15 -15.21 5.66
CA LYS H 224 -40.16 -14.56 6.52
C LYS H 224 -39.49 -13.95 7.77
N PHE H 225 -38.55 -14.70 8.33
CA PHE H 225 -37.78 -14.17 9.46
C PHE H 225 -36.98 -12.94 9.02
N VAL H 226 -36.33 -13.03 7.86
CA VAL H 226 -35.57 -11.90 7.36
C VAL H 226 -36.45 -10.64 7.13
N ASP H 227 -37.65 -10.84 6.59
CA ASP H 227 -38.63 -9.81 6.38
C ASP H 227 -38.97 -9.13 7.65
N LEU H 228 -39.15 -9.95 8.68
CA LEU H 228 -39.69 -9.49 9.95
C LEU H 228 -38.62 -8.65 10.64
N GLU H 229 -37.38 -9.13 10.52
CA GLU H 229 -36.23 -8.39 11.06
C GLU H 229 -36.02 -7.07 10.29
N ASP H 230 -36.18 -7.12 8.98
CA ASP H 230 -36.04 -5.96 8.11
C ASP H 230 -37.09 -4.90 8.51
N ALA H 231 -38.36 -5.28 8.49
CA ALA H 231 -39.45 -4.39 8.92
C ALA H 231 -39.22 -3.83 10.30
N PHE H 232 -38.69 -4.62 11.20
CA PHE H 232 -38.47 -4.21 12.56
C PHE H 232 -37.24 -3.26 12.66
N ARG H 233 -36.26 -3.45 11.79
CA ARG H 233 -35.16 -2.50 11.61
C ARG H 233 -35.63 -1.14 11.11
N GLN H 234 -36.53 -1.20 10.13
CA GLN H 234 -37.19 -0.02 9.61
C GLN H 234 -37.96 0.76 10.68
N TRP H 235 -38.62 0.04 11.59
CA TRP H 235 -39.45 0.65 12.60
C TRP H 235 -38.55 1.31 13.61
N ARG H 236 -37.49 0.62 13.98
CA ARG H 236 -36.45 1.18 14.83
C ARG H 236 -35.86 2.46 14.25
N PHE H 237 -35.50 2.42 12.96
CA PHE H 237 -34.88 3.54 12.28
C PHE H 237 -35.80 4.77 12.20
N ARG H 238 -37.06 4.50 11.87
CA ARG H 238 -38.10 5.50 11.86
C ARG H 238 -38.33 6.11 13.24
N HIS H 239 -38.26 5.26 14.23
CA HIS H 239 -38.49 5.67 15.58
C HIS H 239 -37.43 6.68 15.98
N VAL H 240 -36.16 6.31 15.84
CA VAL H 240 -35.06 7.17 16.26
C VAL H 240 -35.00 8.47 15.43
N THR H 241 -35.39 8.41 14.15
CA THR H 241 -35.29 9.58 13.29
C THR H 241 -36.36 10.61 13.65
N THR H 242 -37.56 10.12 13.96
CA THR H 242 -38.64 10.98 14.38
C THR H 242 -38.33 11.60 15.74
N VAL H 243 -37.86 10.79 16.67
CA VAL H 243 -37.44 11.26 17.97
C VAL H 243 -36.37 12.36 17.83
N GLU H 244 -35.34 12.11 17.03
CA GLU H 244 -34.33 13.11 16.77
C GLU H 244 -34.90 14.40 16.15
N ARG H 245 -35.89 14.26 15.26
CA ARG H 245 -36.45 15.47 14.68
C ARG H 245 -37.43 16.21 15.60
N VAL H 246 -37.89 15.57 16.66
CA VAL H 246 -38.71 16.25 17.69
C VAL H 246 -37.89 16.82 18.88
N ILE H 247 -37.06 16.00 19.51
CA ILE H 247 -36.31 16.41 20.71
C ILE H 247 -34.79 16.56 20.47
N GLY H 248 -34.33 16.09 19.32
CA GLY H 248 -32.92 16.18 18.97
C GLY H 248 -32.13 15.06 19.62
N PHE H 249 -30.84 15.03 19.29
CA PHE H 249 -29.90 14.00 19.73
C PHE H 249 -28.99 14.57 20.83
N LYS H 250 -29.37 14.32 22.07
CA LYS H 250 -28.62 14.79 23.24
C LYS H 250 -27.27 14.07 23.39
N ARG H 251 -26.19 14.83 23.39
CA ARG H 251 -24.88 14.23 23.45
C ARG H 251 -24.34 14.24 24.88
N GLY H 252 -23.50 13.24 25.19
CA GLY H 252 -22.71 13.25 26.42
C GLY H 252 -23.51 12.86 27.63
N THR H 253 -24.62 12.14 27.42
CA THR H 253 -25.53 11.82 28.52
C THR H 253 -25.75 10.32 28.79
N GLY H 254 -24.84 9.48 28.29
CA GLY H 254 -24.99 8.01 28.43
C GLY H 254 -25.62 7.34 27.22
N GLY H 255 -25.47 6.00 27.18
CA GLY H 255 -26.03 5.19 26.09
C GLY H 255 -27.28 4.37 26.43
N THR H 256 -27.92 4.71 27.56
CA THR H 256 -29.00 3.89 28.13
C THR H 256 -30.37 4.57 28.01
N GLU H 257 -30.37 5.72 27.37
CA GLU H 257 -31.60 6.47 27.21
C GLU H 257 -31.39 7.49 26.11
N GLY H 258 -32.50 8.07 25.67
CA GLY H 258 -32.46 9.08 24.65
C GLY H 258 -32.14 8.52 23.28
N VAL H 259 -31.74 9.42 22.39
CA VAL H 259 -31.43 9.10 21.01
C VAL H 259 -30.21 8.21 20.95
N SER H 260 -29.29 8.42 21.86
CA SER H 260 -28.06 7.64 21.97
C SER H 260 -28.39 6.16 22.12
N TYR H 261 -29.27 5.87 23.06
CA TYR H 261 -29.79 4.53 23.27
C TYR H 261 -30.48 4.01 22.00
N LEU H 262 -31.33 4.84 21.40
CA LEU H 262 -32.12 4.42 20.26
C LEU H 262 -31.29 4.12 19.01
N ARG H 263 -30.17 4.82 18.77
CA ARG H 263 -29.36 4.33 17.66
C ARG H 263 -28.51 3.13 17.98
N ARG H 264 -28.24 2.88 19.25
CA ARG H 264 -27.57 1.65 19.63
C ARG H 264 -28.49 0.48 19.28
N MET H 265 -29.79 0.65 19.55
CA MET H 265 -30.82 -0.33 19.20
C MET H 265 -30.85 -0.73 17.72
N LEU H 266 -30.35 0.13 16.85
CA LEU H 266 -30.20 -0.21 15.43
C LEU H 266 -29.16 -1.31 15.16
N ASP H 267 -28.32 -1.58 16.14
CA ASP H 267 -27.33 -2.62 16.02
C ASP H 267 -27.82 -4.02 16.48
N VAL H 268 -28.97 -4.09 17.14
CA VAL H 268 -29.60 -5.36 17.49
C VAL H 268 -29.70 -6.26 16.26
N VAL H 269 -29.20 -7.49 16.38
CA VAL H 269 -29.37 -8.48 15.32
C VAL H 269 -30.26 -9.57 15.88
N LEU H 270 -31.35 -9.89 15.19
CA LEU H 270 -32.33 -10.84 15.73
C LEU H 270 -32.10 -12.27 15.28
N PHE H 271 -31.78 -12.46 13.99
CA PHE H 271 -31.58 -13.78 13.34
C PHE H 271 -30.23 -13.86 12.69
N PRO H 272 -29.17 -13.91 13.52
CA PRO H 272 -27.80 -13.72 13.07
C PRO H 272 -27.40 -14.59 11.90
N GLU H 273 -27.67 -15.89 11.98
CA GLU H 273 -27.10 -16.75 10.94
C GLU H 273 -27.85 -16.66 9.62
N LEU H 274 -29.07 -16.13 9.66
CA LEU H 274 -29.82 -15.83 8.45
C LEU H 274 -29.21 -14.67 7.65
N TRP H 275 -28.63 -13.70 8.35
CA TRP H 275 -27.97 -12.59 7.66
C TRP H 275 -26.58 -12.97 7.23
N LYS H 276 -25.88 -13.71 8.10
CA LYS H 276 -24.45 -14.06 7.96
C LYS H 276 -24.26 -15.00 6.78
N LEU H 277 -25.23 -15.86 6.55
CA LEU H 277 -25.25 -16.81 5.45
C LEU H 277 -25.16 -16.18 4.06
N ARG H 278 -25.63 -14.94 3.94
CA ARG H 278 -25.63 -14.21 2.67
C ARG H 278 -24.22 -14.09 2.12
N THR H 279 -23.27 -13.81 3.00
CA THR H 279 -21.90 -13.60 2.60
C THR H 279 -21.20 -14.93 2.31
N ASP H 280 -21.66 -15.99 2.97
CA ASP H 280 -21.05 -17.33 2.81
C ASP H 280 -21.70 -18.19 1.71
N LEU H 281 -22.76 -17.69 1.09
CA LEU H 281 -23.56 -18.52 0.20
C LEU H 281 -22.74 -19.03 -0.99
N MET I 23 -27.88 26.42 50.78
CA MET I 23 -28.09 25.35 49.75
C MET I 23 -27.37 24.07 50.14
N SER I 24 -27.85 22.92 49.68
CA SER I 24 -27.35 21.63 50.15
C SER I 24 -25.98 21.28 49.55
N TYR I 25 -25.29 20.36 50.24
CA TYR I 25 -24.04 19.76 49.80
C TYR I 25 -24.18 19.26 48.36
N GLY I 26 -25.15 18.38 48.13
CA GLY I 26 -25.46 17.88 46.79
C GLY I 26 -25.80 18.95 45.77
N ASP I 27 -26.53 19.99 46.19
CA ASP I 27 -26.87 21.09 45.30
C ASP I 27 -25.61 21.84 44.86
N TYR I 28 -24.80 22.25 45.84
CA TYR I 28 -23.55 22.96 45.57
C TYR I 28 -22.64 22.15 44.64
N LEU I 29 -22.48 20.86 44.94
CA LEU I 29 -21.57 20.01 44.20
C LEU I 29 -22.17 19.35 42.96
N GLY I 30 -23.43 19.67 42.65
CA GLY I 30 -24.09 19.15 41.45
C GLY I 30 -24.12 17.65 41.43
N LEU I 31 -24.45 17.04 42.56
CA LEU I 31 -24.34 15.56 42.69
C LEU I 31 -25.48 14.83 41.99
N ASP I 32 -26.59 15.52 41.79
CA ASP I 32 -27.68 14.98 40.97
C ASP I 32 -27.12 14.57 39.60
N GLN I 33 -26.22 15.38 39.06
CA GLN I 33 -25.61 15.08 37.78
C GLN I 33 -24.42 14.13 37.88
N ILE I 34 -23.48 14.45 38.77
CA ILE I 34 -22.27 13.66 38.98
C ILE I 34 -22.62 12.19 39.21
N LEU I 35 -23.62 11.99 40.05
CA LEU I 35 -23.99 10.66 40.53
C LEU I 35 -25.08 10.00 39.70
N SER I 36 -25.44 10.62 38.60
CA SER I 36 -26.39 10.03 37.67
C SER I 36 -25.79 10.01 36.26
N ALA I 37 -24.47 10.06 36.18
CA ALA I 37 -23.76 10.04 34.90
C ALA I 37 -23.17 8.68 34.59
N GLN I 38 -23.52 7.67 35.41
CA GLN I 38 -22.94 6.33 35.24
C GLN I 38 -23.90 5.39 34.53
N HIS I 39 -23.63 5.05 33.30
CA HIS I 39 -24.62 4.30 32.50
C HIS I 39 -24.04 3.05 31.91
N PRO I 40 -23.80 2.07 32.75
CA PRO I 40 -23.25 0.79 32.30
C PRO I 40 -24.15 0.11 31.26
N LEU I 41 -23.56 -0.39 30.19
CA LEU I 41 -24.31 -0.98 29.06
C LEU I 41 -24.34 -2.49 29.10
N SER I 42 -23.26 -3.08 29.60
CA SER I 42 -23.16 -4.53 29.70
C SER I 42 -23.80 -4.94 31.00
N PRO I 43 -23.97 -6.25 31.21
CA PRO I 43 -24.41 -6.75 32.51
C PRO I 43 -23.27 -7.02 33.49
N ASP I 44 -22.02 -6.73 33.08
CA ASP I 44 -20.86 -7.01 33.95
C ASP I 44 -20.75 -6.21 35.25
N HIS I 45 -20.52 -6.90 36.36
CA HIS I 45 -20.31 -6.22 37.64
C HIS I 45 -19.26 -5.13 37.52
N ASN I 46 -18.30 -5.35 36.60
CA ASN I 46 -17.04 -4.58 36.53
C ASN I 46 -17.06 -3.31 35.71
N GLU I 47 -18.17 -3.07 35.04
CA GLU I 47 -18.24 -1.94 34.15
C GLU I 47 -18.31 -0.62 34.93
N MET I 48 -18.85 -0.66 36.15
CA MET I 48 -18.85 0.53 36.99
C MET I 48 -17.43 1.03 37.18
N LEU I 49 -16.50 0.12 37.42
CA LEU I 49 -15.10 0.54 37.55
C LEU I 49 -14.58 1.18 36.28
N PHE I 50 -14.92 0.60 35.11
CA PHE I 50 -14.46 1.12 33.82
C PHE I 50 -14.94 2.55 33.64
N ILE I 51 -16.19 2.78 33.98
CA ILE I 51 -16.79 4.09 33.84
C ILE I 51 -16.19 5.06 34.85
N VAL I 52 -16.18 4.71 36.11
CA VAL I 52 -15.82 5.66 37.11
C VAL I 52 -14.36 6.08 37.06
N GLN I 53 -13.49 5.16 36.66
CA GLN I 53 -12.08 5.50 36.49
C GLN I 53 -11.83 6.54 35.40
N HIS I 54 -12.57 6.48 34.28
CA HIS I 54 -12.49 7.55 33.27
C HIS I 54 -13.05 8.86 33.80
N GLN I 55 -14.20 8.81 34.45
CA GLN I 55 -14.89 10.00 34.98
C GLN I 55 -14.09 10.78 36.01
N THR I 56 -13.38 10.07 36.91
CA THR I 56 -12.61 10.74 37.96
C THR I 56 -11.41 11.40 37.31
N THR I 57 -10.82 10.71 36.36
CA THR I 57 -9.67 11.26 35.63
C THR I 57 -10.06 12.48 34.77
N GLU I 58 -11.18 12.41 34.07
CA GLU I 58 -11.72 13.58 33.38
C GLU I 58 -11.96 14.76 34.33
N LEU I 59 -12.51 14.48 35.52
CA LEU I 59 -12.75 15.56 36.45
C LEU I 59 -11.43 16.19 36.92
N TRP I 60 -10.45 15.36 37.29
CA TRP I 60 -9.14 15.89 37.66
C TRP I 60 -8.52 16.66 36.49
N MET I 61 -8.86 16.28 35.26
CA MET I 61 -8.30 16.97 34.10
C MET I 61 -8.90 18.34 33.90
N LYS I 62 -10.19 18.47 34.16
CA LYS I 62 -10.80 19.79 34.14
C LYS I 62 -10.02 20.66 35.10
N LEU I 63 -9.72 20.15 36.29
CA LEU I 63 -9.06 20.96 37.29
C LEU I 63 -7.64 21.31 36.85
N MET I 64 -6.98 20.35 36.24
CA MET I 64 -5.62 20.56 35.79
C MET I 64 -5.56 21.65 34.70
N LEU I 65 -6.46 21.57 33.74
CA LEU I 65 -6.65 22.62 32.74
C LEU I 65 -6.87 23.98 33.40
N HIS I 66 -7.84 24.06 34.29
CA HIS I 66 -8.08 25.26 35.07
C HIS I 66 -6.81 25.83 35.66
N GLU I 67 -5.97 24.96 36.24
CA GLU I 67 -4.72 25.39 36.88
C GLU I 67 -3.60 25.70 35.89
N LEU I 68 -3.42 24.84 34.89
CA LEU I 68 -2.43 25.09 33.85
C LEU I 68 -2.63 26.45 33.18
N ARG I 69 -3.89 26.77 32.87
CA ARG I 69 -4.18 28.00 32.18
C ARG I 69 -3.80 29.18 33.04
N ALA I 70 -4.10 29.13 34.33
CA ALA I 70 -3.75 30.24 35.19
C ALA I 70 -2.22 30.37 35.37
N ALA I 71 -1.53 29.25 35.37
CA ALA I 71 -0.08 29.28 35.52
C ALA I 71 0.59 29.76 34.23
N ARG I 72 -0.04 29.50 33.08
CA ARG I 72 0.39 30.06 31.77
C ARG I 72 0.20 31.57 31.72
N ASP I 73 -0.91 32.05 32.24
CA ASP I 73 -1.15 33.46 32.35
C ASP I 73 -0.14 34.13 33.26
N GLY I 74 0.34 33.38 34.25
CA GLY I 74 1.28 33.93 35.21
C GLY I 74 2.63 34.02 34.54
N VAL I 75 2.89 33.10 33.63
CA VAL I 75 4.11 33.09 32.87
C VAL I 75 4.09 34.32 31.97
N LYS I 76 2.97 34.50 31.27
CA LYS I 76 2.79 35.60 30.32
C LYS I 76 2.94 36.96 30.98
N SER I 77 2.44 37.09 32.20
CA SER I 77 2.51 38.37 32.90
C SER I 77 3.73 38.48 33.83
N ASP I 78 4.70 37.60 33.64
CA ASP I 78 5.87 37.44 34.53
C ASP I 78 5.54 37.56 36.03
N GLN I 79 4.55 36.78 36.45
CA GLN I 79 4.27 36.59 37.86
C GLN I 79 4.44 35.11 38.16
N LEU I 80 5.68 34.71 38.33
CA LEU I 80 6.08 33.31 38.39
C LEU I 80 5.79 32.67 39.74
N GLN I 81 5.87 33.42 40.83
CA GLN I 81 5.67 32.82 42.15
C GLN I 81 4.29 32.15 42.32
N PRO I 82 3.20 32.91 42.09
CA PRO I 82 1.90 32.26 42.05
C PRO I 82 1.74 31.14 41.01
N ALA I 83 2.37 31.29 39.86
CA ALA I 83 2.34 30.22 38.87
C ALA I 83 2.99 28.91 39.40
N PHE I 84 4.11 29.04 40.10
CA PHE I 84 4.79 27.89 40.71
C PHE I 84 3.84 27.14 41.68
N LYS I 85 3.08 27.88 42.48
CA LYS I 85 2.14 27.27 43.40
C LYS I 85 1.10 26.45 42.64
N MET I 86 0.62 26.98 41.52
CA MET I 86 -0.36 26.30 40.66
C MET I 86 0.20 25.03 40.04
N LEU I 87 1.44 25.09 39.58
CA LEU I 87 2.09 23.93 39.00
C LEU I 87 2.37 22.84 40.07
N ALA I 88 2.81 23.24 41.25
CA ALA I 88 2.83 22.29 42.38
C ALA I 88 1.47 21.57 42.52
N ARG I 89 0.38 22.36 42.42
CA ARG I 89 -0.97 21.75 42.50
C ARG I 89 -1.23 20.79 41.36
N VAL I 90 -0.80 21.12 40.16
CA VAL I 90 -0.92 20.20 39.01
C VAL I 90 -0.13 18.93 39.27
N SER I 91 1.00 19.09 39.98
CA SER I 91 1.84 17.96 40.35
C SER I 91 1.14 17.00 41.29
N ARG I 92 0.52 17.54 42.36
CA ARG I 92 -0.28 16.69 43.26
C ARG I 92 -1.42 16.01 42.48
N ILE I 93 -2.04 16.73 41.54
CA ILE I 93 -3.09 16.13 40.74
C ILE I 93 -2.52 14.95 39.94
N MET I 94 -1.36 15.15 39.29
CA MET I 94 -0.72 14.14 38.43
C MET I 94 -0.37 12.87 39.23
N ASP I 95 -0.03 13.07 40.50
CA ASP I 95 0.21 11.97 41.42
C ASP I 95 -1.03 11.10 41.58
N GLN I 96 -2.19 11.71 41.73
CA GLN I 96 -3.44 10.95 41.83
C GLN I 96 -3.65 10.19 40.55
N LEU I 97 -3.41 10.88 39.44
CA LEU I 97 -3.78 10.35 38.15
C LEU I 97 -2.98 9.13 37.85
N VAL I 98 -1.69 9.17 38.21
CA VAL I 98 -0.74 8.09 37.87
C VAL I 98 -0.99 6.90 38.79
N GLN I 99 -1.25 7.18 40.07
CA GLN I 99 -1.57 6.12 41.01
C GLN I 99 -2.96 5.50 40.78
N ALA I 100 -3.91 6.30 40.30
CA ALA I 100 -5.22 5.77 39.86
C ALA I 100 -5.18 4.44 39.11
N TRP I 101 -4.15 4.21 38.30
CA TRP I 101 -4.10 3.00 37.45
C TRP I 101 -4.08 1.73 38.32
N ASN I 102 -3.59 1.84 39.54
CA ASN I 102 -3.64 0.71 40.45
C ASN I 102 -5.06 0.17 40.63
N VAL I 103 -6.08 1.03 40.51
CA VAL I 103 -7.45 0.54 40.67
C VAL I 103 -7.84 -0.27 39.44
N LEU I 104 -7.60 0.28 38.27
CA LEU I 104 -8.04 -0.37 37.03
C LEU I 104 -7.25 -1.68 36.77
N ALA I 105 -6.06 -1.73 37.31
CA ALA I 105 -5.19 -2.88 37.20
C ALA I 105 -5.79 -4.10 37.90
N THR I 106 -6.90 -3.92 38.61
CA THR I 106 -7.57 -5.04 39.24
C THR I 106 -8.63 -5.61 38.29
N MET I 107 -8.72 -5.06 37.08
CA MET I 107 -9.60 -5.62 36.05
C MET I 107 -8.90 -6.68 35.24
N THR I 108 -9.41 -7.90 35.25
CA THR I 108 -8.76 -8.97 34.54
C THR I 108 -9.33 -9.03 33.12
N PRO I 109 -8.60 -9.64 32.17
CA PRO I 109 -9.14 -9.79 30.81
C PRO I 109 -10.54 -10.40 30.66
N PRO I 110 -10.84 -11.53 31.35
CA PRO I 110 -12.22 -12.02 31.23
C PRO I 110 -13.28 -10.99 31.63
N GLU I 111 -13.01 -10.21 32.68
CA GLU I 111 -13.95 -9.18 33.11
C GLU I 111 -14.11 -8.10 32.03
N TYR I 112 -13.00 -7.69 31.39
CA TYR I 112 -13.11 -6.71 30.30
C TYR I 112 -13.77 -7.31 29.08
N SER I 113 -13.45 -8.56 28.78
CA SER I 113 -14.01 -9.21 27.60
C SER I 113 -15.54 -9.28 27.66
N ALA I 114 -16.08 -9.54 28.86
CA ALA I 114 -17.52 -9.60 29.06
C ALA I 114 -18.22 -8.27 28.79
N MET I 115 -17.53 -7.14 28.94
CA MET I 115 -18.15 -5.81 28.76
C MET I 115 -17.82 -5.15 27.45
N ARG I 116 -16.83 -5.70 26.75
CA ARG I 116 -16.38 -5.08 25.52
C ARG I 116 -17.42 -5.15 24.39
N PRO I 117 -18.06 -6.31 24.20
CA PRO I 117 -19.04 -6.37 23.11
C PRO I 117 -20.07 -5.20 23.16
N TYR I 118 -20.25 -4.59 24.31
CA TYR I 118 -21.26 -3.54 24.49
C TYR I 118 -20.71 -2.12 24.36
N LEU I 119 -19.41 -2.00 24.11
CA LEU I 119 -18.80 -0.66 24.14
C LEU I 119 -18.84 0.08 22.82
N GLY I 120 -18.76 -0.61 21.69
CA GLY I 120 -18.75 0.10 20.40
C GLY I 120 -17.39 0.65 20.07
N ALA I 121 -17.32 1.93 19.70
CA ALA I 121 -16.04 2.54 19.28
C ALA I 121 -15.52 3.64 20.21
N SER I 122 -15.95 3.62 21.47
CA SER I 122 -15.41 4.49 22.50
C SER I 122 -13.92 4.25 22.73
N SER I 123 -13.20 5.35 22.93
CA SER I 123 -11.83 5.32 23.45
C SER I 123 -11.46 6.75 23.78
N GLY I 124 -10.42 6.90 24.60
CA GLY I 124 -10.00 8.21 25.05
C GLY I 124 -9.47 9.00 23.89
N PHE I 125 -9.36 8.35 22.73
CA PHE I 125 -9.01 9.08 21.51
C PHE I 125 -9.89 10.32 21.39
N GLN I 126 -11.10 10.22 21.96
CA GLN I 126 -12.11 11.25 21.85
C GLN I 126 -12.20 12.16 23.05
N SER I 127 -11.27 12.04 23.98
CA SER I 127 -11.20 13.02 25.07
C SER I 127 -10.69 14.37 24.57
N TYR I 128 -11.51 15.39 24.68
CA TYR I 128 -11.12 16.72 24.21
C TYR I 128 -10.33 17.45 25.30
N GLN I 129 -10.63 17.16 26.55
CA GLN I 129 -9.80 17.68 27.64
C GLN I 129 -8.39 17.14 27.51
N TYR I 130 -8.26 15.84 27.31
CA TYR I 130 -6.93 15.31 27.14
C TYR I 130 -6.15 16.08 26.08
N ARG I 131 -6.83 16.38 24.97
CA ARG I 131 -6.21 17.04 23.84
C ARG I 131 -5.85 18.48 24.19
N GLU I 132 -6.75 19.20 24.84
CA GLU I 132 -6.39 20.55 25.35
C GLU I 132 -5.16 20.50 26.27
N ILE I 133 -4.99 19.38 26.95
CA ILE I 133 -3.85 19.22 27.86
C ILE I 133 -2.56 18.98 27.08
N GLU I 134 -2.62 18.08 26.11
CA GLU I 134 -1.49 17.92 25.20
C GLU I 134 -1.13 19.21 24.48
N PHE I 135 -2.16 19.96 24.04
CA PHE I 135 -1.99 21.23 23.34
C PHE I 135 -1.32 22.28 24.21
N ILE I 136 -1.90 22.54 25.37
CA ILE I 136 -1.31 23.47 26.34
C ILE I 136 0.14 23.14 26.72
N LEU I 137 0.51 21.87 26.53
CA LEU I 137 1.88 21.41 26.78
C LEU I 137 2.72 21.43 25.49
N GLY I 138 2.09 21.88 24.42
CA GLY I 138 2.81 22.14 23.16
C GLY I 138 2.86 20.95 22.23
N ASN I 139 2.16 19.89 22.61
CA ASN I 139 2.06 18.76 21.72
C ASN I 139 0.88 19.01 20.80
N LYS I 140 1.01 20.09 20.04
CA LYS I 140 0.06 20.49 19.05
C LYS I 140 -0.02 19.50 17.84
N ASN I 141 -1.23 19.31 17.30
CA ASN I 141 -1.51 18.37 16.20
C ASN I 141 -2.91 18.59 15.63
N ALA I 142 -2.98 19.20 14.45
CA ALA I 142 -4.26 19.59 13.82
C ALA I 142 -5.19 18.39 13.57
N ALA I 143 -4.61 17.25 13.20
CA ALA I 143 -5.40 16.06 12.91
C ALA I 143 -6.26 15.66 14.10
N MET I 144 -5.87 16.08 15.29
CA MET I 144 -6.62 15.69 16.49
C MET I 144 -7.89 16.48 16.65
N LEU I 145 -8.18 17.38 15.72
CA LEU I 145 -9.46 18.12 15.74
C LEU I 145 -10.61 17.24 15.27
N ARG I 146 -10.31 16.30 14.37
CA ARG I 146 -11.31 15.48 13.69
C ARG I 146 -12.30 14.71 14.58
N PRO I 147 -11.82 14.08 15.69
CA PRO I 147 -12.80 13.31 16.45
C PRO I 147 -13.81 14.19 17.17
N HIS I 148 -13.60 15.50 17.16
CA HIS I 148 -14.54 16.42 17.82
C HIS I 148 -15.48 17.22 16.89
N ALA I 149 -15.43 16.97 15.59
CA ALA I 149 -16.24 17.69 14.59
C ALA I 149 -17.74 17.61 14.85
N HIS I 150 -18.22 16.49 15.36
CA HIS I 150 -19.65 16.32 15.62
C HIS I 150 -20.12 17.10 16.85
N ARG I 151 -19.20 17.66 17.62
CA ARG I 151 -19.58 18.51 18.76
C ARG I 151 -18.93 19.87 18.62
N PRO I 152 -19.62 20.76 17.88
CA PRO I 152 -19.10 22.07 17.56
C PRO I 152 -18.53 22.81 18.76
N GLU I 153 -19.13 22.68 19.95
CA GLU I 153 -18.56 23.37 21.11
C GLU I 153 -17.22 22.79 21.58
N HIS I 154 -17.02 21.48 21.42
CA HIS I 154 -15.76 20.84 21.79
C HIS I 154 -14.72 21.15 20.73
N LEU I 155 -15.13 21.09 19.47
CA LEU I 155 -14.25 21.46 18.37
C LEU I 155 -13.69 22.85 18.58
N GLU I 156 -14.56 23.79 18.93
CA GLU I 156 -14.11 25.16 19.07
C GLU I 156 -13.09 25.31 20.22
N LEU I 157 -13.32 24.63 21.35
CA LEU I 157 -12.40 24.64 22.49
C LEU I 157 -11.03 24.13 22.09
N VAL I 158 -11.03 23.04 21.34
CA VAL I 158 -9.82 22.38 20.88
C VAL I 158 -9.10 23.17 19.80
N GLU I 159 -9.87 23.77 18.90
CA GLU I 159 -9.34 24.58 17.81
C GLU I 159 -8.67 25.82 18.37
N THR I 160 -9.35 26.52 19.26
CA THR I 160 -8.75 27.65 19.97
C THR I 160 -7.44 27.28 20.70
N ALA I 161 -7.47 26.15 21.39
CA ALA I 161 -6.33 25.61 22.14
C ALA I 161 -5.16 25.35 21.21
N LEU I 162 -5.49 24.87 20.02
CA LEU I 162 -4.44 24.54 19.04
C LEU I 162 -3.74 25.83 18.55
N HIS I 163 -4.49 26.92 18.40
CA HIS I 163 -3.97 28.19 17.88
C HIS I 163 -3.40 29.06 18.99
N THR I 164 -3.51 28.62 20.24
CA THR I 164 -2.98 29.41 21.35
C THR I 164 -1.55 28.98 21.69
N PRO I 165 -0.64 29.95 21.84
CA PRO I 165 0.73 29.56 22.20
C PRO I 165 0.76 28.68 23.47
N SER I 166 1.53 27.59 23.44
CA SER I 166 1.60 26.64 24.57
C SER I 166 2.23 27.26 25.78
N MET I 167 2.15 26.56 26.90
CA MET I 167 2.78 27.06 28.12
C MET I 167 4.28 27.12 27.92
N TYR I 168 4.82 26.20 27.13
CA TYR I 168 6.28 26.16 26.88
C TYR I 168 6.68 27.33 26.04
N ASP I 169 5.93 27.55 24.95
CA ASP I 169 6.00 28.74 24.13
C ASP I 169 6.08 29.99 24.96
N GLU I 170 5.23 30.13 25.96
CA GLU I 170 5.21 31.37 26.77
C GLU I 170 6.43 31.48 27.67
N ALA I 171 7.06 30.32 27.98
CA ALA I 171 8.28 30.29 28.77
C ALA I 171 9.43 30.81 27.92
N ILE I 172 9.47 30.37 26.67
CA ILE I 172 10.44 30.85 25.71
C ILE I 172 10.29 32.36 25.53
N ARG I 173 9.05 32.79 25.30
CA ARG I 173 8.82 34.20 25.11
C ARG I 173 9.22 34.94 26.35
N LEU I 174 9.01 34.35 27.52
CA LEU I 174 9.42 35.02 28.77
C LEU I 174 10.95 35.19 28.83
N MET I 175 11.67 34.17 28.40
CA MET I 175 13.13 34.23 28.42
C MET I 175 13.65 35.35 27.49
N ALA I 176 13.07 35.45 26.30
CA ALA I 176 13.32 36.60 25.43
C ALA I 176 13.18 37.92 26.19
N ARG I 177 12.00 38.19 26.74
CA ARG I 177 11.79 39.38 27.57
C ARG I 177 12.77 39.56 28.73
N ARG I 178 13.50 38.50 29.09
CA ARG I 178 14.39 38.54 30.24
C ARG I 178 15.76 38.93 29.75
N GLY I 179 15.89 39.02 28.43
CA GLY I 179 17.14 39.41 27.81
C GLY I 179 17.89 38.30 27.07
N PHE I 180 17.35 37.09 27.04
CA PHE I 180 18.06 36.01 26.36
C PHE I 180 17.92 36.14 24.85
N GLN I 181 18.97 35.77 24.13
CA GLN I 181 18.97 35.78 22.69
C GLN I 181 18.21 34.58 22.14
N ILE I 182 16.90 34.72 21.93
CA ILE I 182 16.13 33.63 21.33
C ILE I 182 15.75 33.98 19.88
N ASP I 183 15.89 33.01 18.97
CA ASP I 183 15.46 33.18 17.58
C ASP I 183 14.06 33.76 17.49
N PRO I 184 13.87 34.82 16.69
CA PRO I 184 12.49 35.36 16.57
C PRO I 184 11.42 34.38 16.00
N GLU I 185 11.82 33.29 15.36
CA GLU I 185 10.81 32.37 14.78
C GLU I 185 10.45 31.21 15.71
N VAL I 186 10.71 31.41 17.00
CA VAL I 186 10.10 30.61 18.03
C VAL I 186 9.46 31.52 19.07
N VAL I 187 9.74 32.82 19.00
CA VAL I 187 9.06 33.77 19.86
C VAL I 187 7.74 34.10 19.21
N GLU I 188 7.65 33.74 17.93
CA GLU I 188 6.47 34.02 17.12
C GLU I 188 6.48 33.07 15.93
N ARG I 189 5.47 32.21 15.82
CA ARG I 189 5.47 31.23 14.74
C ARG I 189 4.09 30.60 14.50
N ASP I 190 4.05 29.56 13.66
CA ASP I 190 2.83 28.80 13.46
C ASP I 190 2.51 27.99 14.70
N TRP I 191 1.81 28.63 15.64
CA TRP I 191 1.39 28.02 16.91
C TRP I 191 0.78 26.63 16.83
N THR I 192 0.32 26.22 15.65
CA THR I 192 -0.41 24.96 15.46
C THR I 192 0.53 23.81 15.08
N GLN I 193 1.82 24.06 15.14
CA GLN I 193 2.81 23.05 14.74
C GLN I 193 3.44 22.37 15.98
N PRO I 194 3.65 21.04 15.91
CA PRO I 194 4.29 20.30 16.98
C PRO I 194 5.36 21.17 17.58
N THR I 195 5.97 20.73 18.69
CA THR I 195 7.14 21.43 19.22
C THR I 195 8.42 20.82 18.68
N GLN I 196 9.30 21.67 18.14
CA GLN I 196 10.58 21.21 17.63
C GLN I 196 11.80 21.91 18.23
N TYR I 197 12.83 21.11 18.46
CA TYR I 197 14.06 21.59 19.06
C TYR I 197 14.57 22.90 18.43
N ASN I 198 14.96 23.84 19.28
CA ASN I 198 15.62 25.07 18.83
C ASN I 198 16.85 25.40 19.66
N ALA I 199 17.98 25.52 18.96
CA ALA I 199 19.28 25.59 19.60
C ALA I 199 19.45 26.83 20.47
N SER I 200 18.80 27.93 20.06
CA SER I 200 18.93 29.17 20.84
C SER I 200 18.20 28.93 22.17
N VAL I 201 17.07 28.26 22.11
CA VAL I 201 16.32 27.89 23.31
C VAL I 201 17.21 27.04 24.23
N GLU I 202 17.89 26.03 23.69
CA GLU I 202 18.77 25.25 24.57
C GLU I 202 19.87 26.10 25.18
N ALA I 203 20.42 27.03 24.40
CA ALA I 203 21.51 27.83 24.93
C ALA I 203 20.98 28.67 26.08
N ALA I 204 19.76 29.17 25.96
CA ALA I 204 19.19 29.97 27.04
C ALA I 204 19.06 29.13 28.32
N TRP I 205 18.34 28.02 28.22
CA TRP I 205 18.22 27.09 29.36
C TRP I 205 19.59 26.71 29.93
N LEU I 206 20.56 26.42 29.08
CA LEU I 206 21.91 26.08 29.53
C LEU I 206 22.50 27.15 30.43
N GLU I 207 22.38 28.40 29.98
CA GLU I 207 22.92 29.51 30.72
C GLU I 207 22.24 29.57 32.09
N VAL I 208 20.97 29.19 32.14
CA VAL I 208 20.18 29.20 33.38
C VAL I 208 20.69 28.10 34.31
N TYR I 209 20.76 26.87 33.79
CA TYR I 209 21.25 25.72 34.57
C TYR I 209 22.71 25.80 35.02
N ARG I 210 23.54 26.53 34.27
CA ARG I 210 24.94 26.67 34.63
C ARG I 210 25.12 27.73 35.70
N ASN I 211 24.16 28.64 35.80
CA ASN I 211 24.23 29.71 36.76
C ASN I 211 22.89 29.87 37.47
N PRO I 212 22.49 28.85 38.25
CA PRO I 212 21.22 28.81 38.95
C PRO I 212 20.98 30.00 39.88
N SER I 213 21.98 30.37 40.67
CA SER I 213 21.84 31.48 41.61
C SER I 213 21.50 32.78 40.90
N ALA I 214 22.02 32.93 39.68
CA ALA I 214 21.81 34.14 38.90
C ALA I 214 20.41 34.18 38.27
N HIS I 215 19.82 33.00 38.03
CA HIS I 215 18.52 32.90 37.37
C HIS I 215 17.59 31.90 38.08
N TRP I 216 17.38 32.09 39.38
CA TRP I 216 16.73 31.06 40.17
C TRP I 216 15.32 30.71 39.71
N GLU I 217 14.53 31.75 39.36
CA GLU I 217 13.15 31.57 38.89
C GLU I 217 13.11 30.73 37.63
N LEU I 218 13.99 30.99 36.68
CA LEU I 218 13.94 30.28 35.40
C LEU I 218 14.52 28.87 35.50
N TYR I 219 15.35 28.63 36.50
CA TYR I 219 15.86 27.31 36.86
C TYR I 219 14.71 26.48 37.46
N GLU I 220 14.07 27.03 38.47
CA GLU I 220 12.89 26.42 39.09
C GLU I 220 11.80 26.15 38.03
N LEU I 221 11.52 27.15 37.21
CA LEU I 221 10.57 26.98 36.12
C LEU I 221 10.94 25.83 35.20
N GLY I 222 12.21 25.72 34.82
CA GLY I 222 12.64 24.63 33.98
C GLY I 222 12.36 23.29 34.63
N GLU I 223 12.61 23.20 35.93
CA GLU I 223 12.43 21.96 36.68
C GLU I 223 10.97 21.55 36.84
N LYS I 224 10.09 22.55 36.87
CA LYS I 224 8.66 22.28 36.85
C LYS I 224 8.22 21.73 35.49
N PHE I 225 8.77 22.24 34.41
CA PHE I 225 8.47 21.68 33.09
C PHE I 225 8.92 20.24 33.03
N VAL I 226 10.17 19.96 33.36
CA VAL I 226 10.63 18.55 33.42
C VAL I 226 9.73 17.66 34.30
N ASP I 227 9.44 18.10 35.53
CA ASP I 227 8.53 17.39 36.44
C ASP I 227 7.20 17.03 35.81
N LEU I 228 6.65 18.00 35.11
CA LEU I 228 5.40 17.83 34.43
C LEU I 228 5.52 16.81 33.31
N GLU I 229 6.65 16.78 32.58
CA GLU I 229 6.72 15.91 31.42
C GLU I 229 6.99 14.54 31.94
N ASP I 230 7.81 14.48 32.97
CA ASP I 230 8.07 13.24 33.70
C ASP I 230 6.78 12.55 34.12
N ALA I 231 5.98 13.25 34.93
CA ALA I 231 4.72 12.71 35.41
C ALA I 231 3.81 12.30 34.26
N PHE I 232 3.82 13.09 33.21
CA PHE I 232 2.93 12.81 32.10
C PHE I 232 3.41 11.53 31.39
N ARG I 233 4.73 11.29 31.41
CA ARG I 233 5.26 10.10 30.78
C ARG I 233 4.86 8.89 31.61
N GLN I 234 4.97 9.00 32.93
CA GLN I 234 4.52 7.95 33.82
C GLN I 234 3.05 7.64 33.57
N TRP I 235 2.26 8.66 33.33
CA TRP I 235 0.85 8.45 33.03
C TRP I 235 0.64 7.65 31.75
N ARG I 236 1.29 8.06 30.68
CA ARG I 236 1.10 7.27 29.46
C ARG I 236 1.69 5.87 29.52
N PHE I 237 2.74 5.67 30.30
CA PHE I 237 3.33 4.33 30.38
C PHE I 237 2.43 3.40 31.14
N ARG I 238 1.92 3.91 32.26
CA ARG I 238 0.98 3.17 33.09
C ARG I 238 -0.29 2.87 32.25
N HIS I 239 -0.73 3.89 31.50
CA HIS I 239 -1.86 3.73 30.62
C HIS I 239 -1.62 2.55 29.68
N VAL I 240 -0.53 2.60 28.92
CA VAL I 240 -0.26 1.53 27.97
C VAL I 240 0.00 0.17 28.63
N THR I 241 0.69 0.17 29.77
CA THR I 241 0.89 -1.10 30.46
C THR I 241 -0.43 -1.65 30.96
N THR I 242 -1.31 -0.79 31.44
CA THR I 242 -2.60 -1.28 31.93
C THR I 242 -3.50 -1.77 30.76
N VAL I 243 -3.42 -1.08 29.63
CA VAL I 243 -4.18 -1.48 28.45
C VAL I 243 -3.72 -2.83 27.91
N GLU I 244 -2.41 -3.03 27.83
CA GLU I 244 -1.90 -4.35 27.46
C GLU I 244 -2.35 -5.47 28.43
N ARG I 245 -2.36 -5.21 29.73
CA ARG I 245 -2.69 -6.31 30.61
C ARG I 245 -4.17 -6.64 30.60
N VAL I 246 -4.99 -5.79 29.95
CA VAL I 246 -6.41 -6.10 29.83
C VAL I 246 -6.80 -6.62 28.45
N ILE I 247 -6.19 -6.09 27.39
CA ILE I 247 -6.53 -6.51 26.02
C ILE I 247 -5.34 -7.05 25.20
N GLY I 248 -4.14 -7.04 25.79
CA GLY I 248 -2.94 -7.38 25.03
C GLY I 248 -2.72 -6.58 23.76
N PHE I 249 -2.44 -7.29 22.68
CA PHE I 249 -2.27 -6.69 21.34
C PHE I 249 -3.50 -6.72 20.39
N LYS I 250 -4.70 -6.88 20.95
CA LYS I 250 -5.94 -6.72 20.19
C LYS I 250 -6.03 -5.26 19.74
N ARG I 251 -6.62 -5.06 18.56
CA ARG I 251 -6.90 -3.72 18.03
C ARG I 251 -7.82 -3.00 19.02
N GLY I 252 -7.69 -1.67 19.18
CA GLY I 252 -8.53 -0.93 20.14
C GLY I 252 -9.94 -0.63 19.64
N THR I 253 -10.89 -0.46 20.57
CA THR I 253 -12.29 -0.19 20.19
C THR I 253 -12.38 1.10 19.39
N GLY I 254 -11.41 2.00 19.60
CA GLY I 254 -11.38 3.26 18.89
C GLY I 254 -10.85 3.19 17.45
N GLY I 255 -10.50 1.97 17.01
CA GLY I 255 -10.12 1.71 15.60
C GLY I 255 -8.62 1.76 15.34
N THR I 256 -7.89 2.26 16.34
CA THR I 256 -6.44 2.35 16.36
C THR I 256 -5.73 0.99 16.57
N GLU I 257 -4.42 0.94 16.28
CA GLU I 257 -3.63 -0.28 16.48
C GLU I 257 -3.75 -0.73 17.92
N GLY I 258 -4.20 0.21 18.75
CA GLY I 258 -4.37 -0.02 20.16
C GLY I 258 -3.06 0.19 20.87
N VAL I 259 -2.52 -0.87 21.41
CA VAL I 259 -1.32 -0.79 22.20
C VAL I 259 -0.16 -0.16 21.46
N SER I 260 -0.02 -0.43 20.16
CA SER I 260 1.19 0.00 19.47
C SER I 260 1.11 1.49 19.20
N TYR I 261 -0.09 1.97 18.93
CA TYR I 261 -0.30 3.39 18.82
C TYR I 261 0.09 4.08 20.14
N LEU I 262 -0.37 3.49 21.24
CA LEU I 262 -0.10 4.03 22.56
C LEU I 262 1.38 4.00 22.89
N ARG I 263 2.09 2.96 22.46
CA ARG I 263 3.54 2.88 22.69
C ARG I 263 4.28 3.95 21.91
N ARG I 264 3.75 4.28 20.74
CA ARG I 264 4.36 5.32 19.92
C ARG I 264 4.23 6.68 20.59
N MET I 265 3.16 6.89 21.35
CA MET I 265 2.99 8.18 22.02
C MET I 265 3.92 8.33 23.22
N LEU I 266 4.47 7.22 23.70
CA LEU I 266 5.54 7.26 24.67
C LEU I 266 6.78 7.95 24.12
N ASP I 267 6.86 8.04 22.79
CA ASP I 267 8.02 8.56 22.08
C ASP I 267 8.06 10.08 21.99
N VAL I 268 6.93 10.72 22.26
CA VAL I 268 6.84 12.16 22.17
C VAL I 268 7.83 12.85 23.13
N VAL I 269 8.34 14.02 22.73
CA VAL I 269 9.02 14.92 23.65
C VAL I 269 8.30 16.26 23.64
N LEU I 270 8.10 16.80 24.82
CA LEU I 270 7.34 18.00 24.96
C LEU I 270 8.24 19.22 25.05
N PHE I 271 9.41 19.05 25.71
CA PHE I 271 10.27 20.16 26.08
C PHE I 271 11.68 19.76 25.74
N PRO I 272 11.98 19.66 24.44
CA PRO I 272 13.16 18.90 24.06
C PRO I 272 14.45 19.58 24.53
N GLU I 273 14.53 20.90 24.52
CA GLU I 273 15.78 21.54 24.94
C GLU I 273 16.06 21.27 26.41
N LEU I 274 15.00 21.18 27.22
CA LEU I 274 15.18 20.93 28.64
C LEU I 274 15.74 19.52 28.90
N TRP I 275 15.41 18.57 28.04
CA TRP I 275 15.99 17.23 28.22
C TRP I 275 17.37 17.09 27.56
N LYS I 276 17.54 17.72 26.40
CA LYS I 276 18.82 17.71 25.70
C LYS I 276 19.92 18.46 26.47
N LEU I 277 19.57 19.55 27.17
CA LEU I 277 20.62 20.32 27.88
C LEU I 277 21.35 19.52 28.95
N ARG I 278 20.79 18.37 29.33
CA ARG I 278 21.42 17.53 30.33
C ARG I 278 22.73 16.98 29.83
N THR I 279 22.74 16.50 28.58
CA THR I 279 23.95 15.94 27.98
C THR I 279 25.01 17.01 27.73
N ASP I 280 24.59 18.25 27.50
CA ASP I 280 25.51 19.33 27.08
C ASP I 280 25.95 20.19 28.24
N LEU I 281 25.54 19.83 29.45
CA LEU I 281 25.74 20.71 30.60
C LEU I 281 27.21 20.91 30.96
N ARG J 21 -24.06 8.78 13.02
CA ARG J 21 -23.19 9.28 14.14
C ARG J 21 -23.07 8.24 15.29
N ASP J 22 -21.88 7.70 15.52
CA ASP J 22 -21.76 6.67 16.55
C ASP J 22 -21.82 7.18 18.00
N MET J 23 -21.94 6.25 18.95
CA MET J 23 -21.76 6.59 20.36
C MET J 23 -20.28 6.86 20.61
N SER J 24 -19.99 8.06 21.10
CA SER J 24 -18.64 8.47 21.41
C SER J 24 -18.32 8.22 22.87
N TYR J 25 -17.03 8.25 23.16
CA TYR J 25 -16.46 8.38 24.50
C TYR J 25 -17.28 9.32 25.42
N GLY J 26 -17.53 10.56 25.03
CA GLY J 26 -18.31 11.49 25.85
C GLY J 26 -19.70 10.95 26.18
N ASP J 27 -20.38 10.41 25.16
CA ASP J 27 -21.71 9.83 25.27
C ASP J 27 -21.76 8.70 26.28
N TYR J 28 -20.88 7.75 26.09
CA TYR J 28 -20.78 6.57 26.95
C TYR J 28 -20.46 6.94 28.40
N LEU J 29 -19.56 7.90 28.59
CA LEU J 29 -19.18 8.27 29.94
C LEU J 29 -20.09 9.30 30.58
N GLY J 30 -21.07 9.78 29.85
CA GLY J 30 -21.88 10.88 30.38
C GLY J 30 -21.13 12.17 30.74
N LEU J 31 -20.16 12.55 29.91
CA LEU J 31 -19.25 13.66 30.23
C LEU J 31 -19.89 15.05 30.20
N ASP J 32 -20.95 15.23 29.42
CA ASP J 32 -21.65 16.49 29.47
C ASP J 32 -22.24 16.66 30.84
N GLN J 33 -22.66 15.56 31.46
CA GLN J 33 -23.17 15.57 32.83
C GLN J 33 -22.02 15.84 33.81
N ILE J 34 -20.99 15.00 33.73
CA ILE J 34 -19.81 15.12 34.55
C ILE J 34 -19.19 16.52 34.44
N LEU J 35 -18.97 16.98 33.22
CA LEU J 35 -18.11 18.16 33.01
C LEU J 35 -18.87 19.48 32.96
N SER J 36 -20.11 19.49 33.41
CA SER J 36 -20.84 20.75 33.48
C SER J 36 -21.46 20.95 34.86
N ALA J 37 -21.01 20.17 35.84
CA ALA J 37 -21.53 20.21 37.21
C ALA J 37 -20.68 21.08 38.16
N GLN J 38 -19.74 21.81 37.58
CA GLN J 38 -18.84 22.63 38.37
C GLN J 38 -19.28 24.09 38.28
N HIS J 39 -19.94 24.56 39.32
CA HIS J 39 -20.44 25.91 39.33
C HIS J 39 -19.97 26.66 40.54
N PRO J 40 -18.76 27.24 40.45
CA PRO J 40 -18.21 28.01 41.55
C PRO J 40 -19.09 29.24 41.81
N LEU J 41 -19.27 29.58 43.08
CA LEU J 41 -20.17 30.65 43.49
C LEU J 41 -19.41 31.95 43.76
N SER J 42 -18.12 31.82 44.03
CA SER J 42 -17.24 32.94 44.34
C SER J 42 -16.40 33.27 43.10
N PRO J 43 -15.76 34.43 43.08
CA PRO J 43 -14.94 34.63 41.90
C PRO J 43 -13.50 34.13 42.10
N ASP J 44 -13.27 33.34 43.15
CA ASP J 44 -11.93 32.87 43.49
C ASP J 44 -11.39 31.72 42.62
N HIS J 45 -10.12 31.84 42.23
CA HIS J 45 -9.46 30.85 41.38
C HIS J 45 -9.49 29.44 41.95
N ASN J 46 -9.43 29.35 43.27
CA ASN J 46 -9.23 28.07 43.96
C ASN J 46 -10.51 27.32 44.31
N GLU J 47 -11.66 27.83 43.88
CA GLU J 47 -12.90 27.15 44.25
C GLU J 47 -13.15 25.91 43.38
N MET J 48 -12.64 25.94 42.15
CA MET J 48 -12.63 24.74 41.29
C MET J 48 -12.03 23.53 42.05
N LEU J 49 -10.90 23.75 42.72
CA LEU J 49 -10.28 22.71 43.50
C LEU J 49 -11.24 22.16 44.56
N PHE J 50 -11.77 23.04 45.40
CA PHE J 50 -12.72 22.66 46.44
C PHE J 50 -13.85 21.76 45.88
N ILE J 51 -14.40 22.14 44.74
CA ILE J 51 -15.52 21.41 44.16
C ILE J 51 -15.07 20.04 43.65
N VAL J 52 -14.07 20.05 42.79
CA VAL J 52 -13.57 18.84 42.13
C VAL J 52 -13.01 17.80 43.09
N GLN J 53 -12.30 18.27 44.10
CA GLN J 53 -11.91 17.44 45.23
C GLN J 53 -13.08 16.63 45.80
N HIS J 54 -14.21 17.28 46.07
CA HIS J 54 -15.39 16.57 46.58
C HIS J 54 -16.01 15.64 45.53
N GLN J 55 -16.15 16.13 44.31
CA GLN J 55 -16.81 15.33 43.25
C GLN J 55 -16.08 14.07 42.82
N THR J 56 -14.75 14.10 42.76
CA THR J 56 -14.00 12.88 42.50
C THR J 56 -14.13 11.87 43.67
N THR J 57 -14.15 12.38 44.89
CA THR J 57 -14.35 11.53 46.04
C THR J 57 -15.73 10.88 46.05
N GLU J 58 -16.75 11.63 45.73
CA GLU J 58 -18.08 11.04 45.59
C GLU J 58 -18.15 9.96 44.47
N LEU J 59 -17.47 10.20 43.37
CA LEU J 59 -17.43 9.20 42.28
C LEU J 59 -16.79 7.89 42.73
N TRP J 60 -15.67 7.98 43.46
CA TRP J 60 -15.00 6.80 43.99
C TRP J 60 -15.89 6.07 45.01
N MET J 61 -16.51 6.84 45.89
CA MET J 61 -17.47 6.30 46.81
C MET J 61 -18.62 5.55 46.13
N LYS J 62 -19.06 6.02 44.97
CA LYS J 62 -20.07 5.29 44.21
C LYS J 62 -19.55 3.91 43.81
N LEU J 63 -18.31 3.87 43.32
CA LEU J 63 -17.65 2.61 42.96
C LEU J 63 -17.46 1.70 44.19
N MET J 64 -17.07 2.31 45.30
CA MET J 64 -16.84 1.59 46.52
C MET J 64 -18.10 0.90 46.99
N LEU J 65 -19.22 1.62 47.01
CA LEU J 65 -20.50 1.04 47.37
C LEU J 65 -20.82 -0.13 46.46
N HIS J 66 -20.72 0.08 45.15
CA HIS J 66 -20.93 -0.95 44.18
C HIS J 66 -20.17 -2.20 44.62
N GLU J 67 -18.88 -2.03 44.92
CA GLU J 67 -18.03 -3.19 45.19
C GLU J 67 -18.27 -3.78 46.56
N LEU J 68 -18.52 -2.92 47.53
CA LEU J 68 -18.78 -3.41 48.89
C LEU J 68 -20.04 -4.25 48.92
N ARG J 69 -21.10 -3.79 48.26
CA ARG J 69 -22.33 -4.55 48.21
C ARG J 69 -22.15 -5.94 47.57
N ALA J 70 -21.40 -5.99 46.47
CA ALA J 70 -21.09 -7.24 45.79
C ALA J 70 -20.27 -8.13 46.70
N ALA J 71 -19.33 -7.52 47.43
CA ALA J 71 -18.51 -8.25 48.37
C ALA J 71 -19.34 -8.86 49.48
N ARG J 72 -20.30 -8.11 50.00
CA ARG J 72 -21.20 -8.63 51.04
C ARG J 72 -22.01 -9.78 50.48
N ASP J 73 -22.47 -9.65 49.24
CA ASP J 73 -23.20 -10.74 48.57
C ASP J 73 -22.36 -12.00 48.54
N GLY J 74 -21.07 -11.84 48.29
CA GLY J 74 -20.15 -12.96 48.32
C GLY J 74 -20.11 -13.61 49.69
N VAL J 75 -19.94 -12.80 50.73
CA VAL J 75 -19.93 -13.31 52.12
C VAL J 75 -21.24 -14.11 52.40
N LYS J 76 -22.36 -13.47 52.10
CA LYS J 76 -23.68 -14.04 52.33
C LYS J 76 -23.90 -15.39 51.64
N SER J 77 -23.29 -15.59 50.48
CA SER J 77 -23.51 -16.81 49.73
C SER J 77 -22.31 -17.73 49.85
N ASP J 78 -21.48 -17.48 50.86
CA ASP J 78 -20.22 -18.22 51.08
C ASP J 78 -19.36 -18.41 49.82
N GLN J 79 -19.21 -17.37 49.01
CA GLN J 79 -18.27 -17.42 47.89
C GLN J 79 -17.19 -16.38 48.13
N LEU J 80 -16.23 -16.70 48.99
CA LEU J 80 -15.26 -15.69 49.45
C LEU J 80 -14.17 -15.32 48.46
N GLN J 81 -13.92 -16.15 47.46
CA GLN J 81 -12.79 -15.89 46.58
C GLN J 81 -13.05 -14.64 45.73
N PRO J 82 -14.23 -14.57 45.09
CA PRO J 82 -14.53 -13.35 44.36
C PRO J 82 -14.67 -12.14 45.29
N ALA J 83 -15.14 -12.34 46.52
CA ALA J 83 -15.27 -11.24 47.45
C ALA J 83 -13.91 -10.68 47.85
N PHE J 84 -12.90 -11.55 47.97
CA PHE J 84 -11.57 -11.08 48.26
C PHE J 84 -11.05 -10.14 47.16
N LYS J 85 -11.42 -10.45 45.92
CA LYS J 85 -10.94 -9.71 44.75
C LYS J 85 -11.55 -8.33 44.75
N MET J 86 -12.82 -8.29 45.12
CA MET J 86 -13.58 -7.08 45.20
C MET J 86 -13.05 -6.21 46.33
N LEU J 87 -12.67 -6.84 47.42
CA LEU J 87 -12.15 -6.16 48.58
C LEU J 87 -10.76 -5.56 48.36
N ALA J 88 -9.98 -6.19 47.49
CA ALA J 88 -8.71 -5.63 47.09
C ALA J 88 -8.94 -4.39 46.25
N ARG J 89 -10.00 -4.40 45.46
CA ARG J 89 -10.30 -3.28 44.61
C ARG J 89 -10.70 -2.13 45.51
N VAL J 90 -11.50 -2.43 46.53
CA VAL J 90 -11.90 -1.41 47.47
C VAL J 90 -10.68 -0.80 48.11
N SER J 91 -9.70 -1.64 48.43
CA SER J 91 -8.49 -1.17 49.09
C SER J 91 -7.71 -0.22 48.17
N ARG J 92 -7.68 -0.56 46.88
CA ARG J 92 -6.98 0.27 45.92
C ARG J 92 -7.68 1.63 45.79
N ILE J 93 -9.03 1.61 45.78
CA ILE J 93 -9.83 2.83 45.68
C ILE J 93 -9.58 3.69 46.93
N MET J 94 -9.56 3.03 48.07
CA MET J 94 -9.30 3.68 49.32
C MET J 94 -7.92 4.33 49.37
N ASP J 95 -6.95 3.74 48.67
CA ASP J 95 -5.60 4.32 48.52
C ASP J 95 -5.70 5.68 47.83
N GLN J 96 -6.52 5.74 46.77
CA GLN J 96 -6.81 6.98 46.04
C GLN J 96 -7.37 8.03 46.95
N LEU J 97 -8.41 7.66 47.69
CA LEU J 97 -9.17 8.60 48.50
C LEU J 97 -8.37 9.18 49.64
N VAL J 98 -7.49 8.35 50.20
CA VAL J 98 -6.58 8.80 51.28
C VAL J 98 -5.49 9.72 50.72
N GLN J 99 -4.93 9.37 49.58
CA GLN J 99 -3.89 10.20 48.98
C GLN J 99 -4.42 11.54 48.44
N ALA J 100 -5.71 11.57 48.14
CA ALA J 100 -6.35 12.69 47.46
C ALA J 100 -6.21 13.95 48.29
N TRP J 101 -6.01 13.81 49.59
CA TRP J 101 -5.94 14.97 50.45
C TRP J 101 -4.70 15.80 50.18
N ASN J 102 -3.72 15.20 49.54
CA ASN J 102 -2.52 15.93 49.11
C ASN J 102 -2.84 17.08 48.16
N VAL J 103 -3.89 16.93 47.35
CA VAL J 103 -4.28 17.99 46.43
C VAL J 103 -4.94 19.15 47.18
N LEU J 104 -5.87 18.85 48.08
CA LEU J 104 -6.56 19.91 48.77
C LEU J 104 -5.65 20.59 49.78
N ALA J 105 -4.60 19.89 50.22
CA ALA J 105 -3.66 20.48 51.16
C ALA J 105 -2.95 21.69 50.54
N THR J 106 -2.97 21.82 49.22
CA THR J 106 -2.37 22.98 48.57
C THR J 106 -3.25 24.21 48.66
N MET J 107 -4.41 24.07 49.26
CA MET J 107 -5.22 25.24 49.46
C MET J 107 -4.91 25.86 50.81
N THR J 108 -4.67 27.16 50.77
CA THR J 108 -4.21 27.91 51.93
C THR J 108 -5.40 28.59 52.63
N PRO J 109 -5.23 28.95 53.92
CA PRO J 109 -6.35 29.64 54.55
C PRO J 109 -6.84 30.91 53.81
N PRO J 110 -5.92 31.78 53.34
CA PRO J 110 -6.35 32.96 52.59
C PRO J 110 -7.25 32.67 51.40
N GLU J 111 -6.91 31.62 50.65
CA GLU J 111 -7.68 31.18 49.48
C GLU J 111 -9.06 30.64 49.86
N TYR J 112 -9.12 29.81 50.89
CA TYR J 112 -10.42 29.36 51.37
C TYR J 112 -11.25 30.52 51.91
N SER J 113 -10.59 31.40 52.66
CA SER J 113 -11.25 32.52 53.30
C SER J 113 -11.98 33.32 52.22
N ALA J 114 -11.32 33.49 51.08
CA ALA J 114 -11.88 34.24 49.96
C ALA J 114 -13.17 33.64 49.40
N MET J 115 -13.35 32.33 49.54
CA MET J 115 -14.54 31.71 48.93
C MET J 115 -15.58 31.28 49.96
N ARG J 116 -15.21 31.26 51.24
CA ARG J 116 -16.12 30.82 52.31
C ARG J 116 -17.43 31.61 52.43
N PRO J 117 -17.36 32.95 52.30
CA PRO J 117 -18.53 33.80 52.40
C PRO J 117 -19.66 33.39 51.44
N TYR J 118 -19.31 32.74 50.33
CA TYR J 118 -20.28 32.32 49.33
C TYR J 118 -20.80 30.88 49.49
N LEU J 119 -20.39 30.14 50.52
CA LEU J 119 -20.68 28.69 50.53
C LEU J 119 -22.00 28.24 51.18
N GLY J 120 -22.47 28.97 52.18
CA GLY J 120 -23.73 28.60 52.81
C GLY J 120 -23.65 27.34 53.67
N ALA J 121 -24.81 26.83 54.08
CA ALA J 121 -24.93 25.84 55.17
C ALA J 121 -24.56 24.38 54.83
N SER J 122 -23.96 24.16 53.66
CA SER J 122 -23.59 22.82 53.18
C SER J 122 -22.80 22.02 54.22
N SER J 123 -22.93 20.70 54.18
CA SER J 123 -22.20 19.83 55.10
C SER J 123 -21.98 18.45 54.50
N GLY J 124 -20.82 17.86 54.78
CA GLY J 124 -20.58 16.44 54.45
C GLY J 124 -21.54 15.46 55.13
N PHE J 125 -22.23 15.90 56.19
CA PHE J 125 -23.36 15.15 56.78
C PHE J 125 -24.33 14.78 55.68
N GLN J 126 -24.36 15.62 54.64
CA GLN J 126 -25.27 15.45 53.53
C GLN J 126 -24.80 14.48 52.47
N SER J 127 -23.56 14.01 52.57
CA SER J 127 -23.18 12.93 51.70
C SER J 127 -23.97 11.68 52.06
N TYR J 128 -24.92 11.32 51.21
CA TYR J 128 -25.69 10.10 51.44
C TYR J 128 -24.85 8.86 51.13
N GLN J 129 -23.97 9.00 50.15
CA GLN J 129 -23.04 7.93 49.79
C GLN J 129 -22.11 7.54 50.93
N TYR J 130 -21.54 8.55 51.57
CA TYR J 130 -20.67 8.32 52.69
C TYR J 130 -21.43 7.68 53.87
N ARG J 131 -22.63 8.16 54.15
CA ARG J 131 -23.46 7.52 55.19
C ARG J 131 -23.71 6.03 54.89
N GLU J 132 -24.02 5.69 53.63
CA GLU J 132 -24.20 4.29 53.24
C GLU J 132 -22.96 3.45 53.55
N ILE J 133 -21.79 4.02 53.26
CA ILE J 133 -20.55 3.28 53.50
C ILE J 133 -20.34 3.05 54.98
N GLU J 134 -20.48 4.09 55.79
CA GLU J 134 -20.48 3.91 57.23
C GLU J 134 -21.43 2.78 57.62
N PHE J 135 -22.62 2.79 57.04
CA PHE J 135 -23.66 1.82 57.39
C PHE J 135 -23.29 0.37 56.98
N ILE J 136 -22.84 0.18 55.73
CA ILE J 136 -22.40 -1.14 55.23
C ILE J 136 -21.27 -1.65 56.09
N LEU J 137 -20.47 -0.74 56.66
CA LEU J 137 -19.40 -1.20 57.54
C LEU J 137 -19.82 -1.24 59.03
N GLY J 138 -21.10 -1.03 59.31
CA GLY J 138 -21.62 -1.38 60.64
C GLY J 138 -21.73 -0.19 61.57
N ASN J 139 -21.32 0.97 61.06
CA ASN J 139 -21.38 2.17 61.85
C ASN J 139 -22.78 2.78 61.73
N LYS J 140 -23.77 2.04 62.18
CA LYS J 140 -25.18 2.46 62.20
C LYS J 140 -25.52 3.56 63.24
N ASN J 141 -26.22 4.59 62.78
CA ASN J 141 -26.71 5.67 63.61
C ASN J 141 -27.95 6.24 62.94
N ALA J 142 -29.12 6.09 63.57
CA ALA J 142 -30.39 6.47 62.94
C ALA J 142 -30.53 7.96 62.88
N ALA J 143 -29.86 8.64 63.81
CA ALA J 143 -29.77 10.10 63.81
C ALA J 143 -29.21 10.67 62.51
N MET J 144 -28.42 9.88 61.78
CA MET J 144 -27.79 10.36 60.55
C MET J 144 -28.72 10.32 59.36
N LEU J 145 -29.98 9.95 59.56
CA LEU J 145 -30.96 10.01 58.50
C LEU J 145 -31.54 11.41 58.30
N ARG J 146 -31.56 12.24 59.34
CA ARG J 146 -32.23 13.56 59.22
C ARG J 146 -31.60 14.56 58.23
N PRO J 147 -30.26 14.50 58.03
CA PRO J 147 -29.69 15.30 56.94
C PRO J 147 -30.26 15.01 55.54
N HIS J 148 -30.95 13.90 55.34
CA HIS J 148 -31.46 13.56 54.01
C HIS J 148 -32.98 13.58 53.90
N ALA J 149 -33.65 14.14 54.90
CA ALA J 149 -35.13 14.19 54.97
C ALA J 149 -35.76 14.92 53.79
N HIS J 150 -35.13 16.00 53.37
CA HIS J 150 -35.60 16.81 52.26
C HIS J 150 -35.46 16.12 50.89
N ARG J 151 -34.74 15.01 50.81
CA ARG J 151 -34.62 14.26 49.55
C ARG J 151 -35.03 12.79 49.72
N PRO J 152 -36.32 12.49 49.60
CA PRO J 152 -36.84 11.13 49.82
C PRO J 152 -36.07 10.03 49.09
N GLU J 153 -35.54 10.34 47.92
CA GLU J 153 -34.75 9.35 47.16
C GLU J 153 -33.50 8.90 47.94
N HIS J 154 -32.81 9.89 48.53
CA HIS J 154 -31.63 9.69 49.36
C HIS J 154 -31.99 9.08 50.69
N LEU J 155 -33.04 9.59 51.32
CA LEU J 155 -33.47 9.07 52.61
C LEU J 155 -33.73 7.58 52.49
N GLU J 156 -34.46 7.20 51.45
CA GLU J 156 -34.78 5.80 51.21
C GLU J 156 -33.51 4.94 51.13
N LEU J 157 -32.55 5.34 50.29
CA LEU J 157 -31.29 4.62 50.15
C LEU J 157 -30.53 4.49 51.46
N VAL J 158 -30.49 5.57 52.24
CA VAL J 158 -29.82 5.57 53.54
C VAL J 158 -30.56 4.77 54.61
N GLU J 159 -31.90 4.78 54.53
CA GLU J 159 -32.72 4.07 55.51
C GLU J 159 -32.66 2.56 55.23
N THR J 160 -32.75 2.16 53.95
CA THR J 160 -32.58 0.74 53.62
C THR J 160 -31.24 0.27 54.16
N ALA J 161 -30.19 1.04 53.86
CA ALA J 161 -28.85 0.74 54.34
C ALA J 161 -28.81 0.55 55.85
N LEU J 162 -29.54 1.40 56.56
CA LEU J 162 -29.59 1.30 58.02
C LEU J 162 -30.21 -0.02 58.45
N HIS J 163 -31.20 -0.50 57.71
CA HIS J 163 -31.92 -1.73 58.07
C HIS J 163 -31.27 -3.01 57.59
N THR J 164 -30.34 -2.88 56.64
CA THR J 164 -29.67 -4.04 56.06
C THR J 164 -28.46 -4.41 56.92
N PRO J 165 -28.32 -5.72 57.26
CA PRO J 165 -27.16 -6.19 58.06
C PRO J 165 -25.84 -5.81 57.40
N SER J 166 -24.89 -5.28 58.18
CA SER J 166 -23.65 -4.76 57.62
C SER J 166 -22.73 -5.89 57.16
N MET J 167 -21.66 -5.53 56.45
CA MET J 167 -20.77 -6.54 55.92
C MET J 167 -20.12 -7.35 57.03
N TYR J 168 -19.93 -6.72 58.18
CA TYR J 168 -19.38 -7.43 59.31
C TYR J 168 -20.44 -8.38 59.87
N ASP J 169 -21.69 -7.91 59.91
CA ASP J 169 -22.83 -8.71 60.35
C ASP J 169 -22.89 -10.01 59.56
N GLU J 170 -22.62 -9.92 58.26
CA GLU J 170 -22.65 -11.10 57.42
C GLU J 170 -21.45 -12.01 57.61
N ALA J 171 -20.33 -11.45 58.09
CA ALA J 171 -19.11 -12.25 58.36
C ALA J 171 -19.33 -13.08 59.62
N ILE J 172 -19.87 -12.42 60.64
CA ILE J 172 -20.25 -13.10 61.84
C ILE J 172 -21.23 -14.23 61.50
N ARG J 173 -22.29 -13.90 60.78
CA ARG J 173 -23.26 -14.88 60.33
C ARG J 173 -22.63 -16.07 59.57
N LEU J 174 -21.64 -15.80 58.71
CA LEU J 174 -20.98 -16.88 58.01
C LEU J 174 -20.16 -17.76 58.95
N MET J 175 -19.52 -17.13 59.93
CA MET J 175 -18.71 -17.88 60.87
C MET J 175 -19.60 -18.85 61.66
N ALA J 176 -20.84 -18.44 61.92
CA ALA J 176 -21.79 -19.32 62.60
C ALA J 176 -22.12 -20.49 61.67
N ARG J 177 -22.45 -20.19 60.42
CA ARG J 177 -22.73 -21.24 59.46
C ARG J 177 -21.51 -22.10 59.21
N ARG J 178 -20.34 -21.74 59.72
CA ARG J 178 -19.20 -22.61 59.51
C ARG J 178 -18.89 -23.46 60.75
N GLY J 179 -19.71 -23.28 61.78
CA GLY J 179 -19.67 -24.12 62.95
C GLY J 179 -19.16 -23.43 64.18
N PHE J 180 -19.02 -22.10 64.14
CA PHE J 180 -18.49 -21.37 65.31
C PHE J 180 -19.62 -21.07 66.27
N GLN J 181 -19.35 -21.14 67.56
CA GLN J 181 -20.40 -20.88 68.54
C GLN J 181 -20.57 -19.38 68.69
N ILE J 182 -21.46 -18.80 67.89
CA ILE J 182 -21.78 -17.38 67.99
C ILE J 182 -23.14 -17.15 68.68
N ASP J 183 -23.17 -16.25 69.65
CA ASP J 183 -24.40 -15.82 70.30
C ASP J 183 -25.49 -15.61 69.27
N PRO J 184 -26.68 -16.20 69.49
CA PRO J 184 -27.81 -15.88 68.62
C PRO J 184 -28.17 -14.38 68.65
N GLU J 185 -27.74 -13.68 69.70
CA GLU J 185 -28.05 -12.24 69.87
C GLU J 185 -27.20 -11.36 68.95
N VAL J 186 -26.39 -12.01 68.13
CA VAL J 186 -25.47 -11.33 67.22
C VAL J 186 -25.68 -11.85 65.81
N VAL J 187 -26.21 -13.07 65.69
CA VAL J 187 -26.54 -13.66 64.39
C VAL J 187 -27.82 -13.05 63.84
N GLU J 188 -28.73 -12.64 64.74
CA GLU J 188 -29.94 -11.93 64.35
C GLU J 188 -30.23 -10.84 65.37
N ARG J 189 -30.51 -9.64 64.89
CA ARG J 189 -30.86 -8.56 65.82
C ARG J 189 -31.32 -7.29 65.10
N ASP J 190 -31.28 -6.19 65.86
CA ASP J 190 -31.66 -4.89 65.35
C ASP J 190 -30.52 -4.30 64.55
N TRP J 191 -30.41 -4.74 63.29
CA TRP J 191 -29.36 -4.29 62.40
C TRP J 191 -29.17 -2.76 62.42
N THR J 192 -30.18 -2.03 62.88
CA THR J 192 -30.10 -0.55 62.89
C THR J 192 -29.31 -0.02 64.08
N GLN J 193 -28.88 -0.93 64.95
CA GLN J 193 -28.03 -0.55 66.06
C GLN J 193 -26.56 -0.48 65.66
N PRO J 194 -25.83 0.46 66.26
CA PRO J 194 -24.39 0.45 66.09
C PRO J 194 -23.86 -0.97 66.39
N THR J 195 -22.69 -1.28 65.84
CA THR J 195 -22.00 -2.52 66.16
C THR J 195 -21.38 -2.41 67.56
N GLN J 196 -21.51 -3.47 68.35
CA GLN J 196 -20.88 -3.51 69.67
C GLN J 196 -20.23 -4.85 69.95
N TYR J 197 -19.20 -4.83 70.80
CA TYR J 197 -18.38 -6.00 71.16
C TYR J 197 -19.16 -7.22 71.63
N ASN J 198 -18.92 -8.34 70.95
CA ASN J 198 -19.41 -9.63 71.43
C ASN J 198 -18.31 -10.63 71.70
N ALA J 199 -18.25 -11.05 72.97
CA ALA J 199 -17.37 -12.07 73.49
C ALA J 199 -17.26 -13.31 72.58
N SER J 200 -18.40 -13.86 72.19
CA SER J 200 -18.37 -15.12 71.43
C SER J 200 -17.72 -14.89 70.08
N VAL J 201 -17.90 -13.68 69.56
CA VAL J 201 -17.35 -13.36 68.24
C VAL J 201 -15.83 -13.23 68.33
N GLU J 202 -15.30 -12.60 69.39
CA GLU J 202 -13.85 -12.57 69.51
C GLU J 202 -13.26 -13.98 69.67
N ALA J 203 -13.97 -14.85 70.41
CA ALA J 203 -13.53 -16.22 70.63
C ALA J 203 -13.40 -16.95 69.30
N ALA J 204 -14.36 -16.70 68.41
CA ALA J 204 -14.34 -17.31 67.10
C ALA J 204 -13.22 -16.76 66.23
N TRP J 205 -12.96 -15.46 66.28
CA TRP J 205 -11.84 -14.89 65.51
C TRP J 205 -10.50 -15.38 66.06
N LEU J 206 -10.43 -15.52 67.39
CA LEU J 206 -9.25 -16.02 68.08
C LEU J 206 -8.92 -17.44 67.62
N GLU J 207 -9.94 -18.27 67.55
CA GLU J 207 -9.83 -19.60 66.98
C GLU J 207 -9.13 -19.58 65.62
N VAL J 208 -9.62 -18.69 64.76
CA VAL J 208 -9.08 -18.49 63.42
C VAL J 208 -7.61 -18.09 63.39
N TYR J 209 -7.23 -17.09 64.19
CA TYR J 209 -5.88 -16.54 64.11
C TYR J 209 -4.87 -17.44 64.80
N ARG J 210 -5.33 -18.19 65.79
CA ARG J 210 -4.45 -19.13 66.45
C ARG J 210 -4.25 -20.35 65.57
N ASN J 211 -5.14 -20.58 64.61
CA ASN J 211 -5.02 -21.74 63.71
C ASN J 211 -5.17 -21.37 62.21
N PRO J 212 -4.32 -20.48 61.70
CA PRO J 212 -4.61 -19.93 60.38
C PRO J 212 -4.69 -20.99 59.29
N SER J 213 -3.90 -22.05 59.41
CA SER J 213 -3.89 -23.15 58.45
C SER J 213 -5.26 -23.82 58.35
N ALA J 214 -5.93 -23.98 59.49
CA ALA J 214 -7.20 -24.66 59.51
C ALA J 214 -8.37 -23.77 59.12
N HIS J 215 -8.16 -22.46 59.11
CA HIS J 215 -9.21 -21.55 58.72
C HIS J 215 -8.70 -20.41 57.86
N TRP J 216 -7.97 -20.72 56.79
CA TRP J 216 -7.29 -19.68 56.01
C TRP J 216 -8.20 -18.58 55.42
N GLU J 217 -9.35 -18.97 54.87
CA GLU J 217 -10.30 -18.00 54.30
C GLU J 217 -10.82 -16.98 55.32
N LEU J 218 -10.98 -17.40 56.56
CA LEU J 218 -11.52 -16.49 57.56
C LEU J 218 -10.41 -15.65 58.16
N TYR J 219 -9.21 -16.21 58.16
CA TYR J 219 -7.98 -15.52 58.54
C TYR J 219 -7.74 -14.35 57.57
N GLU J 220 -7.89 -14.62 56.28
CA GLU J 220 -7.72 -13.63 55.25
C GLU J 220 -8.85 -12.61 55.27
N LEU J 221 -10.06 -13.09 55.52
CA LEU J 221 -11.22 -12.19 55.67
C LEU J 221 -11.01 -11.23 56.87
N GLY J 222 -10.71 -11.75 58.03
CA GLY J 222 -10.42 -10.89 59.17
C GLY J 222 -9.43 -9.79 58.83
N GLU J 223 -8.38 -10.13 58.07
CA GLU J 223 -7.30 -9.18 57.74
C GLU J 223 -7.75 -8.12 56.73
N LYS J 224 -8.65 -8.53 55.85
CA LYS J 224 -9.24 -7.62 54.91
C LYS J 224 -10.16 -6.62 55.58
N PHE J 225 -10.87 -7.06 56.61
CA PHE J 225 -11.65 -6.15 57.45
C PHE J 225 -10.73 -5.18 58.20
N VAL J 226 -9.62 -5.69 58.73
CA VAL J 226 -8.68 -4.82 59.44
C VAL J 226 -8.10 -3.75 58.48
N ASP J 227 -7.70 -4.16 57.29
CA ASP J 227 -7.16 -3.26 56.28
C ASP J 227 -8.16 -2.15 55.98
N LEU J 228 -9.38 -2.58 55.72
CA LEU J 228 -10.48 -1.68 55.42
C LEU J 228 -10.65 -0.65 56.54
N GLU J 229 -10.70 -1.11 57.78
CA GLU J 229 -10.79 -0.18 58.89
C GLU J 229 -9.55 0.73 59.04
N ASP J 230 -8.36 0.17 58.84
CA ASP J 230 -7.12 0.94 58.94
C ASP J 230 -7.16 2.08 57.91
N ALA J 231 -7.49 1.74 56.67
CA ALA J 231 -7.53 2.70 55.59
C ALA J 231 -8.56 3.81 55.86
N PHE J 232 -9.72 3.42 56.36
CA PHE J 232 -10.80 4.34 56.69
C PHE J 232 -10.40 5.26 57.84
N ARG J 233 -9.64 4.73 58.78
CA ARG J 233 -9.06 5.54 59.82
C ARG J 233 -8.10 6.56 59.24
N GLN J 234 -7.26 6.13 58.30
CA GLN J 234 -6.35 7.04 57.62
C GLN J 234 -7.12 8.20 56.96
N TRP J 235 -8.23 7.89 56.29
CA TRP J 235 -9.00 8.87 55.55
C TRP J 235 -9.60 9.86 56.52
N ARG J 236 -10.17 9.34 57.61
CA ARG J 236 -10.69 10.19 58.68
C ARG J 236 -9.65 11.15 59.26
N PHE J 237 -8.45 10.65 59.49
CA PHE J 237 -7.38 11.47 60.05
C PHE J 237 -6.93 12.56 59.08
N ARG J 238 -6.81 12.18 57.82
CA ARG J 238 -6.39 13.11 56.80
C ARG J 238 -7.45 14.17 56.56
N HIS J 239 -8.70 13.76 56.77
CA HIS J 239 -9.81 14.69 56.70
C HIS J 239 -9.66 15.74 57.78
N VAL J 240 -9.60 15.33 59.05
CA VAL J 240 -9.48 16.34 60.13
C VAL J 240 -8.27 17.22 59.93
N THR J 241 -7.13 16.59 59.67
CA THR J 241 -5.88 17.33 59.58
C THR J 241 -5.95 18.37 58.47
N THR J 242 -6.50 18.00 57.31
CA THR J 242 -6.60 18.91 56.20
C THR J 242 -7.59 20.04 56.48
N VAL J 243 -8.69 19.69 57.12
CA VAL J 243 -9.67 20.70 57.49
C VAL J 243 -9.02 21.68 58.45
N GLU J 244 -8.32 21.16 59.44
CA GLU J 244 -7.72 22.02 60.45
C GLU J 244 -6.65 22.93 59.86
N ARG J 245 -6.00 22.42 58.83
CA ARG J 245 -4.98 23.15 58.09
C ARG J 245 -5.58 24.33 57.30
N VAL J 246 -6.85 24.19 56.92
CA VAL J 246 -7.54 25.20 56.12
C VAL J 246 -8.39 26.18 56.94
N ILE J 247 -9.14 25.67 57.94
CA ILE J 247 -9.99 26.52 58.78
C ILE J 247 -9.66 26.54 60.26
N GLY J 248 -8.75 25.68 60.70
CA GLY J 248 -8.31 25.68 62.10
C GLY J 248 -9.25 25.06 63.12
N PHE J 249 -8.74 24.91 64.34
CA PHE J 249 -9.47 24.27 65.43
C PHE J 249 -10.42 25.27 66.06
N LYS J 250 -11.72 25.07 65.85
CA LYS J 250 -12.75 25.90 66.48
C LYS J 250 -12.88 25.59 67.97
N GLY J 255 -19.01 20.88 70.43
CA GLY J 255 -18.76 19.45 70.50
C GLY J 255 -19.28 18.62 69.32
N THR J 256 -20.38 19.06 68.70
CA THR J 256 -21.10 18.26 67.67
C THR J 256 -20.79 18.65 66.21
N GLU J 257 -20.27 19.85 66.00
CA GLU J 257 -19.91 20.33 64.67
C GLU J 257 -18.46 20.83 64.64
N GLY J 258 -17.91 20.92 63.43
CA GLY J 258 -16.55 21.40 63.23
C GLY J 258 -15.45 20.38 63.47
N VAL J 259 -14.23 20.88 63.63
CA VAL J 259 -13.05 20.05 63.89
C VAL J 259 -13.22 19.10 65.09
N SER J 260 -13.91 19.56 66.15
CA SER J 260 -14.05 18.72 67.34
C SER J 260 -14.94 17.51 67.07
N TYR J 261 -15.95 17.68 66.22
CA TYR J 261 -16.73 16.52 65.77
C TYR J 261 -15.83 15.49 65.07
N LEU J 262 -15.04 16.00 64.12
CA LEU J 262 -14.18 15.18 63.27
C LEU J 262 -13.09 14.44 64.08
N ARG J 263 -12.60 15.07 65.14
CA ARG J 263 -11.61 14.41 66.00
C ARG J 263 -12.25 13.25 66.77
N ARG J 264 -13.49 13.44 67.20
CA ARG J 264 -14.24 12.36 67.84
C ARG J 264 -14.42 11.18 66.89
N MET J 265 -14.54 11.47 65.60
CA MET J 265 -14.72 10.45 64.59
C MET J 265 -13.54 9.51 64.53
N LEU J 266 -12.39 9.96 64.99
CA LEU J 266 -11.18 9.13 65.06
C LEU J 266 -11.32 7.96 66.04
N ASP J 267 -12.28 8.04 66.96
CA ASP J 267 -12.49 7.01 67.99
C ASP J 267 -13.48 5.92 67.58
N VAL J 268 -14.14 6.10 66.44
CA VAL J 268 -14.96 5.06 65.87
C VAL J 268 -14.17 3.72 65.82
N VAL J 269 -14.80 2.64 66.28
CA VAL J 269 -14.28 1.31 66.06
C VAL J 269 -15.28 0.61 65.16
N LEU J 270 -14.82 -0.16 64.18
CA LEU J 270 -15.73 -0.76 63.22
C LEU J 270 -15.92 -2.23 63.51
N PHE J 271 -14.82 -2.95 63.61
CA PHE J 271 -14.88 -4.39 63.88
C PHE J 271 -14.11 -4.62 65.16
N PRO J 272 -14.77 -4.45 66.31
CA PRO J 272 -14.10 -4.30 67.61
C PRO J 272 -13.36 -5.57 68.06
N GLU J 273 -13.91 -6.73 67.76
CA GLU J 273 -13.28 -7.98 68.17
C GLU J 273 -12.02 -8.29 67.36
N LEU J 274 -11.98 -7.83 66.12
CA LEU J 274 -10.79 -8.02 65.28
C LEU J 274 -9.60 -7.23 65.82
N TRP J 275 -9.88 -6.11 66.48
CA TRP J 275 -8.85 -5.29 67.09
C TRP J 275 -8.46 -5.76 68.49
N LYS J 276 -9.45 -6.18 69.28
CA LYS J 276 -9.17 -6.62 70.67
C LYS J 276 -8.46 -7.97 70.70
N LEU J 277 -8.80 -8.85 69.76
CA LEU J 277 -8.11 -10.12 69.56
C LEU J 277 -6.58 -10.01 69.57
N ARG J 278 -6.09 -8.82 69.28
CA ARG J 278 -4.66 -8.56 69.22
C ARG J 278 -4.02 -8.73 70.58
N THR J 279 -4.65 -8.14 71.58
CA THR J 279 -4.14 -8.14 72.94
C THR J 279 -4.30 -9.53 73.60
N ASP J 280 -5.32 -10.27 73.20
CA ASP J 280 -5.65 -11.56 73.84
C ASP J 280 -5.07 -12.79 73.10
N LEU J 281 -4.33 -12.57 72.01
CA LEU J 281 -3.87 -13.70 71.18
C LEU J 281 -2.87 -14.60 71.90
N ARG K 21 37.43 4.93 38.92
CA ARG K 21 38.18 4.26 40.04
C ARG K 21 38.01 2.73 40.01
N ASP K 22 38.74 2.05 40.90
CA ASP K 22 38.61 0.60 41.09
C ASP K 22 37.48 0.29 42.09
N MET K 23 36.65 1.29 42.34
CA MET K 23 35.57 1.17 43.31
C MET K 23 34.30 0.56 42.68
N SER K 24 33.94 -0.62 43.16
CA SER K 24 32.71 -1.23 42.74
C SER K 24 31.47 -0.58 43.41
N TYR K 25 30.32 -0.74 42.76
CA TYR K 25 29.02 -0.40 43.28
C TYR K 25 28.93 -0.72 44.76
N GLY K 26 29.26 -1.95 45.11
CA GLY K 26 29.19 -2.40 46.49
C GLY K 26 30.14 -1.66 47.42
N ASP K 27 31.31 -1.29 46.91
CA ASP K 27 32.31 -0.55 47.69
C ASP K 27 31.81 0.83 48.02
N TYR K 28 31.30 1.53 47.02
CA TYR K 28 30.84 2.88 47.22
C TYR K 28 29.68 2.94 48.18
N LEU K 29 28.78 1.96 48.05
CA LEU K 29 27.54 1.94 48.80
C LEU K 29 27.66 1.20 50.10
N GLY K 30 28.85 0.70 50.39
CA GLY K 30 29.08 -0.02 51.64
C GLY K 30 28.17 -1.23 51.85
N LEU K 31 27.82 -1.89 50.75
CA LEU K 31 26.87 -3.02 50.73
C LEU K 31 27.28 -4.22 51.58
N ASP K 32 28.58 -4.41 51.76
CA ASP K 32 29.10 -5.45 52.67
C ASP K 32 28.62 -5.23 54.08
N GLN K 33 28.48 -3.96 54.44
CA GLN K 33 28.03 -3.55 55.76
CA GLN K 33 28.02 -3.62 55.78
C GLN K 33 26.48 -3.51 55.81
N ILE K 34 25.89 -2.70 54.92
CA ILE K 34 24.43 -2.52 54.80
C ILE K 34 23.67 -3.86 54.74
N LEU K 35 24.20 -4.80 53.95
CA LEU K 35 23.53 -6.08 53.67
C LEU K 35 23.93 -7.26 54.56
N SER K 36 24.74 -7.01 55.59
CA SER K 36 24.99 -8.06 56.57
C SER K 36 24.66 -7.58 58.01
N ALA K 37 23.68 -6.69 58.11
CA ALA K 37 23.25 -6.08 59.36
C ALA K 37 21.89 -6.63 59.81
N GLN K 38 21.46 -7.71 59.15
CA GLN K 38 20.14 -8.28 59.33
C GLN K 38 20.27 -9.58 60.12
N HIS K 39 19.99 -9.52 61.42
CA HIS K 39 20.25 -10.65 62.31
C HIS K 39 19.05 -11.05 63.15
N PRO K 40 18.10 -11.79 62.55
CA PRO K 40 16.90 -12.30 63.23
C PRO K 40 17.18 -13.20 64.44
N LEU K 41 16.51 -12.90 65.54
CA LEU K 41 16.68 -13.63 66.79
C LEU K 41 15.79 -14.87 66.85
N SER K 42 14.72 -14.85 66.08
CA SER K 42 13.74 -15.91 66.12
C SER K 42 13.92 -16.75 64.86
N PRO K 43 13.28 -17.93 64.81
CA PRO K 43 13.14 -18.70 63.57
C PRO K 43 12.02 -18.26 62.62
N ASP K 44 11.29 -17.19 62.93
CA ASP K 44 10.13 -16.83 62.09
C ASP K 44 10.52 -16.15 60.76
N HIS K 45 9.76 -16.46 59.69
CA HIS K 45 9.96 -15.91 58.34
C HIS K 45 9.78 -14.39 58.23
N ASN K 46 8.91 -13.88 59.09
CA ASN K 46 8.52 -12.50 59.03
C ASN K 46 9.39 -11.52 59.81
N GLU K 47 10.39 -12.00 60.54
CA GLU K 47 11.24 -11.08 61.33
C GLU K 47 12.11 -10.20 60.43
N MET K 48 12.53 -10.73 59.29
CA MET K 48 13.25 -9.94 58.32
C MET K 48 12.49 -8.64 57.94
N LEU K 49 11.19 -8.76 57.71
CA LEU K 49 10.41 -7.59 57.41
C LEU K 49 10.50 -6.60 58.59
N PHE K 50 10.27 -7.10 59.79
CA PHE K 50 10.38 -6.27 60.97
C PHE K 50 11.69 -5.47 61.01
N ILE K 51 12.79 -6.14 60.71
CA ILE K 51 14.11 -5.51 60.71
C ILE K 51 14.30 -4.52 59.56
N VAL K 52 14.02 -4.92 58.33
CA VAL K 52 14.24 -4.06 57.16
C VAL K 52 13.35 -2.79 57.12
N GLN K 53 12.11 -2.93 57.59
CA GLN K 53 11.23 -1.80 57.81
C GLN K 53 11.91 -0.69 58.64
N HIS K 54 12.52 -1.06 59.75
CA HIS K 54 13.15 -0.09 60.61
C HIS K 54 14.36 0.51 59.95
N GLN K 55 15.15 -0.35 59.32
CA GLN K 55 16.42 0.06 58.73
C GLN K 55 16.23 1.06 57.63
N THR K 56 15.23 0.83 56.77
CA THR K 56 15.01 1.68 55.62
C THR K 56 14.55 3.05 56.10
N THR K 57 13.67 3.04 57.08
CA THR K 57 13.17 4.25 57.68
C THR K 57 14.28 5.04 58.35
N GLU K 58 15.12 4.37 59.13
CA GLU K 58 16.28 5.02 59.77
C GLU K 58 17.22 5.62 58.75
N LEU K 59 17.46 4.91 57.65
CA LEU K 59 18.26 5.42 56.57
C LEU K 59 17.65 6.68 55.92
N TRP K 60 16.37 6.66 55.63
CA TRP K 60 15.73 7.85 55.11
C TRP K 60 15.84 8.97 56.13
N MET K 61 15.68 8.64 57.40
CA MET K 61 15.78 9.66 58.45
C MET K 61 17.14 10.33 58.48
N LYS K 62 18.19 9.55 58.21
CA LYS K 62 19.53 10.12 58.13
C LYS K 62 19.62 11.18 57.04
N LEU K 63 18.96 10.95 55.92
CA LEU K 63 19.05 11.90 54.81
C LEU K 63 18.16 13.11 55.09
N MET K 64 17.05 12.87 55.75
CA MET K 64 16.15 13.95 56.16
C MET K 64 16.84 14.89 57.12
N LEU K 65 17.62 14.32 58.04
CA LEU K 65 18.42 15.14 58.95
C LEU K 65 19.40 15.99 58.15
N HIS K 66 20.08 15.36 57.21
CA HIS K 66 21.03 16.03 56.34
C HIS K 66 20.38 17.21 55.63
N GLU K 67 19.20 16.97 55.08
CA GLU K 67 18.44 17.98 54.33
C GLU K 67 17.90 19.07 55.23
N LEU K 68 17.43 18.69 56.42
CA LEU K 68 16.79 19.65 57.33
C LEU K 68 17.83 20.59 57.94
N ARG K 69 18.99 20.03 58.28
CA ARG K 69 20.10 20.82 58.80
C ARG K 69 20.51 21.89 57.78
N ALA K 70 20.64 21.48 56.51
CA ALA K 70 21.00 22.42 55.44
C ALA K 70 19.90 23.46 55.17
N ALA K 71 18.63 23.07 55.29
CA ALA K 71 17.54 24.03 55.10
C ALA K 71 17.45 24.99 56.26
N ARG K 72 17.76 24.52 57.46
CA ARG K 72 17.83 25.43 58.60
C ARG K 72 18.98 26.44 58.45
N ASP K 73 20.08 26.01 57.84
CA ASP K 73 21.19 26.94 57.56
C ASP K 73 20.77 28.04 56.58
N GLY K 74 19.91 27.68 55.63
CA GLY K 74 19.43 28.62 54.62
C GLY K 74 18.51 29.66 55.22
N VAL K 75 17.64 29.20 56.12
CA VAL K 75 16.81 30.09 56.91
C VAL K 75 17.71 31.08 57.65
N LYS K 76 18.72 30.57 58.36
CA LYS K 76 19.68 31.38 59.11
C LYS K 76 20.40 32.40 58.27
N SER K 77 20.76 32.03 57.06
CA SER K 77 21.57 32.91 56.25
C SER K 77 20.75 33.73 55.29
N ASP K 78 19.43 33.72 55.49
CA ASP K 78 18.51 34.44 54.60
C ASP K 78 18.57 34.00 53.15
N GLN K 79 18.84 32.72 52.93
CA GLN K 79 18.81 32.18 51.58
C GLN K 79 17.69 31.14 51.49
N LEU K 80 16.46 31.65 51.38
CA LEU K 80 15.29 30.80 51.45
C LEU K 80 15.03 29.98 50.19
N GLN K 81 15.51 30.42 49.03
CA GLN K 81 15.20 29.69 47.83
C GLN K 81 15.78 28.29 47.84
N PRO K 82 17.09 28.17 48.09
CA PRO K 82 17.67 26.83 48.22
C PRO K 82 16.98 26.00 49.29
N ALA K 83 16.61 26.63 50.39
CA ALA K 83 15.94 25.95 51.51
C ALA K 83 14.62 25.31 51.09
N PHE K 84 13.83 26.07 50.35
CA PHE K 84 12.57 25.60 49.85
C PHE K 84 12.79 24.30 49.08
N LYS K 85 13.80 24.29 48.21
CA LYS K 85 14.14 23.10 47.43
C LYS K 85 14.46 21.88 48.33
N MET K 86 15.20 22.12 49.41
CA MET K 86 15.57 21.08 50.35
C MET K 86 14.37 20.57 51.11
N LEU K 87 13.48 21.51 51.48
CA LEU K 87 12.26 21.19 52.20
C LEU K 87 11.27 20.40 51.36
N ALA K 88 11.33 20.61 50.05
CA ALA K 88 10.53 19.85 49.11
C ALA K 88 11.05 18.41 49.06
N ARG K 89 12.37 18.26 49.21
CA ARG K 89 12.97 16.92 49.19
C ARG K 89 12.53 16.22 50.44
N VAL K 90 12.65 16.92 51.57
CA VAL K 90 12.12 16.44 52.85
C VAL K 90 10.67 15.97 52.73
N SER K 91 9.84 16.70 52.01
CA SER K 91 8.46 16.28 51.80
C SER K 91 8.33 14.98 51.01
N ARG K 92 9.08 14.84 49.90
CA ARG K 92 9.09 13.57 49.17
C ARG K 92 9.58 12.44 50.09
N ILE K 93 10.63 12.68 50.89
CA ILE K 93 11.10 11.64 51.80
C ILE K 93 9.97 11.20 52.75
N MET K 94 9.19 12.14 53.24
CA MET K 94 8.13 11.87 54.23
C MET K 94 7.00 11.09 53.61
N ASP K 95 6.75 11.33 52.33
CA ASP K 95 5.84 10.50 51.53
C ASP K 95 6.23 9.03 51.54
N GLN K 96 7.53 8.75 51.42
CA GLN K 96 8.06 7.39 51.47
C GLN K 96 7.78 6.80 52.83
N LEU K 97 8.19 7.55 53.85
CA LEU K 97 8.11 7.12 55.23
C LEU K 97 6.69 6.87 55.70
N VAL K 98 5.77 7.68 55.18
CA VAL K 98 4.36 7.53 55.52
C VAL K 98 3.76 6.35 54.79
N GLN K 99 4.01 6.25 53.50
CA GLN K 99 3.50 5.10 52.75
C GLN K 99 4.12 3.74 53.17
N ALA K 100 5.39 3.74 53.63
CA ALA K 100 6.08 2.50 54.04
C ALA K 100 5.26 1.60 54.98
N TRP K 101 4.47 2.20 55.85
CA TRP K 101 3.71 1.36 56.77
C TRP K 101 2.81 0.35 56.07
N ASN K 102 2.54 0.56 54.78
CA ASN K 102 1.73 -0.39 54.01
C ASN K 102 2.40 -1.75 53.98
N VAL K 103 3.71 -1.77 54.03
CA VAL K 103 4.41 -3.03 53.99
C VAL K 103 4.30 -3.75 55.35
N LEU K 104 4.55 -3.01 56.42
CA LEU K 104 4.49 -3.55 57.75
C LEU K 104 3.08 -4.03 58.10
N ALA K 105 2.07 -3.42 57.49
CA ALA K 105 0.68 -3.77 57.77
C ALA K 105 0.35 -5.18 57.25
N THR K 106 1.25 -5.75 56.45
CA THR K 106 1.02 -7.08 55.95
C THR K 106 1.48 -8.09 56.99
N MET K 107 1.99 -7.62 58.12
CA MET K 107 2.32 -8.54 59.21
C MET K 107 1.16 -8.67 60.22
N THR K 108 0.79 -9.92 60.50
CA THR K 108 -0.39 -10.17 61.29
C THR K 108 0.02 -10.47 62.71
N PRO K 109 -0.91 -10.35 63.67
CA PRO K 109 -0.59 -10.59 65.08
C PRO K 109 0.13 -11.92 65.34
N PRO K 110 -0.37 -13.04 64.78
CA PRO K 110 0.28 -14.34 65.00
C PRO K 110 1.72 -14.37 64.52
N GLU K 111 1.99 -13.70 63.40
CA GLU K 111 3.34 -13.59 62.87
C GLU K 111 4.24 -12.80 63.80
N TYR K 112 3.79 -11.64 64.27
CA TYR K 112 4.57 -10.92 65.25
C TYR K 112 4.69 -11.71 66.56
N SER K 113 3.61 -12.40 66.93
CA SER K 113 3.55 -13.20 68.17
C SER K 113 4.68 -14.21 68.26
N ALA K 114 4.99 -14.82 67.14
CA ALA K 114 6.01 -15.86 67.09
C ALA K 114 7.44 -15.33 67.27
N MET K 115 7.64 -14.08 66.88
CA MET K 115 8.96 -13.50 67.00
C MET K 115 9.15 -12.67 68.28
N ARG K 116 8.06 -12.21 68.90
CA ARG K 116 8.19 -11.28 70.04
C ARG K 116 8.94 -11.79 71.31
N PRO K 117 8.82 -13.10 71.64
CA PRO K 117 9.58 -13.63 72.79
C PRO K 117 11.10 -13.44 72.66
N TYR K 118 11.58 -13.23 71.44
CA TYR K 118 13.01 -13.10 71.19
C TYR K 118 13.53 -11.65 71.15
N LEU K 119 12.64 -10.66 71.26
CA LEU K 119 13.03 -9.26 70.99
C LEU K 119 13.65 -8.48 72.18
N GLY K 120 13.18 -8.74 73.39
CA GLY K 120 13.73 -8.05 74.55
C GLY K 120 13.34 -6.59 74.65
N ALA K 121 14.16 -5.80 75.35
CA ALA K 121 13.80 -4.43 75.72
C ALA K 121 14.16 -3.38 74.66
N SER K 122 14.02 -3.74 73.38
CA SER K 122 14.19 -2.77 72.31
C SER K 122 13.08 -1.74 72.41
N SER K 123 13.39 -0.51 72.05
CA SER K 123 12.45 0.61 72.19
C SER K 123 12.73 1.71 71.17
N GLY K 124 11.71 2.10 70.41
CA GLY K 124 11.83 3.27 69.53
C GLY K 124 12.35 4.54 70.21
N PHE K 125 12.20 4.64 71.53
CA PHE K 125 12.81 5.73 72.30
C PHE K 125 14.32 5.78 72.12
N GLN K 126 14.92 4.65 71.76
CA GLN K 126 16.36 4.60 71.54
C GLN K 126 16.81 5.12 70.16
N SER K 127 15.86 5.47 69.31
CA SER K 127 16.23 6.08 68.03
C SER K 127 16.74 7.52 68.18
N TYR K 128 18.06 7.69 68.12
CA TYR K 128 18.66 9.00 68.27
C TYR K 128 18.35 9.89 67.09
N GLN K 129 18.18 9.28 65.93
CA GLN K 129 17.88 10.05 64.74
C GLN K 129 16.52 10.64 64.77
N TYR K 130 15.54 9.85 65.17
CA TYR K 130 14.19 10.34 65.35
C TYR K 130 14.16 11.44 66.37
N ARG K 131 14.90 11.30 67.45
CA ARG K 131 14.95 12.34 68.45
C ARG K 131 15.53 13.66 67.92
N GLU K 132 16.60 13.56 67.13
CA GLU K 132 17.19 14.74 66.50
C GLU K 132 16.13 15.42 65.64
N ILE K 133 15.36 14.63 64.91
CA ILE K 133 14.37 15.20 64.04
C ILE K 133 13.32 15.94 64.83
N GLU K 134 12.85 15.33 65.94
CA GLU K 134 11.90 15.96 66.83
C GLU K 134 12.45 17.27 67.34
N PHE K 135 13.73 17.26 67.70
CA PHE K 135 14.38 18.42 68.27
C PHE K 135 14.53 19.58 67.27
N ILE K 136 14.98 19.27 66.05
CA ILE K 136 15.13 20.28 64.99
C ILE K 136 13.78 20.89 64.64
N LEU K 137 12.71 20.13 64.86
CA LEU K 137 11.37 20.65 64.64
C LEU K 137 10.81 21.34 65.89
N GLY K 138 11.64 21.43 66.93
CA GLY K 138 11.30 22.20 68.13
C GLY K 138 10.56 21.43 69.20
N ASN K 139 10.30 20.15 68.96
CA ASN K 139 9.68 19.30 70.00
C ASN K 139 10.74 18.86 71.02
N LYS K 140 11.23 19.89 71.70
CA LYS K 140 12.33 19.77 72.60
C LYS K 140 11.95 19.18 73.96
N ASN K 141 12.67 18.15 74.38
CA ASN K 141 12.42 17.50 75.65
C ASN K 141 13.70 16.85 76.18
N ALA K 142 14.22 17.38 77.28
CA ALA K 142 15.51 16.93 77.81
C ALA K 142 15.47 15.54 78.42
N ALA K 143 14.30 15.09 78.83
CA ALA K 143 14.09 13.75 79.37
C ALA K 143 14.35 12.70 78.29
N MET K 144 14.32 13.12 77.04
CA MET K 144 14.58 12.21 75.95
C MET K 144 16.07 11.95 75.68
N LEU K 145 16.98 12.57 76.42
CA LEU K 145 18.40 12.25 76.29
C LEU K 145 18.74 10.93 76.98
N ARG K 146 17.98 10.59 78.00
CA ARG K 146 18.29 9.47 78.86
C ARG K 146 18.45 8.11 78.15
N PRO K 147 17.55 7.78 77.20
CA PRO K 147 17.75 6.49 76.52
C PRO K 147 19.11 6.36 75.85
N HIS K 148 19.82 7.47 75.68
CA HIS K 148 21.09 7.47 74.95
C HIS K 148 22.34 7.57 75.83
N ALA K 149 22.17 7.46 77.14
CA ALA K 149 23.26 7.66 78.09
C ALA K 149 24.41 6.68 77.91
N HIS K 150 24.12 5.46 77.49
CA HIS K 150 25.17 4.44 77.38
C HIS K 150 25.96 4.51 76.09
N ARG K 151 25.63 5.44 75.22
CA ARG K 151 26.38 5.59 73.96
C ARG K 151 26.74 7.05 73.73
N PRO K 152 27.98 7.44 74.05
CA PRO K 152 28.41 8.82 74.14
C PRO K 152 28.23 9.55 72.82
N GLU K 153 28.40 8.81 71.73
CA GLU K 153 28.25 9.39 70.41
C GLU K 153 26.82 9.82 70.13
N HIS K 154 25.85 9.03 70.58
CA HIS K 154 24.46 9.36 70.36
C HIS K 154 24.06 10.46 71.30
N LEU K 155 24.44 10.35 72.56
CA LEU K 155 24.10 11.37 73.54
C LEU K 155 24.55 12.74 73.07
N GLU K 156 25.78 12.82 72.54
CA GLU K 156 26.33 14.08 72.07
C GLU K 156 25.48 14.68 70.96
N LEU K 157 25.13 13.86 69.98
CA LEU K 157 24.30 14.32 68.87
C LEU K 157 22.94 14.85 69.30
N VAL K 158 22.28 14.13 70.20
CA VAL K 158 20.97 14.52 70.73
C VAL K 158 21.04 15.73 71.70
N GLU K 159 22.07 15.78 72.54
CA GLU K 159 22.25 16.90 73.45
C GLU K 159 22.55 18.19 72.68
N THR K 160 23.40 18.10 71.67
CA THR K 160 23.71 19.25 70.86
C THR K 160 22.46 19.77 70.16
N ALA K 161 21.65 18.85 69.63
CA ALA K 161 20.41 19.22 68.96
C ALA K 161 19.43 19.86 69.94
N LEU K 162 19.40 19.37 71.17
CA LEU K 162 18.55 19.98 72.19
C LEU K 162 18.89 21.45 72.49
N HIS K 163 20.18 21.79 72.41
CA HIS K 163 20.65 23.14 72.76
C HIS K 163 20.73 24.06 71.56
N THR K 164 20.42 23.49 70.40
CA THR K 164 20.44 24.23 69.16
C THR K 164 19.03 24.74 68.81
N PRO K 165 18.93 26.04 68.46
CA PRO K 165 17.63 26.56 68.07
C PRO K 165 17.03 25.77 66.92
N SER K 166 15.74 25.49 67.01
CA SER K 166 15.05 24.66 66.04
C SER K 166 14.88 25.39 64.71
N MET K 167 14.54 24.65 63.66
CA MET K 167 14.26 25.31 62.39
C MET K 167 13.18 26.40 62.49
N TYR K 168 12.16 26.13 63.31
CA TYR K 168 11.11 27.11 63.59
C TYR K 168 11.65 28.31 64.38
N ASP K 169 12.44 28.05 65.42
CA ASP K 169 13.13 29.13 66.11
C ASP K 169 13.87 30.05 65.13
N GLU K 170 14.52 29.46 64.14
CA GLU K 170 15.26 30.24 63.15
C GLU K 170 14.35 31.01 62.20
N ALA K 171 13.16 30.47 61.92
CA ALA K 171 12.20 31.15 61.10
C ALA K 171 11.66 32.37 61.87
N ILE K 172 11.36 32.17 63.14
CA ILE K 172 10.89 33.27 63.97
C ILE K 172 11.94 34.40 64.05
N ARG K 173 13.20 34.03 64.24
CA ARG K 173 14.31 34.98 64.22
C ARG K 173 14.47 35.67 62.86
N LEU K 174 14.27 34.93 61.77
CA LEU K 174 14.36 35.55 60.46
C LEU K 174 13.24 36.58 60.27
N MET K 175 12.06 36.28 60.78
CA MET K 175 10.97 37.22 60.70
C MET K 175 11.31 38.53 61.43
N ALA K 176 11.97 38.41 62.57
CA ALA K 176 12.42 39.58 63.33
C ALA K 176 13.43 40.42 62.55
N ARG K 177 14.38 39.75 61.92
CA ARG K 177 15.32 40.43 61.04
C ARG K 177 14.66 40.98 59.74
N ARG K 178 13.43 40.56 59.42
CA ARG K 178 12.75 41.14 58.27
C ARG K 178 11.92 42.37 58.66
N GLY K 179 11.91 42.69 59.96
CA GLY K 179 11.19 43.87 60.47
C GLY K 179 9.92 43.61 61.27
N PHE K 180 9.53 42.35 61.46
CA PHE K 180 8.34 42.06 62.24
C PHE K 180 8.66 42.23 63.71
N GLN K 181 7.69 42.74 64.48
CA GLN K 181 7.83 42.95 65.91
C GLN K 181 7.66 41.65 66.68
N ILE K 182 8.75 40.97 66.98
CA ILE K 182 8.69 39.72 67.71
C ILE K 182 9.27 39.92 69.10
N ASP K 183 8.53 39.47 70.11
CA ASP K 183 9.06 39.52 71.48
C ASP K 183 10.52 39.05 71.54
N PRO K 184 11.36 39.80 72.26
CA PRO K 184 12.77 39.41 72.31
C PRO K 184 12.96 38.07 73.03
N GLU K 185 11.98 37.70 73.87
CA GLU K 185 12.07 36.48 74.68
C GLU K 185 11.78 35.19 73.89
N VAL K 186 11.52 35.33 72.60
CA VAL K 186 11.34 34.20 71.72
C VAL K 186 12.35 34.25 70.56
N VAL K 187 12.98 35.41 70.42
CA VAL K 187 14.16 35.61 69.55
C VAL K 187 15.42 35.03 70.20
N GLU K 188 15.44 35.04 71.53
CA GLU K 188 16.47 34.41 72.33
C GLU K 188 15.81 33.84 73.58
N ARG K 189 15.94 32.54 73.81
CA ARG K 189 15.43 31.92 75.04
C ARG K 189 16.16 30.62 75.30
N ASP K 190 15.79 29.95 76.38
CA ASP K 190 16.32 28.64 76.69
C ASP K 190 15.87 27.60 75.65
N TRP K 191 16.76 27.32 74.70
CA TRP K 191 16.43 26.49 73.55
C TRP K 191 16.05 25.06 73.86
N THR K 192 16.32 24.61 75.08
CA THR K 192 16.04 23.24 75.46
C THR K 192 14.57 23.07 75.78
N GLN K 193 13.86 24.19 75.84
CA GLN K 193 12.45 24.23 76.20
C GLN K 193 11.54 23.93 75.00
N PRO K 194 10.45 23.17 75.22
CA PRO K 194 9.39 22.94 74.25
C PRO K 194 8.99 24.22 73.55
N THR K 195 8.33 24.10 72.40
CA THR K 195 7.81 25.26 71.69
C THR K 195 6.46 25.71 72.27
N GLN K 196 6.40 26.97 72.69
CA GLN K 196 5.19 27.49 73.36
C GLN K 196 4.56 28.65 72.56
N TYR K 197 3.24 28.62 72.44
CA TYR K 197 2.55 29.65 71.67
C TYR K 197 2.99 31.09 72.01
N ASN K 198 3.25 31.89 70.99
CA ASN K 198 3.57 33.28 71.24
C ASN K 198 2.79 34.25 70.36
N ALA K 199 2.09 35.16 71.04
CA ALA K 199 1.13 36.06 70.41
C ALA K 199 1.76 36.93 69.34
N SER K 200 2.94 37.45 69.62
CA SER K 200 3.64 38.32 68.66
C SER K 200 4.06 37.56 67.41
N VAL K 201 4.36 36.28 67.59
CA VAL K 201 4.72 35.42 66.46
C VAL K 201 3.49 35.16 65.59
N GLU K 202 2.35 34.86 66.21
CA GLU K 202 1.11 34.67 65.46
C GLU K 202 0.72 35.93 64.70
N ALA K 203 0.86 37.09 65.34
CA ALA K 203 0.64 38.38 64.71
C ALA K 203 1.49 38.53 63.43
N ALA K 204 2.74 38.11 63.48
CA ALA K 204 3.62 38.24 62.33
C ALA K 204 3.17 37.33 61.19
N TRP K 205 2.85 36.07 61.49
CA TRP K 205 2.37 35.12 60.47
C TRP K 205 1.07 35.63 59.89
N LEU K 206 0.24 36.24 60.73
CA LEU K 206 -1.06 36.78 60.32
C LEU K 206 -0.87 37.88 59.29
N GLU K 207 0.03 38.81 59.57
CA GLU K 207 0.38 39.84 58.59
C GLU K 207 0.79 39.26 57.26
N VAL K 208 1.60 38.21 57.30
CA VAL K 208 2.13 37.53 56.13
C VAL K 208 1.00 36.90 55.33
N TYR K 209 0.08 36.24 56.02
CA TYR K 209 -0.97 35.50 55.31
C TYR K 209 -2.08 36.45 54.80
N ARG K 210 -2.27 37.57 55.48
CA ARG K 210 -3.22 38.58 55.04
C ARG K 210 -2.70 39.36 53.84
N ASN K 211 -1.38 39.38 53.69
CA ASN K 211 -0.75 40.11 52.63
C ASN K 211 0.26 39.26 51.89
N PRO K 212 -0.18 38.14 51.28
CA PRO K 212 0.76 37.16 50.78
C PRO K 212 1.68 37.70 49.69
N SER K 213 1.16 38.59 48.85
CA SER K 213 1.98 39.12 47.76
C SER K 213 3.08 40.04 48.28
N ALA K 214 2.85 40.62 49.44
CA ALA K 214 3.82 41.52 50.03
C ALA K 214 4.91 40.74 50.76
N HIS K 215 4.61 39.47 51.08
CA HIS K 215 5.56 38.63 51.76
C HIS K 215 5.52 37.20 51.23
N TRP K 216 5.75 37.03 49.93
CA TRP K 216 5.62 35.70 49.33
C TRP K 216 6.48 34.62 49.96
N GLU K 217 7.78 34.90 50.09
CA GLU K 217 8.73 33.93 50.66
C GLU K 217 8.29 33.44 52.05
N LEU K 218 7.79 34.34 52.88
CA LEU K 218 7.37 33.95 54.23
C LEU K 218 6.04 33.17 54.21
N TYR K 219 5.16 33.57 53.31
CA TYR K 219 3.94 32.83 53.05
C TYR K 219 4.24 31.38 52.64
N GLU K 220 5.14 31.20 51.68
CA GLU K 220 5.59 29.88 51.24
C GLU K 220 6.30 29.08 52.36
N LEU K 221 7.19 29.73 53.08
CA LEU K 221 7.84 29.09 54.22
C LEU K 221 6.79 28.61 55.24
N GLY K 222 5.85 29.49 55.61
CA GLY K 222 4.79 29.12 56.53
C GLY K 222 4.07 27.85 56.13
N GLU K 223 3.80 27.71 54.84
CA GLU K 223 3.12 26.54 54.32
C GLU K 223 4.01 25.30 54.28
N LYS K 224 5.30 25.51 54.01
CA LYS K 224 6.24 24.41 54.12
C LYS K 224 6.35 23.85 55.54
N PHE K 225 6.25 24.72 56.54
CA PHE K 225 6.20 24.28 57.93
C PHE K 225 4.93 23.49 58.21
N VAL K 226 3.80 23.98 57.72
CA VAL K 226 2.54 23.28 57.91
C VAL K 226 2.51 21.91 57.20
N ASP K 227 3.01 21.86 55.98
CA ASP K 227 3.21 20.61 55.24
C ASP K 227 3.99 19.59 56.01
N LEU K 228 5.11 20.04 56.55
CA LEU K 228 6.00 19.19 57.28
C LEU K 228 5.34 18.65 58.56
N GLU K 229 4.59 19.50 59.25
CA GLU K 229 3.88 19.06 60.43
C GLU K 229 2.77 18.09 60.08
N ASP K 230 2.03 18.42 59.04
CA ASP K 230 1.00 17.53 58.51
C ASP K 230 1.56 16.14 58.24
N ALA K 231 2.61 16.10 57.43
CA ALA K 231 3.20 14.83 57.02
C ALA K 231 3.66 14.03 58.24
N PHE K 232 4.28 14.71 59.21
CA PHE K 232 4.76 14.04 60.40
C PHE K 232 3.58 13.53 61.25
N ARG K 233 2.52 14.32 61.39
CA ARG K 233 1.28 13.82 61.97
C ARG K 233 0.75 12.52 61.32
N GLN K 234 0.76 12.46 59.98
CA GLN K 234 0.33 11.25 59.28
C GLN K 234 1.19 10.07 59.65
N TRP K 235 2.51 10.28 59.72
CA TRP K 235 3.42 9.21 60.13
C TRP K 235 3.09 8.74 61.53
N ARG K 236 2.90 9.71 62.39
CA ARG K 236 2.57 9.54 63.78
C ARG K 236 1.31 8.67 63.89
N PHE K 237 0.27 9.07 63.17
CA PHE K 237 -1.01 8.33 63.12
C PHE K 237 -0.88 6.91 62.56
N ARG K 238 -0.09 6.81 61.53
CA ARG K 238 0.12 5.59 60.82
C ARG K 238 0.93 4.60 61.69
N HIS K 239 1.88 5.12 62.43
CA HIS K 239 2.64 4.32 63.37
C HIS K 239 1.70 3.73 64.46
N VAL K 240 0.95 4.56 65.20
CA VAL K 240 0.06 4.02 66.24
C VAL K 240 -0.85 2.96 65.66
N THR K 241 -1.42 3.28 64.51
CA THR K 241 -2.41 2.39 63.93
C THR K 241 -1.79 1.03 63.55
N THR K 242 -0.62 1.06 62.91
CA THR K 242 0.03 -0.18 62.55
C THR K 242 0.40 -0.97 63.81
N VAL K 243 0.97 -0.30 64.80
CA VAL K 243 1.26 -0.95 66.07
C VAL K 243 0.01 -1.62 66.65
N GLU K 244 -1.05 -0.83 66.83
CA GLU K 244 -2.30 -1.36 67.33
C GLU K 244 -2.81 -2.58 66.53
N ARG K 245 -2.71 -2.56 65.21
CA ARG K 245 -3.15 -3.73 64.47
C ARG K 245 -2.20 -4.92 64.58
N VAL K 246 -1.03 -4.69 65.16
CA VAL K 246 -0.10 -5.80 65.37
C VAL K 246 -0.13 -6.33 66.82
N ILE K 247 -0.11 -5.44 67.81
CA ILE K 247 -0.08 -5.88 69.21
C ILE K 247 -1.30 -5.46 70.04
N GLY K 248 -2.24 -4.75 69.42
CA GLY K 248 -3.38 -4.20 70.15
C GLY K 248 -3.10 -3.12 71.19
N PHE K 249 -4.14 -2.66 71.86
CA PHE K 249 -4.01 -1.58 72.83
C PHE K 249 -3.48 -2.09 74.16
N THR K 256 3.37 6.34 79.61
CA THR K 256 4.67 6.48 78.95
C THR K 256 5.03 5.20 78.19
N GLU K 257 4.07 4.30 78.07
CA GLU K 257 4.31 3.01 77.44
C GLU K 257 3.12 2.55 76.61
N GLY K 258 3.43 2.00 75.44
CA GLY K 258 2.44 1.35 74.61
C GLY K 258 1.73 2.27 73.65
N VAL K 259 0.65 1.74 73.08
CA VAL K 259 -0.24 2.48 72.20
C VAL K 259 -0.74 3.76 72.88
N SER K 260 -0.89 3.69 74.20
CA SER K 260 -1.39 4.83 74.99
C SER K 260 -0.46 6.03 74.87
N TYR K 261 0.85 5.79 74.97
CA TYR K 261 1.82 6.85 74.76
C TYR K 261 1.80 7.33 73.31
N LEU K 262 1.74 6.39 72.36
CA LEU K 262 1.75 6.77 70.95
C LEU K 262 0.53 7.62 70.57
N ARG K 263 -0.62 7.26 71.15
CA ARG K 263 -1.85 8.04 71.06
C ARG K 263 -1.68 9.50 71.48
N ARG K 264 -0.98 9.72 72.59
CA ARG K 264 -0.78 11.06 73.12
C ARG K 264 0.12 11.87 72.20
N MET K 265 1.03 11.19 71.50
CA MET K 265 1.96 11.83 70.58
C MET K 265 1.23 12.50 69.42
N LEU K 266 0.00 12.03 69.18
CA LEU K 266 -0.89 12.62 68.20
C LEU K 266 -1.33 14.03 68.53
N ASP K 267 -1.32 14.38 69.81
CA ASP K 267 -1.85 15.67 70.26
C ASP K 267 -0.79 16.78 70.14
N VAL K 268 0.44 16.39 69.77
CA VAL K 268 1.62 17.28 69.73
C VAL K 268 1.53 18.42 68.72
N VAL K 269 1.88 19.63 69.13
CA VAL K 269 1.94 20.76 68.20
C VAL K 269 3.34 21.28 68.04
N LEU K 270 3.83 21.21 66.80
CA LEU K 270 5.16 21.69 66.46
C LEU K 270 5.15 23.21 66.24
N PHE K 271 4.33 23.70 65.33
CA PHE K 271 4.38 25.11 65.00
C PHE K 271 3.05 25.75 65.33
N PRO K 272 2.80 25.98 66.64
CA PRO K 272 1.49 26.37 67.15
C PRO K 272 0.79 27.56 66.48
N GLU K 273 1.51 28.62 66.15
CA GLU K 273 0.83 29.83 65.71
C GLU K 273 0.47 29.81 64.25
N LEU K 274 1.06 28.89 63.49
CA LEU K 274 0.69 28.72 62.10
C LEU K 274 -0.61 27.96 62.02
N TRP K 275 -0.91 27.16 63.03
CA TRP K 275 -2.18 26.47 63.07
C TRP K 275 -3.24 27.37 63.65
N LYS K 276 -2.88 28.09 64.72
CA LYS K 276 -3.80 28.95 65.45
C LYS K 276 -4.34 30.04 64.53
N LEU K 277 -3.45 30.57 63.69
CA LEU K 277 -3.75 31.65 62.74
C LEU K 277 -4.93 31.37 61.79
N ARG K 278 -5.22 30.10 61.56
CA ARG K 278 -6.33 29.70 60.67
C ARG K 278 -7.67 30.25 61.17
N THR K 279 -7.92 30.13 62.47
CA THR K 279 -9.19 30.61 63.02
C THR K 279 -9.22 32.14 63.22
N ASP K 280 -8.05 32.77 63.26
CA ASP K 280 -7.96 34.21 63.46
C ASP K 280 -7.88 35.00 62.16
N LEU K 281 -7.71 34.32 61.03
CA LEU K 281 -7.41 35.01 59.78
C LEU K 281 -8.48 36.03 59.43
N ASP L 22 21.30 -6.87 78.35
CA ASP L 22 20.20 -5.99 77.87
C ASP L 22 20.43 -5.54 76.42
N MET L 23 19.46 -5.78 75.53
CA MET L 23 19.64 -5.45 74.09
C MET L 23 18.90 -4.19 73.60
N SER L 24 19.66 -3.27 73.02
CA SER L 24 19.10 -2.03 72.53
C SER L 24 18.56 -2.13 71.10
N TYR L 25 17.58 -1.28 70.82
CA TYR L 25 17.10 -0.94 69.47
C TYR L 25 18.26 -0.97 68.46
N GLY L 26 19.23 -0.09 68.62
CA GLY L 26 20.37 -0.03 67.70
C GLY L 26 21.09 -1.35 67.52
N ASP L 27 21.29 -2.07 68.62
CA ASP L 27 22.02 -3.34 68.57
C ASP L 27 21.24 -4.37 67.78
N TYR L 28 19.97 -4.51 68.12
CA TYR L 28 19.09 -5.42 67.41
C TYR L 28 19.06 -5.14 65.90
N LEU L 29 18.98 -3.87 65.52
CA LEU L 29 18.80 -3.52 64.11
C LEU L 29 20.09 -3.29 63.35
N GLY L 30 21.22 -3.52 64.02
CA GLY L 30 22.52 -3.30 63.41
C GLY L 30 22.73 -1.89 62.89
N LEU L 31 22.29 -0.90 63.65
CA LEU L 31 22.32 0.49 63.21
C LEU L 31 23.70 1.11 63.16
N ASP L 32 24.62 0.60 63.98
CA ASP L 32 26.02 1.01 63.95
C ASP L 32 26.58 0.78 62.56
N GLN L 33 26.12 -0.31 61.94
CA GLN L 33 26.55 -0.70 60.60
C GLN L 33 25.77 0.09 59.55
N ILE L 34 24.46 0.11 59.69
CA ILE L 34 23.57 0.77 58.72
C ILE L 34 23.82 2.27 58.62
N LEU L 35 24.04 2.92 59.76
CA LEU L 35 24.18 4.37 59.81
C LEU L 35 25.61 4.88 59.76
N SER L 36 26.53 4.03 59.34
CA SER L 36 27.90 4.49 59.14
C SER L 36 28.43 3.94 57.82
N ALA L 37 27.52 3.76 56.88
CA ALA L 37 27.88 3.36 55.55
C ALA L 37 27.67 4.45 54.51
N GLN L 38 27.55 5.71 54.94
CA GLN L 38 27.31 6.83 53.99
C GLN L 38 28.51 7.75 53.90
N HIS L 39 29.28 7.64 52.82
CA HIS L 39 30.54 8.38 52.71
C HIS L 39 30.70 9.06 51.36
N PRO L 40 30.30 10.33 51.26
CA PRO L 40 30.35 11.04 49.99
C PRO L 40 31.79 11.37 49.61
N LEU L 41 32.12 11.08 48.35
CA LEU L 41 33.42 11.36 47.78
C LEU L 41 33.54 12.83 47.40
N SER L 42 32.44 13.42 46.96
CA SER L 42 32.41 14.84 46.65
C SER L 42 32.02 15.66 47.88
N PRO L 43 32.22 16.98 47.81
CA PRO L 43 31.77 17.88 48.86
C PRO L 43 30.35 18.39 48.60
N ASP L 44 29.65 17.77 47.66
CA ASP L 44 28.33 18.23 47.29
C ASP L 44 27.26 17.86 48.31
N HIS L 45 26.35 18.81 48.56
CA HIS L 45 25.28 18.56 49.51
C HIS L 45 24.41 17.37 49.09
N ASN L 46 24.38 17.08 47.80
CA ASN L 46 23.40 16.14 47.22
C ASN L 46 23.84 14.70 47.04
N GLU L 47 25.05 14.38 47.47
CA GLU L 47 25.51 13.02 47.31
C GLU L 47 24.89 12.10 48.35
N MET L 48 24.58 12.65 49.52
CA MET L 48 23.90 11.87 50.54
C MET L 48 22.61 11.27 49.95
N LEU L 49 21.87 12.05 49.16
CA LEU L 49 20.66 11.53 48.46
C LEU L 49 20.99 10.36 47.57
N PHE L 50 21.98 10.57 46.71
CA PHE L 50 22.43 9.56 45.78
C PHE L 50 22.70 8.24 46.50
N ILE L 51 23.36 8.33 47.65
CA ILE L 51 23.76 7.13 48.40
C ILE L 51 22.56 6.48 49.09
N VAL L 52 21.87 7.25 49.93
CA VAL L 52 20.75 6.71 50.67
C VAL L 52 19.66 6.11 49.77
N GLN L 53 19.41 6.72 48.64
CA GLN L 53 18.39 6.22 47.72
C GLN L 53 18.73 4.82 47.17
N HIS L 54 20.01 4.58 46.89
CA HIS L 54 20.49 3.27 46.47
C HIS L 54 20.37 2.28 47.64
N GLN L 55 20.87 2.67 48.81
CA GLN L 55 20.93 1.80 49.98
C GLN L 55 19.55 1.35 50.48
N THR L 56 18.61 2.27 50.54
CA THR L 56 17.26 1.93 50.94
C THR L 56 16.64 0.95 49.93
N THR L 57 16.95 1.11 48.64
CA THR L 57 16.46 0.14 47.67
C THR L 57 17.09 -1.23 47.84
N GLU L 58 18.41 -1.24 48.02
CA GLU L 58 19.10 -2.48 48.23
C GLU L 58 18.50 -3.25 49.40
N LEU L 59 18.27 -2.57 50.50
CA LEU L 59 17.65 -3.19 51.68
C LEU L 59 16.26 -3.75 51.41
N TRP L 60 15.40 -2.97 50.77
CA TRP L 60 14.12 -3.53 50.40
C TRP L 60 14.33 -4.74 49.47
N MET L 61 15.37 -4.71 48.63
CA MET L 61 15.59 -5.81 47.72
C MET L 61 16.00 -7.07 48.46
N LYS L 62 16.72 -6.90 49.56
CA LYS L 62 17.00 -8.03 50.42
C LYS L 62 15.71 -8.69 50.94
N LEU L 63 14.77 -7.88 51.40
CA LEU L 63 13.50 -8.39 51.88
C LEU L 63 12.72 -9.04 50.73
N MET L 64 12.76 -8.43 49.55
CA MET L 64 11.94 -8.90 48.46
C MET L 64 12.42 -10.28 48.06
N LEU L 65 13.74 -10.48 48.14
CA LEU L 65 14.39 -11.74 47.82
C LEU L 65 13.94 -12.81 48.77
N HIS L 66 14.06 -12.51 50.06
CA HIS L 66 13.50 -13.33 51.16
C HIS L 66 12.08 -13.80 50.84
N GLU L 67 11.23 -12.84 50.55
CA GLU L 67 9.82 -13.10 50.33
C GLU L 67 9.57 -13.90 49.07
N LEU L 68 10.31 -13.59 48.02
CA LEU L 68 10.16 -14.24 46.74
C LEU L 68 10.59 -15.69 46.82
N ARG L 69 11.71 -15.95 47.50
CA ARG L 69 12.17 -17.31 47.67
C ARG L 69 11.17 -18.14 48.46
N ALA L 70 10.75 -17.63 49.60
CA ALA L 70 9.68 -18.27 50.35
C ALA L 70 8.50 -18.58 49.43
N ALA L 71 8.09 -17.59 48.64
CA ALA L 71 6.89 -17.72 47.83
C ALA L 71 7.08 -18.75 46.72
N ARG L 72 8.29 -18.89 46.22
CA ARG L 72 8.60 -19.93 45.24
C ARG L 72 8.51 -21.32 45.87
N ASP L 73 8.95 -21.45 47.12
CA ASP L 73 8.88 -22.71 47.82
C ASP L 73 7.44 -23.12 47.97
N GLY L 74 6.58 -22.12 48.13
CA GLY L 74 5.16 -22.38 48.32
C GLY L 74 4.61 -22.93 47.02
N VAL L 75 5.00 -22.29 45.90
CA VAL L 75 4.62 -22.74 44.57
C VAL L 75 5.07 -24.20 44.34
N LYS L 76 6.28 -24.56 44.75
CA LYS L 76 6.72 -25.92 44.46
C LYS L 76 6.18 -26.96 45.45
N SER L 77 5.70 -26.48 46.59
CA SER L 77 5.10 -27.31 47.66
C SER L 77 3.62 -27.49 47.44
N ASP L 78 3.12 -26.92 46.34
CA ASP L 78 1.69 -26.64 46.17
C ASP L 78 0.98 -26.11 47.43
N GLN L 79 1.60 -25.14 48.11
CA GLN L 79 0.96 -24.46 49.23
C GLN L 79 0.81 -22.98 48.87
N LEU L 80 -0.21 -22.72 48.05
CA LEU L 80 -0.37 -21.47 47.35
C LEU L 80 -0.94 -20.33 48.19
N GLN L 81 -1.70 -20.68 49.21
CA GLN L 81 -2.35 -19.64 50.00
C GLN L 81 -1.32 -18.77 50.76
N PRO L 82 -0.35 -19.38 51.48
CA PRO L 82 0.69 -18.53 52.06
C PRO L 82 1.51 -17.75 51.02
N ALA L 83 1.81 -18.39 49.88
CA ALA L 83 2.62 -17.76 48.86
C ALA L 83 1.94 -16.50 48.35
N PHE L 84 0.63 -16.57 48.16
CA PHE L 84 -0.11 -15.37 47.77
C PHE L 84 0.15 -14.24 48.77
N LYS L 85 0.08 -14.55 50.06
CA LYS L 85 0.26 -13.53 51.08
C LYS L 85 1.67 -12.92 51.02
N MET L 86 2.64 -13.75 50.63
CA MET L 86 4.00 -13.28 50.45
C MET L 86 4.11 -12.38 49.24
N LEU L 87 3.38 -12.71 48.18
CA LEU L 87 3.50 -11.95 46.96
C LEU L 87 2.80 -10.61 47.11
N ALA L 88 1.73 -10.60 47.91
CA ALA L 88 1.05 -9.36 48.33
C ALA L 88 2.06 -8.46 49.02
N ARG L 89 2.83 -9.03 49.92
CA ARG L 89 3.88 -8.24 50.60
C ARG L 89 5.00 -7.74 49.66
N VAL L 90 5.37 -8.57 48.67
CA VAL L 90 6.30 -8.16 47.61
C VAL L 90 5.69 -6.99 46.82
N SER L 91 4.37 -6.96 46.67
CA SER L 91 3.77 -5.90 45.86
C SER L 91 3.86 -4.59 46.64
N ARG L 92 3.58 -4.69 47.93
CA ARG L 92 3.68 -3.56 48.81
C ARG L 92 5.07 -2.96 48.76
N ILE L 93 6.11 -3.80 48.82
CA ILE L 93 7.52 -3.33 48.71
C ILE L 93 7.82 -2.69 47.35
N MET L 94 7.28 -3.28 46.30
CA MET L 94 7.43 -2.71 44.97
C MET L 94 6.80 -1.31 44.88
N ASP L 95 5.67 -1.10 45.54
CA ASP L 95 5.09 0.25 45.66
C ASP L 95 6.12 1.25 46.21
N GLN L 96 6.88 0.86 47.23
CA GLN L 96 7.86 1.76 47.86
C GLN L 96 8.95 2.05 46.85
N LEU L 97 9.44 0.99 46.21
CA LEU L 97 10.54 1.07 45.27
C LEU L 97 10.22 1.95 44.06
N VAL L 98 8.99 1.88 43.59
CA VAL L 98 8.58 2.65 42.43
C VAL L 98 8.38 4.13 42.80
N GLN L 99 7.73 4.35 43.93
CA GLN L 99 7.47 5.70 44.37
C GLN L 99 8.72 6.42 44.84
N ALA L 100 9.72 5.68 45.30
CA ALA L 100 10.93 6.28 45.81
C ALA L 100 11.63 7.15 44.77
N TRP L 101 11.36 6.92 43.48
CA TRP L 101 12.01 7.75 42.45
C TRP L 101 11.59 9.21 42.55
N ASN L 102 10.47 9.46 43.22
CA ASN L 102 10.03 10.81 43.50
C ASN L 102 11.10 11.61 44.24
N VAL L 103 11.85 10.92 45.12
CA VAL L 103 12.88 11.59 45.91
C VAL L 103 14.10 11.96 45.07
N LEU L 104 14.59 11.00 44.29
CA LEU L 104 15.76 11.21 43.46
C LEU L 104 15.46 12.24 42.41
N ALA L 105 14.21 12.33 42.00
CA ALA L 105 13.80 13.26 40.94
C ALA L 105 13.98 14.69 41.37
N THR L 106 14.28 14.91 42.65
CA THR L 106 14.50 16.26 43.15
C THR L 106 15.98 16.60 43.00
N MET L 107 16.72 15.70 42.37
CA MET L 107 18.11 15.99 42.03
C MET L 107 18.18 16.59 40.65
N THR L 108 18.79 17.77 40.56
CA THR L 108 18.88 18.51 39.29
C THR L 108 20.21 18.18 38.65
N PRO L 109 20.34 18.40 37.33
CA PRO L 109 21.63 18.16 36.65
C PRO L 109 22.86 18.85 37.24
N PRO L 110 22.80 20.16 37.48
CA PRO L 110 23.91 20.83 38.17
C PRO L 110 24.38 20.17 39.49
N GLU L 111 23.44 19.65 40.28
CA GLU L 111 23.77 18.96 41.52
C GLU L 111 24.49 17.64 41.25
N TYR L 112 24.01 16.89 40.28
CA TYR L 112 24.67 15.67 39.93
C TYR L 112 26.03 15.97 39.31
N SER L 113 26.04 16.96 38.45
CA SER L 113 27.26 17.41 37.79
C SER L 113 28.42 17.64 38.76
N ALA L 114 28.13 18.34 39.86
CA ALA L 114 29.12 18.67 40.88
C ALA L 114 29.71 17.43 41.53
N MET L 115 28.93 16.36 41.59
CA MET L 115 29.43 15.19 42.29
C MET L 115 30.02 14.17 41.31
N ARG L 116 29.59 14.20 40.06
CA ARG L 116 30.03 13.22 39.06
C ARG L 116 31.54 12.90 39.01
N PRO L 117 32.40 13.94 39.00
CA PRO L 117 33.84 13.66 38.84
C PRO L 117 34.43 12.76 39.93
N TYR L 118 33.70 12.59 41.03
CA TYR L 118 34.21 11.89 42.20
C TYR L 118 33.72 10.44 42.30
N LEU L 119 32.81 10.03 41.41
CA LEU L 119 32.12 8.75 41.56
C LEU L 119 32.78 7.60 40.81
N GLY L 120 33.22 7.88 39.59
CA GLY L 120 33.92 6.89 38.79
C GLY L 120 33.18 5.58 38.58
N ALA L 121 33.97 4.50 38.61
CA ALA L 121 33.59 3.18 38.08
C ALA L 121 32.13 2.88 37.71
N SER L 122 31.28 2.77 38.72
CA SER L 122 30.15 1.82 38.70
C SER L 122 28.73 2.32 38.53
N SER L 123 27.82 1.35 38.44
CA SER L 123 26.38 1.56 38.59
C SER L 123 25.76 0.26 39.10
N GLY L 124 24.44 0.28 39.29
CA GLY L 124 23.66 -0.88 39.77
C GLY L 124 23.77 -2.09 38.86
N PHE L 125 24.48 -1.88 37.75
CA PHE L 125 24.82 -2.95 36.86
C PHE L 125 25.50 -4.05 37.65
N GLN L 126 26.28 -3.64 38.66
CA GLN L 126 26.94 -4.57 39.58
C GLN L 126 26.16 -4.92 40.84
N SER L 127 24.84 -4.69 40.86
CA SER L 127 24.05 -5.11 41.99
C SER L 127 23.76 -6.61 41.85
N TYR L 128 24.28 -7.39 42.77
CA TYR L 128 24.03 -8.81 42.75
C TYR L 128 22.60 -9.10 43.20
N GLN L 129 22.10 -8.37 44.20
CA GLN L 129 20.71 -8.54 44.62
C GLN L 129 19.71 -8.31 43.49
N TYR L 130 19.90 -7.24 42.73
CA TYR L 130 19.01 -7.02 41.59
C TYR L 130 19.05 -8.19 40.65
N ARG L 131 20.26 -8.70 40.38
CA ARG L 131 20.41 -9.80 39.42
C ARG L 131 19.69 -11.04 39.90
N GLU L 132 19.77 -11.34 41.20
CA GLU L 132 19.05 -12.51 41.71
C GLU L 132 17.56 -12.32 41.56
N ILE L 133 17.11 -11.08 41.66
CA ILE L 133 15.69 -10.82 41.44
C ILE L 133 15.33 -11.05 39.97
N GLU L 134 16.11 -10.51 39.05
CA GLU L 134 15.87 -10.76 37.61
C GLU L 134 15.88 -12.29 37.34
N PHE L 135 16.83 -12.98 37.96
CA PHE L 135 16.91 -14.43 37.83
C PHE L 135 15.71 -15.18 38.41
N ILE L 136 15.39 -14.94 39.68
CA ILE L 136 14.18 -15.55 40.29
C ILE L 136 12.92 -15.30 39.44
N LEU L 137 12.91 -14.24 38.65
CA LEU L 137 11.76 -13.95 37.79
C LEU L 137 12.00 -14.50 36.39
N GLY L 138 13.04 -15.32 36.27
CA GLY L 138 13.40 -15.97 35.03
C GLY L 138 14.02 -15.12 33.93
N ASN L 139 14.39 -13.88 34.23
CA ASN L 139 15.18 -13.09 33.27
C ASN L 139 16.62 -13.58 33.33
N LYS L 140 16.81 -14.82 32.91
CA LYS L 140 18.11 -15.49 33.05
C LYS L 140 19.08 -15.02 31.96
N ASN L 141 20.34 -14.87 32.35
CA ASN L 141 21.38 -14.40 31.44
C ASN L 141 22.76 -14.63 32.04
N ALA L 142 23.52 -15.55 31.44
CA ALA L 142 24.80 -15.98 32.01
C ALA L 142 25.86 -14.89 31.89
N ALA L 143 25.67 -14.01 30.91
CA ALA L 143 26.57 -12.89 30.71
C ALA L 143 26.63 -11.97 31.93
N MET L 144 25.59 -12.06 32.77
CA MET L 144 25.42 -11.11 33.89
C MET L 144 26.13 -11.56 35.15
N LEU L 145 26.82 -12.71 35.05
CA LEU L 145 27.71 -13.17 36.11
C LEU L 145 28.99 -12.34 36.16
N ARG L 146 29.36 -11.80 35.00
CA ARG L 146 30.66 -11.21 34.75
C ARG L 146 31.02 -10.13 35.76
N PRO L 147 30.11 -9.17 36.00
CA PRO L 147 30.34 -8.06 36.93
C PRO L 147 30.68 -8.47 38.36
N HIS L 148 30.46 -9.74 38.69
CA HIS L 148 30.59 -10.20 40.08
C HIS L 148 31.78 -11.14 40.26
N ALA L 149 32.65 -11.20 39.25
CA ALA L 149 33.77 -12.16 39.20
C ALA L 149 34.83 -11.91 40.28
N HIS L 150 35.10 -10.64 40.56
CA HIS L 150 36.04 -10.23 41.62
C HIS L 150 35.55 -10.58 43.03
N ARG L 151 34.28 -10.95 43.17
CA ARG L 151 33.74 -11.23 44.49
C ARG L 151 33.05 -12.59 44.54
N PRO L 152 33.85 -13.64 44.79
CA PRO L 152 33.43 -15.03 44.83
C PRO L 152 32.16 -15.28 45.64
N GLU L 153 31.93 -14.48 46.67
CA GLU L 153 30.74 -14.61 47.50
C GLU L 153 29.48 -14.20 46.71
N HIS L 154 29.58 -13.08 45.97
CA HIS L 154 28.47 -12.61 45.16
C HIS L 154 28.28 -13.52 43.95
N LEU L 155 29.40 -13.88 43.34
CA LEU L 155 29.39 -14.70 42.14
C LEU L 155 28.64 -16.00 42.40
N GLU L 156 28.93 -16.64 43.52
CA GLU L 156 28.25 -17.88 43.88
C GLU L 156 26.74 -17.68 44.07
N LEU L 157 26.33 -16.60 44.76
CA LEU L 157 24.91 -16.25 44.93
C LEU L 157 24.19 -16.19 43.59
N VAL L 158 24.77 -15.45 42.65
CA VAL L 158 24.20 -15.18 41.32
C VAL L 158 24.25 -16.41 40.39
N GLU L 159 25.32 -17.19 40.53
CA GLU L 159 25.47 -18.45 39.81
C GLU L 159 24.38 -19.42 40.26
N THR L 160 24.29 -19.61 41.57
CA THR L 160 23.25 -20.46 42.14
C THR L 160 21.89 -20.13 41.56
N ALA L 161 21.53 -18.84 41.60
CA ALA L 161 20.21 -18.38 41.16
C ALA L 161 20.03 -18.66 39.69
N LEU L 162 21.09 -18.46 38.91
CA LEU L 162 21.01 -18.69 37.47
C LEU L 162 20.64 -20.13 37.17
N HIS L 163 21.14 -21.06 37.97
CA HIS L 163 20.92 -22.50 37.74
C HIS L 163 19.63 -22.98 38.40
N THR L 164 19.03 -22.14 39.24
CA THR L 164 17.80 -22.49 39.95
C THR L 164 16.59 -22.23 39.05
N PRO L 165 15.66 -23.20 38.92
CA PRO L 165 14.46 -22.84 38.16
C PRO L 165 13.77 -21.59 38.76
N SER L 166 13.34 -20.68 37.88
CA SER L 166 12.71 -19.42 38.28
C SER L 166 11.37 -19.72 38.93
N MET L 167 10.71 -18.66 39.42
CA MET L 167 9.44 -18.81 40.12
C MET L 167 8.32 -19.06 39.11
N TYR L 168 8.52 -18.60 37.90
CA TYR L 168 7.61 -18.90 36.79
C TYR L 168 7.81 -20.35 36.29
N ASP L 169 9.06 -20.83 36.26
CA ASP L 169 9.34 -22.24 35.95
C ASP L 169 8.59 -23.14 36.92
N GLU L 170 8.56 -22.74 38.18
CA GLU L 170 7.86 -23.49 39.19
C GLU L 170 6.34 -23.49 38.99
N ALA L 171 5.81 -22.38 38.49
CA ALA L 171 4.39 -22.29 38.28
C ALA L 171 4.03 -23.19 37.10
N ILE L 172 4.85 -23.12 36.06
CA ILE L 172 4.72 -24.04 34.93
C ILE L 172 4.69 -25.51 35.41
N ARG L 173 5.69 -25.89 36.18
CA ARG L 173 5.79 -27.24 36.73
C ARG L 173 4.56 -27.62 37.55
N LEU L 174 4.06 -26.67 38.35
CA LEU L 174 2.88 -26.95 39.17
C LEU L 174 1.67 -27.17 38.28
N MET L 175 1.57 -26.39 37.20
CA MET L 175 0.45 -26.55 36.28
C MET L 175 0.45 -27.97 35.69
N ALA L 176 1.65 -28.47 35.35
CA ALA L 176 1.83 -29.86 34.87
C ALA L 176 1.36 -30.89 35.90
N ARG L 177 1.81 -30.72 37.14
CA ARG L 177 1.35 -31.53 38.26
C ARG L 177 -0.14 -31.38 38.58
N ARG L 178 -0.82 -30.38 38.00
CA ARG L 178 -2.26 -30.20 38.27
C ARG L 178 -3.07 -30.84 37.11
N GLY L 179 -2.35 -31.35 36.12
CA GLY L 179 -3.01 -32.07 35.03
C GLY L 179 -2.99 -31.39 33.69
N PHE L 180 -2.27 -30.28 33.58
CA PHE L 180 -2.23 -29.58 32.31
C PHE L 180 -1.19 -30.20 31.40
N GLN L 181 -1.47 -30.21 30.10
CA GLN L 181 -0.57 -30.86 29.18
C GLN L 181 0.46 -29.81 28.78
N ILE L 182 1.64 -29.92 29.40
CA ILE L 182 2.75 -29.00 29.14
C ILE L 182 3.91 -29.77 28.53
N ASP L 183 4.46 -29.25 27.44
CA ASP L 183 5.64 -29.85 26.82
C ASP L 183 6.67 -30.15 27.90
N PRO L 184 7.29 -31.35 27.83
CA PRO L 184 8.27 -31.71 28.85
C PRO L 184 9.58 -30.89 28.74
N GLU L 185 9.78 -30.19 27.62
CA GLU L 185 10.99 -29.42 27.36
C GLU L 185 10.98 -28.09 28.12
N VAL L 186 9.92 -27.88 28.88
CA VAL L 186 9.71 -26.64 29.62
C VAL L 186 9.45 -26.98 31.10
N VAL L 187 9.05 -28.22 31.36
CA VAL L 187 8.96 -28.74 32.72
C VAL L 187 10.37 -29.07 33.21
N GLU L 188 11.23 -29.46 32.29
CA GLU L 188 12.64 -29.72 32.61
C GLU L 188 13.47 -29.09 31.51
N ARG L 189 14.58 -28.46 31.88
CA ARG L 189 15.30 -27.67 30.89
C ARG L 189 16.58 -27.06 31.41
N ASP L 190 17.27 -26.34 30.52
CA ASP L 190 18.47 -25.61 30.86
C ASP L 190 18.08 -24.33 31.61
N TRP L 191 17.85 -24.51 32.90
CA TRP L 191 17.49 -23.42 33.81
C TRP L 191 18.34 -22.14 33.65
N THR L 192 19.47 -22.22 32.96
CA THR L 192 20.30 -21.02 32.76
C THR L 192 19.91 -20.14 31.56
N GLN L 193 18.86 -20.53 30.84
CA GLN L 193 18.48 -19.87 29.58
C GLN L 193 17.31 -18.89 29.77
N PRO L 194 17.16 -17.92 28.85
CA PRO L 194 16.12 -16.92 29.02
C PRO L 194 14.73 -17.56 28.91
N THR L 195 13.70 -16.88 29.43
CA THR L 195 12.36 -17.44 29.33
C THR L 195 11.79 -17.16 27.96
N GLN L 196 11.62 -18.22 27.18
CA GLN L 196 11.04 -18.10 25.84
C GLN L 196 9.58 -18.54 25.82
N TYR L 197 8.79 -17.91 24.96
CA TYR L 197 7.38 -18.26 24.84
C TYR L 197 7.19 -19.76 24.51
N ASN L 198 6.20 -20.41 25.11
CA ASN L 198 5.91 -21.80 24.77
C ASN L 198 4.41 -22.03 24.69
N ALA L 199 3.92 -22.37 23.49
CA ALA L 199 2.46 -22.31 23.25
C ALA L 199 1.63 -23.27 24.13
N SER L 200 2.27 -24.35 24.59
CA SER L 200 1.66 -25.31 25.50
C SER L 200 1.31 -24.62 26.81
N VAL L 201 2.24 -23.84 27.34
CA VAL L 201 1.98 -23.08 28.56
C VAL L 201 0.84 -22.07 28.38
N GLU L 202 0.84 -21.36 27.24
CA GLU L 202 -0.25 -20.44 27.01
C GLU L 202 -1.61 -21.17 26.98
N ALA L 203 -1.64 -22.33 26.33
CA ALA L 203 -2.87 -23.13 26.28
C ALA L 203 -3.38 -23.41 27.68
N ALA L 204 -2.43 -23.72 28.57
CA ALA L 204 -2.74 -23.98 29.97
C ALA L 204 -3.38 -22.74 30.60
N TRP L 205 -2.67 -21.60 30.52
CA TRP L 205 -3.17 -20.34 31.12
C TRP L 205 -4.49 -19.96 30.49
N LEU L 206 -4.62 -20.20 29.18
CA LEU L 206 -5.89 -19.89 28.49
C LEU L 206 -7.08 -20.61 29.17
N GLU L 207 -6.89 -21.90 29.46
CA GLU L 207 -7.96 -22.65 30.05
C GLU L 207 -8.28 -22.12 31.47
N VAL L 208 -7.24 -21.70 32.18
CA VAL L 208 -7.43 -21.12 33.50
C VAL L 208 -8.28 -19.85 33.48
N TYR L 209 -7.99 -18.96 32.53
CA TYR L 209 -8.65 -17.65 32.45
C TYR L 209 -10.04 -17.74 31.83
N ARG L 210 -10.24 -18.76 30.99
CA ARG L 210 -11.54 -18.95 30.35
C ARG L 210 -12.48 -19.65 31.32
N ASN L 211 -11.91 -20.37 32.28
CA ASN L 211 -12.68 -21.10 33.32
C ASN L 211 -12.22 -20.77 34.76
N PRO L 212 -12.29 -19.49 35.14
CA PRO L 212 -11.69 -18.99 36.38
C PRO L 212 -12.23 -19.65 37.62
N SER L 213 -13.51 -19.98 37.63
CA SER L 213 -14.15 -20.60 38.81
C SER L 213 -13.69 -22.05 39.03
N ALA L 214 -13.32 -22.73 37.95
CA ALA L 214 -12.82 -24.10 38.04
C ALA L 214 -11.35 -24.12 38.47
N HIS L 215 -10.62 -23.03 38.20
CA HIS L 215 -9.21 -22.98 38.55
C HIS L 215 -8.87 -21.68 39.29
N TRP L 216 -9.55 -21.40 40.38
CA TRP L 216 -9.40 -20.08 40.98
C TRP L 216 -7.97 -19.74 41.38
N GLU L 217 -7.28 -20.68 42.02
CA GLU L 217 -5.95 -20.42 42.51
C GLU L 217 -4.96 -20.13 41.38
N LEU L 218 -5.12 -20.78 40.22
CA LEU L 218 -4.16 -20.52 39.15
C LEU L 218 -4.48 -19.21 38.45
N TYR L 219 -5.76 -18.87 38.39
CA TYR L 219 -6.24 -17.58 37.91
C TYR L 219 -5.53 -16.50 38.75
N GLU L 220 -5.75 -16.53 40.06
CA GLU L 220 -5.10 -15.59 40.96
C GLU L 220 -3.57 -15.58 40.82
N LEU L 221 -2.99 -16.75 40.65
CA LEU L 221 -1.55 -16.86 40.61
C LEU L 221 -1.08 -16.14 39.37
N GLY L 222 -1.84 -16.30 38.30
CA GLY L 222 -1.55 -15.64 37.05
C GLY L 222 -1.60 -14.12 37.18
N GLU L 223 -2.55 -13.61 37.94
CA GLU L 223 -2.65 -12.15 38.10
C GLU L 223 -1.53 -11.61 38.98
N LYS L 224 -1.12 -12.44 39.94
CA LYS L 224 -0.02 -12.10 40.81
C LYS L 224 1.26 -11.94 39.98
N PHE L 225 1.53 -12.88 39.08
CA PHE L 225 2.65 -12.74 38.13
C PHE L 225 2.52 -11.47 37.30
N VAL L 226 1.35 -11.25 36.70
CA VAL L 226 1.17 -10.05 35.90
C VAL L 226 1.45 -8.77 36.72
N ASP L 227 0.86 -8.67 37.91
CA ASP L 227 1.07 -7.54 38.84
C ASP L 227 2.53 -7.26 39.06
N LEU L 228 3.22 -8.30 39.43
CA LEU L 228 4.63 -8.25 39.70
C LEU L 228 5.43 -7.74 38.47
N GLU L 229 5.12 -8.24 37.28
CA GLU L 229 5.85 -7.81 36.08
C GLU L 229 5.45 -6.37 35.73
N ASP L 230 4.20 -6.03 36.04
CA ASP L 230 3.68 -4.70 35.81
C ASP L 230 4.46 -3.73 36.71
N ALA L 231 4.59 -4.08 37.98
CA ALA L 231 5.30 -3.22 38.94
C ALA L 231 6.74 -3.08 38.51
N PHE L 232 7.30 -4.17 38.05
CA PHE L 232 8.70 -4.21 37.68
C PHE L 232 8.98 -3.33 36.43
N ARG L 233 8.01 -3.32 35.52
CA ARG L 233 8.08 -2.42 34.37
C ARG L 233 8.01 -0.98 34.81
N GLN L 234 7.11 -0.67 35.73
CA GLN L 234 7.01 0.68 36.26
C GLN L 234 8.36 1.12 36.81
N TRP L 235 8.97 0.25 37.63
CA TRP L 235 10.31 0.49 38.20
C TRP L 235 11.34 0.81 37.12
N ARG L 236 11.31 -0.02 36.06
CA ARG L 236 12.23 0.15 34.96
C ARG L 236 12.01 1.50 34.28
N PHE L 237 10.74 1.87 34.10
CA PHE L 237 10.42 3.12 33.41
C PHE L 237 10.86 4.32 34.23
N ARG L 238 10.57 4.29 35.52
CA ARG L 238 10.86 5.40 36.41
C ARG L 238 12.38 5.56 36.58
N HIS L 239 13.08 4.43 36.65
CA HIS L 239 14.51 4.45 36.67
C HIS L 239 15.05 5.17 35.43
N VAL L 240 14.69 4.71 34.21
CA VAL L 240 15.30 5.32 33.04
C VAL L 240 14.88 6.78 32.94
N THR L 241 13.68 7.06 33.40
CA THR L 241 13.15 8.40 33.26
C THR L 241 13.90 9.35 34.17
N THR L 242 14.17 8.89 35.38
CA THR L 242 14.90 9.71 36.36
C THR L 242 16.36 9.82 35.94
N VAL L 243 16.97 8.71 35.52
CA VAL L 243 18.33 8.78 35.02
C VAL L 243 18.46 9.84 33.91
N GLU L 244 17.52 9.83 32.99
CA GLU L 244 17.58 10.75 31.88
C GLU L 244 17.41 12.19 32.33
N ARG L 245 16.53 12.41 33.29
CA ARG L 245 16.37 13.78 33.76
C ARG L 245 17.54 14.29 34.58
N VAL L 246 18.42 13.39 35.03
CA VAL L 246 19.64 13.81 35.72
C VAL L 246 20.88 13.91 34.80
N ILE L 247 21.10 12.88 33.97
CA ILE L 247 22.30 12.84 33.13
C ILE L 247 22.00 12.91 31.62
N GLY L 248 20.72 12.84 31.24
CA GLY L 248 20.38 12.98 29.82
C GLY L 248 20.44 11.64 29.12
N PHE L 249 19.86 11.58 27.93
CA PHE L 249 20.02 10.41 27.05
C PHE L 249 21.24 10.66 26.19
N LYS L 250 22.38 10.12 26.62
CA LYS L 250 23.63 10.24 25.87
C LYS L 250 23.68 9.34 24.64
N ARG L 251 23.82 9.96 23.49
CA ARG L 251 23.83 9.21 22.25
C ARG L 251 25.28 8.91 21.81
N GLY L 252 25.46 7.83 21.05
CA GLY L 252 26.77 7.44 20.53
C GLY L 252 27.75 6.85 21.54
N THR L 253 27.27 6.00 22.45
CA THR L 253 28.13 5.45 23.50
C THR L 253 27.89 3.96 23.80
N GLY L 254 27.22 3.27 22.88
CA GLY L 254 27.01 1.82 23.03
C GLY L 254 25.60 1.63 23.56
N GLY L 255 25.07 0.42 23.45
CA GLY L 255 23.79 0.10 24.06
C GLY L 255 24.00 -0.90 25.17
N THR L 256 25.08 -0.71 25.89
CA THR L 256 25.58 -1.72 26.80
C THR L 256 25.62 -1.15 28.22
N GLU L 257 25.69 0.18 28.26
CA GLU L 257 25.35 0.92 29.44
C GLU L 257 24.65 2.22 28.97
N GLY L 258 24.48 3.17 29.89
CA GLY L 258 23.81 4.42 29.59
C GLY L 258 22.30 4.28 29.54
N VAL L 259 21.64 5.35 29.13
CA VAL L 259 20.19 5.40 29.03
C VAL L 259 19.74 4.50 27.88
N SER L 260 20.63 4.37 26.91
CA SER L 260 20.47 3.50 25.77
C SER L 260 20.12 2.10 26.19
N TYR L 261 20.95 1.55 27.08
CA TYR L 261 20.76 0.26 27.74
C TYR L 261 19.44 0.15 28.51
N LEU L 262 19.19 1.14 29.36
CA LEU L 262 18.04 1.13 30.25
C LEU L 262 16.75 1.23 29.45
N ARG L 263 16.82 1.94 28.31
CA ARG L 263 15.72 1.93 27.35
C ARG L 263 15.42 0.52 26.79
N ARG L 264 16.48 -0.24 26.51
CA ARG L 264 16.32 -1.60 26.00
C ARG L 264 15.64 -2.49 27.03
N MET L 265 15.97 -2.25 28.31
CA MET L 265 15.43 -3.07 29.40
C MET L 265 13.92 -2.96 29.51
N LEU L 266 13.38 -1.89 28.95
CA LEU L 266 11.93 -1.75 28.90
C LEU L 266 11.28 -2.85 28.06
N ASP L 267 12.09 -3.54 27.25
CA ASP L 267 11.60 -4.56 26.31
C ASP L 267 11.72 -5.97 26.86
N VAL L 268 12.00 -6.08 28.15
CA VAL L 268 12.12 -7.37 28.79
C VAL L 268 10.71 -7.83 29.04
N VAL L 269 10.39 -9.02 28.59
CA VAL L 269 9.13 -9.64 28.95
C VAL L 269 9.53 -10.68 29.96
N LEU L 270 8.70 -10.91 30.98
CA LEU L 270 9.07 -11.93 31.95
C LEU L 270 8.14 -13.14 31.90
N PHE L 271 6.85 -12.89 31.71
CA PHE L 271 5.85 -13.95 31.69
C PHE L 271 5.09 -13.86 30.38
N PRO L 272 5.72 -14.27 29.28
CA PRO L 272 5.18 -13.98 27.96
C PRO L 272 3.79 -14.57 27.68
N GLU L 273 3.53 -15.79 28.12
CA GLU L 273 2.26 -16.37 27.73
C GLU L 273 1.11 -15.70 28.49
N LEU L 274 1.42 -15.23 29.69
CA LEU L 274 0.46 -14.47 30.47
C LEU L 274 0.07 -13.18 29.75
N TRP L 275 1.02 -12.59 29.04
CA TRP L 275 0.65 -11.38 28.32
C TRP L 275 0.04 -11.69 26.97
N LYS L 276 0.62 -12.64 26.22
CA LYS L 276 0.11 -13.05 24.90
C LYS L 276 -1.36 -13.50 25.00
N LEU L 277 -1.70 -14.13 26.12
CA LEU L 277 -3.01 -14.79 26.27
C LEU L 277 -4.16 -13.78 26.19
N ARG L 278 -3.88 -12.54 26.58
CA ARG L 278 -4.85 -11.44 26.48
C ARG L 278 -5.46 -11.33 25.10
N THR L 279 -4.63 -11.52 24.09
CA THR L 279 -5.01 -11.24 22.73
C THR L 279 -5.73 -12.47 22.10
N ASP L 280 -5.43 -13.67 22.63
CA ASP L 280 -6.04 -14.92 22.15
C ASP L 280 -7.27 -15.34 22.99
N LEU L 281 -7.58 -14.59 24.04
CA LEU L 281 -8.61 -15.01 24.99
C LEU L 281 -9.98 -15.10 24.31
N ASP M 22 54.35 18.04 30.28
CA ASP M 22 54.10 17.15 29.11
C ASP M 22 52.75 16.44 29.22
N MET M 23 52.59 15.40 28.41
CA MET M 23 51.31 14.74 28.22
C MET M 23 51.54 13.44 27.46
N SER M 24 50.81 12.39 27.81
CA SER M 24 51.10 11.07 27.27
C SER M 24 50.35 10.70 25.99
N TYR M 25 50.85 9.65 25.35
CA TYR M 25 50.34 9.04 24.13
C TYR M 25 48.82 8.93 24.17
N GLY M 26 48.33 8.11 25.10
CA GLY M 26 46.90 7.92 25.39
C GLY M 26 46.07 9.18 25.60
N ASP M 27 46.61 10.16 26.30
CA ASP M 27 45.88 11.44 26.48
C ASP M 27 45.85 12.27 25.21
N TYR M 28 46.94 12.29 24.46
CA TYR M 28 46.96 13.06 23.23
C TYR M 28 45.91 12.46 22.27
N LEU M 29 45.93 11.13 22.16
CA LEU M 29 45.13 10.43 21.17
C LEU M 29 43.74 10.03 21.67
N GLY M 30 43.39 10.44 22.88
CA GLY M 30 42.06 10.14 23.40
C GLY M 30 41.78 8.66 23.40
N LEU M 31 42.80 7.87 23.73
CA LEU M 31 42.65 6.41 23.78
C LEU M 31 41.65 5.87 24.83
N ASP M 32 41.40 6.63 25.89
CA ASP M 32 40.42 6.20 26.90
C ASP M 32 39.04 6.16 26.26
N GLN M 33 38.76 7.09 25.36
CA GLN M 33 37.49 7.09 24.62
C GLN M 33 37.54 6.15 23.43
N ILE M 34 38.57 6.28 22.59
CA ILE M 34 38.73 5.41 21.40
C ILE M 34 38.60 3.93 21.75
N LEU M 35 39.32 3.55 22.81
CA LEU M 35 39.50 2.13 23.14
C LEU M 35 38.51 1.60 24.17
N SER M 36 37.51 2.40 24.52
CA SER M 36 36.38 1.88 25.31
C SER M 36 35.06 2.16 24.61
N ALA M 37 35.11 2.22 23.28
CA ALA M 37 33.94 2.60 22.52
C ALA M 37 33.31 1.40 21.89
N GLN M 38 33.86 0.23 22.23
CA GLN M 38 33.44 -1.06 21.68
C GLN M 38 32.52 -1.87 22.62
N HIS M 39 31.26 -2.03 22.22
CA HIS M 39 30.22 -2.61 23.10
C HIS M 39 29.37 -3.63 22.39
N PRO M 40 29.90 -4.85 22.20
CA PRO M 40 29.10 -5.93 21.61
C PRO M 40 27.88 -6.24 22.49
N LEU M 41 26.76 -6.51 21.82
CA LEU M 41 25.48 -6.74 22.48
C LEU M 41 25.27 -8.24 22.51
N SER M 42 26.05 -8.91 21.69
CA SER M 42 25.93 -10.32 21.47
C SER M 42 27.05 -11.04 22.20
N PRO M 43 26.93 -12.38 22.36
CA PRO M 43 27.98 -13.19 22.95
C PRO M 43 28.96 -13.70 21.90
N ASP M 44 28.68 -13.44 20.64
CA ASP M 44 29.52 -13.91 19.54
C ASP M 44 30.89 -13.27 19.50
N HIS M 45 31.85 -14.08 19.06
CA HIS M 45 33.25 -13.72 19.05
C HIS M 45 33.53 -12.72 17.94
N ASN M 46 32.69 -12.78 16.90
CA ASN M 46 32.87 -12.02 15.68
C ASN M 46 32.25 -10.61 15.68
N GLU M 47 31.64 -10.22 16.79
CA GLU M 47 31.05 -8.91 16.85
C GLU M 47 32.12 -7.82 17.00
N MET M 48 33.22 -8.14 17.65
CA MET M 48 34.32 -7.19 17.73
C MET M 48 34.72 -6.71 16.33
N LEU M 49 34.83 -7.64 15.38
CA LEU M 49 35.18 -7.31 13.99
C LEU M 49 34.14 -6.38 13.41
N PHE M 50 32.89 -6.82 13.50
CA PHE M 50 31.80 -6.08 12.95
C PHE M 50 31.87 -4.62 13.41
N ILE M 51 32.17 -4.42 14.69
CA ILE M 51 32.16 -3.08 15.29
C ILE M 51 33.36 -2.30 14.82
N VAL M 52 34.53 -2.91 14.94
CA VAL M 52 35.77 -2.20 14.67
C VAL M 52 36.00 -1.87 13.20
N GLN M 53 35.41 -2.67 12.33
CA GLN M 53 35.43 -2.42 10.90
C GLN M 53 34.67 -1.11 10.58
N HIS M 54 33.54 -0.92 11.21
CA HIS M 54 32.78 0.31 11.09
C HIS M 54 33.51 1.51 11.67
N GLN M 55 34.17 1.34 12.82
CA GLN M 55 34.75 2.49 13.53
C GLN M 55 36.00 2.97 12.85
N THR M 56 36.86 2.05 12.46
CA THR M 56 38.00 2.39 11.61
C THR M 56 37.61 3.18 10.36
N THR M 57 36.60 2.71 9.65
CA THR M 57 36.12 3.40 8.45
C THR M 57 35.59 4.81 8.74
N GLU M 58 34.74 4.94 9.76
CA GLU M 58 34.23 6.24 10.21
C GLU M 58 35.31 7.24 10.54
N LEU M 59 36.38 6.79 11.19
CA LEU M 59 37.47 7.67 11.56
C LEU M 59 38.22 8.14 10.33
N TRP M 60 38.58 7.21 9.45
CA TRP M 60 39.18 7.56 8.18
C TRP M 60 38.30 8.55 7.39
N MET M 61 36.97 8.42 7.50
CA MET M 61 36.02 9.31 6.84
C MET M 61 36.05 10.73 7.42
N LYS M 62 36.22 10.81 8.74
CA LYS M 62 36.52 12.07 9.38
C LYS M 62 37.73 12.74 8.74
N LEU M 63 38.82 11.99 8.59
CA LEU M 63 40.00 12.54 7.93
C LEU M 63 39.74 12.94 6.50
N MET M 64 38.99 12.13 5.76
CA MET M 64 38.64 12.44 4.39
C MET M 64 37.86 13.72 4.28
N LEU M 65 36.86 13.86 5.14
CA LEU M 65 36.08 15.09 5.21
C LEU M 65 37.01 16.28 5.44
N HIS M 66 37.83 16.15 6.48
CA HIS M 66 38.81 17.16 6.77
C HIS M 66 39.61 17.52 5.52
N GLU M 67 40.11 16.53 4.81
CA GLU M 67 40.95 16.79 3.63
C GLU M 67 40.16 17.31 2.43
N LEU M 68 38.96 16.78 2.23
CA LEU M 68 38.15 17.19 1.09
C LEU M 68 37.72 18.64 1.18
N ARG M 69 37.36 19.07 2.39
CA ARG M 69 36.86 20.41 2.63
C ARG M 69 37.96 21.43 2.38
N ALA M 70 39.18 21.11 2.79
CA ALA M 70 40.31 21.98 2.51
C ALA M 70 40.67 21.94 1.03
N ALA M 71 40.47 20.78 0.39
CA ALA M 71 40.79 20.67 -1.01
C ALA M 71 39.79 21.55 -1.74
N ARG M 72 38.54 21.49 -1.31
CA ARG M 72 37.52 22.29 -1.95
C ARG M 72 37.88 23.77 -1.82
N ASP M 73 38.39 24.17 -0.67
CA ASP M 73 38.76 25.56 -0.44
C ASP M 73 39.88 25.98 -1.36
N GLY M 74 40.79 25.06 -1.66
CA GLY M 74 41.85 25.30 -2.63
C GLY M 74 41.32 25.49 -4.04
N VAL M 75 40.28 24.74 -4.40
CA VAL M 75 39.62 24.94 -5.68
C VAL M 75 38.96 26.36 -5.70
N LYS M 76 38.20 26.66 -4.67
CA LYS M 76 37.54 27.95 -4.57
C LYS M 76 38.47 29.17 -4.65
N SER M 77 39.68 29.05 -4.10
CA SER M 77 40.59 30.16 -4.10
C SER M 77 41.66 30.05 -5.18
N ASP M 78 41.42 29.20 -6.18
CA ASP M 78 42.31 29.13 -7.34
C ASP M 78 43.72 28.63 -6.97
N GLN M 79 43.83 27.86 -5.90
CA GLN M 79 45.12 27.40 -5.43
C GLN M 79 45.18 25.90 -5.52
N LEU M 80 45.33 25.43 -6.75
CA LEU M 80 45.20 24.03 -7.11
C LEU M 80 46.34 23.10 -6.62
N GLN M 81 47.55 23.64 -6.53
CA GLN M 81 48.68 22.77 -6.28
C GLN M 81 48.61 22.08 -4.90
N PRO M 82 48.29 22.85 -3.86
CA PRO M 82 48.02 22.28 -2.53
C PRO M 82 46.80 21.35 -2.52
N ALA M 83 45.77 21.74 -3.24
CA ALA M 83 44.56 20.94 -3.33
C ALA M 83 44.82 19.57 -3.96
N PHE M 84 45.72 19.53 -4.93
CA PHE M 84 46.19 18.31 -5.55
C PHE M 84 46.81 17.36 -4.54
N LYS M 85 47.67 17.91 -3.68
CA LYS M 85 48.32 17.18 -2.60
C LYS M 85 47.32 16.59 -1.64
N MET M 86 46.27 17.34 -1.36
CA MET M 86 45.22 16.88 -0.47
C MET M 86 44.37 15.81 -1.10
N LEU M 87 44.22 15.87 -2.42
CA LEU M 87 43.38 14.90 -3.07
C LEU M 87 44.16 13.58 -3.17
N ALA M 88 45.47 13.72 -3.31
CA ALA M 88 46.38 12.56 -3.28
C ALA M 88 46.28 11.83 -1.94
N ARG M 89 46.18 12.60 -0.87
CA ARG M 89 46.01 12.05 0.47
C ARG M 89 44.67 11.33 0.57
N VAL M 90 43.62 11.99 0.11
CA VAL M 90 42.33 11.34 0.01
C VAL M 90 42.37 10.02 -0.81
N SER M 91 43.12 9.97 -1.92
CA SER M 91 43.22 8.72 -2.66
C SER M 91 43.81 7.60 -1.80
N ARG M 92 44.86 7.95 -1.07
CA ARG M 92 45.49 6.99 -0.22
C ARG M 92 44.52 6.53 0.86
N ILE M 93 43.74 7.42 1.45
CA ILE M 93 42.73 6.97 2.43
C ILE M 93 41.73 6.01 1.81
N MET M 94 41.23 6.36 0.64
CA MET M 94 40.29 5.52 -0.06
C MET M 94 40.86 4.12 -0.39
N ASP M 95 42.14 4.02 -0.65
CA ASP M 95 42.80 2.72 -0.83
C ASP M 95 42.69 1.86 0.42
N GLN M 96 42.84 2.47 1.60
CA GLN M 96 42.64 1.79 2.86
C GLN M 96 41.24 1.24 2.97
N LEU M 97 40.28 2.10 2.65
CA LEU M 97 38.87 1.81 2.87
C LEU M 97 38.36 0.73 1.91
N VAL M 98 39.00 0.61 0.76
CA VAL M 98 38.57 -0.36 -0.24
C VAL M 98 39.20 -1.70 0.14
N GLN M 99 40.45 -1.64 0.54
CA GLN M 99 41.09 -2.82 1.04
C GLN M 99 40.45 -3.39 2.36
N ALA M 100 39.84 -2.53 3.18
CA ALA M 100 39.32 -2.95 4.47
C ALA M 100 38.33 -4.07 4.32
N TRP M 101 37.63 -4.10 3.21
CA TRP M 101 36.62 -5.13 2.98
C TRP M 101 37.23 -6.55 3.04
N ASN M 102 38.53 -6.65 2.81
CA ASN M 102 39.18 -7.94 2.90
C ASN M 102 39.09 -8.49 4.32
N VAL M 103 39.04 -7.60 5.31
CA VAL M 103 38.94 -8.07 6.69
C VAL M 103 37.54 -8.60 6.97
N LEU M 104 36.56 -7.82 6.63
CA LEU M 104 35.19 -8.18 6.88
C LEU M 104 34.78 -9.42 6.09
N ALA M 105 35.46 -9.68 4.99
CA ALA M 105 35.12 -10.85 4.18
C ALA M 105 35.39 -12.17 4.91
N THR M 106 36.19 -12.13 5.98
CA THR M 106 36.49 -13.31 6.77
C THR M 106 35.33 -13.60 7.73
N MET M 107 34.25 -12.83 7.61
CA MET M 107 33.08 -13.14 8.40
C MET M 107 32.09 -13.96 7.59
N THR M 108 31.77 -15.13 8.13
CA THR M 108 30.90 -16.07 7.43
C THR M 108 29.46 -15.83 7.81
N PRO M 109 28.53 -16.30 6.96
CA PRO M 109 27.13 -16.08 7.31
C PRO M 109 26.69 -16.58 8.74
N PRO M 110 27.05 -17.83 9.12
CA PRO M 110 26.73 -18.31 10.48
C PRO M 110 27.25 -17.39 11.60
N GLU M 111 28.45 -16.83 11.42
CA GLU M 111 28.98 -15.92 12.43
C GLU M 111 28.10 -14.71 12.54
N TYR M 112 27.80 -14.10 11.40
CA TYR M 112 26.91 -12.93 11.40
C TYR M 112 25.52 -13.23 11.94
N SER M 113 24.98 -14.40 11.60
CA SER M 113 23.63 -14.75 12.06
C SER M 113 23.54 -14.88 13.59
N ALA M 114 24.64 -15.30 14.23
CA ALA M 114 24.68 -15.36 15.68
C ALA M 114 24.52 -13.99 16.31
N MET M 115 25.02 -12.94 15.66
CA MET M 115 24.92 -11.60 16.25
C MET M 115 23.73 -10.78 15.77
N ARG M 116 23.12 -11.21 14.66
CA ARG M 116 22.03 -10.44 14.07
C ARG M 116 20.83 -10.21 15.02
N PRO M 117 20.30 -11.26 15.67
CA PRO M 117 19.21 -10.99 16.60
C PRO M 117 19.46 -9.84 17.58
N TYR M 118 20.71 -9.46 17.82
CA TYR M 118 21.03 -8.47 18.86
C TYR M 118 21.19 -7.06 18.34
N LEU M 119 21.07 -6.87 17.04
CA LEU M 119 21.54 -5.60 16.45
C LEU M 119 20.52 -4.45 16.34
N GLY M 120 19.28 -4.74 15.97
CA GLY M 120 18.24 -3.72 15.99
C GLY M 120 18.02 -2.97 14.70
N ALA M 121 17.72 -1.67 14.82
CA ALA M 121 17.37 -0.83 13.68
C ALA M 121 18.58 -0.11 13.06
N SER M 122 19.78 -0.48 13.51
CA SER M 122 21.02 0.12 13.02
C SER M 122 21.28 -0.16 11.55
N SER M 123 21.75 0.87 10.86
CA SER M 123 21.87 0.92 9.41
C SER M 123 22.92 1.97 9.05
N GLY M 124 23.80 1.64 8.10
CA GLY M 124 24.81 2.58 7.65
C GLY M 124 24.17 3.81 7.03
N PHE M 125 22.86 3.71 6.81
CA PHE M 125 22.04 4.84 6.40
C PHE M 125 22.18 6.03 7.36
N GLN M 126 22.44 5.73 8.63
CA GLN M 126 22.48 6.75 9.67
C GLN M 126 23.89 7.31 9.87
N SER M 127 24.81 6.93 8.99
CA SER M 127 26.13 7.54 8.98
C SER M 127 26.02 8.97 8.44
N TYR M 128 26.27 9.96 9.30
CA TYR M 128 26.10 11.32 8.85
C TYR M 128 27.36 11.76 8.14
N GLN M 129 28.50 11.20 8.53
CA GLN M 129 29.75 11.47 7.85
C GLN M 129 29.72 10.96 6.40
N TYR M 130 29.19 9.76 6.22
CA TYR M 130 29.06 9.20 4.87
C TYR M 130 28.20 10.09 3.98
N ARG M 131 27.07 10.53 4.51
CA ARG M 131 26.15 11.44 3.84
C ARG M 131 26.84 12.76 3.45
N GLU M 132 27.58 13.37 4.37
CA GLU M 132 28.37 14.57 4.04
C GLU M 132 29.41 14.34 2.94
N ILE M 133 29.97 13.13 2.87
CA ILE M 133 30.93 12.79 1.80
C ILE M 133 30.20 12.70 0.46
N GLU M 134 29.03 12.09 0.47
CA GLU M 134 28.22 12.00 -0.73
C GLU M 134 27.90 13.40 -1.23
N PHE M 135 27.42 14.25 -0.33
CA PHE M 135 27.05 15.63 -0.64
C PHE M 135 28.21 16.45 -1.21
N ILE M 136 29.36 16.38 -0.60
CA ILE M 136 30.47 17.16 -1.04
C ILE M 136 30.94 16.64 -2.39
N LEU M 137 30.60 15.41 -2.72
CA LEU M 137 30.95 14.92 -4.06
C LEU M 137 29.81 15.13 -5.05
N GLY M 138 28.79 15.87 -4.61
CA GLY M 138 27.71 16.30 -5.49
C GLY M 138 26.47 15.40 -5.50
N ASN M 139 26.54 14.30 -4.75
CA ASN M 139 25.46 13.34 -4.71
C ASN M 139 24.40 13.77 -3.69
N LYS M 140 23.70 14.84 -4.04
CA LYS M 140 22.80 15.52 -3.11
C LYS M 140 21.40 14.93 -3.08
N ASN M 141 20.83 14.83 -1.88
CA ASN M 141 19.54 14.17 -1.71
C ASN M 141 18.89 14.60 -0.40
N ALA M 142 17.94 15.52 -0.47
CA ALA M 142 17.34 16.08 0.75
C ALA M 142 16.58 15.06 1.58
N ALA M 143 16.07 14.01 0.92
CA ALA M 143 15.48 12.86 1.63
C ALA M 143 16.42 12.21 2.62
N MET M 144 17.73 12.37 2.42
CA MET M 144 18.71 11.70 3.29
C MET M 144 19.00 12.45 4.58
N LEU M 145 18.32 13.56 4.81
CA LEU M 145 18.48 14.27 6.07
C LEU M 145 17.71 13.58 7.20
N ARG M 146 16.61 12.90 6.86
CA ARG M 146 15.66 12.44 7.87
C ARG M 146 16.20 11.39 8.85
N PRO M 147 17.04 10.45 8.35
CA PRO M 147 17.72 9.53 9.27
C PRO M 147 18.44 10.24 10.43
N HIS M 148 18.63 11.55 10.31
CA HIS M 148 19.40 12.32 11.28
C HIS M 148 18.55 13.31 12.08
N ALA M 149 17.24 13.26 11.92
CA ALA M 149 16.32 14.19 12.58
C ALA M 149 16.38 14.13 14.10
N HIS M 150 16.60 12.93 14.65
CA HIS M 150 16.74 12.76 16.11
C HIS M 150 18.01 13.40 16.72
N ARG M 151 18.98 13.75 15.88
CA ARG M 151 20.26 14.33 16.38
C ARG M 151 20.51 15.69 15.74
N PRO M 152 19.91 16.73 16.30
CA PRO M 152 20.07 18.12 15.88
C PRO M 152 21.46 18.52 15.39
N GLU M 153 22.51 18.06 16.07
CA GLU M 153 23.85 18.45 15.66
C GLU M 153 24.28 17.76 14.36
N HIS M 154 23.77 16.56 14.13
CA HIS M 154 24.09 15.80 12.92
C HIS M 154 23.30 16.39 11.77
N LEU M 155 22.00 16.53 11.99
CA LEU M 155 21.11 17.18 11.04
C LEU M 155 21.66 18.54 10.55
N GLU M 156 22.23 19.32 11.48
CA GLU M 156 22.81 20.59 11.09
C GLU M 156 23.97 20.43 10.11
N LEU M 157 24.86 19.49 10.40
CA LEU M 157 26.05 19.32 9.57
C LEU M 157 25.64 18.87 8.20
N VAL M 158 24.63 18.02 8.16
CA VAL M 158 24.26 17.35 6.93
C VAL M 158 23.42 18.30 6.09
N GLU M 159 22.56 19.05 6.77
CA GLU M 159 21.79 20.07 6.10
C GLU M 159 22.67 21.17 5.54
N THR M 160 23.63 21.64 6.32
CA THR M 160 24.57 22.62 5.81
C THR M 160 25.28 22.12 4.57
N ALA M 161 25.72 20.87 4.60
CA ALA M 161 26.43 20.27 3.47
C ALA M 161 25.53 20.17 2.25
N LEU M 162 24.25 19.96 2.51
CA LEU M 162 23.27 19.89 1.44
C LEU M 162 23.26 21.17 0.65
N HIS M 163 23.27 22.29 1.37
CA HIS M 163 23.19 23.63 0.80
C HIS M 163 24.49 24.21 0.29
N THR M 164 25.61 23.56 0.60
CA THR M 164 26.89 24.03 0.15
C THR M 164 27.28 23.45 -1.24
N PRO M 165 27.73 24.32 -2.17
CA PRO M 165 28.16 23.82 -3.48
C PRO M 165 29.17 22.68 -3.31
N SER M 166 29.01 21.63 -4.12
CA SER M 166 29.87 20.46 -4.00
C SER M 166 31.28 20.83 -4.46
N MET M 167 32.19 19.86 -4.30
CA MET M 167 33.54 20.05 -4.78
C MET M 167 33.51 20.07 -6.27
N TYR M 168 32.60 19.30 -6.85
CA TYR M 168 32.50 19.28 -8.31
C TYR M 168 31.92 20.61 -8.89
N ASP M 169 31.01 21.22 -8.15
CA ASP M 169 30.42 22.52 -8.48
C ASP M 169 31.52 23.60 -8.53
N GLU M 170 32.36 23.63 -7.50
CA GLU M 170 33.46 24.57 -7.38
C GLU M 170 34.50 24.41 -8.48
N ALA M 171 34.57 23.21 -9.05
CA ALA M 171 35.47 22.91 -10.16
C ALA M 171 34.87 23.44 -11.44
N ILE M 172 33.56 23.31 -11.56
CA ILE M 172 32.81 23.86 -12.70
C ILE M 172 32.94 25.41 -12.67
N ARG M 173 32.67 25.99 -11.50
CA ARG M 173 32.85 27.42 -11.27
C ARG M 173 34.24 27.87 -11.59
N LEU M 174 35.24 27.07 -11.22
CA LEU M 174 36.63 27.39 -11.54
C LEU M 174 36.92 27.35 -13.04
N MET M 175 36.43 26.32 -13.72
CA MET M 175 36.54 26.29 -15.17
C MET M 175 35.98 27.58 -15.81
N ALA M 176 34.87 28.05 -15.25
CA ALA M 176 34.25 29.29 -15.68
C ALA M 176 35.15 30.52 -15.41
N ARG M 177 35.84 30.53 -14.26
CA ARG M 177 36.77 31.60 -13.92
C ARG M 177 38.06 31.46 -14.71
N ARG M 178 38.13 30.45 -15.56
CA ARG M 178 39.30 30.26 -16.41
C ARG M 178 38.92 30.51 -17.84
N GLY M 179 37.75 31.10 -18.05
CA GLY M 179 37.34 31.52 -19.39
C GLY M 179 36.45 30.57 -20.19
N PHE M 180 36.12 29.42 -19.60
CA PHE M 180 35.27 28.46 -20.30
C PHE M 180 33.83 28.86 -20.21
N GLN M 181 33.17 28.90 -21.34
CA GLN M 181 31.85 29.49 -21.40
C GLN M 181 30.85 28.48 -20.91
N ILE M 182 30.48 28.59 -19.65
CA ILE M 182 29.65 27.58 -19.05
C ILE M 182 28.33 28.21 -18.68
N ASP M 183 27.24 27.48 -18.93
CA ASP M 183 25.89 27.95 -18.64
C ASP M 183 25.81 28.54 -17.22
N PRO M 184 25.25 29.75 -17.07
CA PRO M 184 25.04 30.29 -15.74
C PRO M 184 24.16 29.42 -14.83
N GLU M 185 23.33 28.57 -15.43
N GLU M 185 23.33 28.57 -15.42
CA GLU M 185 22.38 27.72 -14.68
CA GLU M 185 22.39 27.74 -14.65
C GLU M 185 23.11 26.61 -13.94
C GLU M 185 23.15 26.71 -13.82
N VAL M 186 24.42 26.57 -14.13
CA VAL M 186 25.24 25.53 -13.54
C VAL M 186 26.37 26.16 -12.68
N VAL M 187 26.67 27.43 -12.94
CA VAL M 187 27.59 28.20 -12.11
C VAL M 187 26.87 28.65 -10.84
N GLU M 188 25.56 28.89 -10.95
CA GLU M 188 24.72 29.16 -9.77
C GLU M 188 23.41 28.44 -9.91
N ARG M 189 23.00 27.77 -8.86
CA ARG M 189 21.78 26.98 -8.87
C ARG M 189 21.40 26.65 -7.44
N ASP M 190 20.28 25.96 -7.32
CA ASP M 190 19.82 25.34 -6.08
C ASP M 190 20.64 24.08 -5.77
N TRP M 191 21.62 24.24 -4.86
CA TRP M 191 22.61 23.24 -4.54
C TRP M 191 22.06 21.97 -3.87
N THR M 192 20.86 22.04 -3.30
CA THR M 192 20.22 20.85 -2.73
C THR M 192 19.83 19.81 -3.79
N GLN M 193 20.00 20.16 -5.06
CA GLN M 193 19.64 19.26 -6.14
C GLN M 193 20.86 18.46 -6.53
N PRO M 194 20.63 17.22 -7.00
CA PRO M 194 21.60 16.29 -7.52
C PRO M 194 22.30 16.80 -8.80
N THR M 195 23.56 16.41 -9.01
CA THR M 195 24.31 16.78 -10.20
C THR M 195 23.73 16.11 -11.42
N GLN M 196 23.35 16.92 -12.40
CA GLN M 196 22.87 16.39 -13.67
C GLN M 196 23.78 16.85 -14.77
N TYR M 197 23.96 15.99 -15.76
CA TYR M 197 24.82 16.28 -16.86
C TYR M 197 24.45 17.63 -17.49
N ASN M 198 25.45 18.42 -17.87
CA ASN M 198 25.21 19.65 -18.61
C ASN M 198 26.19 19.73 -19.77
N ALA M 199 25.67 19.98 -20.97
CA ALA M 199 26.45 19.86 -22.18
C ALA M 199 27.60 20.85 -22.31
N SER M 200 27.47 22.05 -21.71
CA SER M 200 28.51 23.10 -21.81
C SER M 200 29.68 22.75 -20.91
N VAL M 201 29.35 22.14 -19.77
CA VAL M 201 30.37 21.51 -18.91
C VAL M 201 31.17 20.41 -19.60
N GLU M 202 30.53 19.61 -20.44
CA GLU M 202 31.33 18.64 -21.16
C GLU M 202 32.22 19.26 -22.25
N ALA M 203 31.75 20.32 -22.88
CA ALA M 203 32.54 20.96 -23.93
C ALA M 203 33.76 21.60 -23.30
N ALA M 204 33.58 22.23 -22.14
CA ALA M 204 34.69 22.70 -21.33
C ALA M 204 35.75 21.61 -21.09
N TRP M 205 35.33 20.53 -20.41
CA TRP M 205 36.23 19.38 -20.12
C TRP M 205 36.87 18.84 -21.39
N LEU M 206 36.10 18.80 -22.47
CA LEU M 206 36.60 18.30 -23.75
C LEU M 206 37.78 19.10 -24.29
N GLU M 207 37.68 20.42 -24.22
CA GLU M 207 38.70 21.30 -24.74
C GLU M 207 39.94 21.04 -23.92
N VAL M 208 39.75 20.90 -22.62
CA VAL M 208 40.85 20.60 -21.71
C VAL M 208 41.56 19.28 -22.08
N TYR M 209 40.82 18.21 -22.31
CA TYR M 209 41.46 16.94 -22.60
C TYR M 209 42.04 16.86 -24.01
N ARG M 210 41.55 17.69 -24.92
CA ARG M 210 42.10 17.71 -26.28
C ARG M 210 43.34 18.59 -26.34
N ASN M 211 43.52 19.41 -25.31
CA ASN M 211 44.62 20.35 -25.26
C ASN M 211 45.25 20.35 -23.87
N PRO M 212 45.75 19.19 -23.42
CA PRO M 212 46.22 19.10 -22.04
C PRO M 212 47.39 20.04 -21.73
N SER M 213 48.25 20.30 -22.70
CA SER M 213 49.42 21.17 -22.48
C SER M 213 48.99 22.60 -22.23
N ALA M 214 47.88 22.99 -22.86
CA ALA M 214 47.35 24.33 -22.68
C ALA M 214 46.61 24.51 -21.35
N HIS M 215 46.19 23.41 -20.74
CA HIS M 215 45.40 23.45 -19.52
C HIS M 215 45.78 22.30 -18.63
N TRP M 216 47.06 22.19 -18.33
CA TRP M 216 47.52 21.09 -17.49
C TRP M 216 46.79 20.96 -16.16
N GLU M 217 46.67 22.05 -15.42
CA GLU M 217 46.05 22.03 -14.12
C GLU M 217 44.62 21.48 -14.15
N LEU M 218 43.85 21.81 -15.18
CA LEU M 218 42.49 21.33 -15.28
C LEU M 218 42.43 19.86 -15.72
N TYR M 219 43.33 19.49 -16.60
CA TYR M 219 43.59 18.13 -16.95
C TYR M 219 43.83 17.26 -15.72
N GLU M 220 44.79 17.71 -14.89
CA GLU M 220 45.12 16.99 -13.69
C GLU M 220 43.95 17.06 -12.69
N LEU M 221 43.22 18.16 -12.66
CA LEU M 221 42.05 18.24 -11.80
C LEU M 221 40.95 17.26 -12.25
N GLY M 222 40.73 17.19 -13.55
CA GLY M 222 39.80 16.23 -14.09
C GLY M 222 40.13 14.80 -13.70
N GLU M 223 41.41 14.45 -13.71
CA GLU M 223 41.83 13.06 -13.51
C GLU M 223 41.68 12.67 -12.05
N LYS M 224 41.92 13.62 -11.17
CA LYS M 224 41.74 13.42 -9.75
C LYS M 224 40.25 13.23 -9.38
N PHE M 225 39.36 13.90 -10.08
CA PHE M 225 37.94 13.65 -9.89
C PHE M 225 37.51 12.27 -10.37
N VAL M 226 38.08 11.83 -11.49
CA VAL M 226 37.80 10.53 -12.02
C VAL M 226 38.33 9.45 -11.05
N ASP M 227 39.58 9.60 -10.58
CA ASP M 227 40.20 8.70 -9.60
C ASP M 227 39.35 8.56 -8.38
N LEU M 228 38.79 9.67 -7.97
CA LEU M 228 38.02 9.74 -6.78
C LEU M 228 36.72 8.98 -7.00
N GLU M 229 36.08 9.21 -8.15
CA GLU M 229 34.84 8.52 -8.42
C GLU M 229 35.07 7.02 -8.59
N ASP M 230 36.18 6.69 -9.23
CA ASP M 230 36.58 5.32 -9.51
C ASP M 230 36.78 4.57 -8.15
N ALA M 231 37.58 5.14 -7.25
CA ALA M 231 37.75 4.61 -5.90
C ALA M 231 36.44 4.41 -5.15
N PHE M 232 35.53 5.36 -5.30
CA PHE M 232 34.27 5.36 -4.56
C PHE M 232 33.33 4.34 -5.17
N ARG M 233 33.45 4.10 -6.47
CA ARG M 233 32.69 3.04 -7.09
C ARG M 233 33.17 1.67 -6.54
N GLN M 234 34.48 1.50 -6.43
CA GLN M 234 35.11 0.30 -5.90
C GLN M 234 34.60 0.04 -4.50
N TRP M 235 34.59 1.12 -3.71
CA TRP M 235 34.16 1.03 -2.36
C TRP M 235 32.72 0.56 -2.30
N ARG M 236 31.89 1.12 -3.18
CA ARG M 236 30.50 0.75 -3.11
C ARG M 236 30.23 -0.64 -3.66
N PHE M 237 31.02 -1.06 -4.64
CA PHE M 237 30.98 -2.43 -5.14
C PHE M 237 31.43 -3.50 -4.11
N ARG M 238 32.56 -3.23 -3.47
CA ARG M 238 33.06 -4.08 -2.39
C ARG M 238 32.12 -4.12 -1.19
N HIS M 239 31.49 -2.99 -0.89
CA HIS M 239 30.46 -2.98 0.12
C HIS M 239 29.31 -3.93 -0.25
N VAL M 240 28.76 -3.79 -1.45
CA VAL M 240 27.60 -4.61 -1.81
C VAL M 240 27.97 -6.13 -1.90
N THR M 241 29.11 -6.45 -2.49
CA THR M 241 29.58 -7.82 -2.60
C THR M 241 29.73 -8.48 -1.21
N THR M 242 30.31 -7.74 -0.27
CA THR M 242 30.55 -8.23 1.05
C THR M 242 29.25 -8.45 1.84
N VAL M 243 28.39 -7.47 1.82
CA VAL M 243 27.06 -7.62 2.39
C VAL M 243 26.33 -8.83 1.76
N GLU M 244 26.44 -9.03 0.45
CA GLU M 244 25.83 -10.20 -0.17
C GLU M 244 26.46 -11.50 0.35
N ARG M 245 27.78 -11.48 0.53
CA ARG M 245 28.54 -12.58 1.12
C ARG M 245 28.04 -12.96 2.49
N VAL M 246 27.60 -11.96 3.26
CA VAL M 246 27.28 -12.17 4.64
C VAL M 246 25.81 -12.50 4.80
N ILE M 247 24.93 -11.72 4.18
CA ILE M 247 23.50 -11.90 4.42
C ILE M 247 22.65 -12.29 3.22
N GLY M 248 23.26 -12.28 2.04
CA GLY M 248 22.52 -12.63 0.84
C GLY M 248 21.70 -11.54 0.15
N PHE M 249 21.30 -11.88 -1.06
CA PHE M 249 20.46 -11.02 -1.88
C PHE M 249 19.05 -11.25 -1.45
N LYS M 250 18.71 -10.82 -0.23
CA LYS M 250 17.36 -10.99 0.30
C LYS M 250 16.27 -10.54 -0.70
N ARG M 251 15.84 -11.47 -1.55
CA ARG M 251 15.08 -11.15 -2.78
C ARG M 251 13.67 -10.63 -2.54
N GLU M 257 15.84 -1.78 3.59
CA GLU M 257 16.20 -1.52 2.19
C GLU M 257 16.88 -2.74 1.53
N GLY M 258 18.15 -3.00 1.86
CA GLY M 258 18.82 -4.25 1.47
C GLY M 258 19.87 -4.16 0.38
N VAL M 259 20.36 -5.32 -0.05
CA VAL M 259 21.30 -5.44 -1.19
C VAL M 259 20.76 -4.84 -2.49
N SER M 260 19.46 -4.95 -2.74
CA SER M 260 18.97 -4.38 -3.98
C SER M 260 19.15 -2.86 -3.95
N TYR M 261 18.87 -2.23 -2.81
CA TYR M 261 19.16 -0.82 -2.62
C TYR M 261 20.64 -0.49 -2.83
N LEU M 262 21.54 -1.35 -2.36
CA LEU M 262 22.95 -1.08 -2.55
C LEU M 262 23.45 -1.37 -3.98
N ARG M 263 22.86 -2.35 -4.66
CA ARG M 263 23.15 -2.53 -6.10
C ARG M 263 22.75 -1.28 -6.91
N ARG M 264 21.68 -0.60 -6.47
CA ARG M 264 21.20 0.58 -7.19
C ARG M 264 22.11 1.77 -6.96
N MET M 265 22.83 1.75 -5.85
CA MET M 265 23.80 2.81 -5.56
C MET M 265 25.01 2.66 -6.46
N LEU M 266 25.11 1.52 -7.13
CA LEU M 266 26.17 1.32 -8.09
C LEU M 266 25.86 2.10 -9.33
N ASP M 267 24.63 2.59 -9.41
CA ASP M 267 24.21 3.30 -10.60
C ASP M 267 24.45 4.81 -10.50
N VAL M 268 24.79 5.30 -9.31
CA VAL M 268 25.08 6.72 -9.10
C VAL M 268 26.27 7.21 -9.93
N VAL M 269 26.07 8.25 -10.71
CA VAL M 269 27.21 8.88 -11.36
C VAL M 269 27.52 10.16 -10.64
N LEU M 270 28.80 10.36 -10.30
CA LEU M 270 29.19 11.56 -9.55
C LEU M 270 29.56 12.74 -10.49
N PHE M 271 30.39 12.47 -11.49
CA PHE M 271 30.95 13.53 -12.29
C PHE M 271 30.68 13.24 -13.76
N PRO M 272 29.40 13.37 -14.16
CA PRO M 272 28.91 12.81 -15.41
C PRO M 272 29.67 13.25 -16.64
N GLU M 273 30.04 14.51 -16.73
CA GLU M 273 30.63 14.89 -18.00
C GLU M 273 32.10 14.54 -18.15
N LEU M 274 32.74 14.23 -17.03
CA LEU M 274 34.11 13.73 -17.06
C LEU M 274 34.16 12.30 -17.65
N TRP M 275 33.08 11.55 -17.45
CA TRP M 275 32.95 10.18 -17.99
C TRP M 275 32.44 10.18 -19.44
N LYS M 276 31.40 10.95 -19.72
CA LYS M 276 30.84 11.09 -21.09
C LYS M 276 31.88 11.58 -22.10
N LEU M 277 32.72 12.51 -21.67
CA LEU M 277 33.78 13.07 -22.49
C LEU M 277 34.65 12.04 -23.19
N ARG M 278 34.78 10.86 -22.58
CA ARG M 278 35.61 9.81 -23.13
C ARG M 278 35.16 9.31 -24.51
N THR M 279 33.85 9.19 -24.73
CA THR M 279 33.32 8.70 -26.02
C THR M 279 33.43 9.74 -27.11
N ASP M 280 33.30 11.01 -26.70
CA ASP M 280 33.15 12.14 -27.60
C ASP M 280 34.51 12.67 -27.94
N LEU M 281 35.55 12.03 -27.43
CA LEU M 281 36.89 12.61 -27.48
C LEU M 281 37.52 12.61 -28.87
N ASP N 22 14.71 1.51 19.97
CA ASP N 22 15.05 2.59 19.00
C ASP N 22 16.52 3.03 19.09
N MET N 23 17.41 2.03 19.16
CA MET N 23 18.88 2.26 19.18
C MET N 23 19.44 2.54 17.78
N SER N 24 20.33 3.53 17.67
CA SER N 24 20.89 3.90 16.35
C SER N 24 22.32 3.38 16.03
N TYR N 25 22.64 3.40 14.73
CA TYR N 25 23.99 3.20 14.20
C TYR N 25 25.08 3.85 15.07
N GLY N 26 25.01 5.16 15.26
CA GLY N 26 25.94 5.83 16.16
C GLY N 26 25.94 5.30 17.59
N ASP N 27 24.76 5.10 18.17
CA ASP N 27 24.61 4.55 19.53
C ASP N 27 25.33 3.20 19.59
N TYR N 28 24.97 2.30 18.68
CA TYR N 28 25.56 0.97 18.69
C TYR N 28 27.08 0.95 18.53
N LEU N 29 27.61 1.86 17.70
CA LEU N 29 29.06 1.89 17.43
C LEU N 29 29.82 2.84 18.33
N GLY N 30 29.16 3.39 19.34
CA GLY N 30 29.74 4.44 20.17
C GLY N 30 30.45 5.50 19.36
N LEU N 31 29.81 6.00 18.30
CA LEU N 31 30.48 6.96 17.42
C LEU N 31 30.67 8.33 18.05
N ASP N 32 29.85 8.68 19.05
CA ASP N 32 30.06 9.95 19.74
C ASP N 32 31.40 9.94 20.45
N GLN N 33 31.77 8.76 20.95
CA GLN N 33 33.08 8.55 21.57
C GLN N 33 34.20 8.54 20.55
N ILE N 34 34.08 7.66 19.54
CA ILE N 34 35.06 7.61 18.47
C ILE N 34 35.31 8.97 17.83
N LEU N 35 34.24 9.70 17.53
CA LEU N 35 34.38 10.88 16.68
C LEU N 35 34.54 12.21 17.40
N SER N 36 34.68 12.17 18.71
CA SER N 36 35.01 13.37 19.43
C SER N 36 36.28 13.17 20.27
N ALA N 37 37.11 12.22 19.85
CA ALA N 37 38.41 11.96 20.46
C ALA N 37 39.59 12.52 19.66
N GLN N 38 39.33 13.38 18.69
CA GLN N 38 40.45 13.99 17.95
C GLN N 38 40.65 15.43 18.41
N HIS N 39 41.65 15.65 19.25
CA HIS N 39 41.92 17.00 19.82
C HIS N 39 43.33 17.47 19.48
N PRO N 40 43.48 18.05 18.28
CA PRO N 40 44.68 18.65 17.73
C PRO N 40 45.16 19.76 18.66
N LEU N 41 46.45 19.77 18.94
CA LEU N 41 47.06 20.79 19.78
C LEU N 41 47.56 21.99 18.99
N SER N 42 48.18 21.74 17.83
CA SER N 42 48.63 22.80 16.91
C SER N 42 47.44 23.36 16.16
N PRO N 43 47.66 24.45 15.40
CA PRO N 43 46.73 24.95 14.38
C PRO N 43 47.02 24.38 13.00
N ASP N 44 47.85 23.35 12.89
CA ASP N 44 48.19 22.84 11.56
C ASP N 44 47.16 21.90 10.96
N HIS N 45 46.99 22.01 9.65
CA HIS N 45 46.00 21.25 8.93
C HIS N 45 46.29 19.76 9.03
N ASN N 46 47.57 19.42 9.11
CA ASN N 46 48.00 18.04 9.00
C ASN N 46 48.00 17.25 10.28
N GLU N 47 47.55 17.86 11.35
CA GLU N 47 47.59 17.16 12.61
C GLU N 47 46.48 16.14 12.67
N MET N 48 45.34 16.45 12.07
CA MET N 48 44.28 15.45 12.00
C MET N 48 44.78 14.13 11.42
N LEU N 49 45.64 14.20 10.39
CA LEU N 49 46.23 13.01 9.82
C LEU N 49 47.02 12.20 10.85
N PHE N 50 47.92 12.90 11.52
CA PHE N 50 48.76 12.33 12.57
C PHE N 50 47.93 11.62 13.65
N ILE N 51 46.84 12.24 14.07
CA ILE N 51 45.97 11.66 15.08
C ILE N 51 45.20 10.45 14.54
N VAL N 52 44.54 10.60 13.40
CA VAL N 52 43.68 9.52 12.91
C VAL N 52 44.49 8.29 12.53
N GLN N 53 45.67 8.51 11.98
CA GLN N 53 46.58 7.37 11.68
C GLN N 53 46.81 6.49 12.90
N HIS N 54 47.18 7.09 14.04
CA HIS N 54 47.39 6.33 15.30
C HIS N 54 46.09 5.67 15.79
N GLN N 55 44.98 6.42 15.77
CA GLN N 55 43.72 5.89 16.31
C GLN N 55 43.17 4.68 15.55
N THR N 56 43.17 4.76 14.23
CA THR N 56 42.78 3.61 13.39
C THR N 56 43.68 2.41 13.62
N THR N 57 44.97 2.65 13.82
CA THR N 57 45.88 1.52 14.09
C THR N 57 45.58 0.90 15.46
N GLU N 58 45.50 1.71 16.48
CA GLU N 58 45.01 1.23 17.80
C GLU N 58 43.70 0.41 17.71
N LEU N 59 42.67 0.98 17.11
CA LEU N 59 41.44 0.21 16.87
C LEU N 59 41.69 -1.16 16.26
N TRP N 60 42.43 -1.22 15.16
CA TRP N 60 42.72 -2.51 14.53
C TRP N 60 43.50 -3.42 15.48
N MET N 61 44.39 -2.84 16.28
CA MET N 61 45.16 -3.60 17.28
C MET N 61 44.27 -4.17 18.39
N LYS N 62 43.27 -3.42 18.79
CA LYS N 62 42.26 -3.97 19.67
C LYS N 62 41.70 -5.25 19.06
N LEU N 63 41.19 -5.16 17.82
CA LEU N 63 40.62 -6.37 17.17
C LEU N 63 41.66 -7.48 16.99
N MET N 64 42.92 -7.11 16.74
CA MET N 64 43.99 -8.07 16.61
C MET N 64 44.21 -8.84 17.92
N LEU N 65 44.19 -8.12 19.03
CA LEU N 65 44.33 -8.79 20.33
C LEU N 65 43.18 -9.77 20.54
N HIS N 66 41.96 -9.30 20.36
CA HIS N 66 40.77 -10.15 20.43
C HIS N 66 40.95 -11.42 19.64
N GLU N 67 41.49 -11.31 18.43
CA GLU N 67 41.56 -12.47 17.56
C GLU N 67 42.69 -13.41 17.96
N LEU N 68 43.83 -12.83 18.35
CA LEU N 68 44.98 -13.61 18.77
C LEU N 68 44.71 -14.41 20.05
N ARG N 69 44.11 -13.75 21.04
CA ARG N 69 43.79 -14.41 22.29
C ARG N 69 42.94 -15.64 22.07
N ALA N 70 41.90 -15.47 21.26
CA ALA N 70 41.02 -16.57 20.87
C ALA N 70 41.78 -17.67 20.12
N ALA N 71 42.68 -17.27 19.24
CA ALA N 71 43.46 -18.22 18.45
C ALA N 71 44.38 -19.01 19.37
N ARG N 72 44.99 -18.32 20.34
CA ARG N 72 45.84 -18.97 21.34
C ARG N 72 45.04 -19.97 22.19
N ASP N 73 43.81 -19.61 22.58
CA ASP N 73 42.94 -20.55 23.29
C ASP N 73 42.65 -21.76 22.43
N GLY N 74 42.65 -21.57 21.11
CA GLY N 74 42.40 -22.68 20.21
C GLY N 74 43.58 -23.62 20.17
N VAL N 75 44.79 -23.06 20.19
CA VAL N 75 45.99 -23.90 20.23
C VAL N 75 45.95 -24.67 21.56
N LYS N 76 45.79 -23.94 22.66
CA LYS N 76 45.69 -24.53 24.00
C LYS N 76 44.74 -25.72 24.06
N SER N 77 43.58 -25.61 23.46
CA SER N 77 42.62 -26.68 23.59
C SER N 77 42.61 -27.59 22.36
N ASP N 78 43.68 -27.56 21.57
CA ASP N 78 43.82 -28.49 20.45
C ASP N 78 42.82 -28.33 19.33
N GLN N 79 42.20 -27.16 19.26
CA GLN N 79 41.20 -26.89 18.25
C GLN N 79 41.78 -25.92 17.24
N LEU N 80 42.60 -26.49 16.36
CA LEU N 80 43.39 -25.74 15.36
C LEU N 80 42.60 -25.11 14.20
N GLN N 81 41.59 -25.81 13.68
CA GLN N 81 40.85 -25.29 12.55
C GLN N 81 40.27 -23.90 12.81
N PRO N 82 39.47 -23.73 13.87
CA PRO N 82 38.98 -22.38 14.11
C PRO N 82 40.12 -21.37 14.38
N ALA N 83 41.19 -21.83 15.00
CA ALA N 83 42.33 -20.95 15.27
C ALA N 83 42.98 -20.51 13.96
N PHE N 84 42.99 -21.39 12.96
CA PHE N 84 43.59 -21.10 11.66
C PHE N 84 42.83 -19.94 11.02
N LYS N 85 41.51 -19.99 11.14
CA LYS N 85 40.60 -19.00 10.58
C LYS N 85 40.83 -17.65 11.24
N MET N 86 41.03 -17.65 12.55
CA MET N 86 41.30 -16.41 13.29
C MET N 86 42.62 -15.80 12.83
N LEU N 87 43.60 -16.66 12.63
CA LEU N 87 44.92 -16.18 12.19
C LEU N 87 44.85 -15.59 10.77
N ALA N 88 44.00 -16.17 9.93
CA ALA N 88 43.80 -15.66 8.60
C ALA N 88 43.27 -14.22 8.70
N ARG N 89 42.28 -14.03 9.57
CA ARG N 89 41.71 -12.72 9.85
C ARG N 89 42.78 -11.76 10.35
N VAL N 90 43.61 -12.23 11.27
CA VAL N 90 44.69 -11.43 11.77
C VAL N 90 45.63 -10.97 10.64
N SER N 91 45.91 -11.85 9.68
CA SER N 91 46.72 -11.48 8.52
C SER N 91 46.08 -10.37 7.74
N ARG N 92 44.78 -10.46 7.54
CA ARG N 92 44.12 -9.47 6.74
C ARG N 92 44.19 -8.14 7.50
N ILE N 93 44.04 -8.18 8.82
CA ILE N 93 44.16 -6.96 9.59
C ILE N 93 45.55 -6.38 9.40
N MET N 94 46.54 -7.26 9.45
CA MET N 94 47.93 -6.83 9.28
C MET N 94 48.21 -6.21 7.91
N ASP N 95 47.55 -6.69 6.84
CA ASP N 95 47.65 -6.03 5.53
C ASP N 95 47.19 -4.57 5.63
N GLN N 96 46.07 -4.34 6.32
CA GLN N 96 45.60 -2.99 6.56
C GLN N 96 46.68 -2.14 7.16
N LEU N 97 47.28 -2.65 8.23
CA LEU N 97 48.20 -1.86 9.04
C LEU N 97 49.49 -1.56 8.31
N VAL N 98 49.98 -2.52 7.54
CA VAL N 98 51.18 -2.29 6.74
C VAL N 98 50.94 -1.27 5.61
N GLN N 99 49.85 -1.45 4.85
CA GLN N 99 49.47 -0.49 3.82
C GLN N 99 49.17 0.91 4.37
N ALA N 100 48.58 0.96 5.56
CA ALA N 100 48.20 2.24 6.18
C ALA N 100 49.30 3.26 6.09
N TRP N 101 50.55 2.85 6.12
CA TRP N 101 51.64 3.82 6.08
C TRP N 101 51.70 4.65 4.80
N ASN N 102 51.04 4.22 3.72
CA ASN N 102 51.00 5.03 2.51
C ASN N 102 50.28 6.36 2.77
N VAL N 103 49.36 6.34 3.73
CA VAL N 103 48.64 7.54 4.07
C VAL N 103 49.58 8.51 4.78
N LEU N 104 50.31 8.01 5.77
CA LEU N 104 51.14 8.89 6.58
C LEU N 104 52.33 9.41 5.76
N ALA N 105 52.71 8.66 4.72
CA ALA N 105 53.83 9.01 3.85
C ALA N 105 53.60 10.31 3.08
N THR N 106 52.35 10.76 3.04
CA THR N 106 51.98 11.97 2.34
C THR N 106 52.24 13.19 3.23
N MET N 107 52.74 12.93 4.44
CA MET N 107 53.07 14.01 5.33
C MET N 107 54.51 14.41 5.14
N THR N 108 54.73 15.70 4.92
CA THR N 108 56.07 16.20 4.58
C THR N 108 56.79 16.75 5.80
N PRO N 109 58.14 16.81 5.75
CA PRO N 109 58.81 17.35 6.94
C PRO N 109 58.26 18.72 7.39
N PRO N 110 58.12 19.68 6.45
CA PRO N 110 57.65 20.99 6.92
C PRO N 110 56.25 20.94 7.57
N GLU N 111 55.41 20.00 7.15
CA GLU N 111 54.10 19.86 7.79
C GLU N 111 54.23 19.33 9.19
N TYR N 112 55.03 18.27 9.37
CA TYR N 112 55.21 17.73 10.71
C TYR N 112 55.91 18.75 11.59
N SER N 113 56.91 19.43 11.04
CA SER N 113 57.64 20.49 11.71
C SER N 113 56.75 21.59 12.32
N ALA N 114 55.70 21.98 11.59
CA ALA N 114 54.75 22.95 12.11
C ALA N 114 53.94 22.47 13.31
N MET N 115 53.93 21.16 13.51
CA MET N 115 53.00 20.52 14.41
C MET N 115 53.75 20.19 15.68
N ARG N 116 55.02 19.83 15.49
CA ARG N 116 55.89 19.27 16.52
C ARG N 116 55.96 20.06 17.83
N PRO N 117 56.20 21.38 17.73
CA PRO N 117 56.31 22.22 18.93
C PRO N 117 55.20 21.97 19.94
N TYR N 118 54.07 21.46 19.48
CA TYR N 118 52.89 21.33 20.33
C TYR N 118 52.65 19.91 20.82
N LEU N 119 53.53 18.97 20.47
CA LEU N 119 53.18 17.56 20.54
C LEU N 119 53.36 16.82 21.86
N GLY N 120 52.97 15.55 21.87
CA GLY N 120 53.33 14.76 23.00
C GLY N 120 54.84 14.91 23.10
N ALA N 121 55.32 15.34 24.26
CA ALA N 121 56.68 15.03 24.63
C ALA N 121 56.57 13.53 24.90
N SER N 122 55.74 12.87 24.09
CA SER N 122 55.28 11.48 24.27
C SER N 122 55.64 10.54 23.12
N SER N 123 55.37 9.26 23.31
CA SER N 123 56.04 8.19 22.58
C SER N 123 55.12 7.02 22.24
N GLY N 124 55.40 6.33 21.13
CA GLY N 124 54.71 5.06 20.84
C GLY N 124 55.03 3.94 21.85
N PHE N 125 56.03 4.19 22.69
CA PHE N 125 56.43 3.31 23.79
C PHE N 125 55.30 3.05 24.77
N GLN N 126 54.32 3.95 24.76
CA GLN N 126 53.22 3.94 25.71
C GLN N 126 51.99 3.28 25.14
N SER N 127 52.11 2.61 24.00
CA SER N 127 50.98 1.85 23.52
C SER N 127 50.96 0.53 24.28
N TYR N 128 49.99 0.40 25.17
CA TYR N 128 49.88 -0.83 25.92
C TYR N 128 49.35 -1.98 25.06
N GLN N 129 48.49 -1.65 24.10
CA GLN N 129 48.04 -2.66 23.14
C GLN N 129 49.18 -3.20 22.30
N TYR N 130 50.00 -2.32 21.76
CA TYR N 130 51.11 -2.79 20.99
C TYR N 130 51.95 -3.71 21.85
N ARG N 131 52.18 -3.29 23.10
CA ARG N 131 52.96 -4.09 24.04
C ARG N 131 52.39 -5.49 24.24
N GLU N 132 51.07 -5.56 24.46
CA GLU N 132 50.42 -6.85 24.63
C GLU N 132 50.63 -7.74 23.43
N ILE N 133 50.62 -7.17 22.23
CA ILE N 133 50.79 -7.97 21.01
C ILE N 133 52.19 -8.50 20.89
N GLU N 134 53.20 -7.67 21.18
CA GLU N 134 54.56 -8.18 21.24
C GLU N 134 54.67 -9.32 22.25
N PHE N 135 54.02 -9.18 23.40
CA PHE N 135 54.06 -10.23 24.42
C PHE N 135 53.34 -11.50 23.99
N ILE N 136 52.12 -11.39 23.45
CA ILE N 136 51.43 -12.58 22.99
C ILE N 136 52.25 -13.29 21.92
N LEU N 137 53.11 -12.52 21.24
CA LEU N 137 53.96 -13.06 20.18
C LEU N 137 55.33 -13.47 20.72
N GLY N 138 55.52 -13.37 22.04
CA GLY N 138 56.69 -13.96 22.70
C GLY N 138 57.86 -13.04 22.81
N ASN N 139 57.67 -11.78 22.41
CA ASN N 139 58.71 -10.79 22.58
C ASN N 139 58.55 -10.17 23.98
N LYS N 140 58.73 -11.00 25.01
N LYS N 140 58.76 -10.99 25.02
CA LYS N 140 58.57 -10.54 26.40
CA LYS N 140 58.57 -10.54 26.40
C LYS N 140 59.73 -9.66 26.83
C LYS N 140 59.74 -9.67 26.83
N ASN N 141 59.43 -8.65 27.64
CA ASN N 141 60.44 -7.72 28.12
C ASN N 141 59.88 -6.92 29.30
N ALA N 142 60.38 -7.21 30.49
CA ALA N 142 59.80 -6.63 31.71
C ALA N 142 60.04 -5.15 31.82
N ALA N 143 61.10 -4.66 31.18
CA ALA N 143 61.41 -3.22 31.15
C ALA N 143 60.32 -2.39 30.44
N MET N 144 59.53 -3.05 29.59
CA MET N 144 58.45 -2.39 28.85
C MET N 144 57.21 -2.18 29.71
N LEU N 145 57.25 -2.62 30.97
CA LEU N 145 56.14 -2.37 31.89
C LEU N 145 56.17 -0.91 32.31
N ARG N 146 57.36 -0.32 32.22
CA ARG N 146 57.66 0.91 32.93
C ARG N 146 56.84 2.11 32.45
N PRO N 147 56.73 2.27 31.12
CA PRO N 147 55.93 3.42 30.66
C PRO N 147 54.43 3.37 30.98
N HIS N 148 53.95 2.27 31.58
CA HIS N 148 52.52 2.15 31.95
C HIS N 148 52.25 2.29 33.45
N ALA N 149 53.30 2.67 34.20
CA ALA N 149 53.29 2.80 35.67
C ALA N 149 52.23 3.78 36.18
N HIS N 150 52.12 4.90 35.47
CA HIS N 150 51.16 5.95 35.78
C HIS N 150 49.69 5.52 35.58
N ARG N 151 49.48 4.41 34.88
CA ARG N 151 48.12 3.95 34.63
C ARG N 151 48.00 2.48 35.02
N PRO N 152 47.70 2.25 36.31
CA PRO N 152 47.61 0.89 36.87
C PRO N 152 46.69 -0.03 36.07
N GLU N 153 45.67 0.52 35.40
CA GLU N 153 44.79 -0.32 34.59
C GLU N 153 45.55 -0.88 33.38
N HIS N 154 46.41 -0.04 32.80
CA HIS N 154 47.24 -0.43 31.68
C HIS N 154 48.34 -1.39 32.13
N LEU N 155 49.03 -0.99 33.20
CA LEU N 155 50.08 -1.82 33.76
C LEU N 155 49.58 -3.24 34.08
N GLU N 156 48.36 -3.35 34.63
CA GLU N 156 47.75 -4.66 34.88
C GLU N 156 47.72 -5.52 33.61
N LEU N 157 47.09 -4.99 32.57
CA LEU N 157 47.03 -5.65 31.25
C LEU N 157 48.37 -6.18 30.80
N VAL N 158 49.34 -5.27 30.71
CA VAL N 158 50.67 -5.62 30.24
C VAL N 158 51.40 -6.63 31.12
N GLU N 159 51.24 -6.51 32.43
CA GLU N 159 51.95 -7.43 33.34
C GLU N 159 51.37 -8.85 33.25
N THR N 160 50.05 -8.94 33.23
CA THR N 160 49.39 -10.22 33.01
C THR N 160 49.85 -10.84 31.68
N ALA N 161 49.85 -10.05 30.61
CA ALA N 161 50.34 -10.53 29.30
C ALA N 161 51.78 -11.01 29.38
N LEU N 162 52.57 -10.32 30.19
CA LEU N 162 53.94 -10.69 30.39
C LEU N 162 54.03 -12.08 30.96
N HIS N 163 53.21 -12.34 31.99
CA HIS N 163 53.31 -13.60 32.74
C HIS N 163 52.60 -14.75 32.05
N THR N 164 51.83 -14.44 31.02
CA THR N 164 51.08 -15.46 30.31
C THR N 164 51.94 -16.04 29.19
N PRO N 165 51.95 -17.38 29.07
CA PRO N 165 52.73 -17.94 27.98
C PRO N 165 52.22 -17.51 26.59
N SER N 166 53.15 -17.11 25.73
CA SER N 166 52.81 -16.58 24.42
C SER N 166 52.12 -17.63 23.56
N MET N 167 51.54 -17.18 22.46
CA MET N 167 50.98 -18.09 21.48
C MET N 167 52.01 -19.09 20.93
N TYR N 168 53.28 -18.70 20.88
CA TYR N 168 54.32 -19.60 20.40
C TYR N 168 54.61 -20.68 21.46
N ASP N 169 54.69 -20.24 22.71
CA ASP N 169 54.84 -21.14 23.84
C ASP N 169 53.74 -22.18 23.80
N GLU N 170 52.51 -21.75 23.50
CA GLU N 170 51.41 -22.72 23.43
C GLU N 170 51.53 -23.71 22.28
N ALA N 171 52.12 -23.25 21.18
CA ALA N 171 52.36 -24.12 20.03
C ALA N 171 53.35 -25.18 20.46
N ILE N 172 54.38 -24.74 21.16
CA ILE N 172 55.42 -25.65 21.56
C ILE N 172 54.81 -26.74 22.43
N ARG N 173 54.03 -26.30 23.42
CA ARG N 173 53.35 -27.19 24.33
C ARG N 173 52.42 -28.09 23.53
N LEU N 174 51.76 -27.54 22.54
CA LEU N 174 50.95 -28.38 21.68
C LEU N 174 51.76 -29.52 21.02
N MET N 175 52.96 -29.22 20.52
CA MET N 175 53.74 -30.24 19.83
C MET N 175 54.13 -31.34 20.81
N ALA N 176 54.37 -30.92 22.05
CA ALA N 176 54.75 -31.86 23.09
C ALA N 176 53.58 -32.83 23.30
N ARG N 177 52.41 -32.28 23.55
CA ARG N 177 51.21 -33.08 23.70
C ARG N 177 50.90 -33.91 22.45
N ARG N 178 51.62 -33.70 21.34
CA ARG N 178 51.31 -34.49 20.15
C ARG N 178 52.38 -35.56 19.95
N GLY N 179 53.29 -35.66 20.91
CA GLY N 179 54.28 -36.71 20.87
C GLY N 179 55.71 -36.32 20.54
N PHE N 180 55.95 -35.06 20.28
CA PHE N 180 57.32 -34.63 19.96
C PHE N 180 58.14 -34.49 21.27
N GLN N 181 59.41 -34.89 21.27
CA GLN N 181 60.17 -34.68 22.49
C GLN N 181 60.71 -33.27 22.56
N ILE N 182 60.13 -32.51 23.47
CA ILE N 182 60.46 -31.11 23.63
C ILE N 182 61.04 -30.96 25.02
N ASP N 183 62.23 -30.35 25.12
CA ASP N 183 62.83 -30.17 26.45
C ASP N 183 61.78 -29.64 27.40
N PRO N 184 61.66 -30.26 28.57
CA PRO N 184 60.80 -29.77 29.64
C PRO N 184 61.06 -28.30 30.03
N GLU N 185 62.27 -27.79 29.72
CA GLU N 185 62.72 -26.44 30.12
C GLU N 185 62.19 -25.38 29.16
N VAL N 186 61.33 -25.83 28.27
CA VAL N 186 60.76 -25.03 27.20
C VAL N 186 59.23 -25.17 27.27
N VAL N 187 58.78 -26.33 27.76
CA VAL N 187 57.34 -26.63 28.02
C VAL N 187 56.80 -25.96 29.30
N GLU N 188 57.68 -25.73 30.26
CA GLU N 188 57.35 -24.96 31.44
C GLU N 188 58.56 -24.09 31.73
N ARG N 189 58.29 -22.82 31.99
CA ARG N 189 59.32 -21.82 31.89
C ARG N 189 58.97 -20.65 32.79
N ASP N 190 59.94 -19.76 33.00
CA ASP N 190 59.63 -18.42 33.42
C ASP N 190 59.20 -17.74 32.12
N TRP N 191 57.94 -17.31 32.08
CA TRP N 191 57.32 -16.84 30.83
C TRP N 191 57.54 -15.36 30.55
N THR N 192 58.37 -14.70 31.35
CA THR N 192 58.62 -13.28 31.20
C THR N 192 59.99 -13.09 30.55
N GLN N 193 60.50 -14.19 30.05
CA GLN N 193 61.80 -14.21 29.42
C GLN N 193 61.59 -14.24 27.90
N PRO N 194 62.33 -13.39 27.17
CA PRO N 194 62.27 -13.42 25.72
C PRO N 194 62.46 -14.83 25.19
N THR N 195 61.69 -15.20 24.16
CA THR N 195 61.79 -16.52 23.54
C THR N 195 63.20 -16.69 22.99
N GLN N 196 63.86 -17.78 23.34
CA GLN N 196 65.19 -18.04 22.78
C GLN N 196 65.26 -19.41 22.15
N TYR N 197 66.12 -19.54 21.14
CA TYR N 197 66.24 -20.78 20.37
C TYR N 197 66.38 -22.03 21.26
N ASN N 198 65.53 -23.02 20.99
CA ASN N 198 65.65 -24.36 21.57
C ASN N 198 65.94 -25.35 20.43
N ALA N 199 66.81 -26.33 20.68
CA ALA N 199 67.22 -27.29 19.64
C ALA N 199 66.17 -28.38 19.45
N SER N 200 65.55 -28.78 20.56
CA SER N 200 64.52 -29.80 20.47
C SER N 200 63.29 -29.26 19.74
N VAL N 201 63.01 -27.97 19.94
CA VAL N 201 61.94 -27.29 19.20
C VAL N 201 62.20 -27.31 17.68
N GLU N 202 63.38 -26.90 17.24
CA GLU N 202 63.66 -26.94 15.80
C GLU N 202 63.56 -28.35 15.19
N ALA N 203 64.01 -29.35 15.95
CA ALA N 203 63.97 -30.74 15.49
C ALA N 203 62.53 -31.18 15.25
N ALA N 204 61.67 -30.87 16.21
CA ALA N 204 60.23 -31.09 16.04
C ALA N 204 59.72 -30.39 14.77
N TRP N 205 59.95 -29.09 14.63
CA TRP N 205 59.51 -28.37 13.42
C TRP N 205 60.10 -28.98 12.17
N LEU N 206 61.37 -29.39 12.25
CA LEU N 206 62.04 -30.05 11.11
C LEU N 206 61.33 -31.34 10.70
N GLU N 207 60.91 -32.12 11.69
CA GLU N 207 60.16 -33.33 11.40
C GLU N 207 58.93 -32.98 10.58
N VAL N 208 58.17 -32.02 11.10
CA VAL N 208 56.96 -31.53 10.43
C VAL N 208 57.19 -31.08 8.99
N TYR N 209 58.16 -30.21 8.78
CA TYR N 209 58.46 -29.74 7.42
C TYR N 209 59.05 -30.81 6.49
N ARG N 210 59.77 -31.76 7.06
CA ARG N 210 60.29 -32.86 6.29
C ARG N 210 59.16 -33.81 5.89
N ASN N 211 58.11 -33.88 6.71
CA ASN N 211 57.00 -34.83 6.51
C ASN N 211 55.61 -34.16 6.49
N PRO N 212 55.41 -33.13 5.63
CA PRO N 212 54.19 -32.29 5.67
C PRO N 212 52.88 -33.08 5.76
N SER N 213 52.73 -34.09 4.90
CA SER N 213 51.46 -34.82 4.82
C SER N 213 51.14 -35.59 6.08
N ALA N 214 52.17 -35.87 6.88
CA ALA N 214 52.00 -36.60 8.14
C ALA N 214 51.62 -35.68 9.29
N HIS N 215 51.94 -34.39 9.15
CA HIS N 215 51.55 -33.41 10.18
C HIS N 215 51.00 -32.13 9.59
N TRP N 216 50.02 -32.25 8.69
CA TRP N 216 49.56 -31.10 7.94
C TRP N 216 49.23 -29.92 8.83
N GLU N 217 48.39 -30.13 9.83
CA GLU N 217 48.01 -29.05 10.73
C GLU N 217 49.20 -28.27 11.27
N LEU N 218 50.23 -28.96 11.71
CA LEU N 218 51.39 -28.30 12.32
C LEU N 218 52.24 -27.54 11.29
N TYR N 219 52.31 -28.10 10.08
CA TYR N 219 52.97 -27.50 8.93
C TYR N 219 52.27 -26.19 8.61
N GLU N 220 50.94 -26.22 8.58
CA GLU N 220 50.14 -25.02 8.35
C GLU N 220 50.28 -23.99 9.48
N LEU N 221 50.28 -24.46 10.73
CA LEU N 221 50.48 -23.58 11.85
C LEU N 221 51.88 -22.98 11.81
N GLY N 222 52.86 -23.75 11.41
CA GLY N 222 54.19 -23.18 11.30
C GLY N 222 54.22 -22.05 10.29
N GLU N 223 53.54 -22.27 9.17
CA GLU N 223 53.56 -21.30 8.09
C GLU N 223 52.78 -20.05 8.48
N LYS N 224 51.72 -20.23 9.26
CA LYS N 224 51.01 -19.11 9.85
C LYS N 224 51.84 -18.29 10.85
N PHE N 225 52.66 -18.96 11.65
CA PHE N 225 53.58 -18.21 12.53
C PHE N 225 54.55 -17.35 11.69
N VAL N 226 55.15 -17.94 10.65
CA VAL N 226 56.11 -17.20 9.79
C VAL N 226 55.44 -16.00 9.14
N ASP N 227 54.32 -16.26 8.46
CA ASP N 227 53.42 -15.25 7.92
C ASP N 227 53.31 -14.07 8.82
N LEU N 228 52.91 -14.37 10.04
CA LEU N 228 52.56 -13.33 10.96
C LEU N 228 53.81 -12.56 11.39
N GLU N 229 54.95 -13.24 11.50
CA GLU N 229 56.18 -12.53 11.81
C GLU N 229 56.65 -11.71 10.61
N ASP N 230 56.53 -12.28 9.41
CA ASP N 230 56.84 -11.57 8.16
C ASP N 230 56.03 -10.27 8.04
N ALA N 231 54.72 -10.40 8.22
CA ALA N 231 53.84 -9.25 8.24
C ALA N 231 54.25 -8.22 9.29
N PHE N 232 54.73 -8.70 10.43
CA PHE N 232 55.10 -7.79 11.52
C PHE N 232 56.43 -7.12 11.21
N ARG N 233 57.36 -7.86 10.63
CA ARG N 233 58.60 -7.23 10.14
C ARG N 233 58.29 -6.10 9.18
N GLN N 234 57.41 -6.39 8.19
CA GLN N 234 56.94 -5.38 7.26
C GLN N 234 56.43 -4.11 7.95
N TRP N 235 55.58 -4.26 8.95
CA TRP N 235 55.09 -3.12 9.73
C TRP N 235 56.24 -2.34 10.39
N ARG N 236 57.19 -3.07 10.97
CA ARG N 236 58.30 -2.44 11.68
C ARG N 236 59.07 -1.60 10.68
N PHE N 237 59.21 -2.12 9.46
CA PHE N 237 60.08 -1.50 8.46
C PHE N 237 59.47 -0.23 7.85
N ARG N 238 58.16 -0.29 7.68
CA ARG N 238 57.40 0.79 7.12
C ARG N 238 57.33 1.87 8.16
N HIS N 239 57.16 1.45 9.42
CA HIS N 239 57.16 2.41 10.54
C HIS N 239 58.47 3.18 10.51
N VAL N 240 59.60 2.49 10.64
CA VAL N 240 60.86 3.22 10.67
C VAL N 240 61.11 4.07 9.42
N THR N 241 60.85 3.53 8.23
CA THR N 241 61.13 4.29 7.02
C THR N 241 60.26 5.52 6.94
N THR N 242 59.02 5.40 7.36
CA THR N 242 58.14 6.52 7.32
C THR N 242 58.58 7.53 8.34
N VAL N 243 58.90 7.03 9.53
CA VAL N 243 59.38 7.92 10.59
C VAL N 243 60.63 8.63 10.11
N GLU N 244 61.56 7.91 9.52
CA GLU N 244 62.75 8.56 8.94
C GLU N 244 62.41 9.67 7.90
N ARG N 245 61.48 9.39 6.98
CA ARG N 245 61.17 10.35 5.92
C ARG N 245 60.46 11.59 6.45
N VAL N 246 59.90 11.50 7.65
CA VAL N 246 59.21 12.62 8.26
C VAL N 246 60.17 13.46 9.14
N ILE N 247 60.85 12.81 10.09
CA ILE N 247 61.73 13.50 11.08
C ILE N 247 63.23 13.24 10.97
N GLY N 248 63.63 12.33 10.09
CA GLY N 248 65.04 12.10 9.84
C GLY N 248 65.62 11.06 10.77
N PHE N 249 66.92 10.87 10.65
CA PHE N 249 67.66 9.87 11.40
C PHE N 249 68.70 10.57 12.29
N LYS N 250 68.39 10.70 13.58
CA LYS N 250 69.33 11.22 14.56
C LYS N 250 70.41 10.17 14.90
N ARG N 251 71.64 10.41 14.45
CA ARG N 251 72.74 9.50 14.80
C ARG N 251 73.23 9.86 16.18
N GLY N 252 74.27 9.16 16.64
CA GLY N 252 74.86 9.47 17.91
C GLY N 252 74.32 8.66 19.09
N THR N 253 73.01 8.52 19.20
CA THR N 253 72.44 7.72 20.32
C THR N 253 72.78 6.23 20.15
N GLY N 254 72.71 5.48 21.25
CA GLY N 254 73.02 4.06 21.22
C GLY N 254 71.91 3.21 20.63
N GLY N 255 70.72 3.79 20.52
CA GLY N 255 69.51 3.08 20.12
C GLY N 255 68.56 3.11 21.30
N THR N 256 68.73 4.14 22.13
CA THR N 256 67.91 4.36 23.32
C THR N 256 66.52 4.82 22.88
N GLU N 257 66.47 5.65 21.84
CA GLU N 257 65.21 6.02 21.18
C GLU N 257 65.43 6.66 19.80
N GLY N 258 64.37 7.27 19.26
CA GLY N 258 64.41 7.81 17.89
C GLY N 258 64.41 6.71 16.82
N VAL N 259 65.06 7.00 15.70
CA VAL N 259 65.09 6.10 14.56
C VAL N 259 66.06 4.94 14.76
N SER N 260 67.12 5.20 15.51
CA SER N 260 68.11 4.17 15.80
C SER N 260 67.49 3.01 16.58
N TYR N 261 66.66 3.35 17.56
CA TYR N 261 65.94 2.34 18.31
C TYR N 261 65.06 1.54 17.36
N LEU N 262 64.33 2.25 16.49
CA LEU N 262 63.35 1.62 15.60
C LEU N 262 64.03 0.67 14.62
N ARG N 263 65.23 1.05 14.19
CA ARG N 263 65.98 0.20 13.30
C ARG N 263 66.51 -1.07 13.99
N ARG N 264 66.78 -1.01 15.28
CA ARG N 264 67.24 -2.24 15.95
C ARG N 264 66.09 -3.19 16.22
N MET N 265 64.86 -2.65 16.23
CA MET N 265 63.67 -3.49 16.33
C MET N 265 63.55 -4.42 15.11
N LEU N 266 64.19 -4.02 14.02
CA LEU N 266 64.19 -4.85 12.82
C LEU N 266 64.98 -6.13 13.03
N ASP N 267 65.86 -6.10 14.03
CA ASP N 267 66.70 -7.24 14.34
C ASP N 267 66.02 -8.25 15.28
N VAL N 268 64.77 -7.99 15.63
CA VAL N 268 64.02 -8.88 16.53
C VAL N 268 63.50 -10.15 15.82
N VAL N 269 63.58 -11.31 16.49
CA VAL N 269 63.13 -12.58 15.90
C VAL N 269 62.10 -13.13 16.87
N LEU N 270 60.95 -13.57 16.36
CA LEU N 270 59.87 -13.98 17.24
C LEU N 270 59.78 -15.50 17.40
N PHE N 271 59.96 -16.22 16.28
CA PHE N 271 59.81 -17.68 16.25
C PHE N 271 61.07 -18.28 15.61
N PRO N 272 62.18 -18.25 16.36
CA PRO N 272 63.56 -18.51 15.94
C PRO N 272 63.77 -19.86 15.23
N GLU N 273 63.17 -20.92 15.77
CA GLU N 273 63.37 -22.26 15.21
C GLU N 273 62.74 -22.38 13.84
N LEU N 274 61.64 -21.64 13.63
CA LEU N 274 60.92 -21.74 12.38
C LEU N 274 61.71 -21.09 11.24
N TRP N 275 62.48 -20.05 11.57
CA TRP N 275 63.36 -19.41 10.58
C TRP N 275 64.68 -20.17 10.39
N LYS N 276 65.26 -20.63 11.50
CA LYS N 276 66.52 -21.39 11.44
C LYS N 276 66.36 -22.70 10.68
N LEU N 277 65.21 -23.33 10.82
CA LEU N 277 65.02 -24.65 10.21
C LEU N 277 65.08 -24.59 8.69
N ARG N 278 65.01 -23.38 8.16
CA ARG N 278 65.12 -23.11 6.72
C ARG N 278 66.43 -23.62 6.16
N THR N 279 67.51 -23.25 6.85
CA THR N 279 68.87 -23.59 6.48
C THR N 279 69.15 -25.09 6.61
N ASP N 280 68.57 -25.70 7.65
CA ASP N 280 68.85 -27.08 8.04
C ASP N 280 67.97 -28.12 7.35
N LEU N 281 67.14 -27.69 6.40
CA LEU N 281 65.98 -28.50 5.98
C LEU N 281 66.29 -29.77 5.19
N ARG O 21 45.55 -4.51 -38.47
CA ARG O 21 44.44 -3.68 -37.92
C ARG O 21 43.30 -4.55 -37.37
N ASP O 22 42.76 -5.44 -38.20
CA ASP O 22 41.97 -6.56 -37.69
C ASP O 22 42.99 -7.63 -37.28
N MET O 23 43.97 -7.21 -36.47
CA MET O 23 45.10 -8.04 -36.04
C MET O 23 44.85 -8.69 -34.68
N SER O 24 45.18 -9.97 -34.53
CA SER O 24 44.84 -10.70 -33.31
C SER O 24 45.56 -10.16 -32.07
N TYR O 25 44.95 -10.46 -30.92
CA TYR O 25 45.41 -10.10 -29.59
C TYR O 25 46.79 -10.71 -29.29
N GLY O 26 46.92 -12.02 -29.51
CA GLY O 26 48.20 -12.71 -29.33
C GLY O 26 49.32 -12.12 -30.22
N ASP O 27 48.97 -11.81 -31.46
CA ASP O 27 50.00 -11.35 -32.35
C ASP O 27 50.48 -10.02 -31.81
N TYR O 28 49.55 -9.11 -31.54
CA TYR O 28 49.96 -7.80 -31.05
C TYR O 28 50.75 -7.91 -29.74
N LEU O 29 50.28 -8.77 -28.83
CA LEU O 29 50.93 -8.91 -27.53
C LEU O 29 52.18 -9.80 -27.51
N GLY O 30 52.51 -10.45 -28.62
CA GLY O 30 53.65 -11.37 -28.64
C GLY O 30 53.46 -12.57 -27.71
N LEU O 31 52.20 -12.99 -27.57
CA LEU O 31 51.81 -13.98 -26.58
C LEU O 31 52.47 -15.34 -26.70
N ASP O 32 52.89 -15.68 -27.91
CA ASP O 32 53.43 -17.02 -28.05
C ASP O 32 54.87 -16.98 -27.60
N GLN O 33 55.53 -15.83 -27.76
CA GLN O 33 56.84 -15.67 -27.14
C GLN O 33 56.66 -15.65 -25.59
N ILE O 34 55.92 -14.66 -25.06
CA ILE O 34 55.65 -14.54 -23.63
C ILE O 34 55.28 -15.90 -22.98
N LEU O 35 54.35 -16.63 -23.61
CA LEU O 35 53.67 -17.78 -22.99
C LEU O 35 54.31 -19.14 -23.30
N SER O 36 55.41 -19.12 -24.04
CA SER O 36 56.18 -20.33 -24.27
C SER O 36 57.62 -20.14 -23.78
N ALA O 37 57.82 -19.19 -22.87
CA ALA O 37 59.13 -18.91 -22.26
C ALA O 37 59.32 -19.56 -20.89
N GLN O 38 58.35 -20.33 -20.44
CA GLN O 38 58.43 -20.91 -19.11
C GLN O 38 58.96 -22.34 -19.22
N HIS O 39 60.14 -22.59 -18.64
CA HIS O 39 60.80 -23.91 -18.78
C HIS O 39 61.24 -24.50 -17.44
N PRO O 40 60.32 -25.19 -16.73
CA PRO O 40 60.70 -25.79 -15.46
C PRO O 40 61.85 -26.76 -15.70
N LEU O 41 62.80 -26.79 -14.78
CA LEU O 41 63.93 -27.69 -14.89
C LEU O 41 63.73 -28.89 -13.97
N SER O 42 62.96 -28.68 -12.90
CA SER O 42 62.55 -29.75 -11.99
C SER O 42 61.15 -30.21 -12.38
N PRO O 43 60.65 -31.23 -11.64
CA PRO O 43 59.28 -31.77 -11.71
C PRO O 43 58.33 -31.23 -10.61
N ASP O 44 58.81 -30.33 -9.77
CA ASP O 44 57.98 -29.82 -8.68
C ASP O 44 56.88 -28.92 -9.24
N HIS O 45 55.69 -29.01 -8.66
CA HIS O 45 54.56 -28.18 -9.05
C HIS O 45 54.87 -26.67 -8.93
N ASN O 46 55.76 -26.32 -8.01
CA ASN O 46 55.89 -24.94 -7.60
C ASN O 46 56.94 -24.14 -8.35
N GLU O 47 57.63 -24.80 -9.27
CA GLU O 47 58.66 -24.13 -10.05
C GLU O 47 58.08 -23.06 -10.98
N MET O 48 56.84 -23.25 -11.43
CA MET O 48 56.20 -22.24 -12.25
C MET O 48 56.10 -20.89 -11.52
N LEU O 49 55.63 -20.92 -10.28
CA LEU O 49 55.62 -19.73 -9.43
C LEU O 49 56.98 -19.05 -9.43
N PHE O 50 58.03 -19.81 -9.17
CA PHE O 50 59.36 -19.24 -9.08
C PHE O 50 59.71 -18.52 -10.38
N ILE O 51 59.24 -19.06 -11.49
CA ILE O 51 59.63 -18.55 -12.81
C ILE O 51 58.79 -17.32 -13.15
N VAL O 52 57.49 -17.45 -12.93
CA VAL O 52 56.53 -16.39 -13.31
C VAL O 52 56.71 -15.16 -12.41
N GLN O 53 57.06 -15.38 -11.15
CA GLN O 53 57.32 -14.28 -10.25
C GLN O 53 58.48 -13.41 -10.77
N HIS O 54 59.58 -14.04 -11.17
CA HIS O 54 60.69 -13.29 -11.78
C HIS O 54 60.27 -12.62 -13.07
N GLN O 55 59.63 -13.37 -13.94
CA GLN O 55 59.20 -12.84 -15.22
C GLN O 55 58.32 -11.58 -15.19
N THR O 56 57.24 -11.65 -14.42
CA THR O 56 56.32 -10.54 -14.31
C THR O 56 57.08 -9.31 -13.81
N THR O 57 57.96 -9.52 -12.83
CA THR O 57 58.76 -8.42 -12.30
C THR O 57 59.71 -7.85 -13.37
N GLU O 58 60.32 -8.74 -14.15
CA GLU O 58 61.16 -8.26 -15.25
C GLU O 58 60.36 -7.41 -16.26
N LEU O 59 59.17 -7.88 -16.66
CA LEU O 59 58.29 -7.06 -17.54
C LEU O 59 57.98 -5.66 -17.02
N TRP O 60 57.52 -5.61 -15.78
CA TRP O 60 57.26 -4.37 -15.07
C TRP O 60 58.53 -3.49 -14.98
N MET O 61 59.68 -4.09 -14.72
CA MET O 61 60.92 -3.29 -14.79
C MET O 61 61.22 -2.71 -16.18
N LYS O 62 60.90 -3.46 -17.23
CA LYS O 62 61.02 -2.95 -18.60
C LYS O 62 60.21 -1.66 -18.78
N LEU O 63 59.03 -1.60 -18.19
CA LEU O 63 58.18 -0.43 -18.33
C LEU O 63 58.64 0.69 -17.40
N MET O 64 59.09 0.32 -16.22
CA MET O 64 59.58 1.30 -15.25
C MET O 64 60.76 2.06 -15.86
N LEU O 65 61.64 1.33 -16.56
CA LEU O 65 62.76 1.96 -17.27
C LEU O 65 62.28 2.95 -18.32
N HIS O 66 61.24 2.55 -19.05
CA HIS O 66 60.67 3.33 -20.13
C HIS O 66 60.13 4.64 -19.55
N GLU O 67 59.37 4.53 -18.47
CA GLU O 67 58.85 5.72 -17.82
C GLU O 67 59.93 6.53 -17.12
N LEU O 68 60.90 5.86 -16.52
CA LEU O 68 61.93 6.63 -15.81
C LEU O 68 62.78 7.45 -16.79
N ARG O 69 63.17 6.82 -17.92
CA ARG O 69 63.97 7.51 -18.93
C ARG O 69 63.27 8.78 -19.43
N ALA O 70 61.97 8.66 -19.71
CA ALA O 70 61.19 9.80 -20.19
C ALA O 70 61.01 10.83 -19.11
N ALA O 71 60.92 10.39 -17.86
CA ALA O 71 60.79 11.32 -16.76
C ALA O 71 62.09 12.09 -16.65
N ARG O 72 63.19 11.46 -17.00
CA ARG O 72 64.47 12.12 -16.84
C ARG O 72 64.66 13.16 -17.94
N ASP O 73 64.16 12.83 -19.13
CA ASP O 73 64.13 13.78 -20.25
C ASP O 73 63.34 14.99 -19.84
N GLY O 74 62.25 14.76 -19.13
CA GLY O 74 61.36 15.84 -18.74
C GLY O 74 62.08 16.74 -17.77
N VAL O 75 62.84 16.13 -16.88
CA VAL O 75 63.63 16.88 -15.90
C VAL O 75 64.67 17.74 -16.64
N LYS O 76 65.41 17.11 -17.56
CA LYS O 76 66.52 17.83 -18.20
C LYS O 76 66.04 18.91 -19.18
N SER O 77 64.82 18.73 -19.69
CA SER O 77 64.24 19.70 -20.60
C SER O 77 63.35 20.70 -19.85
N ASP O 78 63.36 20.62 -18.52
CA ASP O 78 62.56 21.53 -17.67
C ASP O 78 61.05 21.46 -17.93
N GLN O 79 60.53 20.27 -18.22
CA GLN O 79 59.09 20.13 -18.27
C GLN O 79 58.67 19.10 -17.23
N LEU O 80 58.42 19.61 -16.03
CA LEU O 80 58.24 18.78 -14.87
C LEU O 80 56.84 18.23 -14.77
N GLN O 81 55.86 18.96 -15.30
CA GLN O 81 54.50 18.49 -15.16
C GLN O 81 54.26 17.10 -15.78
N PRO O 82 54.72 16.89 -17.02
CA PRO O 82 54.53 15.54 -17.56
C PRO O 82 55.42 14.53 -16.85
N ALA O 83 56.59 14.96 -16.36
CA ALA O 83 57.50 14.05 -15.67
C ALA O 83 56.88 13.55 -14.37
N PHE O 84 56.27 14.49 -13.63
CA PHE O 84 55.54 14.14 -12.42
C PHE O 84 54.50 13.04 -12.70
N LYS O 85 53.77 13.14 -13.81
CA LYS O 85 52.79 12.12 -14.19
C LYS O 85 53.50 10.77 -14.40
N MET O 86 54.63 10.79 -15.09
CA MET O 86 55.38 9.57 -15.31
C MET O 86 55.83 8.94 -13.99
N LEU O 87 56.28 9.80 -13.08
CA LEU O 87 56.76 9.35 -11.79
C LEU O 87 55.61 8.72 -10.96
N ALA O 88 54.42 9.30 -11.07
CA ALA O 88 53.28 8.72 -10.38
C ALA O 88 53.02 7.31 -10.92
N ARG O 89 53.38 7.05 -12.17
CA ARG O 89 53.10 5.76 -12.78
C ARG O 89 54.10 4.75 -12.28
N VAL O 90 55.36 5.13 -12.32
CA VAL O 90 56.41 4.35 -11.72
C VAL O 90 56.00 3.94 -10.28
N SER O 91 55.41 4.86 -9.53
CA SER O 91 55.01 4.54 -8.16
C SER O 91 53.94 3.46 -8.12
N ARG O 92 53.00 3.51 -9.05
CA ARG O 92 51.99 2.49 -9.11
C ARG O 92 52.64 1.14 -9.52
N ILE O 93 53.62 1.21 -10.41
CA ILE O 93 54.32 0.00 -10.80
C ILE O 93 55.07 -0.57 -9.61
N MET O 94 55.73 0.31 -8.84
CA MET O 94 56.45 -0.10 -7.64
C MET O 94 55.52 -0.76 -6.63
N ASP O 95 54.30 -0.25 -6.52
CA ASP O 95 53.33 -0.80 -5.59
C ASP O 95 53.07 -2.25 -5.98
N GLN O 96 53.01 -2.53 -7.28
CA GLN O 96 52.78 -3.88 -7.78
C GLN O 96 53.95 -4.77 -7.39
N LEU O 97 55.15 -4.25 -7.61
CA LEU O 97 56.37 -4.98 -7.33
C LEU O 97 56.54 -5.34 -5.86
N VAL O 98 56.20 -4.42 -4.97
CA VAL O 98 56.30 -4.68 -3.53
C VAL O 98 55.24 -5.70 -3.07
N GLN O 99 53.99 -5.48 -3.45
CA GLN O 99 52.94 -6.47 -3.22
C GLN O 99 53.25 -7.87 -3.81
N ALA O 100 53.99 -7.95 -4.91
CA ALA O 100 54.17 -9.25 -5.59
C ALA O 100 54.79 -10.33 -4.69
N TRP O 101 55.59 -9.89 -3.73
CA TRP O 101 56.24 -10.78 -2.78
C TRP O 101 55.24 -11.61 -2.01
N ASN O 102 54.04 -11.08 -1.80
CA ASN O 102 53.00 -11.88 -1.20
C ASN O 102 52.83 -13.22 -1.88
N VAL O 103 53.02 -13.27 -3.20
CA VAL O 103 52.70 -14.49 -3.94
C VAL O 103 53.79 -15.51 -3.69
N LEU O 104 55.04 -15.05 -3.73
CA LEU O 104 56.18 -15.92 -3.52
C LEU O 104 56.22 -16.43 -2.10
N ALA O 105 55.79 -15.59 -1.16
CA ALA O 105 55.68 -15.97 0.23
C ALA O 105 54.91 -17.29 0.43
N THR O 106 54.05 -17.65 -0.53
CA THR O 106 53.28 -18.89 -0.40
C THR O 106 54.13 -20.11 -0.72
N MET O 107 55.35 -19.89 -1.16
CA MET O 107 56.30 -20.99 -1.32
C MET O 107 57.00 -21.30 -0.01
N THR O 108 56.91 -22.57 0.39
CA THR O 108 57.50 -23.04 1.64
C THR O 108 58.86 -23.70 1.40
N PRO O 109 59.71 -23.77 2.45
CA PRO O 109 61.06 -24.35 2.25
C PRO O 109 61.05 -25.76 1.60
N PRO O 110 60.15 -26.67 2.05
CA PRO O 110 60.04 -27.98 1.39
C PRO O 110 59.89 -27.89 -0.14
N GLU O 111 59.00 -27.02 -0.60
CA GLU O 111 58.81 -26.82 -2.03
C GLU O 111 60.02 -26.20 -2.73
N TYR O 112 60.67 -25.24 -2.08
CA TYR O 112 61.88 -24.72 -2.69
C TYR O 112 63.00 -25.77 -2.76
N SER O 113 63.25 -26.46 -1.64
CA SER O 113 64.39 -27.39 -1.61
C SER O 113 64.23 -28.50 -2.64
N ALA O 114 62.98 -28.88 -2.91
CA ALA O 114 62.66 -29.87 -3.94
C ALA O 114 63.05 -29.45 -5.36
N MET O 115 63.18 -28.14 -5.59
CA MET O 115 63.53 -27.63 -6.92
C MET O 115 64.96 -27.11 -7.01
N ARG O 116 65.49 -26.64 -5.87
CA ARG O 116 66.88 -26.14 -5.72
C ARG O 116 67.98 -26.86 -6.53
N PRO O 117 68.11 -28.19 -6.34
CA PRO O 117 69.12 -29.00 -7.03
C PRO O 117 69.18 -28.72 -8.54
N TYR O 118 68.07 -28.27 -9.11
CA TYR O 118 67.94 -28.12 -10.55
C TYR O 118 68.30 -26.74 -11.08
N LEU O 119 68.59 -25.80 -10.18
CA LEU O 119 68.62 -24.38 -10.57
C LEU O 119 70.00 -23.80 -10.86
N GLY O 120 70.87 -23.86 -9.86
CA GLY O 120 72.28 -23.56 -10.06
C GLY O 120 72.76 -22.11 -9.94
N ALA O 121 73.80 -21.81 -10.71
CA ALA O 121 74.58 -20.58 -10.56
C ALA O 121 73.74 -19.33 -10.76
N SER O 122 72.74 -19.42 -11.64
CA SER O 122 71.93 -18.26 -12.03
C SER O 122 71.55 -17.34 -10.85
N SER O 123 71.98 -16.09 -10.92
CA SER O 123 71.87 -15.16 -9.78
C SER O 123 71.25 -13.81 -10.17
N GLY O 124 70.54 -13.20 -9.21
CA GLY O 124 69.91 -11.90 -9.43
C GLY O 124 70.82 -10.77 -9.93
N PHE O 125 72.14 -10.89 -9.66
CA PHE O 125 73.14 -9.93 -10.15
C PHE O 125 73.17 -9.80 -11.69
N GLN O 126 72.64 -10.82 -12.37
CA GLN O 126 72.57 -10.84 -13.84
C GLN O 126 71.23 -10.31 -14.32
N SER O 127 70.50 -9.63 -13.43
CA SER O 127 69.35 -8.82 -13.82
C SER O 127 69.93 -7.50 -14.30
N TYR O 128 70.11 -7.38 -15.61
CA TYR O 128 70.64 -6.17 -16.22
C TYR O 128 69.62 -5.06 -16.11
N GLN O 129 68.33 -5.42 -16.18
CA GLN O 129 67.26 -4.42 -16.06
C GLN O 129 67.27 -3.82 -14.67
N TYR O 130 67.50 -4.66 -13.68
CA TYR O 130 67.55 -4.12 -12.33
C TYR O 130 68.75 -3.18 -12.17
N ARG O 131 69.88 -3.59 -12.74
CA ARG O 131 71.11 -2.79 -12.73
C ARG O 131 70.89 -1.38 -13.34
N GLU O 132 70.26 -1.30 -14.52
CA GLU O 132 69.97 0.00 -15.14
C GLU O 132 69.08 0.86 -14.28
N ILE O 133 68.12 0.24 -13.60
CA ILE O 133 67.28 1.00 -12.66
C ILE O 133 68.13 1.54 -11.50
N GLU O 134 68.93 0.68 -10.87
CA GLU O 134 69.74 1.18 -9.77
C GLU O 134 70.57 2.35 -10.30
N PHE O 135 71.05 2.20 -11.55
CA PHE O 135 71.91 3.21 -12.13
C PHE O 135 71.17 4.53 -12.39
N ILE O 136 69.97 4.46 -12.98
CA ILE O 136 69.23 5.68 -13.29
C ILE O 136 68.94 6.39 -12.00
N LEU O 137 68.91 5.61 -10.93
CA LEU O 137 68.59 6.17 -9.62
C LEU O 137 69.87 6.58 -8.88
N GLY O 138 71.01 6.43 -9.56
CA GLY O 138 72.27 6.98 -9.07
C GLY O 138 73.10 6.04 -8.22
N ASN O 139 72.62 4.80 -8.05
CA ASN O 139 73.37 3.78 -7.33
C ASN O 139 74.38 3.12 -8.27
N LYS O 140 75.29 3.96 -8.79
CA LYS O 140 76.33 3.58 -9.76
C LYS O 140 77.44 2.73 -9.14
N ASN O 141 77.82 1.68 -9.86
CA ASN O 141 78.72 0.67 -9.38
C ASN O 141 79.38 -0.09 -10.54
N ALA O 142 80.64 0.26 -10.82
CA ALA O 142 81.35 -0.22 -11.99
C ALA O 142 81.50 -1.73 -11.96
N ALA O 143 81.67 -2.26 -10.75
CA ALA O 143 81.84 -3.70 -10.52
C ALA O 143 80.63 -4.51 -10.96
N MET O 144 79.52 -3.81 -11.18
CA MET O 144 78.26 -4.46 -11.46
C MET O 144 78.08 -4.73 -12.95
N LEU O 145 79.10 -4.35 -13.74
CA LEU O 145 79.12 -4.69 -15.16
C LEU O 145 79.51 -6.16 -15.40
N ARG O 146 80.35 -6.68 -14.51
CA ARG O 146 81.02 -7.98 -14.66
C ARG O 146 80.05 -9.15 -14.84
N PRO O 147 78.95 -9.16 -14.08
CA PRO O 147 77.92 -10.17 -14.31
C PRO O 147 77.40 -10.24 -15.76
N HIS O 148 77.58 -9.18 -16.54
CA HIS O 148 77.04 -9.11 -17.92
C HIS O 148 78.07 -9.16 -19.06
N ALA O 149 79.29 -9.55 -18.71
CA ALA O 149 80.40 -9.70 -19.66
C ALA O 149 80.08 -10.68 -20.79
N HIS O 150 79.35 -11.72 -20.46
CA HIS O 150 79.04 -12.81 -21.38
C HIS O 150 77.99 -12.42 -22.41
N ARG O 151 77.31 -11.31 -22.20
CA ARG O 151 76.34 -10.82 -23.18
C ARG O 151 76.57 -9.34 -23.47
N PRO O 152 77.51 -9.05 -24.38
CA PRO O 152 77.81 -7.67 -24.76
C PRO O 152 76.62 -6.76 -25.14
N GLU O 153 75.47 -7.31 -25.52
CA GLU O 153 74.28 -6.47 -25.69
C GLU O 153 73.75 -5.97 -24.33
N HIS O 154 73.81 -6.83 -23.29
CA HIS O 154 73.49 -6.41 -21.90
C HIS O 154 74.53 -5.41 -21.45
N LEU O 155 75.79 -5.82 -21.57
CA LEU O 155 76.90 -5.01 -21.13
C LEU O 155 76.82 -3.59 -21.73
N GLU O 156 76.48 -3.50 -23.02
CA GLU O 156 76.18 -2.22 -23.68
C GLU O 156 75.26 -1.34 -22.83
N LEU O 157 74.05 -1.85 -22.63
CA LEU O 157 72.98 -1.16 -21.87
C LEU O 157 73.43 -0.67 -20.48
N VAL O 158 74.01 -1.59 -19.71
CA VAL O 158 74.42 -1.27 -18.35
C VAL O 158 75.56 -0.25 -18.32
N GLU O 159 76.52 -0.41 -19.26
CA GLU O 159 77.66 0.50 -19.34
C GLU O 159 77.16 1.92 -19.72
N THR O 160 76.40 2.02 -20.80
CA THR O 160 75.81 3.29 -21.18
C THR O 160 75.14 3.95 -19.96
N ALA O 161 74.24 3.22 -19.31
CA ALA O 161 73.54 3.74 -18.13
C ALA O 161 74.51 4.13 -16.99
N LEU O 162 75.59 3.36 -16.84
CA LEU O 162 76.67 3.75 -15.95
C LEU O 162 77.22 5.13 -16.32
N HIS O 163 77.37 5.37 -17.62
CA HIS O 163 78.02 6.59 -18.15
C HIS O 163 77.11 7.81 -18.05
N THR O 164 75.81 7.57 -17.97
CA THR O 164 74.79 8.59 -18.15
C THR O 164 74.38 9.19 -16.81
N PRO O 165 74.29 10.53 -16.73
CA PRO O 165 73.95 11.13 -15.44
C PRO O 165 72.56 10.68 -14.96
N SER O 166 72.46 10.30 -13.69
CA SER O 166 71.25 9.70 -13.16
C SER O 166 70.11 10.72 -13.14
N MET O 167 68.89 10.22 -12.91
CA MET O 167 67.72 11.07 -12.65
C MET O 167 68.02 12.15 -11.60
N TYR O 168 68.70 11.74 -10.54
CA TYR O 168 68.96 12.66 -9.45
C TYR O 168 69.98 13.70 -9.90
N ASP O 169 71.03 13.23 -10.57
CA ASP O 169 72.01 14.11 -11.22
C ASP O 169 71.32 15.25 -11.97
N GLU O 170 70.33 14.87 -12.79
CA GLU O 170 69.63 15.84 -13.64
C GLU O 170 68.75 16.79 -12.83
N ALA O 171 68.32 16.37 -11.64
CA ALA O 171 67.52 17.26 -10.81
C ALA O 171 68.43 18.28 -10.13
N ILE O 172 69.68 17.87 -9.86
CA ILE O 172 70.64 18.79 -9.25
C ILE O 172 71.03 19.83 -10.29
N ARG O 173 71.18 19.36 -11.53
CA ARG O 173 71.41 20.24 -12.66
C ARG O 173 70.23 21.20 -12.90
N LEU O 174 69.02 20.67 -12.80
CA LEU O 174 67.84 21.53 -12.92
C LEU O 174 67.85 22.63 -11.87
N MET O 175 68.28 22.29 -10.65
CA MET O 175 68.24 23.26 -9.57
C MET O 175 69.23 24.38 -9.80
N ALA O 176 70.40 24.02 -10.33
CA ALA O 176 71.44 25.02 -10.64
C ALA O 176 70.97 25.98 -11.72
N ARG O 177 70.39 25.42 -12.81
CA ARG O 177 69.67 26.20 -13.81
C ARG O 177 68.54 27.07 -13.24
N ARG O 178 68.02 26.77 -12.05
CA ARG O 178 66.96 27.63 -11.54
C ARG O 178 67.51 28.71 -10.63
N GLY O 179 68.83 28.77 -10.51
CA GLY O 179 69.44 29.82 -9.73
C GLY O 179 70.06 29.41 -8.41
N PHE O 180 69.96 28.14 -8.07
CA PHE O 180 70.52 27.67 -6.80
C PHE O 180 72.04 27.60 -6.91
N GLN O 181 72.72 27.99 -5.84
CA GLN O 181 74.18 27.92 -5.79
C GLN O 181 74.59 26.47 -5.56
N ILE O 182 74.89 25.76 -6.65
CA ILE O 182 75.28 24.37 -6.56
C ILE O 182 76.75 24.22 -6.98
N ASP O 183 77.55 23.61 -6.10
CA ASP O 183 78.94 23.33 -6.43
C ASP O 183 79.07 22.77 -7.84
N PRO O 184 80.00 23.32 -8.63
CA PRO O 184 80.23 22.84 -9.99
C PRO O 184 80.70 21.37 -10.07
N GLU O 185 81.35 20.86 -9.02
CA GLU O 185 81.84 19.47 -9.02
C GLU O 185 80.74 18.44 -8.75
N VAL O 186 79.51 18.86 -8.87
CA VAL O 186 78.38 17.98 -8.69
C VAL O 186 77.46 18.16 -9.89
N VAL O 187 77.53 19.35 -10.48
CA VAL O 187 76.80 19.68 -11.72
C VAL O 187 77.45 18.98 -12.90
N GLU O 188 78.74 18.74 -12.77
CA GLU O 188 79.52 18.01 -13.74
C GLU O 188 80.50 17.17 -12.94
N ARG O 189 80.62 15.90 -13.29
CA ARG O 189 81.49 15.01 -12.53
C ARG O 189 81.63 13.68 -13.26
N ASP O 190 82.40 12.76 -12.68
CA ASP O 190 82.36 11.43 -13.24
C ASP O 190 81.04 10.80 -12.88
N TRP O 191 80.34 10.35 -13.90
CA TRP O 191 79.00 9.86 -13.69
C TRP O 191 79.05 8.42 -13.18
N THR O 192 80.15 7.73 -13.43
CA THR O 192 80.20 6.32 -13.11
C THR O 192 80.26 6.11 -11.59
N GLN O 193 80.47 7.20 -10.87
CA GLN O 193 80.78 7.16 -9.45
C GLN O 193 79.50 7.33 -8.60
N PRO O 194 79.35 6.53 -7.54
CA PRO O 194 78.08 6.53 -6.78
C PRO O 194 77.77 7.89 -6.12
N THR O 195 76.53 8.35 -6.28
CA THR O 195 76.07 9.59 -5.65
C THR O 195 76.62 9.77 -4.23
N GLN O 196 77.23 10.91 -3.96
CA GLN O 196 77.73 11.17 -2.63
C GLN O 196 77.31 12.55 -2.15
N TYR O 197 76.89 12.59 -0.89
CA TYR O 197 76.28 13.78 -0.30
C TYR O 197 77.05 15.05 -0.58
N ASN O 198 76.35 16.08 -1.04
CA ASN O 198 76.94 17.40 -1.23
C ASN O 198 76.19 18.49 -0.43
N ALA O 199 76.93 19.25 0.37
CA ALA O 199 76.36 20.21 1.28
C ALA O 199 75.56 21.31 0.56
N SER O 200 76.04 21.72 -0.62
CA SER O 200 75.36 22.76 -1.39
C SER O 200 74.00 22.27 -1.89
N VAL O 201 73.94 21.01 -2.31
CA VAL O 201 72.69 20.41 -2.73
C VAL O 201 71.67 20.37 -1.59
N GLU O 202 72.07 19.95 -0.40
CA GLU O 202 71.11 19.98 0.70
C GLU O 202 70.60 21.40 1.04
N ALA O 203 71.47 22.41 0.96
CA ALA O 203 71.03 23.78 1.24
C ALA O 203 70.00 24.20 0.22
N ALA O 204 70.22 23.78 -1.03
CA ALA O 204 69.23 23.99 -2.10
C ALA O 204 67.86 23.42 -1.67
N TRP O 205 67.83 22.11 -1.45
CA TRP O 205 66.62 21.45 -0.98
C TRP O 205 66.04 22.13 0.26
N LEU O 206 66.90 22.50 1.20
CA LEU O 206 66.43 23.15 2.44
C LEU O 206 65.67 24.41 2.12
N GLU O 207 66.24 25.21 1.23
CA GLU O 207 65.60 26.43 0.77
C GLU O 207 64.23 26.12 0.20
N VAL O 208 64.15 25.01 -0.55
CA VAL O 208 62.88 24.59 -1.16
C VAL O 208 61.86 24.11 -0.11
N TYR O 209 62.29 23.28 0.83
CA TYR O 209 61.35 22.76 1.82
C TYR O 209 60.94 23.81 2.85
N ARG O 210 61.79 24.82 3.02
CA ARG O 210 61.50 25.91 3.96
C ARG O 210 60.56 26.92 3.30
N ASN O 211 60.59 26.97 1.97
CA ASN O 211 59.71 27.87 1.23
C ASN O 211 58.97 27.12 0.11
N PRO O 212 58.02 26.24 0.48
CA PRO O 212 57.41 25.36 -0.53
C PRO O 212 56.54 26.10 -1.54
N SER O 213 55.83 27.15 -1.11
CA SER O 213 55.03 27.94 -2.05
C SER O 213 55.89 28.62 -3.12
N ALA O 214 57.12 29.00 -2.76
CA ALA O 214 58.04 29.68 -3.69
C ALA O 214 58.67 28.73 -4.69
N HIS O 215 58.75 27.45 -4.31
CA HIS O 215 59.32 26.44 -5.19
C HIS O 215 58.48 25.18 -5.21
N TRP O 216 57.21 25.29 -5.55
CA TRP O 216 56.30 24.16 -5.42
C TRP O 216 56.72 22.96 -6.28
N GLU O 217 57.09 23.22 -7.53
CA GLU O 217 57.51 22.13 -8.39
C GLU O 217 58.71 21.35 -7.84
N LEU O 218 59.70 22.03 -7.26
CA LEU O 218 60.86 21.33 -6.69
C LEU O 218 60.49 20.61 -5.39
N TYR O 219 59.58 21.20 -4.63
CA TYR O 219 59.02 20.58 -3.44
C TYR O 219 58.43 19.22 -3.82
N GLU O 220 57.54 19.26 -4.80
CA GLU O 220 56.89 18.07 -5.27
C GLU O 220 57.91 17.11 -5.90
N LEU O 221 58.86 17.65 -6.65
CA LEU O 221 59.93 16.83 -7.24
C LEU O 221 60.73 16.08 -6.18
N GLY O 222 61.12 16.82 -5.13
CA GLY O 222 61.78 16.23 -3.97
C GLY O 222 60.99 15.07 -3.38
N GLU O 223 59.70 15.29 -3.11
CA GLU O 223 58.88 14.24 -2.49
C GLU O 223 58.69 13.03 -3.39
N LYS O 224 58.70 13.24 -4.70
CA LYS O 224 58.60 12.10 -5.59
C LYS O 224 59.88 11.30 -5.58
N PHE O 225 61.02 11.95 -5.41
CA PHE O 225 62.28 11.22 -5.23
C PHE O 225 62.26 10.37 -3.95
N VAL O 226 61.83 10.98 -2.84
CA VAL O 226 61.71 10.28 -1.56
C VAL O 226 60.75 9.08 -1.66
N ASP O 227 59.59 9.30 -2.26
CA ASP O 227 58.60 8.26 -2.54
C ASP O 227 59.23 7.06 -3.20
N LEU O 228 59.97 7.35 -4.26
CA LEU O 228 60.59 6.35 -5.10
C LEU O 228 61.61 5.57 -4.30
N GLU O 229 62.44 6.28 -3.51
CA GLU O 229 63.41 5.61 -2.67
C GLU O 229 62.71 4.78 -1.59
N ASP O 230 61.73 5.37 -0.93
CA ASP O 230 60.94 4.68 0.06
C ASP O 230 60.42 3.36 -0.54
N ALA O 231 59.78 3.43 -1.70
CA ALA O 231 59.17 2.25 -2.29
C ALA O 231 60.20 1.19 -2.63
N PHE O 232 61.33 1.64 -3.16
CA PHE O 232 62.43 0.77 -3.53
C PHE O 232 63.06 0.13 -2.27
N ARG O 233 63.18 0.88 -1.16
CA ARG O 233 63.58 0.24 0.11
C ARG O 233 62.59 -0.87 0.52
N GLN O 234 61.28 -0.64 0.32
CA GLN O 234 60.30 -1.66 0.69
C GLN O 234 60.51 -2.91 -0.15
N TRP O 235 60.85 -2.75 -1.43
CA TRP O 235 61.06 -3.92 -2.29
C TRP O 235 62.28 -4.66 -1.82
N ARG O 236 63.30 -3.90 -1.42
CA ARG O 236 64.52 -4.50 -0.89
C ARG O 236 64.19 -5.30 0.35
N PHE O 237 63.43 -4.68 1.24
CA PHE O 237 63.12 -5.35 2.50
C PHE O 237 62.28 -6.62 2.26
N ARG O 238 61.28 -6.48 1.40
CA ARG O 238 60.41 -7.60 1.06
C ARG O 238 61.21 -8.69 0.40
N HIS O 239 62.13 -8.31 -0.49
CA HIS O 239 63.03 -9.26 -1.13
C HIS O 239 63.78 -10.11 -0.10
N VAL O 240 64.60 -9.44 0.72
CA VAL O 240 65.42 -10.10 1.74
C VAL O 240 64.62 -11.02 2.62
N THR O 241 63.49 -10.53 3.12
CA THR O 241 62.68 -11.26 4.09
C THR O 241 61.99 -12.46 3.46
N THR O 242 61.66 -12.34 2.18
CA THR O 242 60.99 -13.42 1.49
C THR O 242 62.04 -14.46 1.17
N VAL O 243 63.23 -14.02 0.73
CA VAL O 243 64.37 -14.91 0.53
C VAL O 243 64.64 -15.69 1.84
N GLU O 244 64.86 -14.95 2.94
CA GLU O 244 65.11 -15.55 4.25
C GLU O 244 64.08 -16.61 4.66
N ARG O 245 62.79 -16.37 4.46
CA ARG O 245 61.78 -17.34 4.88
C ARG O 245 61.75 -18.54 3.94
N VAL O 246 62.42 -18.43 2.80
CA VAL O 246 62.46 -19.55 1.87
C VAL O 246 63.74 -20.35 2.00
N ILE O 247 64.90 -19.68 2.07
CA ILE O 247 66.21 -20.37 2.20
C ILE O 247 67.00 -20.17 3.52
N GLY O 248 66.61 -19.22 4.37
CA GLY O 248 67.29 -18.99 5.67
C GLY O 248 68.46 -18.00 5.68
N PHE O 249 68.86 -17.58 6.89
CA PHE O 249 69.95 -16.59 7.06
C PHE O 249 71.34 -17.25 7.11
N LYS O 250 72.12 -17.04 6.05
CA LYS O 250 73.51 -17.51 5.98
C LYS O 250 74.48 -16.37 6.33
N GLY O 255 79.94 -11.36 4.71
CA GLY O 255 78.78 -10.49 4.45
C GLY O 255 78.74 -9.99 3.01
N THR O 256 79.36 -10.76 2.11
CA THR O 256 79.61 -10.30 0.76
C THR O 256 78.63 -10.85 -0.30
N GLU O 257 77.85 -11.87 0.08
CA GLU O 257 76.80 -12.40 -0.80
C GLU O 257 75.71 -13.04 0.05
N GLY O 258 74.61 -13.47 -0.59
CA GLY O 258 73.55 -14.20 0.10
C GLY O 258 72.61 -13.28 0.87
N VAL O 259 71.89 -13.85 1.84
CA VAL O 259 70.99 -13.04 2.67
C VAL O 259 71.76 -11.89 3.35
N SER O 260 73.02 -12.17 3.70
CA SER O 260 73.92 -11.17 4.29
C SER O 260 74.17 -9.97 3.35
N TYR O 261 74.35 -10.25 2.05
CA TYR O 261 74.49 -9.18 1.04
C TYR O 261 73.18 -8.39 0.90
N LEU O 262 72.07 -9.12 0.82
CA LEU O 262 70.75 -8.51 0.68
C LEU O 262 70.42 -7.60 1.87
N ARG O 263 70.87 -8.00 3.07
CA ARG O 263 70.71 -7.17 4.25
C ARG O 263 71.50 -5.86 4.12
N ARG O 264 72.73 -5.92 3.59
CA ARG O 264 73.55 -4.69 3.44
C ARG O 264 72.88 -3.73 2.48
N MET O 265 72.22 -4.27 1.45
CA MET O 265 71.52 -3.48 0.43
C MET O 265 70.45 -2.58 1.05
N LEU O 266 70.02 -2.92 2.26
CA LEU O 266 69.06 -2.09 2.98
C LEU O 266 69.67 -0.79 3.51
N ASP O 267 70.96 -0.81 3.75
CA ASP O 267 71.66 0.35 4.26
C ASP O 267 72.01 1.36 3.14
N VAL O 268 71.47 1.14 1.93
CA VAL O 268 71.69 2.00 0.74
C VAL O 268 70.95 3.33 0.85
N VAL O 269 71.50 4.36 0.24
CA VAL O 269 70.86 5.67 0.15
C VAL O 269 70.98 6.21 -1.27
N LEU O 270 69.88 6.69 -1.82
CA LEU O 270 69.91 7.12 -3.20
C LEU O 270 70.03 8.62 -3.26
N PHE O 271 69.21 9.27 -2.43
CA PHE O 271 69.09 10.72 -2.46
C PHE O 271 69.39 11.28 -1.09
N PRO O 272 70.69 11.28 -0.75
CA PRO O 272 71.18 11.49 0.61
C PRO O 272 70.74 12.81 1.20
N GLU O 273 70.88 13.89 0.44
CA GLU O 273 70.55 15.20 0.97
C GLU O 273 69.06 15.37 1.21
N LEU O 274 68.24 14.58 0.52
CA LEU O 274 66.80 14.65 0.70
C LEU O 274 66.37 13.97 2.02
N TRP O 275 67.09 12.94 2.41
CA TRP O 275 66.86 12.32 3.72
C TRP O 275 67.48 13.13 4.85
N LYS O 276 68.72 13.56 4.67
CA LYS O 276 69.43 14.36 5.70
C LYS O 276 68.74 15.69 6.05
N LEU O 277 68.25 16.40 5.05
CA LEU O 277 67.56 17.67 5.25
C LEU O 277 66.44 17.60 6.30
N ARG O 278 65.92 16.40 6.54
CA ARG O 278 64.81 16.22 7.50
C ARG O 278 65.18 16.63 8.91
N THR O 279 66.43 16.38 9.27
CA THR O 279 66.92 16.61 10.65
C THR O 279 67.31 18.08 10.85
N ASP O 280 67.72 18.71 9.75
CA ASP O 280 68.22 20.08 9.76
C ASP O 280 67.12 21.06 9.44
N LEU O 281 65.92 20.55 9.15
CA LEU O 281 64.81 21.42 8.76
C LEU O 281 64.73 22.57 9.75
N MET P 23 73.68 -22.96 -15.74
CA MET P 23 72.73 -22.04 -16.45
C MET P 23 72.79 -20.59 -15.98
N SER P 24 72.40 -19.69 -16.87
CA SER P 24 72.34 -18.25 -16.61
C SER P 24 70.90 -17.78 -16.27
N TYR P 25 70.81 -16.73 -15.42
CA TYR P 25 69.55 -16.09 -14.99
C TYR P 25 68.61 -15.87 -16.15
N GLY P 26 69.03 -15.03 -17.08
CA GLY P 26 68.24 -14.77 -18.28
C GLY P 26 67.85 -16.03 -19.03
N ASP P 27 68.77 -17.00 -19.08
CA ASP P 27 68.51 -18.26 -19.81
C ASP P 27 67.41 -19.06 -19.14
N TYR P 28 67.56 -19.33 -17.85
CA TYR P 28 66.57 -20.08 -17.08
C TYR P 28 65.20 -19.44 -17.20
N LEU P 29 65.18 -18.10 -17.19
CA LEU P 29 63.95 -17.32 -17.18
C LEU P 29 63.44 -16.92 -18.56
N GLY P 30 64.15 -17.33 -19.61
CA GLY P 30 63.68 -17.04 -20.96
C GLY P 30 63.54 -15.55 -21.25
N LEU P 31 64.45 -14.74 -20.70
CA LEU P 31 64.31 -13.30 -20.77
C LEU P 31 64.53 -12.72 -22.15
N ASP P 32 65.22 -13.48 -23.01
CA ASP P 32 65.40 -13.10 -24.40
C ASP P 32 64.06 -13.04 -25.10
N GLN P 33 63.16 -14.00 -24.81
CA GLN P 33 61.83 -13.95 -25.42
C GLN P 33 60.94 -12.95 -24.68
N ILE P 34 60.82 -13.10 -23.36
CA ILE P 34 60.03 -12.20 -22.54
C ILE P 34 60.30 -10.74 -22.89
N LEU P 35 61.57 -10.40 -22.99
CA LEU P 35 61.97 -9.00 -23.03
C LEU P 35 62.13 -8.45 -24.45
N SER P 36 61.61 -9.19 -25.43
CA SER P 36 61.52 -8.69 -26.81
C SER P 36 60.17 -9.01 -27.42
N ALA P 37 59.16 -9.17 -26.59
CA ALA P 37 57.80 -9.39 -27.08
C ALA P 37 57.00 -8.07 -27.12
N GLN P 38 57.71 -6.95 -26.98
CA GLN P 38 57.05 -5.65 -26.89
C GLN P 38 57.27 -4.87 -28.17
N HIS P 39 56.18 -4.63 -28.89
CA HIS P 39 56.23 -4.04 -30.23
C HIS P 39 55.17 -2.99 -30.40
N PRO P 40 55.38 -1.80 -29.79
CA PRO P 40 54.33 -0.81 -29.87
C PRO P 40 54.15 -0.53 -31.34
N LEU P 41 52.91 -0.33 -31.74
CA LEU P 41 52.65 0.04 -33.12
C LEU P 41 52.79 1.56 -33.30
N SER P 42 52.14 2.34 -32.42
CA SER P 42 52.20 3.80 -32.47
C SER P 42 53.51 4.38 -31.94
N PRO P 43 53.78 5.65 -32.25
CA PRO P 43 54.92 6.35 -31.65
C PRO P 43 54.57 6.89 -30.27
N ASP P 44 53.38 6.57 -29.75
CA ASP P 44 53.02 7.09 -28.44
C ASP P 44 53.82 6.46 -27.30
N HIS P 45 54.24 7.32 -26.37
CA HIS P 45 55.03 6.92 -25.20
C HIS P 45 54.28 5.94 -24.31
N ASN P 46 52.94 5.99 -24.39
CA ASN P 46 52.05 5.25 -23.49
C ASN P 46 51.64 3.87 -23.97
N GLU P 47 52.23 3.38 -25.04
CA GLU P 47 51.79 2.12 -25.54
C GLU P 47 52.52 1.01 -24.86
N MET P 48 53.70 1.30 -24.32
CA MET P 48 54.42 0.27 -23.56
C MET P 48 53.56 -0.12 -22.35
N LEU P 49 52.94 0.87 -21.71
CA LEU P 49 52.04 0.58 -20.60
C LEU P 49 50.91 -0.36 -21.03
N PHE P 50 50.27 -0.02 -22.15
CA PHE P 50 49.21 -0.84 -22.70
C PHE P 50 49.60 -2.32 -22.88
N ILE P 51 50.79 -2.52 -23.45
CA ILE P 51 51.29 -3.84 -23.76
C ILE P 51 51.71 -4.62 -22.49
N VAL P 52 52.59 -4.01 -21.69
CA VAL P 52 53.15 -4.66 -20.51
C VAL P 52 52.09 -5.00 -19.46
N GLN P 53 51.09 -4.14 -19.32
CA GLN P 53 50.01 -4.49 -18.40
C GLN P 53 49.29 -5.77 -18.87
N HIS P 54 49.11 -5.93 -20.17
CA HIS P 54 48.43 -7.08 -20.72
C HIS P 54 49.29 -8.33 -20.49
N GLN P 55 50.58 -8.23 -20.82
CA GLN P 55 51.52 -9.35 -20.72
C GLN P 55 51.72 -9.85 -19.29
N THR P 56 51.87 -8.94 -18.35
CA THR P 56 52.09 -9.34 -16.97
C THR P 56 50.85 -10.06 -16.46
N THR P 57 49.68 -9.54 -16.82
CA THR P 57 48.45 -10.23 -16.51
C THR P 57 48.33 -11.61 -17.13
N GLU P 58 48.65 -11.73 -18.41
CA GLU P 58 48.67 -13.03 -19.09
C GLU P 58 49.59 -14.04 -18.36
N LEU P 59 50.80 -13.59 -18.01
CA LEU P 59 51.74 -14.43 -17.28
C LEU P 59 51.15 -14.88 -15.96
N TRP P 60 50.75 -13.95 -15.11
CA TRP P 60 50.05 -14.35 -13.89
C TRP P 60 48.93 -15.34 -14.16
N MET P 61 48.29 -15.25 -15.31
CA MET P 61 47.12 -16.09 -15.59
C MET P 61 47.58 -17.51 -15.92
N LYS P 62 48.74 -17.62 -16.56
CA LYS P 62 49.36 -18.91 -16.74
C LYS P 62 49.60 -19.59 -15.38
N LEU P 63 50.15 -18.83 -14.42
CA LEU P 63 50.39 -19.40 -13.09
C LEU P 63 49.09 -19.79 -12.44
N MET P 64 48.07 -18.97 -12.64
CA MET P 64 46.77 -19.18 -12.04
C MET P 64 46.08 -20.43 -12.56
N LEU P 65 46.19 -20.69 -13.87
CA LEU P 65 45.70 -21.94 -14.49
C LEU P 65 46.44 -23.14 -13.87
N HIS P 66 47.76 -23.08 -13.94
CA HIS P 66 48.63 -24.06 -13.29
C HIS P 66 48.08 -24.39 -11.93
N GLU P 67 47.83 -23.38 -11.11
CA GLU P 67 47.43 -23.69 -9.72
C GLU P 67 45.97 -24.12 -9.64
N LEU P 68 45.14 -23.61 -10.55
CA LEU P 68 43.72 -23.90 -10.46
C LEU P 68 43.49 -25.36 -10.78
N ARG P 69 44.18 -25.81 -11.83
CA ARG P 69 44.15 -27.15 -12.33
C ARG P 69 44.58 -28.15 -11.27
N ALA P 70 45.65 -27.82 -10.56
CA ALA P 70 46.14 -28.73 -9.56
C ALA P 70 45.22 -28.78 -8.34
N ALA P 71 44.62 -27.64 -8.02
CA ALA P 71 43.66 -27.58 -6.91
C ALA P 71 42.40 -28.37 -7.27
N ARG P 72 42.05 -28.38 -8.55
CA ARG P 72 40.94 -29.21 -8.98
C ARG P 72 41.30 -30.71 -8.86
N ASP P 73 42.53 -31.05 -9.18
CA ASP P 73 42.98 -32.44 -9.03
C ASP P 73 42.97 -32.85 -7.58
N GLY P 74 43.22 -31.89 -6.70
CA GLY P 74 43.19 -32.16 -5.27
C GLY P 74 41.76 -32.34 -4.84
N VAL P 75 40.86 -31.51 -5.36
CA VAL P 75 39.44 -31.67 -5.04
C VAL P 75 39.00 -33.10 -5.48
N LYS P 76 39.31 -33.47 -6.71
CA LYS P 76 38.79 -34.72 -7.25
C LYS P 76 39.43 -36.03 -6.68
N SER P 77 40.59 -35.91 -6.06
CA SER P 77 41.21 -37.02 -5.35
C SER P 77 41.03 -36.85 -3.84
N ASP P 78 40.18 -35.91 -3.47
CA ASP P 78 39.81 -35.72 -2.07
C ASP P 78 41.02 -35.41 -1.18
N GLN P 79 42.00 -34.76 -1.80
CA GLN P 79 43.17 -34.18 -1.11
C GLN P 79 42.98 -32.68 -0.90
N LEU P 80 42.15 -32.33 0.07
CA LEU P 80 41.71 -30.96 0.21
C LEU P 80 42.77 -30.00 0.76
N GLN P 81 43.61 -30.51 1.66
CA GLN P 81 44.45 -29.62 2.41
C GLN P 81 45.55 -28.98 1.55
N PRO P 82 46.16 -29.75 0.63
CA PRO P 82 46.98 -29.17 -0.42
C PRO P 82 46.22 -28.25 -1.35
N ALA P 83 45.00 -28.62 -1.66
CA ALA P 83 44.22 -27.87 -2.60
C ALA P 83 43.87 -26.49 -2.00
N PHE P 84 43.60 -26.45 -0.70
CA PHE P 84 43.38 -25.21 0.00
C PHE P 84 44.63 -24.34 -0.14
N LYS P 85 45.81 -24.94 -0.01
CA LYS P 85 47.07 -24.21 -0.07
C LYS P 85 47.16 -23.51 -1.41
N MET P 86 46.71 -24.22 -2.44
CA MET P 86 46.83 -23.75 -3.82
C MET P 86 45.86 -22.64 -4.16
N LEU P 87 44.66 -22.71 -3.60
CA LEU P 87 43.69 -21.64 -3.76
C LEU P 87 44.14 -20.41 -2.98
N ALA P 88 44.86 -20.64 -1.89
CA ALA P 88 45.35 -19.52 -1.12
C ALA P 88 46.35 -18.78 -1.97
N ARG P 89 47.14 -19.51 -2.77
CA ARG P 89 48.11 -18.90 -3.68
C ARG P 89 47.36 -18.21 -4.78
N VAL P 90 46.28 -18.83 -5.26
CA VAL P 90 45.46 -18.20 -6.27
C VAL P 90 44.95 -16.83 -5.79
N SER P 91 44.40 -16.77 -4.59
CA SER P 91 43.95 -15.52 -3.97
C SER P 91 45.05 -14.46 -4.01
N ARG P 92 46.27 -14.84 -3.65
CA ARG P 92 47.39 -13.86 -3.66
C ARG P 92 47.70 -13.37 -5.05
N ILE P 93 47.59 -14.25 -6.06
CA ILE P 93 47.73 -13.86 -7.48
C ILE P 93 46.60 -12.94 -7.87
N MET P 94 45.37 -13.26 -7.46
CA MET P 94 44.23 -12.42 -7.78
C MET P 94 44.32 -11.00 -7.14
N ASP P 95 44.88 -10.93 -5.94
CA ASP P 95 45.19 -9.67 -5.30
C ASP P 95 46.09 -8.79 -6.18
N GLN P 96 47.15 -9.37 -6.76
CA GLN P 96 47.99 -8.64 -7.71
C GLN P 96 47.21 -8.21 -8.91
N LEU P 97 46.42 -9.12 -9.45
CA LEU P 97 45.70 -8.79 -10.67
C LEU P 97 44.70 -7.66 -10.46
N VAL P 98 44.02 -7.67 -9.30
CA VAL P 98 42.99 -6.66 -9.04
C VAL P 98 43.63 -5.33 -8.83
N GLN P 99 44.73 -5.32 -8.07
CA GLN P 99 45.48 -4.08 -7.82
C GLN P 99 46.15 -3.50 -9.05
N ALA P 100 46.54 -4.34 -10.01
CA ALA P 100 47.28 -3.88 -11.18
C ALA P 100 46.57 -2.79 -11.95
N TRP P 101 45.24 -2.82 -11.92
CA TRP P 101 44.46 -1.78 -12.59
C TRP P 101 44.89 -0.34 -12.20
N ASN P 102 45.53 -0.16 -11.04
CA ASN P 102 45.91 1.14 -10.58
C ASN P 102 46.98 1.70 -11.49
N VAL P 103 47.79 0.83 -12.09
CA VAL P 103 48.78 1.27 -13.06
C VAL P 103 48.10 1.78 -14.30
N LEU P 104 47.20 0.97 -14.85
CA LEU P 104 46.60 1.30 -16.11
C LEU P 104 45.74 2.53 -15.97
N ALA P 105 45.29 2.79 -14.74
CA ALA P 105 44.45 3.98 -14.43
C ALA P 105 45.19 5.28 -14.61
N THR P 106 46.50 5.21 -14.80
CA THR P 106 47.28 6.39 -15.01
C THR P 106 47.28 6.75 -16.49
N MET P 107 46.58 5.97 -17.30
CA MET P 107 46.41 6.28 -18.72
C MET P 107 45.21 7.17 -18.93
N THR P 108 45.44 8.30 -19.59
CA THR P 108 44.37 9.25 -19.85
C THR P 108 43.80 9.06 -21.26
N PRO P 109 42.54 9.51 -21.49
CA PRO P 109 41.94 9.43 -22.83
C PRO P 109 42.82 9.99 -23.98
N PRO P 110 43.44 11.19 -23.82
CA PRO P 110 44.29 11.69 -24.89
C PRO P 110 45.42 10.74 -25.23
N GLU P 111 46.05 10.21 -24.20
CA GLU P 111 47.12 9.25 -24.34
C GLU P 111 46.67 7.99 -25.10
N TYR P 112 45.50 7.46 -24.76
CA TYR P 112 44.99 6.31 -25.48
C TYR P 112 44.59 6.67 -26.92
N SER P 113 43.93 7.82 -27.06
CA SER P 113 43.52 8.37 -28.35
C SER P 113 44.69 8.47 -29.38
N ALA P 114 45.88 8.85 -28.92
CA ALA P 114 47.05 8.92 -29.78
C ALA P 114 47.50 7.56 -30.32
N MET P 115 47.23 6.49 -29.59
CA MET P 115 47.69 5.18 -30.03
C MET P 115 46.60 4.38 -30.74
N ARG P 116 45.35 4.65 -30.40
CA ARG P 116 44.19 3.86 -30.86
C ARG P 116 44.09 3.57 -32.37
N PRO P 117 44.37 4.58 -33.23
CA PRO P 117 44.38 4.32 -34.67
C PRO P 117 45.33 3.21 -35.14
N TYR P 118 46.38 2.89 -34.38
CA TYR P 118 47.33 1.87 -34.84
C TYR P 118 47.05 0.48 -34.25
N LEU P 119 45.94 0.35 -33.52
CA LEU P 119 45.68 -0.83 -32.66
C LEU P 119 44.86 -1.95 -33.31
N GLY P 120 43.56 -1.73 -33.44
CA GLY P 120 42.71 -2.74 -34.05
C GLY P 120 41.57 -3.26 -33.19
N ALA P 121 40.93 -4.33 -33.67
CA ALA P 121 39.75 -4.87 -33.00
C ALA P 121 40.09 -5.61 -31.70
N SER P 122 41.28 -6.22 -31.69
CA SER P 122 41.67 -7.18 -30.66
C SER P 122 41.40 -6.76 -29.21
N SER P 123 40.79 -7.67 -28.46
CA SER P 123 40.58 -7.51 -27.02
C SER P 123 40.84 -8.83 -26.34
N GLY P 124 40.95 -8.78 -25.02
CA GLY P 124 41.16 -9.97 -24.23
C GLY P 124 40.10 -11.00 -24.55
N PHE P 125 39.02 -10.53 -25.18
CA PHE P 125 38.02 -11.45 -25.72
C PHE P 125 38.67 -12.67 -26.40
N GLN P 126 39.85 -12.45 -26.98
CA GLN P 126 40.66 -13.45 -27.66
C GLN P 126 41.68 -14.17 -26.77
N SER P 127 41.88 -13.70 -25.54
CA SER P 127 42.71 -14.41 -24.58
C SER P 127 42.16 -15.82 -24.29
N TYR P 128 42.83 -16.85 -24.81
CA TYR P 128 42.42 -18.25 -24.57
C TYR P 128 42.67 -18.66 -23.11
N GLN P 129 43.71 -18.11 -22.50
CA GLN P 129 43.91 -18.27 -21.06
C GLN P 129 42.75 -17.74 -20.21
N TYR P 130 42.28 -16.54 -20.50
CA TYR P 130 41.23 -16.01 -19.67
C TYR P 130 40.03 -16.93 -19.80
N ARG P 131 39.80 -17.41 -21.03
CA ARG P 131 38.67 -18.27 -21.34
C ARG P 131 38.73 -19.65 -20.63
N GLU P 132 39.90 -20.28 -20.57
CA GLU P 132 40.02 -21.52 -19.80
C GLU P 132 39.81 -21.25 -18.32
N ILE P 133 40.21 -20.07 -17.86
CA ILE P 133 39.94 -19.71 -16.45
C ILE P 133 38.43 -19.65 -16.15
N GLU P 134 37.70 -18.96 -17.01
CA GLU P 134 36.24 -18.87 -16.90
C GLU P 134 35.67 -20.28 -16.94
N PHE P 135 36.18 -21.11 -17.84
CA PHE P 135 35.71 -22.48 -18.01
C PHE P 135 35.92 -23.34 -16.77
N ILE P 136 37.15 -23.39 -16.28
CA ILE P 136 37.48 -24.05 -15.03
C ILE P 136 36.66 -23.53 -13.85
N LEU P 137 36.17 -22.30 -13.97
CA LEU P 137 35.36 -21.77 -12.90
C LEU P 137 33.92 -22.08 -13.16
N GLY P 138 33.66 -22.70 -14.32
CA GLY P 138 32.33 -23.22 -14.65
C GLY P 138 31.46 -22.29 -15.49
N ASN P 139 32.05 -21.14 -15.86
CA ASN P 139 31.39 -20.19 -16.75
C ASN P 139 31.48 -20.73 -18.16
N LYS P 140 30.79 -21.84 -18.40
CA LYS P 140 30.93 -22.55 -19.67
C LYS P 140 30.12 -21.93 -20.80
N ASN P 141 30.72 -21.83 -21.98
CA ASN P 141 30.06 -21.12 -23.08
C ASN P 141 30.64 -21.50 -24.42
N ALA P 142 29.93 -22.33 -25.18
CA ALA P 142 30.42 -22.87 -26.43
C ALA P 142 30.78 -21.79 -27.42
N ALA P 143 30.00 -20.70 -27.42
CA ALA P 143 30.22 -19.59 -28.38
C ALA P 143 31.60 -18.97 -28.22
N MET P 144 32.23 -19.27 -27.08
CA MET P 144 33.51 -18.68 -26.75
C MET P 144 34.72 -19.34 -27.42
N LEU P 145 34.48 -20.43 -28.17
CA LEU P 145 35.55 -21.09 -28.95
C LEU P 145 35.78 -20.35 -30.24
N ARG P 146 34.72 -19.68 -30.71
CA ARG P 146 34.73 -19.06 -32.03
C ARG P 146 35.97 -18.20 -32.28
N PRO P 147 36.31 -17.30 -31.34
CA PRO P 147 37.50 -16.43 -31.47
C PRO P 147 38.85 -17.16 -31.61
N HIS P 148 38.84 -18.46 -31.33
CA HIS P 148 40.08 -19.23 -31.28
C HIS P 148 40.23 -20.22 -32.43
N ALA P 149 39.37 -20.08 -33.44
CA ALA P 149 39.30 -21.05 -34.51
C ALA P 149 40.52 -20.93 -35.43
N HIS P 150 41.04 -19.72 -35.58
CA HIS P 150 42.22 -19.46 -36.41
C HIS P 150 43.53 -20.06 -35.82
N ARG P 151 43.49 -20.47 -34.55
CA ARG P 151 44.66 -21.10 -33.93
C ARG P 151 44.32 -22.43 -33.27
N PRO P 152 44.46 -23.53 -34.03
CA PRO P 152 44.08 -24.90 -33.66
C PRO P 152 44.61 -25.33 -32.30
N GLU P 153 45.83 -24.90 -31.99
CA GLU P 153 46.42 -25.15 -30.68
C GLU P 153 45.60 -24.51 -29.56
N HIS P 154 45.27 -23.22 -29.71
CA HIS P 154 44.40 -22.51 -28.77
C HIS P 154 43.02 -23.13 -28.66
N LEU P 155 42.41 -23.35 -29.82
CA LEU P 155 41.07 -23.97 -29.91
C LEU P 155 41.01 -25.30 -29.15
N GLU P 156 42.01 -26.14 -29.36
CA GLU P 156 41.97 -27.43 -28.69
C GLU P 156 42.06 -27.31 -27.14
N LEU P 157 42.95 -26.45 -26.64
CA LEU P 157 43.01 -26.12 -25.19
C LEU P 157 41.65 -25.68 -24.64
N VAL P 158 40.99 -24.80 -25.36
CA VAL P 158 39.73 -24.24 -24.88
C VAL P 158 38.53 -25.20 -25.05
N GLU P 159 38.48 -25.92 -26.16
CA GLU P 159 37.47 -26.97 -26.35
C GLU P 159 37.64 -28.08 -25.30
N THR P 160 38.87 -28.47 -25.00
CA THR P 160 39.05 -29.47 -23.96
C THR P 160 38.51 -28.94 -22.64
N ALA P 161 38.88 -27.70 -22.33
CA ALA P 161 38.46 -26.98 -21.13
C ALA P 161 36.95 -26.96 -21.00
N LEU P 162 36.30 -26.74 -22.13
CA LEU P 162 34.83 -26.72 -22.20
C LEU P 162 34.25 -28.02 -21.74
N HIS P 163 34.91 -29.10 -22.14
CA HIS P 163 34.41 -30.46 -21.92
C HIS P 163 34.79 -31.04 -20.57
N THR P 164 35.79 -30.44 -19.92
CA THR P 164 36.23 -30.88 -18.58
C THR P 164 35.32 -30.34 -17.48
N PRO P 165 34.94 -31.20 -16.50
CA PRO P 165 34.11 -30.67 -15.42
C PRO P 165 34.84 -29.55 -14.66
N SER P 166 34.09 -28.57 -14.19
CA SER P 166 34.68 -27.37 -13.65
C SER P 166 35.14 -27.70 -12.25
N MET P 167 35.93 -26.81 -11.67
CA MET P 167 36.35 -27.01 -10.32
C MET P 167 35.12 -26.97 -9.39
N TYR P 168 34.07 -26.24 -9.78
CA TYR P 168 32.85 -26.27 -8.97
C TYR P 168 32.11 -27.61 -9.10
N ASP P 169 32.04 -28.14 -10.31
CA ASP P 169 31.57 -29.49 -10.61
C ASP P 169 32.20 -30.57 -9.71
N GLU P 170 33.53 -30.53 -9.62
CA GLU P 170 34.28 -31.41 -8.75
C GLU P 170 33.97 -31.29 -7.27
N ALA P 171 33.55 -30.13 -6.83
CA ALA P 171 33.26 -29.97 -5.42
C ALA P 171 31.86 -30.49 -5.14
N ILE P 172 31.00 -30.40 -6.15
CA ILE P 172 29.67 -30.94 -6.05
C ILE P 172 29.78 -32.48 -5.99
N ARG P 173 30.59 -33.06 -6.88
CA ARG P 173 30.80 -34.49 -6.87
C ARG P 173 31.39 -34.91 -5.55
N LEU P 174 32.30 -34.11 -5.02
CA LEU P 174 32.93 -34.38 -3.73
C LEU P 174 31.92 -34.39 -2.58
N MET P 175 30.94 -33.51 -2.64
CA MET P 175 29.93 -33.46 -1.60
C MET P 175 29.04 -34.72 -1.67
N ALA P 176 28.92 -35.27 -2.86
CA ALA P 176 28.18 -36.50 -3.02
C ALA P 176 28.98 -37.66 -2.41
N ARG P 177 30.26 -37.75 -2.76
CA ARG P 177 31.18 -38.71 -2.14
C ARG P 177 31.22 -38.57 -0.65
N ARG P 178 30.67 -37.49 -0.12
CA ARG P 178 30.70 -37.29 1.32
C ARG P 178 29.34 -37.53 1.93
N GLY P 179 28.38 -37.91 1.11
CA GLY P 179 27.14 -38.46 1.64
C GLY P 179 25.93 -37.57 1.46
N PHE P 180 26.14 -36.40 0.84
CA PHE P 180 25.04 -35.50 0.58
C PHE P 180 24.27 -35.96 -0.64
N GLN P 181 22.96 -36.00 -0.53
CA GLN P 181 22.16 -36.49 -1.63
C GLN P 181 21.95 -35.44 -2.70
N ILE P 182 22.87 -35.42 -3.64
CA ILE P 182 22.87 -34.49 -4.73
C ILE P 182 22.23 -35.18 -5.92
N ASP P 183 21.28 -34.52 -6.58
CA ASP P 183 20.70 -35.07 -7.80
C ASP P 183 21.79 -35.60 -8.71
N PRO P 184 21.64 -36.85 -9.16
CA PRO P 184 22.59 -37.39 -10.11
C PRO P 184 22.65 -36.64 -11.45
N GLU P 185 21.67 -35.80 -11.76
CA GLU P 185 21.79 -35.05 -13.04
C GLU P 185 22.76 -33.85 -12.94
N VAL P 186 23.30 -33.63 -11.75
CA VAL P 186 24.30 -32.60 -11.52
C VAL P 186 25.64 -33.18 -11.09
N VAL P 187 25.63 -34.41 -10.59
CA VAL P 187 26.87 -35.18 -10.38
C VAL P 187 27.46 -35.62 -11.72
N GLU P 188 26.57 -35.69 -12.72
CA GLU P 188 26.95 -36.11 -14.07
C GLU P 188 26.01 -35.40 -15.00
N ARG P 189 26.56 -34.74 -16.01
CA ARG P 189 25.78 -33.91 -16.90
C ARG P 189 26.66 -33.51 -18.08
N ASP P 190 26.11 -32.73 -19.00
CA ASP P 190 26.86 -32.21 -20.12
C ASP P 190 27.67 -31.02 -19.58
N TRP P 191 28.99 -31.20 -19.44
CA TRP P 191 29.83 -30.18 -18.78
C TRP P 191 30.07 -28.95 -19.67
N THR P 192 29.48 -29.00 -20.85
CA THR P 192 29.64 -28.02 -21.90
C THR P 192 28.68 -26.87 -21.64
N GLN P 193 27.79 -27.11 -20.68
CA GLN P 193 26.69 -26.22 -20.40
C GLN P 193 26.98 -25.33 -19.21
N PRO P 194 26.43 -24.11 -19.24
CA PRO P 194 26.52 -23.17 -18.13
C PRO P 194 26.09 -23.82 -16.82
N THR P 195 26.62 -23.28 -15.73
CA THR P 195 26.28 -23.74 -14.40
C THR P 195 24.99 -23.10 -13.98
N GLN P 196 24.02 -23.93 -13.56
CA GLN P 196 22.71 -23.42 -13.14
C GLN P 196 22.34 -23.89 -11.76
N TYR P 197 21.62 -23.03 -11.03
CA TYR P 197 21.20 -23.32 -9.69
C TYR P 197 20.58 -24.72 -9.55
N ASN P 198 21.06 -25.51 -8.60
CA ASN P 198 20.39 -26.78 -8.29
C ASN P 198 20.00 -26.87 -6.82
N ALA P 199 18.73 -27.11 -6.56
CA ALA P 199 18.22 -27.09 -5.20
C ALA P 199 18.95 -28.04 -4.24
N SER P 200 19.25 -29.24 -4.72
CA SER P 200 19.86 -30.24 -3.85
C SER P 200 21.28 -29.83 -3.46
N VAL P 201 22.02 -29.22 -4.41
CA VAL P 201 23.32 -28.66 -4.10
C VAL P 201 23.20 -27.56 -3.03
N GLU P 202 22.17 -26.73 -3.07
CA GLU P 202 22.08 -25.72 -2.03
C GLU P 202 21.81 -26.38 -0.69
N ALA P 203 20.95 -27.39 -0.71
CA ALA P 203 20.56 -28.13 0.50
C ALA P 203 21.76 -28.71 1.18
N ALA P 204 22.66 -29.25 0.37
CA ALA P 204 23.94 -29.72 0.85
C ALA P 204 24.72 -28.61 1.55
N TRP P 205 25.00 -27.52 0.83
CA TRP P 205 25.80 -26.40 1.35
C TRP P 205 25.16 -25.81 2.60
N LEU P 206 23.84 -25.78 2.61
CA LEU P 206 23.11 -25.32 3.78
C LEU P 206 23.42 -26.10 5.02
N GLU P 207 23.43 -27.43 4.90
CA GLU P 207 23.76 -28.29 6.01
C GLU P 207 25.22 -28.07 6.47
N VAL P 208 26.13 -27.88 5.51
CA VAL P 208 27.52 -27.56 5.84
C VAL P 208 27.64 -26.25 6.63
N TYR P 209 26.88 -25.23 6.25
CA TYR P 209 27.01 -23.89 6.85
C TYR P 209 26.28 -23.82 8.17
N ARG P 210 25.22 -24.60 8.30
CA ARG P 210 24.50 -24.61 9.55
C ARG P 210 25.27 -25.42 10.62
N ASN P 211 26.12 -26.35 10.17
CA ASN P 211 26.83 -27.26 11.08
C ASN P 211 28.34 -27.31 10.75
N PRO P 212 29.05 -26.18 10.89
CA PRO P 212 30.41 -26.07 10.33
C PRO P 212 31.45 -26.98 11.03
N SER P 213 31.25 -27.25 12.32
CA SER P 213 32.14 -28.15 13.09
C SER P 213 32.04 -29.57 12.59
N ALA P 214 30.84 -29.97 12.20
CA ALA P 214 30.59 -31.28 11.59
C ALA P 214 31.23 -31.44 10.22
N HIS P 215 31.31 -30.37 9.44
CA HIS P 215 31.92 -30.45 8.10
C HIS P 215 32.81 -29.24 7.87
N TRP P 216 33.91 -29.17 8.61
CA TRP P 216 34.77 -28.01 8.54
C TRP P 216 35.47 -27.86 7.20
N GLU P 217 35.90 -28.96 6.59
CA GLU P 217 36.59 -28.89 5.30
C GLU P 217 35.69 -28.34 4.18
N LEU P 218 34.41 -28.69 4.24
CA LEU P 218 33.44 -28.29 3.22
C LEU P 218 33.12 -26.82 3.39
N TYR P 219 32.96 -26.43 4.65
CA TYR P 219 32.78 -25.05 5.07
C TYR P 219 33.91 -24.14 4.54
N GLU P 220 35.14 -24.58 4.73
CA GLU P 220 36.28 -23.83 4.29
C GLU P 220 36.38 -23.89 2.76
N LEU P 221 35.97 -25.01 2.18
CA LEU P 221 35.95 -25.12 0.71
C LEU P 221 34.95 -24.13 0.14
N GLY P 222 33.81 -24.05 0.80
CA GLY P 222 32.74 -23.15 0.39
C GLY P 222 33.20 -21.71 0.38
N GLU P 223 33.90 -21.33 1.44
CA GLU P 223 34.37 -19.96 1.58
C GLU P 223 35.51 -19.60 0.60
N LYS P 224 36.31 -20.60 0.26
CA LYS P 224 37.36 -20.45 -0.74
C LYS P 224 36.77 -20.18 -2.13
N PHE P 225 35.66 -20.85 -2.43
CA PHE P 225 34.96 -20.60 -3.69
C PHE P 225 34.35 -19.18 -3.72
N VAL P 226 33.77 -18.75 -2.60
CA VAL P 226 33.17 -17.44 -2.47
C VAL P 226 34.25 -16.34 -2.62
N ASP P 227 35.34 -16.46 -1.88
CA ASP P 227 36.47 -15.58 -2.04
C ASP P 227 36.88 -15.41 -3.48
N LEU P 228 37.02 -16.57 -4.14
CA LEU P 228 37.52 -16.59 -5.49
C LEU P 228 36.54 -15.85 -6.41
N GLU P 229 35.25 -16.14 -6.25
CA GLU P 229 34.22 -15.48 -7.04
C GLU P 229 34.32 -13.96 -6.82
N ASP P 230 34.32 -13.59 -5.53
CA ASP P 230 34.39 -12.25 -5.04
C ASP P 230 35.54 -11.52 -5.68
N ALA P 231 36.68 -12.16 -5.63
CA ALA P 231 37.90 -11.58 -6.16
C ALA P 231 37.84 -11.45 -7.68
N PHE P 232 37.12 -12.36 -8.32
CA PHE P 232 36.98 -12.36 -9.77
C PHE P 232 36.00 -11.24 -10.15
N ARG P 233 35.00 -11.02 -9.31
CA ARG P 233 34.05 -9.92 -9.50
C ARG P 233 34.76 -8.57 -9.39
N GLN P 234 35.60 -8.45 -8.37
CA GLN P 234 36.46 -7.30 -8.21
C GLN P 234 37.31 -7.00 -9.45
N TRP P 235 37.82 -8.03 -10.10
CA TRP P 235 38.68 -7.83 -11.24
C TRP P 235 37.81 -7.41 -12.42
N ARG P 236 36.62 -8.00 -12.54
CA ARG P 236 35.70 -7.58 -13.60
C ARG P 236 35.26 -6.10 -13.40
N PHE P 237 34.94 -5.74 -12.16
CA PHE P 237 34.53 -4.39 -11.87
C PHE P 237 35.63 -3.36 -12.17
N ARG P 238 36.85 -3.69 -11.78
CA ARG P 238 37.99 -2.83 -12.01
C ARG P 238 38.34 -2.77 -13.50
N HIS P 239 38.18 -3.90 -14.19
CA HIS P 239 38.42 -3.92 -15.62
C HIS P 239 37.50 -2.94 -16.38
N VAL P 240 36.20 -2.97 -16.11
CA VAL P 240 35.26 -2.18 -16.87
C VAL P 240 35.35 -0.71 -16.44
N THR P 241 35.65 -0.51 -15.15
CA THR P 241 35.80 0.84 -14.61
C THR P 241 37.01 1.50 -15.25
N THR P 242 38.08 0.76 -15.43
CA THR P 242 39.29 1.30 -16.07
C THR P 242 39.07 1.51 -17.56
N VAL P 243 38.48 0.53 -18.24
CA VAL P 243 38.10 0.69 -19.64
C VAL P 243 37.20 1.93 -19.81
N GLU P 244 36.20 2.10 -18.98
CA GLU P 244 35.35 3.25 -19.14
C GLU P 244 36.08 4.59 -18.97
N ARG P 245 37.05 4.67 -18.07
CA ARG P 245 37.77 5.91 -17.88
C ARG P 245 38.80 6.19 -18.96
N VAL P 246 39.10 5.18 -19.76
CA VAL P 246 39.98 5.35 -20.87
C VAL P 246 39.24 5.60 -22.20
N ILE P 247 38.20 4.84 -22.50
CA ILE P 247 37.56 4.93 -23.81
C ILE P 247 36.10 5.34 -23.73
N GLY P 248 35.54 5.26 -22.54
CA GLY P 248 34.16 5.68 -22.31
C GLY P 248 33.13 4.58 -22.49
N PHE P 249 31.88 4.87 -22.13
CA PHE P 249 30.81 3.91 -22.24
C PHE P 249 30.03 4.31 -23.49
N LYS P 250 30.39 3.68 -24.62
CA LYS P 250 29.69 3.85 -25.90
C LYS P 250 28.31 3.20 -25.88
N ARG P 251 27.28 4.01 -26.10
CA ARG P 251 25.89 3.56 -25.95
C ARG P 251 25.25 3.34 -27.31
N GLY P 252 24.21 2.51 -27.36
CA GLY P 252 23.48 2.27 -28.60
C GLY P 252 24.26 1.56 -29.69
N THR P 253 25.26 0.79 -29.33
CA THR P 253 26.07 0.12 -30.33
C THR P 253 26.18 -1.37 -30.00
N GLY P 254 25.25 -1.90 -29.21
CA GLY P 254 25.18 -3.33 -28.97
C GLY P 254 25.78 -3.75 -27.63
N GLY P 255 25.49 -4.99 -27.24
CA GLY P 255 25.99 -5.51 -25.97
C GLY P 255 27.02 -6.59 -26.12
N THR P 256 27.51 -6.79 -27.35
CA THR P 256 28.61 -7.73 -27.64
C THR P 256 30.03 -7.18 -27.46
N GLU P 257 30.20 -5.86 -27.50
CA GLU P 257 31.54 -5.27 -27.39
C GLU P 257 31.50 -4.10 -26.46
N GLY P 258 32.67 -3.48 -26.27
CA GLY P 258 32.81 -2.28 -25.45
C GLY P 258 32.36 -2.41 -23.98
N VAL P 259 32.08 -1.28 -23.37
CA VAL P 259 31.67 -1.25 -21.98
C VAL P 259 30.34 -1.96 -21.73
N SER P 260 29.40 -1.89 -22.68
CA SER P 260 28.14 -2.63 -22.57
C SER P 260 28.37 -4.11 -22.29
N TYR P 261 29.19 -4.72 -23.10
CA TYR P 261 29.58 -6.09 -22.89
C TYR P 261 30.12 -6.32 -21.50
N LEU P 262 31.08 -5.48 -21.13
CA LEU P 262 31.81 -5.70 -19.90
C LEU P 262 30.93 -5.50 -18.68
N ARG P 263 29.97 -4.58 -18.72
CA ARG P 263 29.02 -4.45 -17.63
C ARG P 263 28.13 -5.70 -17.49
N ARG P 264 27.75 -6.30 -18.62
CA ARG P 264 26.93 -7.52 -18.63
C ARG P 264 27.66 -8.63 -17.88
N MET P 265 28.96 -8.64 -18.04
CA MET P 265 29.81 -9.64 -17.42
C MET P 265 29.87 -9.54 -15.90
N LEU P 266 29.37 -8.44 -15.32
CA LEU P 266 29.30 -8.34 -13.86
C LEU P 266 28.09 -9.09 -13.36
N ASP P 267 27.30 -9.60 -14.27
CA ASP P 267 26.08 -10.27 -13.87
C ASP P 267 26.31 -11.78 -13.78
N VAL P 268 27.48 -12.21 -14.25
CA VAL P 268 27.88 -13.61 -14.20
C VAL P 268 27.92 -14.10 -12.76
N VAL P 269 27.18 -15.17 -12.49
CA VAL P 269 27.31 -15.82 -11.20
C VAL P 269 28.02 -17.14 -11.42
N LEU P 270 29.12 -17.35 -10.70
CA LEU P 270 29.90 -18.58 -10.81
C LEU P 270 29.40 -19.77 -9.95
N PHE P 271 29.17 -19.54 -8.67
CA PHE P 271 28.77 -20.60 -7.74
C PHE P 271 27.51 -20.21 -7.00
N PRO P 272 26.38 -20.32 -7.69
CA PRO P 272 25.04 -19.85 -7.32
C PRO P 272 24.56 -20.24 -5.95
N GLU P 273 24.59 -21.52 -5.65
CA GLU P 273 24.02 -22.03 -4.42
C GLU P 273 24.75 -21.49 -3.23
N LEU P 274 26.04 -21.25 -3.38
CA LEU P 274 26.80 -20.70 -2.26
C LEU P 274 26.37 -19.26 -1.92
N TRP P 275 25.95 -18.51 -2.93
CA TRP P 275 25.51 -17.15 -2.68
C TRP P 275 24.10 -17.20 -2.17
N LYS P 276 23.26 -18.00 -2.83
CA LYS P 276 21.87 -18.18 -2.45
C LYS P 276 21.68 -18.55 -0.96
N LEU P 277 22.53 -19.46 -0.45
CA LEU P 277 22.29 -20.01 0.86
C LEU P 277 22.27 -18.92 1.91
N ARG P 278 22.92 -17.80 1.65
CA ARG P 278 22.99 -16.72 2.63
C ARG P 278 21.62 -16.27 3.03
N THR P 279 20.75 -16.22 2.05
CA THR P 279 19.40 -15.72 2.28
C THR P 279 18.57 -16.74 3.03
N ASP P 280 18.82 -18.02 2.78
CA ASP P 280 18.01 -19.11 3.35
C ASP P 280 18.63 -19.69 4.61
N LEU P 281 19.78 -19.18 5.00
CA LEU P 281 20.50 -19.72 6.14
C LEU P 281 19.61 -19.74 7.39
#